data_1UP6
#
_entry.id   1UP6
#
_cell.length_a   179.438
_cell.length_b   179.438
_cell.length_c   282.911
_cell.angle_alpha   90.00
_cell.angle_beta   90.00
_cell.angle_gamma   90.00
#
_symmetry.space_group_name_H-M   'P 43 21 2'
#
loop_
_entity.id
_entity.type
_entity.pdbx_description
1 polymer 6-PHOSPHO-BETA-GLUCOSIDASE
2 non-polymer NICOTINAMIDE-ADENINE-DINUCLEOTIDE
3 non-polymer 'MANGANESE (II) ION'
4 non-polymer 6-O-phosphono-alpha-D-glucopyranose
5 non-polymer 'SULFATE ION'
6 water water
#
_entity_poly.entity_id   1
_entity_poly.type   'polypeptide(L)'
_entity_poly.pdbx_seq_one_letter_code
;H(MSE)RIAVIGGGSSYTPELVKGLLDISEDVRIDEVIFYDIDEEKQKIVVDFVKRLVKDRFKVLISDTFEGAVVDAKYV
IFQFRPGGLKGRENDEGIPLKYGLIGQETTGVGGFSAALRAFPIVEEYVDTVRKTSNATIVNFTNPSGHITEFVRNYLEY
EKFIGLCNVPINFIREIAE(MSE)FSARLEDVFLKYYGLNHLSFIEKVFVKGEDVTEKVFENLKLKLSNIPDEDFPTWFY
DSVRLIVNPYLRYYL(MSE)EKK(MSE)FKKISTHELRAREV(MSE)KIEKELFEKYRTAVEIPEELTKRGGS(MSE)YS
TAAAHLIRDLETDEGKIHIVNTRNNGSIENLPDDYVLEIPCYVRSGRVHTLSQGKGDHFALSFIHAVK(MSE)YERLTIE
AYLKRSKKLALKALLSHPLGPDVEDAKDLLEEILEANREYVKLG
;
_entity_poly.pdbx_strand_id   A,B,C,D,E,F,G,H
#
loop_
_chem_comp.id
_chem_comp.type
_chem_comp.name
_chem_comp.formula
G6P D-saccharide, alpha linking 6-O-phosphono-alpha-D-glucopyranose 'C6 H13 O9 P'
MN non-polymer 'MANGANESE (II) ION' 'Mn 2'
NAD non-polymer NICOTINAMIDE-ADENINE-DINUCLEOTIDE 'C21 H27 N7 O14 P2'
SO4 non-polymer 'SULFATE ION' 'O4 S -2'
#
# COMPACT_ATOMS: atom_id res chain seq x y z
N HIS A 1 74.20 -31.92 31.84
CA HIS A 1 73.92 -33.34 31.39
C HIS A 1 72.74 -33.31 30.43
N MSE A 2 72.90 -33.97 29.27
CA MSE A 2 71.99 -33.85 28.13
C MSE A 2 71.76 -35.22 27.44
O MSE A 2 72.72 -35.88 27.00
CB MSE A 2 72.55 -32.83 27.14
CG MSE A 2 71.50 -32.21 26.20
SE MSE A 2 71.09 -33.39 24.63
CE MSE A 2 71.82 -32.23 23.22
N ARG A 3 70.51 -35.64 27.35
CA ARG A 3 70.16 -36.95 26.79
C ARG A 3 69.17 -36.83 25.62
N ILE A 4 69.42 -37.61 24.58
CA ILE A 4 68.51 -37.76 23.44
C ILE A 4 67.91 -39.16 23.38
N ALA A 5 66.58 -39.25 23.34
CA ALA A 5 65.91 -40.51 23.13
C ALA A 5 65.63 -40.73 21.64
N VAL A 6 65.92 -41.94 21.15
CA VAL A 6 65.57 -42.35 19.80
C VAL A 6 64.50 -43.46 19.82
N ILE A 7 63.31 -43.15 19.33
CA ILE A 7 62.21 -44.10 19.37
C ILE A 7 62.09 -44.76 18.00
N GLY A 8 62.29 -46.07 17.99
CA GLY A 8 62.45 -46.82 16.78
C GLY A 8 63.93 -46.97 16.45
N GLY A 9 64.71 -47.30 17.46
CA GLY A 9 66.14 -47.49 17.32
C GLY A 9 66.55 -48.61 16.36
N GLY A 10 65.62 -49.52 16.07
CA GLY A 10 65.90 -50.61 15.15
C GLY A 10 65.87 -50.23 13.67
N SER A 11 65.46 -49.02 13.37
CA SER A 11 65.39 -48.59 12.00
C SER A 11 66.76 -48.65 11.25
N SER A 12 66.69 -49.11 10.01
CA SER A 12 67.86 -49.18 9.16
C SER A 12 68.50 -47.79 8.91
N TYR A 13 67.76 -46.74 9.22
CA TYR A 13 68.31 -45.40 9.12
C TYR A 13 69.12 -44.94 10.35
N THR A 14 69.01 -45.65 11.48
CA THR A 14 69.65 -45.22 12.71
C THR A 14 71.16 -44.85 12.55
N PRO A 15 71.93 -45.66 11.81
CA PRO A 15 73.37 -45.38 11.61
C PRO A 15 73.64 -44.00 11.03
N GLU A 16 72.85 -43.54 10.07
CA GLU A 16 72.98 -42.17 9.56
C GLU A 16 72.62 -41.12 10.60
N LEU A 17 71.54 -41.35 11.35
CA LEU A 17 71.21 -40.46 12.46
C LEU A 17 72.40 -40.33 13.42
N VAL A 18 73.04 -41.44 13.79
CA VAL A 18 74.10 -41.43 14.80
C VAL A 18 75.32 -40.64 14.30
N LYS A 19 75.62 -40.84 13.03
CA LYS A 19 76.62 -40.06 12.35
C LYS A 19 76.34 -38.55 12.40
N GLY A 20 75.10 -38.13 12.13
CA GLY A 20 74.71 -36.75 12.38
C GLY A 20 74.93 -36.33 13.82
N LEU A 21 74.44 -37.12 14.77
CA LEU A 21 74.66 -36.81 16.19
C LEU A 21 76.17 -36.68 16.50
N LEU A 22 76.99 -37.53 15.89
CA LEU A 22 78.45 -37.44 16.08
C LEU A 22 79.05 -36.15 15.55
N ASP A 23 78.64 -35.77 14.33
CA ASP A 23 79.05 -34.48 13.77
C ASP A 23 78.70 -33.30 14.70
N ILE A 24 77.53 -33.29 15.32
CA ILE A 24 77.19 -32.14 16.17
C ILE A 24 77.79 -32.18 17.57
N SER A 25 78.30 -33.33 17.99
CA SER A 25 78.72 -33.50 19.39
C SER A 25 79.99 -32.71 19.68
N GLU A 26 80.55 -32.13 18.65
CA GLU A 26 81.66 -31.23 18.77
C GLU A 26 81.19 -29.79 19.08
N ASP A 27 79.98 -29.43 18.68
CA ASP A 27 79.45 -28.09 18.97
C ASP A 27 78.58 -28.04 20.20
N VAL A 28 77.87 -29.12 20.50
CA VAL A 28 76.97 -29.17 21.64
C VAL A 28 77.29 -30.43 22.39
N ARG A 29 77.10 -30.40 23.71
CA ARG A 29 77.43 -31.51 24.58
C ARG A 29 76.27 -32.54 24.57
N ILE A 30 76.62 -33.78 24.24
CA ILE A 30 75.70 -34.91 24.28
C ILE A 30 76.31 -35.95 25.22
N ASP A 31 75.64 -36.24 26.31
CA ASP A 31 76.14 -37.22 27.27
C ASP A 31 75.70 -38.62 26.89
N GLU A 32 74.44 -38.78 26.52
CA GLU A 32 73.96 -40.09 26.17
C GLU A 32 72.84 -40.08 25.12
N VAL A 33 72.85 -41.11 24.29
CA VAL A 33 71.75 -41.36 23.38
C VAL A 33 71.17 -42.71 23.77
N ILE A 34 69.87 -42.74 24.05
CA ILE A 34 69.17 -43.95 24.48
C ILE A 34 68.16 -44.41 23.42
N PHE A 35 68.13 -45.71 23.17
CA PHE A 35 67.29 -46.30 22.13
C PHE A 35 66.16 -47.17 22.65
N TYR A 36 64.96 -46.99 22.09
CA TYR A 36 63.83 -47.85 22.32
C TYR A 36 63.29 -48.44 21.00
N ASP A 37 62.90 -49.71 21.02
CA ASP A 37 62.20 -50.30 19.89
C ASP A 37 61.29 -51.43 20.35
N ILE A 38 60.12 -51.59 19.72
CA ILE A 38 59.26 -52.75 19.98
C ILE A 38 59.88 -54.08 19.58
N ASP A 39 60.71 -54.04 18.53
CA ASP A 39 61.48 -55.20 18.07
C ASP A 39 62.92 -55.28 18.67
N GLU A 40 63.09 -55.99 19.78
CA GLU A 40 64.34 -55.91 20.52
C GLU A 40 65.51 -56.53 19.76
N GLU A 41 65.24 -57.55 18.96
CA GLU A 41 66.33 -58.28 18.31
C GLU A 41 66.94 -57.48 17.17
N LYS A 42 66.09 -56.81 16.43
CA LYS A 42 66.53 -55.94 15.35
C LYS A 42 67.28 -54.72 15.87
N GLN A 43 66.81 -54.12 16.96
CA GLN A 43 67.52 -53.00 17.54
C GLN A 43 68.91 -53.41 18.06
N LYS A 44 69.03 -54.61 18.62
CA LYS A 44 70.31 -55.02 19.17
C LYS A 44 71.41 -55.01 18.10
N ILE A 45 71.10 -55.54 16.92
CA ILE A 45 72.05 -55.54 15.80
C ILE A 45 72.48 -54.11 15.47
N VAL A 46 71.50 -53.23 15.24
CA VAL A 46 71.78 -51.85 14.87
C VAL A 46 72.56 -51.11 15.93
N VAL A 47 72.24 -51.35 17.20
CA VAL A 47 72.88 -50.63 18.30
C VAL A 47 74.30 -51.13 18.53
N ASP A 48 74.56 -52.40 18.20
CA ASP A 48 75.92 -52.91 18.31
C ASP A 48 76.78 -52.23 17.26
N PHE A 49 76.19 -52.03 16.08
CA PHE A 49 76.85 -51.29 15.01
C PHE A 49 77.12 -49.82 15.40
N VAL A 50 76.10 -49.14 15.93
CA VAL A 50 76.22 -47.80 16.49
C VAL A 50 77.36 -47.64 17.51
N LYS A 51 77.47 -48.59 18.44
CA LYS A 51 78.48 -48.53 19.48
C LYS A 51 79.86 -48.50 18.84
N ARG A 52 80.03 -49.27 17.78
CA ARG A 52 81.30 -49.34 17.05
C ARG A 52 81.61 -48.02 16.34
N LEU A 53 80.60 -47.31 15.85
CA LEU A 53 80.81 -46.02 15.23
C LEU A 53 81.05 -44.87 16.21
N VAL A 54 80.41 -44.93 17.38
CA VAL A 54 80.46 -43.83 18.33
C VAL A 54 81.82 -43.73 19.01
N LYS A 55 82.44 -44.89 19.25
CA LYS A 55 83.74 -44.97 19.90
C LYS A 55 83.76 -44.25 21.24
N ASP A 56 82.73 -44.46 22.05
CA ASP A 56 82.68 -43.87 23.39
C ASP A 56 82.76 -42.33 23.40
N ARG A 57 82.25 -41.70 22.37
CA ARG A 57 82.12 -40.24 22.38
C ARG A 57 80.93 -39.74 23.19
N PHE A 58 79.86 -40.52 23.23
CA PHE A 58 78.83 -40.40 24.25
C PHE A 58 78.38 -41.79 24.59
N LYS A 59 77.53 -41.92 25.61
CA LYS A 59 77.07 -43.24 26.05
C LYS A 59 75.97 -43.68 25.11
N VAL A 60 75.93 -44.96 24.80
CA VAL A 60 74.87 -45.53 24.01
C VAL A 60 74.09 -46.53 24.88
N LEU A 61 72.79 -46.29 25.05
CA LEU A 61 71.97 -47.10 25.94
C LEU A 61 70.74 -47.66 25.23
N ILE A 62 70.24 -48.79 25.71
CA ILE A 62 68.94 -49.31 25.31
C ILE A 62 68.00 -49.26 26.50
N SER A 63 66.79 -48.80 26.27
CA SER A 63 65.73 -48.92 27.23
C SER A 63 64.76 -49.99 26.74
N ASP A 64 64.39 -50.91 27.63
CA ASP A 64 63.34 -51.88 27.35
C ASP A 64 61.92 -51.26 27.26
N THR A 65 61.76 -50.02 27.69
CA THR A 65 60.46 -49.36 27.70
C THR A 65 60.55 -47.99 27.05
N PHE A 66 59.43 -47.52 26.50
CA PHE A 66 59.33 -46.15 26.04
C PHE A 66 59.57 -45.12 27.15
N GLU A 67 58.90 -45.30 28.30
CA GLU A 67 58.98 -44.34 29.40
C GLU A 67 60.43 -44.19 29.89
N GLY A 68 61.14 -45.32 29.95
CA GLY A 68 62.53 -45.35 30.35
C GLY A 68 63.49 -44.63 29.40
N ALA A 69 63.17 -44.61 28.12
CA ALA A 69 63.93 -43.81 27.16
C ALA A 69 63.68 -42.28 27.23
N VAL A 70 62.45 -41.86 27.49
CA VAL A 70 62.12 -40.46 27.45
C VAL A 70 62.16 -39.68 28.78
N VAL A 71 62.23 -40.39 29.91
CA VAL A 71 62.03 -39.77 31.22
C VAL A 71 63.00 -38.61 31.53
N ASP A 72 64.28 -38.76 31.20
CA ASP A 72 65.22 -37.67 31.46
C ASP A 72 65.75 -37.03 30.17
N ALA A 73 65.01 -37.21 29.08
CA ALA A 73 65.47 -36.74 27.79
C ALA A 73 65.09 -35.29 27.49
N LYS A 74 66.01 -34.58 26.85
CA LYS A 74 65.76 -33.22 26.42
C LYS A 74 65.18 -33.19 25.00
N TYR A 75 65.60 -34.14 24.17
CA TYR A 75 65.05 -34.38 22.82
C TYR A 75 64.62 -35.84 22.63
N VAL A 76 63.46 -35.99 22.01
CA VAL A 76 62.92 -37.31 21.70
C VAL A 76 62.67 -37.34 20.18
N ILE A 77 63.31 -38.27 19.49
CA ILE A 77 63.18 -38.38 18.04
C ILE A 77 62.24 -39.54 17.71
N PHE A 78 61.16 -39.26 16.98
CA PHE A 78 60.18 -40.27 16.58
C PHE A 78 60.60 -40.79 15.23
N GLN A 79 60.93 -42.05 15.18
CA GLN A 79 61.52 -42.69 14.01
C GLN A 79 60.86 -44.05 13.74
N PHE A 80 59.72 -44.31 14.37
CA PHE A 80 59.10 -45.64 14.31
C PHE A 80 58.08 -45.70 13.15
N ARG A 81 57.76 -46.91 12.72
CA ARG A 81 56.77 -47.10 11.70
C ARG A 81 55.60 -47.99 12.19
N PRO A 82 54.50 -47.37 12.59
CA PRO A 82 53.35 -48.11 13.14
C PRO A 82 52.84 -49.19 12.21
N GLY A 83 52.74 -50.44 12.66
CA GLY A 83 52.30 -51.51 11.79
C GLY A 83 53.37 -52.08 10.88
N GLY A 84 54.56 -51.48 10.86
CA GLY A 84 55.67 -52.00 10.09
C GLY A 84 55.52 -51.96 8.57
N LEU A 85 56.39 -52.69 7.88
CA LEU A 85 56.36 -52.70 6.42
C LEU A 85 55.17 -53.45 5.88
N LYS A 86 54.70 -54.46 6.61
CA LYS A 86 53.41 -55.09 6.34
C LYS A 86 52.26 -54.06 6.30
N GLY A 87 52.21 -53.11 7.23
CA GLY A 87 51.20 -52.06 7.19
C GLY A 87 51.32 -51.18 5.94
N ARG A 88 52.56 -50.81 5.65
CA ARG A 88 52.88 -50.02 4.47
C ARG A 88 52.48 -50.74 3.17
N GLU A 89 52.77 -52.03 3.09
CA GLU A 89 52.30 -52.87 1.99
C GLU A 89 50.77 -52.86 1.83
N ASN A 90 50.01 -52.93 2.92
CA ASN A 90 48.56 -52.78 2.82
C ASN A 90 48.15 -51.39 2.33
N ASP A 91 48.80 -50.35 2.84
CA ASP A 91 48.53 -48.98 2.43
C ASP A 91 48.74 -48.73 0.92
N GLU A 92 49.82 -49.29 0.39
CA GLU A 92 50.12 -49.17 -1.02
C GLU A 92 49.23 -50.02 -1.93
N GLY A 93 48.88 -51.23 -1.50
CA GLY A 93 48.24 -52.18 -2.38
C GLY A 93 46.72 -52.20 -2.39
N ILE A 94 46.09 -51.91 -1.26
CA ILE A 94 44.63 -51.98 -1.15
C ILE A 94 43.91 -51.02 -2.13
N PRO A 95 44.37 -49.77 -2.26
CA PRO A 95 43.68 -48.81 -3.13
C PRO A 95 43.74 -49.16 -4.62
N LEU A 96 44.73 -49.98 -5.01
CA LEU A 96 44.97 -50.25 -6.43
C LEU A 96 43.74 -50.80 -7.17
N LYS A 97 43.02 -51.74 -6.57
CA LYS A 97 41.88 -52.38 -7.22
C LYS A 97 40.72 -51.42 -7.54
N TYR A 98 40.64 -50.31 -6.80
CA TYR A 98 39.60 -49.32 -7.01
C TYR A 98 40.02 -48.31 -8.07
N GLY A 99 41.21 -48.49 -8.64
CA GLY A 99 41.74 -47.53 -9.57
C GLY A 99 42.32 -46.28 -8.91
N LEU A 100 42.74 -46.41 -7.66
CA LEU A 100 43.21 -45.27 -6.85
C LEU A 100 44.73 -45.37 -6.67
N ILE A 101 45.40 -44.23 -6.54
CA ILE A 101 46.81 -44.18 -6.12
C ILE A 101 46.99 -44.85 -4.75
N GLY A 102 47.91 -45.81 -4.71
CA GLY A 102 48.34 -46.43 -3.46
C GLY A 102 49.78 -46.06 -3.17
N GLN A 103 50.00 -45.33 -2.08
CA GLN A 103 51.30 -44.73 -1.82
C GLN A 103 51.49 -44.51 -0.33
N GLU A 104 52.73 -44.63 0.13
CA GLU A 104 53.08 -44.59 1.56
C GLU A 104 52.48 -43.39 2.33
N THR A 105 52.57 -42.18 1.77
CA THR A 105 52.14 -40.98 2.47
C THR A 105 51.05 -40.15 1.79
N THR A 106 50.73 -40.46 0.54
CA THR A 106 49.88 -39.59 -0.27
C THR A 106 48.58 -40.30 -0.62
N GLY A 107 47.45 -39.68 -0.32
CA GLY A 107 46.16 -40.28 -0.67
C GLY A 107 45.69 -41.33 0.34
N VAL A 108 45.05 -42.38 -0.17
CA VAL A 108 44.38 -43.37 0.70
C VAL A 108 45.37 -44.06 1.60
N GLY A 109 46.55 -44.33 1.05
CA GLY A 109 47.67 -44.89 1.78
C GLY A 109 48.13 -44.09 3.01
N GLY A 110 48.23 -42.77 2.86
CA GLY A 110 48.42 -41.85 3.98
C GLY A 110 47.30 -41.78 5.00
N PHE A 111 46.05 -41.92 4.54
CA PHE A 111 44.89 -41.99 5.44
C PHE A 111 44.99 -43.20 6.38
N SER A 112 45.17 -44.40 5.83
CA SER A 112 45.28 -45.57 6.70
C SER A 112 46.56 -45.49 7.53
N ALA A 113 47.67 -45.01 6.96
CA ALA A 113 48.87 -44.79 7.78
C ALA A 113 48.65 -43.84 9.02
N ALA A 114 47.88 -42.77 8.81
CA ALA A 114 47.47 -41.85 9.87
C ALA A 114 46.65 -42.51 10.97
N LEU A 115 45.63 -43.28 10.56
CA LEU A 115 44.77 -44.02 11.49
C LEU A 115 45.56 -44.97 12.40
N ARG A 116 46.58 -45.62 11.87
CA ARG A 116 47.50 -46.47 12.69
C ARG A 116 48.44 -45.68 13.57
N ALA A 117 48.86 -44.50 13.13
CA ALA A 117 49.83 -43.72 13.89
C ALA A 117 49.22 -42.95 15.07
N PHE A 118 48.02 -42.39 14.88
CA PHE A 118 47.36 -41.57 15.90
C PHE A 118 47.31 -42.18 17.30
N PRO A 119 46.87 -43.44 17.49
CA PRO A 119 46.76 -43.99 18.86
C PRO A 119 48.11 -44.11 19.54
N ILE A 120 49.13 -44.48 18.77
CA ILE A 120 50.47 -44.65 19.30
C ILE A 120 51.08 -43.32 19.68
N VAL A 121 50.92 -42.32 18.80
CA VAL A 121 51.42 -41.00 19.11
C VAL A 121 50.66 -40.36 20.25
N GLU A 122 49.34 -40.56 20.37
CA GLU A 122 48.62 -40.07 21.56
C GLU A 122 49.26 -40.60 22.79
N GLU A 123 49.47 -41.91 22.80
CA GLU A 123 50.00 -42.59 23.98
C GLU A 123 51.39 -42.04 24.30
N TYR A 124 52.20 -41.86 23.26
CA TYR A 124 53.58 -41.42 23.41
C TYR A 124 53.75 -39.98 23.85
N VAL A 125 52.97 -39.07 23.28
CA VAL A 125 53.00 -37.66 23.66
C VAL A 125 52.54 -37.45 25.11
N ASP A 126 51.48 -38.14 25.50
CA ASP A 126 51.00 -38.16 26.87
C ASP A 126 52.13 -38.54 27.85
N THR A 127 52.85 -39.63 27.55
CA THR A 127 53.96 -40.05 28.40
C THR A 127 55.09 -39.01 28.50
N VAL A 128 55.48 -38.43 27.35
CA VAL A 128 56.51 -37.38 27.30
C VAL A 128 56.08 -36.14 28.10
N ARG A 129 54.83 -35.71 27.89
CA ARG A 129 54.17 -34.63 28.62
C ARG A 129 54.18 -34.83 30.16
N LYS A 130 53.85 -36.02 30.63
CA LYS A 130 53.76 -36.35 32.05
C LYS A 130 55.12 -36.55 32.70
N THR A 131 56.20 -36.56 31.91
CA THR A 131 57.53 -36.78 32.47
C THR A 131 58.49 -35.64 32.14
N SER A 132 59.27 -35.78 31.09
CA SER A 132 60.37 -34.85 30.79
C SER A 132 59.95 -33.58 30.06
N ASN A 133 58.79 -33.61 29.42
CA ASN A 133 58.42 -32.50 28.55
C ASN A 133 59.51 -32.12 27.51
N ALA A 134 60.20 -33.14 26.98
CA ALA A 134 61.16 -32.93 25.90
C ALA A 134 60.58 -32.31 24.63
N THR A 135 61.44 -31.73 23.81
CA THR A 135 61.06 -31.41 22.46
C THR A 135 61.05 -32.70 21.63
N ILE A 136 59.92 -32.96 20.98
CA ILE A 136 59.82 -34.14 20.14
C ILE A 136 60.13 -33.71 18.70
N VAL A 137 61.04 -34.46 18.06
CA VAL A 137 61.38 -34.26 16.65
C VAL A 137 60.88 -35.44 15.81
N ASN A 138 59.97 -35.19 14.88
CA ASN A 138 59.21 -36.27 14.25
C ASN A 138 59.55 -36.61 12.80
N PHE A 139 59.92 -37.88 12.57
CA PHE A 139 59.97 -38.43 11.21
C PHE A 139 58.85 -39.39 10.88
N THR A 140 58.25 -40.05 11.88
CA THR A 140 57.18 -41.00 11.67
C THR A 140 56.11 -40.47 10.69
N ASN A 141 55.81 -41.25 9.64
CA ASN A 141 54.87 -40.81 8.63
C ASN A 141 53.41 -41.19 8.88
N PRO A 142 52.43 -40.39 8.42
CA PRO A 142 52.65 -39.13 7.69
C PRO A 142 52.96 -37.91 8.58
N SER A 143 54.16 -37.38 8.43
CA SER A 143 54.74 -36.45 9.38
C SER A 143 54.01 -35.12 9.58
N GLY A 144 53.61 -34.50 8.45
CA GLY A 144 52.83 -33.27 8.48
C GLY A 144 51.46 -33.44 9.10
N HIS A 145 50.76 -34.51 8.73
CA HIS A 145 49.44 -34.84 9.29
C HIS A 145 49.52 -35.08 10.81
N ILE A 146 50.54 -35.81 11.26
CA ILE A 146 50.73 -36.09 12.69
C ILE A 146 51.04 -34.78 13.45
N THR A 147 51.85 -33.92 12.84
CA THR A 147 52.11 -32.60 13.42
C THR A 147 50.84 -31.75 13.59
N GLU A 148 49.99 -31.73 12.57
CA GLU A 148 48.68 -31.06 12.64
C GLU A 148 47.91 -31.58 13.83
N PHE A 149 47.96 -32.90 14.01
CA PHE A 149 47.23 -33.63 15.03
C PHE A 149 47.76 -33.24 16.43
N VAL A 150 49.08 -33.27 16.61
CA VAL A 150 49.68 -33.00 17.91
C VAL A 150 49.59 -31.54 18.29
N ARG A 151 49.88 -30.68 17.33
CA ARG A 151 49.84 -29.25 17.59
C ARG A 151 48.44 -28.68 17.89
N ASN A 152 47.43 -29.14 17.16
CA ASN A 152 46.12 -28.51 17.23
C ASN A 152 45.06 -29.33 17.91
N TYR A 153 45.34 -30.60 18.23
CA TYR A 153 44.35 -31.44 18.91
C TYR A 153 44.82 -31.92 20.28
N LEU A 154 46.03 -32.49 20.33
CA LEU A 154 46.67 -32.86 21.60
C LEU A 154 47.20 -31.62 22.30
N GLU A 155 47.47 -30.61 21.49
CA GLU A 155 47.96 -29.33 21.98
C GLU A 155 49.26 -29.50 22.76
N TYR A 156 50.23 -30.20 22.16
CA TYR A 156 51.57 -30.26 22.69
C TYR A 156 52.48 -29.41 21.82
N GLU A 157 53.02 -28.36 22.38
CA GLU A 157 53.67 -27.32 21.64
C GLU A 157 55.05 -27.74 21.07
N LYS A 158 55.86 -28.46 21.85
CA LYS A 158 57.21 -28.81 21.43
C LYS A 158 57.29 -30.08 20.59
N PHE A 159 56.48 -30.08 19.52
CA PHE A 159 56.42 -31.20 18.61
C PHE A 159 56.72 -30.67 17.23
N ILE A 160 57.90 -30.99 16.72
CA ILE A 160 58.33 -30.45 15.43
C ILE A 160 58.39 -31.54 14.34
N GLY A 161 57.58 -31.38 13.32
CA GLY A 161 57.56 -32.35 12.24
C GLY A 161 58.67 -32.11 11.23
N LEU A 162 59.39 -33.16 10.89
CA LEU A 162 60.44 -33.02 9.92
C LEU A 162 60.17 -33.89 8.72
N CYS A 163 60.86 -33.58 7.64
CA CYS A 163 60.84 -34.36 6.40
C CYS A 163 62.21 -34.17 5.76
N ASN A 164 62.59 -35.04 4.82
CA ASN A 164 63.89 -34.85 4.13
C ASN A 164 63.89 -34.09 2.82
N VAL A 165 62.74 -33.71 2.29
CA VAL A 165 62.80 -33.05 0.97
C VAL A 165 63.31 -31.60 1.00
N PRO A 166 63.00 -30.81 2.04
CA PRO A 166 63.66 -29.52 2.20
C PRO A 166 65.20 -29.67 2.16
N ILE A 167 65.79 -30.47 3.06
CA ILE A 167 67.27 -30.53 3.07
C ILE A 167 67.89 -31.12 1.80
N ASN A 168 67.23 -32.10 1.21
CA ASN A 168 67.71 -32.60 -0.08
C ASN A 168 67.71 -31.49 -1.12
N PHE A 169 66.67 -30.65 -1.12
CA PHE A 169 66.64 -29.56 -2.08
C PHE A 169 67.75 -28.50 -1.86
N ILE A 170 67.85 -28.02 -0.62
CA ILE A 170 68.91 -27.10 -0.25
C ILE A 170 70.30 -27.66 -0.66
N ARG A 171 70.54 -28.93 -0.38
CA ARG A 171 71.80 -29.59 -0.78
C ARG A 171 72.06 -29.50 -2.28
N GLU A 172 71.05 -29.84 -3.09
CA GLU A 172 71.15 -29.70 -4.55
C GLU A 172 71.59 -28.32 -4.98
N ILE A 173 70.90 -27.29 -4.46
CA ILE A 173 71.18 -25.88 -4.81
C ILE A 173 72.58 -25.44 -4.43
N ALA A 174 73.01 -25.82 -3.23
CA ALA A 174 74.38 -25.54 -2.78
C ALA A 174 75.40 -26.09 -3.77
N GLU A 175 75.30 -27.39 -4.08
CA GLU A 175 76.20 -28.04 -5.03
C GLU A 175 76.18 -27.32 -6.38
N MSE A 176 74.98 -27.03 -6.87
CA MSE A 176 74.76 -26.31 -8.12
C MSE A 176 75.52 -24.98 -8.20
O MSE A 176 75.98 -24.61 -9.26
CB MSE A 176 73.27 -26.04 -8.29
CG MSE A 176 72.69 -26.06 -9.70
SE MSE A 176 70.72 -25.65 -9.60
CE MSE A 176 70.87 -24.01 -10.67
N PHE A 177 75.65 -24.27 -7.08
CA PHE A 177 76.26 -22.94 -7.08
C PHE A 177 77.56 -22.87 -6.27
N SER A 178 78.00 -24.03 -5.77
CA SER A 178 79.23 -24.12 -4.98
C SER A 178 79.19 -23.25 -3.70
N ALA A 179 78.16 -23.44 -2.90
CA ALA A 179 78.01 -22.63 -1.72
C ALA A 179 77.64 -23.55 -0.56
N ARG A 180 77.72 -23.03 0.65
CA ARG A 180 77.34 -23.81 1.83
C ARG A 180 75.82 -23.91 1.97
N LEU A 181 75.37 -24.84 2.81
CA LEU A 181 73.95 -25.05 3.03
C LEU A 181 73.26 -23.75 3.49
N GLU A 182 73.84 -23.08 4.47
CA GLU A 182 73.20 -21.92 5.08
C GLU A 182 73.25 -20.68 4.17
N ASP A 183 73.97 -20.77 3.06
CA ASP A 183 74.02 -19.69 2.08
C ASP A 183 72.78 -19.71 1.18
N VAL A 184 71.99 -20.75 1.32
CA VAL A 184 70.76 -20.91 0.58
C VAL A 184 69.52 -20.51 1.43
N PHE A 185 68.69 -19.63 0.86
CA PHE A 185 67.49 -19.15 1.52
C PHE A 185 66.33 -19.22 0.52
N LEU A 186 65.23 -19.80 0.95
CA LEU A 186 64.11 -20.11 0.08
C LEU A 186 62.82 -19.38 0.46
N LYS A 187 61.98 -19.04 -0.52
CA LYS A 187 60.55 -18.90 -0.25
C LYS A 187 59.92 -20.25 -0.47
N TYR A 188 59.42 -20.87 0.59
CA TYR A 188 59.06 -22.28 0.56
C TYR A 188 57.85 -22.48 1.46
N TYR A 189 56.83 -23.21 0.98
CA TYR A 189 55.65 -23.44 1.81
C TYR A 189 54.77 -24.54 1.24
N GLY A 190 53.90 -25.04 2.11
CA GLY A 190 52.97 -26.08 1.72
C GLY A 190 52.86 -27.01 2.88
N LEU A 191 52.43 -28.23 2.55
CA LEU A 191 52.25 -29.30 3.52
C LEU A 191 53.40 -30.23 3.26
N ASN A 192 53.70 -31.06 4.23
CA ASN A 192 54.68 -32.09 4.04
C ASN A 192 54.31 -32.97 2.85
N HIS A 193 55.26 -33.12 1.90
CA HIS A 193 55.07 -33.88 0.65
C HIS A 193 54.09 -33.19 -0.29
N LEU A 194 53.99 -31.87 -0.15
CA LEU A 194 52.94 -31.12 -0.82
C LEU A 194 53.38 -29.68 -0.77
N SER A 195 54.61 -29.46 -1.21
CA SER A 195 55.25 -28.17 -0.99
C SER A 195 55.74 -27.49 -2.28
N PHE A 196 55.98 -26.20 -2.15
CA PHE A 196 56.19 -25.36 -3.29
C PHE A 196 57.32 -24.36 -2.98
N ILE A 197 58.22 -24.20 -3.94
CA ILE A 197 59.27 -23.21 -3.84
C ILE A 197 59.06 -22.09 -4.86
N GLU A 198 59.00 -20.86 -4.37
CA GLU A 198 58.70 -19.71 -5.22
C GLU A 198 59.93 -18.91 -5.55
N LYS A 199 60.87 -18.86 -4.61
CA LYS A 199 62.04 -18.03 -4.79
C LYS A 199 63.26 -18.77 -4.24
N VAL A 200 64.38 -18.60 -4.92
CA VAL A 200 65.63 -19.17 -4.45
C VAL A 200 66.71 -18.10 -4.37
N PHE A 201 67.32 -17.99 -3.20
CA PHE A 201 68.44 -17.06 -3.02
C PHE A 201 69.71 -17.81 -2.64
N VAL A 202 70.82 -17.35 -3.20
CA VAL A 202 72.13 -17.91 -2.85
C VAL A 202 73.06 -16.76 -2.52
N LYS A 203 73.57 -16.74 -1.30
CA LYS A 203 74.39 -15.61 -0.82
C LYS A 203 73.71 -14.23 -1.07
N GLY A 204 72.38 -14.21 -0.91
CA GLY A 204 71.61 -12.98 -1.00
C GLY A 204 71.12 -12.64 -2.38
N GLU A 205 71.69 -13.31 -3.37
CA GLU A 205 71.33 -13.12 -4.77
C GLU A 205 70.15 -13.99 -5.22
N ASP A 206 69.18 -13.36 -5.88
CA ASP A 206 68.00 -14.02 -6.42
C ASP A 206 68.40 -14.85 -7.64
N VAL A 207 68.39 -16.17 -7.50
CA VAL A 207 68.84 -17.05 -8.57
C VAL A 207 67.72 -17.95 -9.08
N THR A 208 66.47 -17.59 -8.80
CA THR A 208 65.30 -18.37 -9.20
C THR A 208 65.31 -18.74 -10.70
N GLU A 209 65.50 -17.75 -11.58
CA GLU A 209 65.52 -17.97 -13.03
C GLU A 209 66.57 -19.00 -13.45
N LYS A 210 67.78 -18.87 -12.89
CA LYS A 210 68.85 -19.85 -13.09
C LYS A 210 68.46 -21.26 -12.63
N VAL A 211 67.68 -21.37 -11.55
CA VAL A 211 67.26 -22.68 -11.10
C VAL A 211 66.28 -23.31 -12.12
N PHE A 212 65.31 -22.53 -12.58
CA PHE A 212 64.33 -22.99 -13.56
C PHE A 212 65.05 -23.45 -14.83
N GLU A 213 65.94 -22.63 -15.34
CA GLU A 213 66.68 -22.98 -16.54
C GLU A 213 67.49 -24.28 -16.37
N ASN A 214 68.06 -24.47 -15.19
CA ASN A 214 68.84 -25.65 -14.88
C ASN A 214 68.01 -26.91 -14.76
N LEU A 215 66.76 -26.77 -14.26
CA LEU A 215 65.86 -27.89 -14.10
C LEU A 215 65.54 -28.58 -15.42
N LYS A 216 65.79 -27.90 -16.53
CA LYS A 216 65.37 -28.37 -17.83
C LYS A 216 66.45 -29.29 -18.45
N LEU A 217 67.67 -28.77 -18.55
CA LEU A 217 68.83 -29.59 -18.88
C LEU A 217 69.12 -30.66 -17.80
N LYS A 218 68.11 -31.08 -17.05
CA LYS A 218 68.24 -32.24 -16.17
C LYS A 218 67.45 -33.42 -16.78
N LEU A 219 68.03 -34.02 -17.83
CA LEU A 219 67.43 -35.17 -18.52
C LEU A 219 67.24 -36.36 -17.56
N PRO A 223 62.46 -40.25 -17.63
CA PRO A 223 62.24 -38.91 -18.23
C PRO A 223 60.75 -38.57 -18.31
N ASP A 224 60.01 -39.49 -18.93
CA ASP A 224 58.58 -39.40 -19.11
C ASP A 224 57.82 -39.32 -17.80
N GLU A 225 58.52 -39.42 -16.67
CA GLU A 225 57.87 -39.49 -15.37
C GLU A 225 57.95 -38.19 -14.61
N ASP A 226 58.52 -37.15 -15.22
CA ASP A 226 58.57 -35.88 -14.49
C ASP A 226 58.15 -34.67 -15.32
N PHE A 227 57.90 -33.56 -14.63
CA PHE A 227 57.18 -32.45 -15.20
C PHE A 227 57.91 -32.00 -16.41
N PRO A 228 57.21 -31.79 -17.52
CA PRO A 228 57.87 -31.25 -18.72
C PRO A 228 58.23 -29.80 -18.47
N THR A 229 58.89 -29.20 -19.46
CA THR A 229 59.50 -27.88 -19.42
C THR A 229 58.47 -26.76 -19.42
N TRP A 230 57.42 -26.91 -20.22
CA TRP A 230 56.32 -25.95 -20.25
C TRP A 230 55.61 -25.81 -18.89
N PHE A 231 55.62 -26.87 -18.07
CA PHE A 231 55.01 -26.84 -16.74
C PHE A 231 55.62 -25.77 -15.85
N TYR A 232 56.94 -25.73 -15.81
CA TYR A 232 57.66 -24.79 -14.93
C TYR A 232 57.51 -23.35 -15.44
N ASP A 233 57.41 -23.20 -16.75
CA ASP A 233 57.12 -21.95 -17.41
C ASP A 233 55.70 -21.46 -17.16
N SER A 234 54.76 -22.38 -16.93
CA SER A 234 53.35 -22.03 -16.69
C SER A 234 53.07 -21.74 -15.25
N VAL A 235 53.53 -22.64 -14.40
CA VAL A 235 53.15 -22.67 -13.02
C VAL A 235 54.07 -21.73 -12.25
N ARG A 236 55.33 -21.65 -12.68
CA ARG A 236 56.36 -20.85 -12.03
C ARG A 236 56.62 -21.14 -10.56
N LEU A 237 56.53 -22.42 -10.21
CA LEU A 237 56.88 -22.92 -8.90
C LEU A 237 57.72 -24.18 -9.14
N ILE A 238 58.76 -24.35 -8.33
CA ILE A 238 59.37 -25.63 -8.17
C ILE A 238 58.52 -26.46 -7.20
N VAL A 239 58.05 -27.58 -7.69
CA VAL A 239 57.02 -28.36 -7.04
C VAL A 239 57.66 -29.59 -6.39
N ASN A 240 57.15 -30.00 -5.24
CA ASN A 240 57.58 -31.23 -4.61
C ASN A 240 57.29 -32.38 -5.59
N PRO A 241 58.20 -33.34 -5.68
CA PRO A 241 58.02 -34.46 -6.64
C PRO A 241 56.77 -35.28 -6.32
N TYR A 242 56.29 -35.26 -5.07
CA TYR A 242 55.07 -35.97 -4.70
C TYR A 242 53.83 -35.40 -5.37
N LEU A 243 53.95 -34.19 -5.91
CA LEU A 243 52.85 -33.58 -6.65
C LEU A 243 52.48 -34.35 -7.90
N ARG A 244 53.42 -35.16 -8.38
CA ARG A 244 53.16 -36.06 -9.49
C ARG A 244 51.91 -36.93 -9.30
N TYR A 245 51.65 -37.39 -8.07
CA TYR A 245 50.48 -38.26 -7.83
C TYR A 245 49.19 -37.47 -8.07
N TYR A 246 49.25 -36.14 -7.85
CA TYR A 246 48.09 -35.27 -8.08
C TYR A 246 47.99 -34.92 -9.57
N LEU A 247 49.04 -34.34 -10.14
CA LEU A 247 48.98 -33.72 -11.46
C LEU A 247 49.22 -34.69 -12.62
N MSE A 248 49.82 -35.84 -12.30
CA MSE A 248 49.98 -36.92 -13.29
C MSE A 248 49.37 -38.23 -12.81
O MSE A 248 50.02 -39.28 -12.93
CB MSE A 248 51.47 -37.13 -13.67
CG MSE A 248 52.19 -35.85 -14.10
SE MSE A 248 54.17 -35.97 -14.34
CE MSE A 248 54.25 -37.35 -15.56
N GLU A 249 48.16 -38.16 -12.24
CA GLU A 249 47.49 -39.31 -11.62
C GLU A 249 47.51 -40.56 -12.50
N LYS A 250 47.10 -40.41 -13.76
CA LYS A 250 46.96 -41.54 -14.67
C LYS A 250 48.27 -42.29 -14.92
N LYS A 251 49.34 -41.54 -15.14
CA LYS A 251 50.67 -42.10 -15.28
C LYS A 251 51.28 -42.73 -13.99
N MSE A 252 51.11 -42.09 -12.84
CA MSE A 252 51.52 -42.71 -11.58
C MSE A 252 50.72 -43.98 -11.28
O MSE A 252 51.30 -44.95 -10.84
CB MSE A 252 51.42 -41.70 -10.41
CG MSE A 252 52.32 -40.49 -10.54
SE MSE A 252 54.26 -40.92 -10.94
CE MSE A 252 54.35 -40.84 -12.69
N PHE A 253 49.41 -43.99 -11.51
CA PHE A 253 48.61 -45.18 -11.21
C PHE A 253 49.13 -46.36 -12.00
N LYS A 254 49.41 -46.12 -13.27
CA LYS A 254 49.84 -47.22 -14.12
C LYS A 254 51.25 -47.70 -13.74
N LYS A 255 52.11 -46.77 -13.36
CA LYS A 255 53.40 -47.14 -12.82
C LYS A 255 53.35 -47.99 -11.53
N ILE A 256 52.56 -47.55 -10.54
CA ILE A 256 52.43 -48.28 -9.30
C ILE A 256 51.85 -49.68 -9.50
N SER A 257 50.82 -49.77 -10.35
CA SER A 257 50.07 -51.01 -10.53
C SER A 257 50.82 -52.03 -11.38
N THR A 258 51.83 -51.58 -12.14
CA THR A 258 52.54 -52.53 -13.00
C THR A 258 53.96 -52.87 -12.52
N HIS A 259 54.27 -52.56 -11.26
CA HIS A 259 55.55 -52.95 -10.68
C HIS A 259 55.30 -53.49 -9.29
N GLU A 260 56.30 -54.14 -8.76
CA GLU A 260 56.25 -54.60 -7.39
C GLU A 260 55.93 -53.45 -6.42
N LEU A 261 55.16 -53.76 -5.37
CA LEU A 261 54.85 -52.76 -4.37
C LEU A 261 56.15 -52.30 -3.73
N ARG A 262 56.25 -51.01 -3.49
CA ARG A 262 57.49 -50.44 -3.00
C ARG A 262 57.89 -51.02 -1.63
N ALA A 263 56.92 -51.19 -0.74
CA ALA A 263 57.21 -51.78 0.57
C ALA A 263 57.88 -53.17 0.49
N ARG A 264 57.47 -53.97 -0.49
CA ARG A 264 57.98 -55.34 -0.61
C ARG A 264 59.43 -55.32 -1.03
N GLU A 265 59.81 -54.32 -1.81
CA GLU A 265 61.19 -54.26 -2.22
C GLU A 265 62.10 -53.57 -1.22
N VAL A 266 61.52 -52.80 -0.33
CA VAL A 266 62.24 -52.26 0.79
C VAL A 266 62.48 -53.34 1.87
N MSE A 267 61.59 -54.34 1.94
CA MSE A 267 61.82 -55.43 2.88
C MSE A 267 63.11 -56.13 2.45
O MSE A 267 63.89 -56.52 3.29
CB MSE A 267 60.65 -56.43 2.91
CG MSE A 267 59.50 -56.07 3.87
SE MSE A 267 57.89 -57.19 3.46
CE MSE A 267 56.44 -55.87 3.37
N LYS A 268 63.34 -56.26 1.15
CA LYS A 268 64.57 -56.87 0.66
C LYS A 268 65.80 -56.00 0.90
N ILE A 269 65.68 -54.70 0.69
CA ILE A 269 66.78 -53.80 0.96
C ILE A 269 67.18 -53.83 2.46
N GLU A 270 66.19 -53.76 3.35
CA GLU A 270 66.40 -53.76 4.79
C GLU A 270 67.04 -55.04 5.30
N LYS A 271 66.59 -56.19 4.80
CA LYS A 271 67.12 -57.46 5.23
C LYS A 271 68.59 -57.59 4.83
N GLU A 272 68.97 -56.88 3.78
CA GLU A 272 70.35 -56.93 3.28
C GLU A 272 71.25 -56.01 4.09
N LEU A 273 70.70 -54.88 4.53
CA LEU A 273 71.42 -53.93 5.36
C LEU A 273 71.68 -54.51 6.74
N PHE A 274 70.70 -55.23 7.30
CA PHE A 274 70.87 -55.80 8.63
C PHE A 274 71.96 -56.87 8.68
N GLU A 275 72.10 -57.62 7.60
CA GLU A 275 73.19 -58.61 7.51
C GLU A 275 74.54 -57.91 7.46
N LYS A 276 74.61 -56.80 6.74
CA LYS A 276 75.83 -56.00 6.70
C LYS A 276 76.15 -55.37 8.05
N TYR A 277 75.11 -54.90 8.77
CA TYR A 277 75.29 -54.34 10.10
C TYR A 277 75.92 -55.28 11.16
N ARG A 278 75.85 -56.60 10.96
CA ARG A 278 76.44 -57.54 11.92
C ARG A 278 77.94 -57.33 12.11
N THR A 279 78.65 -57.02 11.02
CA THR A 279 80.10 -56.91 11.06
C THR A 279 80.68 -55.57 10.58
N ALA A 280 79.86 -54.71 9.99
CA ALA A 280 80.38 -53.48 9.38
C ALA A 280 81.08 -52.57 10.38
N VAL A 281 82.17 -51.94 9.92
CA VAL A 281 82.91 -50.99 10.75
C VAL A 281 82.62 -49.56 10.33
N GLU A 282 82.09 -49.41 9.11
CA GLU A 282 81.67 -48.11 8.58
C GLU A 282 80.30 -48.20 7.94
N ILE A 283 79.61 -47.07 7.77
CA ILE A 283 78.29 -47.05 7.13
C ILE A 283 78.38 -47.67 5.73
N PRO A 284 77.54 -48.65 5.43
CA PRO A 284 77.58 -49.28 4.10
C PRO A 284 76.96 -48.38 3.04
N GLU A 285 77.57 -48.36 1.86
CA GLU A 285 77.14 -47.52 0.74
C GLU A 285 75.66 -47.71 0.39
N GLU A 286 75.24 -48.98 0.33
CA GLU A 286 73.84 -49.37 0.09
C GLU A 286 72.84 -48.57 0.89
N LEU A 287 73.23 -48.15 2.09
CA LEU A 287 72.34 -47.28 2.89
C LEU A 287 72.42 -45.84 2.41
N THR A 288 73.64 -45.38 2.09
CA THR A 288 73.91 -43.96 1.79
C THR A 288 73.08 -43.43 0.60
N LYS A 289 73.12 -44.13 -0.53
CA LYS A 289 72.35 -43.68 -1.66
C LYS A 289 70.96 -44.32 -1.77
N ARG A 290 70.06 -44.05 -0.81
CA ARG A 290 68.68 -44.54 -0.98
C ARG A 290 67.57 -43.79 -0.19
N GLY A 291 66.31 -44.14 -0.51
CA GLY A 291 65.12 -43.70 0.16
C GLY A 291 65.07 -42.25 0.57
N GLY A 292 65.55 -41.98 1.79
CA GLY A 292 65.45 -40.66 2.40
C GLY A 292 66.58 -40.47 3.39
N SER A 293 67.77 -40.94 2.99
CA SER A 293 68.94 -41.04 3.88
C SER A 293 69.45 -39.77 4.63
N MSE A 294 68.95 -38.58 4.25
CA MSE A 294 69.52 -37.32 4.76
C MSE A 294 68.56 -36.61 5.69
O MSE A 294 68.79 -35.48 6.12
CB MSE A 294 69.95 -36.42 3.61
CG MSE A 294 71.12 -37.05 2.79
SE MSE A 294 72.78 -37.39 3.89
CE MSE A 294 74.00 -38.10 2.45
N TYR A 295 67.48 -37.31 6.01
CA TYR A 295 66.68 -36.98 7.16
C TYR A 295 67.61 -36.77 8.37
N SER A 296 68.63 -37.61 8.47
CA SER A 296 69.53 -37.62 9.62
C SER A 296 70.14 -36.26 9.91
N THR A 297 70.70 -35.68 8.85
CA THR A 297 71.33 -34.37 8.91
C THR A 297 70.29 -33.29 9.30
N ALA A 298 69.06 -33.42 8.79
CA ALA A 298 67.99 -32.54 9.25
C ALA A 298 67.75 -32.59 10.77
N ALA A 299 67.65 -33.79 11.34
CA ALA A 299 67.42 -33.94 12.79
C ALA A 299 68.54 -33.34 13.64
N ALA A 300 69.77 -33.64 13.25
CA ALA A 300 70.96 -33.29 14.03
C ALA A 300 71.24 -31.78 14.03
N HIS A 301 71.10 -31.16 12.87
CA HIS A 301 71.26 -29.71 12.76
C HIS A 301 70.16 -28.98 13.49
N LEU A 302 68.93 -29.50 13.41
CA LEU A 302 67.85 -28.93 14.18
C LEU A 302 68.16 -28.94 15.67
N ILE A 303 68.57 -30.09 16.21
CA ILE A 303 68.78 -30.27 17.64
C ILE A 303 69.90 -29.33 18.06
N ARG A 304 70.90 -29.26 17.19
CA ARG A 304 72.07 -28.45 17.39
C ARG A 304 71.69 -26.98 17.58
N ASP A 305 70.82 -26.48 16.70
CA ASP A 305 70.44 -25.08 16.66
C ASP A 305 69.32 -24.77 17.64
N LEU A 306 68.62 -25.79 18.12
CA LEU A 306 67.72 -25.66 19.25
C LEU A 306 68.56 -25.48 20.51
N GLU A 307 69.76 -26.08 20.57
CA GLU A 307 70.65 -26.01 21.75
C GLU A 307 71.45 -24.72 21.89
N THR A 308 71.94 -24.18 20.79
CA THR A 308 72.69 -22.94 20.87
C THR A 308 71.80 -21.70 20.73
N ASP A 309 72.44 -20.54 20.90
CA ASP A 309 71.79 -19.25 20.81
C ASP A 309 72.27 -18.50 19.59
N GLU A 310 72.82 -19.19 18.60
CA GLU A 310 73.19 -18.54 17.34
C GLU A 310 71.98 -18.00 16.58
N GLY A 311 70.99 -18.83 16.32
CA GLY A 311 69.89 -18.47 15.44
C GLY A 311 70.16 -18.92 14.01
N LYS A 312 69.46 -19.96 13.55
CA LYS A 312 69.61 -20.46 12.16
C LYS A 312 68.25 -20.78 11.54
N ILE A 313 68.23 -20.82 10.21
CA ILE A 313 67.01 -21.14 9.46
C ILE A 313 66.82 -22.64 9.20
N HIS A 314 65.64 -23.16 9.53
CA HIS A 314 65.30 -24.55 9.26
C HIS A 314 63.88 -24.66 8.76
N ILE A 315 63.69 -25.39 7.67
CA ILE A 315 62.35 -25.64 7.18
C ILE A 315 61.76 -26.78 7.95
N VAL A 316 60.70 -26.54 8.70
CA VAL A 316 60.12 -27.56 9.58
C VAL A 316 58.59 -27.47 9.48
N ASN A 317 57.87 -28.47 9.99
CA ASN A 317 56.43 -28.41 10.11
C ASN A 317 56.00 -27.80 11.46
N THR A 318 55.32 -26.66 11.37
CA THR A 318 54.85 -25.92 12.53
C THR A 318 53.64 -25.05 12.13
N ARG A 319 53.00 -24.40 13.10
CA ARG A 319 51.90 -23.50 12.79
C ARG A 319 52.35 -22.33 11.91
N ASN A 320 51.59 -22.04 10.87
CA ASN A 320 51.81 -20.90 9.99
C ASN A 320 52.19 -19.61 10.72
N ASN A 321 51.33 -19.15 11.65
CA ASN A 321 51.54 -17.95 12.43
C ASN A 321 52.12 -16.80 11.58
N GLY A 322 51.51 -16.55 10.45
CA GLY A 322 51.89 -15.37 9.71
C GLY A 322 52.98 -15.55 8.67
N SER A 323 53.54 -16.76 8.57
CA SER A 323 54.53 -17.00 7.53
C SER A 323 53.92 -16.78 6.12
N ILE A 324 52.72 -17.30 5.91
CA ILE A 324 52.01 -17.08 4.65
C ILE A 324 50.72 -16.34 4.98
N GLU A 325 50.66 -15.08 4.57
CA GLU A 325 49.61 -14.20 5.07
C GLU A 325 48.24 -14.52 4.55
N ASN A 326 48.23 -15.41 3.59
CA ASN A 326 47.18 -15.86 2.69
C ASN A 326 46.45 -17.07 3.28
N LEU A 327 47.02 -17.65 4.34
CA LEU A 327 46.49 -18.88 4.93
C LEU A 327 46.16 -18.63 6.41
N PRO A 328 45.21 -19.35 7.00
CA PRO A 328 44.97 -19.21 8.44
C PRO A 328 46.24 -19.46 9.24
N ASP A 329 46.35 -18.79 10.38
CA ASP A 329 47.50 -18.91 11.24
C ASP A 329 47.71 -20.28 11.82
N ASP A 330 46.62 -21.05 12.02
CA ASP A 330 46.78 -22.31 12.72
C ASP A 330 47.12 -23.48 11.81
N TYR A 331 47.11 -23.25 10.50
CA TYR A 331 47.44 -24.34 9.59
C TYR A 331 48.86 -24.80 9.89
N VAL A 332 49.07 -26.09 10.17
CA VAL A 332 50.43 -26.57 10.28
C VAL A 332 50.99 -26.62 8.84
N LEU A 333 52.13 -25.97 8.65
CA LEU A 333 52.71 -25.85 7.33
C LEU A 333 54.17 -26.30 7.37
N GLU A 334 54.71 -26.61 6.21
CA GLU A 334 56.15 -26.87 6.10
C GLU A 334 56.85 -25.62 5.59
N ILE A 335 57.62 -24.95 6.46
CA ILE A 335 58.07 -23.57 6.21
C ILE A 335 59.41 -23.25 6.88
N PRO A 336 60.09 -22.20 6.43
CA PRO A 336 61.35 -21.77 7.05
C PRO A 336 61.16 -21.02 8.36
N CYS A 337 61.95 -21.39 9.37
CA CYS A 337 61.82 -20.86 10.72
C CYS A 337 63.18 -20.46 11.26
N TYR A 338 63.19 -19.43 12.10
CA TYR A 338 64.38 -19.02 12.80
C TYR A 338 64.38 -19.83 14.10
N VAL A 339 65.39 -20.66 14.26
CA VAL A 339 65.47 -21.61 15.35
C VAL A 339 66.59 -21.15 16.30
N ARG A 340 66.23 -20.99 17.57
CA ARG A 340 67.18 -20.47 18.56
C ARG A 340 66.73 -20.88 19.96
N SER A 341 67.66 -21.43 20.74
CA SER A 341 67.48 -21.69 22.16
C SER A 341 66.13 -22.32 22.56
N GLY A 342 65.85 -23.48 21.99
CA GLY A 342 64.63 -24.18 22.30
C GLY A 342 63.37 -23.66 21.63
N ARG A 343 63.45 -22.54 20.89
CA ARG A 343 62.23 -21.98 20.28
C ARG A 343 62.26 -21.93 18.76
N VAL A 344 61.07 -21.98 18.18
CA VAL A 344 60.88 -21.95 16.72
C VAL A 344 60.10 -20.69 16.39
N HIS A 345 60.70 -19.79 15.62
CA HIS A 345 60.00 -18.57 15.23
C HIS A 345 59.74 -18.56 13.74
N THR A 346 58.49 -18.42 13.41
CA THR A 346 58.07 -18.33 12.04
C THR A 346 58.56 -17.00 11.38
N LEU A 347 58.89 -17.07 10.11
CA LEU A 347 59.35 -15.90 9.35
C LEU A 347 58.37 -15.49 8.27
N SER A 348 58.18 -14.21 8.12
CA SER A 348 57.32 -13.63 7.14
C SER A 348 57.75 -13.95 5.70
N GLN A 349 56.81 -14.34 4.85
CA GLN A 349 57.16 -14.69 3.47
C GLN A 349 56.28 -14.01 2.41
N GLY A 350 55.25 -13.29 2.80
CA GLY A 350 54.29 -12.70 1.88
C GLY A 350 53.16 -13.67 1.56
N LYS A 351 52.54 -13.45 0.40
CA LYS A 351 51.41 -14.24 -0.10
C LYS A 351 51.81 -15.55 -0.78
N GLY A 352 50.99 -16.59 -0.61
CA GLY A 352 51.10 -17.80 -1.38
C GLY A 352 50.38 -17.67 -2.70
N ASP A 353 50.83 -18.44 -3.68
CA ASP A 353 50.28 -18.55 -5.02
C ASP A 353 48.94 -19.32 -5.01
N HIS A 354 47.94 -18.83 -5.76
CA HIS A 354 46.62 -19.50 -5.87
C HIS A 354 46.69 -20.99 -6.17
N PHE A 355 47.58 -21.36 -7.08
CA PHE A 355 47.80 -22.75 -7.48
C PHE A 355 48.25 -23.61 -6.29
N ALA A 356 49.25 -23.15 -5.56
CA ALA A 356 49.66 -23.87 -4.35
C ALA A 356 48.55 -23.96 -3.30
N LEU A 357 47.84 -22.85 -3.08
CA LEU A 357 46.75 -22.77 -2.09
C LEU A 357 45.62 -23.77 -2.39
N SER A 358 45.30 -24.01 -3.66
CA SER A 358 44.25 -25.00 -3.92
C SER A 358 44.58 -26.38 -3.36
N PHE A 359 45.84 -26.79 -3.52
CA PHE A 359 46.33 -28.03 -2.91
C PHE A 359 46.32 -28.02 -1.42
N ILE A 360 46.89 -26.97 -0.82
CA ILE A 360 47.06 -26.87 0.63
C ILE A 360 45.70 -26.88 1.36
N HIS A 361 44.75 -26.07 0.88
CA HIS A 361 43.42 -26.01 1.48
C HIS A 361 42.78 -27.39 1.46
N ALA A 362 42.74 -27.99 0.27
CA ALA A 362 42.06 -29.27 0.06
C ALA A 362 42.56 -30.37 1.01
N VAL A 363 43.87 -30.51 1.11
CA VAL A 363 44.48 -31.56 1.92
C VAL A 363 44.38 -31.29 3.42
N LYS A 364 44.45 -30.01 3.77
CA LYS A 364 44.30 -29.58 5.14
C LYS A 364 42.89 -29.92 5.62
N MSE A 365 41.86 -29.65 4.82
CA MSE A 365 40.47 -30.00 5.22
C MSE A 365 40.35 -31.52 5.40
O MSE A 365 39.78 -31.97 6.42
CB MSE A 365 39.44 -29.47 4.22
CG MSE A 365 39.46 -27.96 4.06
SE MSE A 365 39.03 -26.99 5.72
CE MSE A 365 40.83 -26.69 6.45
N TYR A 366 40.87 -32.28 4.43
CA TYR A 366 40.97 -33.76 4.54
C TYR A 366 41.68 -34.21 5.83
N GLU A 367 42.77 -33.54 6.18
CA GLU A 367 43.58 -33.90 7.35
C GLU A 367 42.79 -33.75 8.61
N ARG A 368 42.00 -32.68 8.67
CA ARG A 368 41.21 -32.37 9.85
C ARG A 368 39.96 -33.23 9.94
N LEU A 369 39.40 -33.60 8.79
CA LEU A 369 38.29 -34.56 8.81
C LEU A 369 38.74 -35.93 9.32
N THR A 370 39.95 -36.34 8.91
CA THR A 370 40.52 -37.62 9.33
C THR A 370 40.77 -37.60 10.84
N ILE A 371 41.31 -36.49 11.36
CA ILE A 371 41.57 -36.36 12.80
C ILE A 371 40.28 -36.48 13.59
N GLU A 372 39.26 -35.75 13.13
CA GLU A 372 37.94 -35.71 13.79
C GLU A 372 37.29 -37.10 13.81
N ALA A 373 37.41 -37.81 12.69
CA ALA A 373 36.91 -39.16 12.58
C ALA A 373 37.64 -40.09 13.54
N TYR A 374 38.95 -39.98 13.62
CA TYR A 374 39.73 -40.73 14.61
C TYR A 374 39.28 -40.42 16.05
N LEU A 375 39.26 -39.12 16.42
CA LEU A 375 38.90 -38.70 17.77
C LEU A 375 37.50 -39.16 18.21
N LYS A 376 36.56 -39.28 17.28
CA LYS A 376 35.20 -39.71 17.57
C LYS A 376 35.03 -41.21 17.30
N ARG A 377 36.09 -41.86 16.82
CA ARG A 377 36.02 -43.28 16.51
C ARG A 377 34.81 -43.59 15.62
N SER A 378 34.66 -42.76 14.60
CA SER A 378 33.45 -42.76 13.77
C SER A 378 33.68 -43.27 12.34
N LYS A 379 33.02 -44.38 12.00
CA LYS A 379 32.96 -44.90 10.62
C LYS A 379 32.32 -43.88 9.70
N LYS A 380 31.16 -43.30 10.08
CA LYS A 380 30.55 -42.26 9.21
C LYS A 380 31.52 -41.11 8.95
N LEU A 381 32.19 -40.60 9.97
CA LEU A 381 33.08 -39.44 9.73
C LEU A 381 34.33 -39.85 8.88
N ALA A 382 34.73 -41.12 8.97
CA ALA A 382 35.89 -41.60 8.22
C ALA A 382 35.55 -41.61 6.75
N LEU A 383 34.32 -42.02 6.43
CA LEU A 383 33.82 -41.94 5.04
C LEU A 383 33.93 -40.49 4.50
N LYS A 384 33.42 -39.53 5.28
CA LYS A 384 33.44 -38.13 4.93
C LYS A 384 34.90 -37.72 4.67
N ALA A 385 35.82 -38.11 5.54
CA ALA A 385 37.21 -37.80 5.31
C ALA A 385 37.72 -38.38 4.00
N LEU A 386 37.49 -39.68 3.83
CA LEU A 386 37.92 -40.36 2.61
C LEU A 386 37.39 -39.68 1.34
N LEU A 387 36.11 -39.32 1.30
CA LEU A 387 35.56 -38.68 0.11
C LEU A 387 36.14 -37.29 -0.14
N SER A 388 36.79 -36.71 0.88
CA SER A 388 37.28 -35.33 0.75
C SER A 388 38.68 -35.28 0.15
N HIS A 389 39.42 -36.38 0.23
CA HIS A 389 40.74 -36.34 -0.34
C HIS A 389 40.70 -36.19 -1.88
N PRO A 390 41.50 -35.29 -2.43
CA PRO A 390 41.62 -35.16 -3.89
C PRO A 390 42.02 -36.46 -4.61
N LEU A 391 42.61 -37.44 -3.93
CA LEU A 391 42.87 -38.73 -4.55
C LEU A 391 42.04 -39.88 -3.94
N GLY A 392 41.01 -39.51 -3.16
CA GLY A 392 40.12 -40.46 -2.51
C GLY A 392 39.18 -41.12 -3.46
N PRO A 393 38.35 -42.03 -2.95
CA PRO A 393 37.42 -42.80 -3.79
C PRO A 393 36.26 -41.95 -4.28
N ASP A 394 35.63 -42.35 -5.38
CA ASP A 394 34.27 -41.95 -5.72
C ASP A 394 33.29 -42.55 -4.68
N VAL A 395 32.08 -41.97 -4.60
CA VAL A 395 30.98 -42.48 -3.79
C VAL A 395 30.74 -43.99 -3.92
N GLU A 396 30.71 -44.48 -5.16
CA GLU A 396 30.46 -45.93 -5.45
C GLU A 396 31.55 -46.85 -4.89
N ASP A 397 32.72 -46.34 -4.55
CA ASP A 397 33.79 -47.17 -4.02
C ASP A 397 34.07 -46.98 -2.54
N ALA A 398 33.60 -45.88 -1.98
CA ALA A 398 34.05 -45.49 -0.65
C ALA A 398 33.79 -46.50 0.49
N LYS A 399 32.61 -47.12 0.55
CA LYS A 399 32.28 -48.01 1.67
C LYS A 399 33.19 -49.24 1.65
N ASP A 400 33.27 -49.93 0.50
CA ASP A 400 34.08 -51.13 0.41
C ASP A 400 35.55 -50.86 0.71
N LEU A 401 36.06 -49.75 0.20
CA LEU A 401 37.44 -49.33 0.47
C LEU A 401 37.69 -49.04 1.98
N LEU A 402 36.78 -48.30 2.62
CA LEU A 402 36.91 -48.14 4.07
C LEU A 402 36.87 -49.47 4.82
N GLU A 403 35.95 -50.36 4.46
CA GLU A 403 35.84 -51.66 5.10
C GLU A 403 37.19 -52.41 5.05
N GLU A 404 37.80 -52.40 3.88
CA GLU A 404 39.06 -53.08 3.66
C GLU A 404 40.18 -52.54 4.53
N ILE A 405 40.31 -51.22 4.53
CA ILE A 405 41.27 -50.55 5.37
C ILE A 405 41.07 -50.86 6.86
N LEU A 406 39.83 -50.82 7.35
CA LEU A 406 39.56 -51.07 8.77
C LEU A 406 39.87 -52.51 9.15
N GLU A 407 39.62 -53.43 8.25
CA GLU A 407 39.93 -54.84 8.53
C GLU A 407 41.46 -55.05 8.63
N ALA A 408 42.21 -54.45 7.71
CA ALA A 408 43.66 -54.54 7.68
C ALA A 408 44.32 -53.89 8.89
N ASN A 409 43.72 -52.80 9.37
CA ASN A 409 44.18 -52.11 10.58
C ASN A 409 43.46 -52.46 11.88
N ARG A 410 42.74 -53.58 11.92
CA ARG A 410 41.98 -53.93 13.11
C ARG A 410 42.80 -54.05 14.42
N GLU A 411 44.11 -54.28 14.34
CA GLU A 411 44.93 -54.36 15.53
C GLU A 411 45.29 -52.98 16.06
N TYR A 412 45.07 -51.95 15.27
CA TYR A 412 45.62 -50.62 15.58
C TYR A 412 44.57 -49.59 15.90
N VAL A 413 43.38 -49.75 15.34
CA VAL A 413 42.29 -48.79 15.55
C VAL A 413 40.94 -49.46 15.33
N LYS A 414 39.92 -48.98 16.03
CA LYS A 414 38.58 -49.49 15.84
C LYS A 414 37.65 -48.29 15.68
N LEU A 415 36.83 -48.35 14.66
CA LEU A 415 35.89 -47.30 14.35
C LEU A 415 34.47 -47.88 14.35
N GLY A 416 33.50 -47.12 14.85
CA GLY A 416 32.14 -47.61 14.97
C GLY A 416 31.05 -46.74 14.35
N HIS B 1 10.76 8.09 -12.02
CA HIS B 1 10.70 7.41 -13.36
C HIS B 1 11.72 6.26 -13.44
N MSE B 2 11.28 5.10 -13.91
CA MSE B 2 12.03 3.86 -13.68
C MSE B 2 12.10 2.92 -14.89
O MSE B 2 11.08 2.45 -15.40
CB MSE B 2 11.43 3.13 -12.47
CG MSE B 2 12.45 2.33 -11.66
SE MSE B 2 12.86 0.61 -12.56
CE MSE B 2 11.82 -0.68 -11.46
N ARG B 3 13.34 2.61 -15.30
CA ARG B 3 13.60 1.77 -16.48
C ARG B 3 14.50 0.54 -16.23
N ILE B 4 14.11 -0.62 -16.79
CA ILE B 4 14.87 -1.85 -16.70
C ILE B 4 15.42 -2.25 -18.07
N ALA B 5 16.73 -2.46 -18.20
CA ALA B 5 17.34 -2.93 -19.45
C ALA B 5 17.52 -4.42 -19.44
N VAL B 6 17.21 -5.06 -20.56
CA VAL B 6 17.37 -6.50 -20.70
C VAL B 6 18.37 -6.83 -21.82
N ILE B 7 19.51 -7.40 -21.42
CA ILE B 7 20.62 -7.66 -22.31
C ILE B 7 20.63 -9.12 -22.71
N GLY B 8 20.18 -9.38 -23.94
CA GLY B 8 19.90 -10.73 -24.41
C GLY B 8 18.40 -10.93 -24.67
N GLY B 9 17.77 -9.93 -25.31
CA GLY B 9 16.33 -9.93 -25.52
C GLY B 9 15.78 -11.18 -26.18
N GLY B 10 16.60 -11.81 -27.02
CA GLY B 10 16.19 -12.96 -27.79
C GLY B 10 16.19 -14.25 -27.03
N SER B 11 16.64 -14.27 -25.79
CA SER B 11 16.62 -15.50 -24.99
C SER B 11 15.20 -16.04 -25.07
N SER B 12 15.08 -17.36 -25.09
CA SER B 12 13.76 -17.98 -25.04
C SER B 12 13.19 -17.97 -23.62
N TYR B 13 13.97 -17.47 -22.64
CA TYR B 13 13.46 -17.31 -21.26
C TYR B 13 12.77 -15.98 -21.09
N THR B 14 12.96 -15.07 -22.06
CA THR B 14 12.46 -13.70 -22.00
C THR B 14 10.99 -13.54 -21.58
N PRO B 15 10.06 -14.27 -22.18
CA PRO B 15 8.66 -14.21 -21.74
C PRO B 15 8.45 -14.48 -20.24
N GLU B 16 9.11 -15.51 -19.70
CA GLU B 16 9.05 -15.74 -18.25
C GLU B 16 9.52 -14.52 -17.46
N LEU B 17 10.65 -13.94 -17.85
CA LEU B 17 11.16 -12.77 -17.14
C LEU B 17 10.13 -11.64 -17.12
N VAL B 18 9.45 -11.45 -18.24
CA VAL B 18 8.46 -10.38 -18.39
C VAL B 18 7.19 -10.69 -17.57
N LYS B 19 6.81 -11.97 -17.52
CA LYS B 19 5.69 -12.37 -16.66
C LYS B 19 6.03 -11.87 -15.26
N GLY B 20 7.19 -12.31 -14.76
CA GLY B 20 7.76 -11.84 -13.51
C GLY B 20 7.67 -10.35 -13.35
N LEU B 21 8.10 -9.59 -14.35
CA LEU B 21 8.10 -8.12 -14.23
C LEU B 21 6.68 -7.56 -14.17
N LEU B 22 5.77 -8.19 -14.91
CA LEU B 22 4.34 -7.89 -14.81
C LEU B 22 3.80 -8.17 -13.39
N ASP B 23 4.20 -9.29 -12.77
CA ASP B 23 3.69 -9.59 -11.44
C ASP B 23 4.09 -8.55 -10.38
N ILE B 24 5.31 -8.02 -10.47
CA ILE B 24 5.79 -7.02 -9.49
C ILE B 24 5.33 -5.58 -9.78
N SER B 25 4.84 -5.33 -10.99
CA SER B 25 4.44 -3.99 -11.41
C SER B 25 3.25 -3.40 -10.65
N GLU B 26 2.62 -4.22 -9.80
CA GLU B 26 1.60 -3.76 -8.86
C GLU B 26 2.20 -3.24 -7.53
N ASP B 27 3.29 -3.87 -7.08
CA ASP B 27 3.97 -3.44 -5.85
C ASP B 27 5.02 -2.36 -6.13
N VAL B 28 5.38 -2.16 -7.40
CA VAL B 28 6.55 -1.38 -7.74
C VAL B 28 6.39 -0.76 -9.12
N ARG B 29 6.79 0.51 -9.24
CA ARG B 29 6.65 1.27 -10.48
C ARG B 29 7.67 0.84 -11.55
N ILE B 30 7.17 0.43 -12.71
CA ILE B 30 8.00 0.17 -13.88
C ILE B 30 7.44 0.93 -15.06
N ASP B 31 8.22 1.89 -15.55
CA ASP B 31 7.79 2.71 -16.67
C ASP B 31 8.11 2.07 -18.00
N GLU B 32 9.30 1.49 -18.11
CA GLU B 32 9.73 0.91 -19.38
C GLU B 32 10.72 -0.22 -19.24
N VAL B 33 10.59 -1.19 -20.14
CA VAL B 33 11.55 -2.27 -20.23
C VAL B 33 12.12 -2.25 -21.63
N ILE B 34 13.43 -2.05 -21.74
CA ILE B 34 14.09 -1.97 -23.03
C ILE B 34 15.04 -3.15 -23.27
N PHE B 35 14.99 -3.67 -24.49
CA PHE B 35 15.65 -4.91 -24.86
C PHE B 35 16.81 -4.67 -25.80
N TYR B 36 17.89 -5.42 -25.59
CA TYR B 36 19.02 -5.40 -26.50
C TYR B 36 19.53 -6.83 -26.75
N ASP B 37 19.90 -7.08 -28.00
CA ASP B 37 20.44 -8.36 -28.42
C ASP B 37 21.32 -8.19 -29.65
N ILE B 38 22.34 -9.02 -29.79
CA ILE B 38 23.15 -9.02 -31.01
C ILE B 38 22.41 -9.65 -32.20
N ASP B 39 21.42 -10.50 -31.93
CA ASP B 39 20.63 -11.13 -32.99
C ASP B 39 19.23 -10.48 -33.13
N GLU B 40 19.18 -9.46 -33.97
CA GLU B 40 17.98 -8.63 -34.15
C GLU B 40 16.72 -9.38 -34.62
N GLU B 41 16.92 -10.40 -35.47
CA GLU B 41 15.82 -11.20 -36.01
C GLU B 41 15.20 -12.14 -34.96
N LYS B 42 16.04 -12.71 -34.10
CA LYS B 42 15.56 -13.55 -33.01
C LYS B 42 14.76 -12.72 -32.02
N GLN B 43 15.38 -11.64 -31.53
CA GLN B 43 14.78 -10.73 -30.55
C GLN B 43 13.42 -10.19 -30.99
N LYS B 44 13.31 -9.84 -32.28
CA LYS B 44 12.07 -9.27 -32.81
C LYS B 44 10.83 -10.15 -32.64
N ILE B 45 11.01 -11.46 -32.78
CA ILE B 45 9.94 -12.42 -32.56
C ILE B 45 9.59 -12.47 -31.07
N VAL B 46 10.61 -12.58 -30.24
CA VAL B 46 10.43 -12.61 -28.79
C VAL B 46 9.69 -11.37 -28.28
N VAL B 47 10.14 -10.20 -28.72
CA VAL B 47 9.67 -8.93 -28.18
C VAL B 47 8.24 -8.69 -28.62
N ASP B 48 7.93 -9.18 -29.82
CA ASP B 48 6.60 -9.14 -30.37
C ASP B 48 5.66 -9.93 -29.47
N PHE B 49 6.11 -11.12 -29.08
CA PHE B 49 5.37 -11.95 -28.15
C PHE B 49 5.17 -11.19 -26.83
N VAL B 50 6.25 -10.58 -26.36
CA VAL B 50 6.28 -9.76 -25.14
C VAL B 50 5.21 -8.68 -25.18
N LYS B 51 5.14 -7.94 -26.29
CA LYS B 51 4.18 -6.85 -26.47
C LYS B 51 2.71 -7.29 -26.35
N ARG B 52 2.41 -8.52 -26.75
CA ARG B 52 1.07 -9.10 -26.63
C ARG B 52 0.74 -9.46 -25.17
N LEU B 53 1.77 -9.81 -24.39
CA LEU B 53 1.61 -10.15 -22.98
C LEU B 53 1.52 -8.89 -22.12
N VAL B 54 2.34 -7.90 -22.44
CA VAL B 54 2.48 -6.67 -21.66
C VAL B 54 1.22 -5.84 -21.80
N LYS B 55 0.75 -5.70 -23.03
CA LYS B 55 -0.48 -5.00 -23.32
C LYS B 55 -0.42 -3.56 -22.75
N ASP B 56 0.70 -2.89 -22.99
CA ASP B 56 0.89 -1.48 -22.62
C ASP B 56 0.86 -1.17 -21.13
N ARG B 57 0.96 -2.18 -20.27
CA ARG B 57 1.00 -1.98 -18.83
C ARG B 57 2.29 -1.25 -18.46
N PHE B 58 3.33 -1.50 -19.26
CA PHE B 58 4.50 -0.60 -19.37
C PHE B 58 5.02 -0.52 -20.81
N LYS B 59 5.90 0.44 -21.05
CA LYS B 59 6.46 0.66 -22.38
C LYS B 59 7.51 -0.41 -22.68
N VAL B 60 7.41 -1.01 -23.86
CA VAL B 60 8.35 -2.04 -24.30
C VAL B 60 9.18 -1.50 -25.47
N LEU B 61 10.50 -1.50 -25.31
CA LEU B 61 11.39 -0.86 -26.27
C LEU B 61 12.57 -1.74 -26.72
N ILE B 62 13.01 -1.51 -27.94
CA ILE B 62 14.22 -2.15 -28.47
C ILE B 62 15.28 -1.09 -28.67
N SER B 63 16.50 -1.36 -28.25
CA SER B 63 17.64 -0.49 -28.51
C SER B 63 18.57 -1.20 -29.48
N ASP B 64 19.22 -0.40 -30.33
CA ASP B 64 20.09 -0.91 -31.38
C ASP B 64 21.53 -1.08 -30.91
N THR B 65 21.84 -0.49 -29.76
CA THR B 65 23.16 -0.63 -29.12
C THR B 65 23.03 -0.94 -27.64
N PHE B 66 24.10 -1.48 -27.06
CA PHE B 66 24.16 -1.74 -25.63
C PHE B 66 23.98 -0.42 -24.88
N GLU B 67 24.72 0.60 -25.29
CA GLU B 67 24.66 1.87 -24.60
C GLU B 67 23.26 2.51 -24.57
N GLY B 68 22.55 2.48 -25.69
CA GLY B 68 21.18 2.93 -25.78
C GLY B 68 20.23 2.25 -24.80
N ALA B 69 20.55 1.02 -24.39
CA ALA B 69 19.73 0.25 -23.47
C ALA B 69 20.02 0.63 -22.03
N VAL B 70 21.30 0.78 -21.69
CA VAL B 70 21.70 0.95 -20.29
C VAL B 70 21.72 2.40 -19.80
N VAL B 71 21.92 3.35 -20.71
CA VAL B 71 21.77 4.77 -20.39
C VAL B 71 20.40 4.97 -19.72
N ASP B 72 20.39 5.63 -18.56
CA ASP B 72 19.14 5.88 -17.82
C ASP B 72 18.36 4.66 -17.30
N ALA B 73 18.96 3.48 -17.34
CA ALA B 73 18.38 2.30 -16.69
C ALA B 73 18.77 2.29 -15.22
N LYS B 74 17.81 1.95 -14.36
CA LYS B 74 18.14 1.70 -12.95
C LYS B 74 18.59 0.24 -12.67
N TYR B 75 18.12 -0.70 -13.49
CA TYR B 75 18.52 -2.10 -13.41
C TYR B 75 18.86 -2.60 -14.80
N VAL B 76 19.88 -3.46 -14.85
CA VAL B 76 20.33 -4.07 -16.10
C VAL B 76 20.46 -5.57 -15.88
N ILE B 77 19.71 -6.34 -16.65
CA ILE B 77 19.71 -7.80 -16.52
C ILE B 77 20.56 -8.43 -17.62
N PHE B 78 21.64 -9.12 -17.24
CA PHE B 78 22.46 -9.85 -18.22
C PHE B 78 21.90 -11.26 -18.35
N GLN B 79 21.40 -11.60 -19.52
CA GLN B 79 20.91 -12.95 -19.80
C GLN B 79 21.30 -13.40 -21.20
N PHE B 80 22.45 -12.91 -21.67
CA PHE B 80 23.01 -13.31 -22.97
C PHE B 80 23.91 -14.56 -22.82
N ARG B 81 24.11 -15.25 -23.93
CA ARG B 81 24.93 -16.46 -23.97
C ARG B 81 26.10 -16.34 -24.98
N PRO B 82 27.27 -15.93 -24.50
CA PRO B 82 28.47 -15.75 -25.34
C PRO B 82 28.80 -17.01 -26.16
N GLY B 83 28.84 -16.84 -27.47
CA GLY B 83 29.07 -17.92 -28.40
C GLY B 83 27.89 -18.83 -28.72
N GLY B 84 26.71 -18.55 -28.15
CA GLY B 84 25.51 -19.35 -28.40
C GLY B 84 25.56 -20.80 -27.99
N LEU B 85 24.59 -21.56 -28.45
CA LEU B 85 24.51 -22.96 -28.10
C LEU B 85 25.63 -23.79 -28.75
N LYS B 86 26.15 -23.31 -29.88
CA LYS B 86 27.37 -23.89 -30.46
C LYS B 86 28.59 -23.78 -29.53
N GLY B 87 28.73 -22.67 -28.82
CA GLY B 87 29.74 -22.62 -27.77
C GLY B 87 29.51 -23.67 -26.69
N ARG B 88 28.28 -23.77 -26.21
CA ARG B 88 27.89 -24.77 -25.20
C ARG B 88 28.25 -26.17 -25.69
N GLU B 89 27.99 -26.41 -26.96
CA GLU B 89 28.27 -27.69 -27.57
C GLU B 89 29.75 -28.02 -27.61
N ASN B 90 30.59 -27.01 -27.84
CA ASN B 90 32.03 -27.21 -27.75
C ASN B 90 32.48 -27.42 -26.31
N ASP B 91 31.84 -26.71 -25.37
CA ASP B 91 32.13 -26.83 -23.95
C ASP B 91 31.88 -28.25 -23.43
N GLU B 92 30.82 -28.86 -23.93
CA GLU B 92 30.39 -30.18 -23.48
C GLU B 92 31.16 -31.27 -24.22
N GLY B 93 31.41 -31.05 -25.51
CA GLY B 93 31.98 -32.04 -26.39
C GLY B 93 33.48 -32.26 -26.30
N ILE B 94 34.25 -31.18 -26.19
CA ILE B 94 35.70 -31.28 -26.18
C ILE B 94 36.35 -32.00 -24.98
N PRO B 95 36.00 -31.67 -23.74
CA PRO B 95 36.61 -32.39 -22.61
C PRO B 95 36.43 -33.91 -22.74
N LEU B 96 35.33 -34.35 -23.33
CA LEU B 96 34.98 -35.79 -23.43
C LEU B 96 36.06 -36.62 -24.10
N LYS B 97 36.71 -36.03 -25.10
CA LYS B 97 37.79 -36.68 -25.85
C LYS B 97 39.05 -36.91 -25.01
N TYR B 98 39.16 -36.24 -23.87
CA TYR B 98 40.28 -36.42 -22.97
C TYR B 98 39.90 -37.20 -21.74
N GLY B 99 38.71 -37.81 -21.73
CA GLY B 99 38.23 -38.52 -20.54
C GLY B 99 37.75 -37.61 -19.40
N LEU B 100 37.47 -36.34 -19.72
CA LEU B 100 37.10 -35.34 -18.74
C LEU B 100 35.60 -35.03 -18.77
N ILE B 101 35.00 -34.71 -17.63
CA ILE B 101 33.62 -34.19 -17.60
C ILE B 101 33.43 -32.98 -18.56
N GLY B 102 32.43 -33.08 -19.42
CA GLY B 102 32.05 -31.99 -20.31
C GLY B 102 30.66 -31.49 -19.92
N GLN B 103 30.60 -30.25 -19.44
CA GLN B 103 29.39 -29.71 -18.84
C GLN B 103 29.40 -28.17 -18.91
N GLU B 104 28.21 -27.60 -19.05
CA GLU B 104 28.04 -26.15 -19.31
C GLU B 104 28.75 -25.24 -18.29
N THR B 105 28.70 -25.59 -17.00
CA THR B 105 29.15 -24.64 -15.99
C THR B 105 30.23 -25.20 -15.06
N THR B 106 30.54 -26.48 -15.22
CA THR B 106 31.33 -27.21 -14.23
C THR B 106 32.54 -27.81 -14.94
N GLY B 107 33.72 -27.53 -14.43
CA GLY B 107 34.92 -28.10 -15.01
C GLY B 107 35.41 -27.37 -16.24
N VAL B 108 36.08 -28.11 -17.11
CA VAL B 108 36.67 -27.52 -18.30
C VAL B 108 35.68 -26.77 -19.21
N GLY B 109 34.45 -27.26 -19.32
CA GLY B 109 33.45 -26.56 -20.11
C GLY B 109 33.08 -25.18 -19.54
N GLY B 110 33.17 -25.05 -18.22
CA GLY B 110 32.93 -23.80 -17.56
C GLY B 110 34.07 -22.85 -17.76
N PHE B 111 35.27 -23.42 -17.82
CA PHE B 111 36.49 -22.66 -18.06
C PHE B 111 36.38 -21.92 -19.39
N SER B 112 35.98 -22.65 -20.43
CA SER B 112 35.89 -22.09 -21.74
C SER B 112 34.72 -21.11 -21.86
N ALA B 113 33.60 -21.40 -21.19
CA ALA B 113 32.49 -20.44 -21.07
C ALA B 113 32.95 -19.12 -20.42
N ALA B 114 33.73 -19.23 -19.34
CA ALA B 114 34.28 -18.06 -18.66
C ALA B 114 35.10 -17.16 -19.60
N LEU B 115 36.06 -17.77 -20.29
CA LEU B 115 36.92 -17.02 -21.21
C LEU B 115 36.14 -16.32 -22.32
N ARG B 116 35.04 -16.92 -22.74
CA ARG B 116 34.14 -16.29 -23.71
C ARG B 116 33.40 -15.07 -23.11
N ALA B 117 32.99 -15.15 -21.84
CA ALA B 117 32.18 -14.12 -21.22
C ALA B 117 33.00 -12.89 -20.87
N PHE B 118 34.24 -13.10 -20.41
CA PHE B 118 34.99 -12.02 -19.75
C PHE B 118 35.14 -10.76 -20.61
N PRO B 119 35.50 -10.87 -21.89
CA PRO B 119 35.64 -9.66 -22.72
C PRO B 119 34.33 -8.92 -22.94
N ILE B 120 33.22 -9.65 -23.14
CA ILE B 120 31.91 -9.00 -23.25
C ILE B 120 31.47 -8.34 -21.94
N VAL B 121 31.57 -9.04 -20.83
CA VAL B 121 31.12 -8.39 -19.58
C VAL B 121 32.03 -7.22 -19.16
N GLU B 122 33.32 -7.32 -19.45
CA GLU B 122 34.25 -6.23 -19.20
C GLU B 122 33.90 -4.95 -20.01
N GLU B 123 33.53 -5.12 -21.27
CA GLU B 123 32.98 -4.03 -22.08
C GLU B 123 31.65 -3.50 -21.53
N TYR B 124 30.78 -4.41 -21.07
CA TYR B 124 29.42 -4.01 -20.68
C TYR B 124 29.44 -3.29 -19.33
N VAL B 125 30.23 -3.80 -18.38
CA VAL B 125 30.35 -3.19 -17.05
C VAL B 125 30.93 -1.78 -17.23
N ASP B 126 31.92 -1.66 -18.09
CA ASP B 126 32.53 -0.38 -18.43
C ASP B 126 31.52 0.68 -18.89
N THR B 127 30.68 0.33 -19.88
CA THR B 127 29.66 1.24 -20.37
C THR B 127 28.62 1.60 -19.31
N VAL B 128 28.17 0.62 -18.54
CA VAL B 128 27.20 0.89 -17.47
C VAL B 128 27.78 1.91 -16.48
N ARG B 129 28.99 1.61 -16.02
CA ARG B 129 29.79 2.42 -15.09
C ARG B 129 29.93 3.88 -15.52
N LYS B 130 30.19 4.08 -16.81
CA LYS B 130 30.36 5.41 -17.36
C LYS B 130 29.07 6.12 -17.74
N THR B 131 27.92 5.46 -17.58
CA THR B 131 26.64 6.09 -17.90
C THR B 131 25.72 6.10 -16.68
N SER B 132 24.97 5.02 -16.47
CA SER B 132 23.88 5.02 -15.51
C SER B 132 24.24 4.57 -14.09
N ASN B 133 25.34 3.84 -13.95
CA ASN B 133 25.65 3.19 -12.68
C ASN B 133 24.48 2.34 -12.09
N ALA B 134 23.78 1.66 -13.00
CA ALA B 134 22.71 0.71 -12.68
C ALA B 134 23.19 -0.47 -11.86
N THR B 135 22.29 -1.08 -11.10
CA THR B 135 22.55 -2.39 -10.53
C THR B 135 22.41 -3.42 -11.66
N ILE B 136 23.45 -4.21 -11.89
CA ILE B 136 23.36 -5.33 -12.84
C ILE B 136 22.95 -6.62 -12.14
N VAL B 137 21.94 -7.29 -12.70
CA VAL B 137 21.51 -8.59 -12.20
C VAL B 137 21.92 -9.61 -13.27
N ASN B 138 22.83 -10.52 -12.91
CA ASN B 138 23.43 -11.46 -13.84
C ASN B 138 22.90 -12.89 -13.79
N PHE B 139 22.51 -13.40 -14.95
CA PHE B 139 22.20 -14.83 -15.20
C PHE B 139 23.19 -15.47 -16.16
N THR B 140 23.85 -14.68 -16.98
CA THR B 140 24.85 -15.19 -17.92
C THR B 140 25.82 -16.16 -17.23
N ASN B 141 25.94 -17.37 -17.74
CA ASN B 141 26.84 -18.36 -17.13
C ASN B 141 28.30 -18.31 -17.60
N PRO B 142 29.25 -18.68 -16.74
CA PRO B 142 28.99 -19.11 -15.36
C PRO B 142 28.93 -17.95 -14.39
N SER B 143 27.76 -17.84 -13.76
CA SER B 143 27.33 -16.67 -13.03
C SER B 143 28.16 -16.35 -11.78
N GLY B 144 28.47 -17.33 -10.95
CA GLY B 144 29.25 -17.07 -9.75
C GLY B 144 30.63 -16.62 -10.13
N HIS B 145 31.17 -17.27 -11.15
CA HIS B 145 32.50 -17.00 -11.65
C HIS B 145 32.62 -15.60 -12.24
N ILE B 146 31.66 -15.24 -13.08
CA ILE B 146 31.54 -13.89 -13.58
C ILE B 146 31.42 -12.88 -12.45
N THR B 147 30.66 -13.21 -11.40
CA THR B 147 30.52 -12.32 -10.25
C THR B 147 31.84 -12.05 -9.54
N GLU B 148 32.63 -13.09 -9.35
CA GLU B 148 33.94 -13.00 -8.71
C GLU B 148 34.81 -12.00 -9.51
N PHE B 149 34.74 -12.17 -10.82
CA PHE B 149 35.44 -11.32 -11.76
C PHE B 149 35.07 -9.83 -11.68
N VAL B 150 33.78 -9.53 -11.73
CA VAL B 150 33.29 -8.15 -11.62
C VAL B 150 33.53 -7.54 -10.23
N ARG B 151 33.23 -8.27 -9.18
CA ARG B 151 33.38 -7.70 -7.84
C ARG B 151 34.82 -7.41 -7.45
N ASN B 152 35.74 -8.33 -7.79
CA ASN B 152 37.10 -8.29 -7.23
C ASN B 152 38.19 -7.88 -8.19
N TYR B 153 37.86 -7.83 -9.48
CA TYR B 153 38.83 -7.43 -10.49
C TYR B 153 38.44 -6.15 -11.25
N LEU B 154 37.22 -6.07 -11.75
CA LEU B 154 36.71 -4.81 -12.29
C LEU B 154 36.27 -3.88 -11.18
N GLU B 155 36.05 -4.44 -10.01
CA GLU B 155 35.65 -3.66 -8.84
C GLU B 155 34.43 -2.78 -9.11
N TYR B 156 33.35 -3.40 -9.59
CA TYR B 156 32.07 -2.72 -9.73
C TYR B 156 31.13 -3.34 -8.69
N GLU B 157 30.79 -2.58 -7.67
CA GLU B 157 30.07 -3.07 -6.50
C GLU B 157 28.67 -3.62 -6.80
N LYS B 158 27.92 -2.90 -7.62
CA LYS B 158 26.51 -3.19 -7.86
C LYS B 158 26.32 -4.25 -8.95
N PHE B 159 26.88 -5.41 -8.72
CA PHE B 159 26.80 -6.52 -9.63
C PHE B 159 26.44 -7.75 -8.84
N ILE B 160 25.25 -8.30 -9.08
CA ILE B 160 24.67 -9.35 -8.25
C ILE B 160 24.44 -10.56 -9.14
N GLY B 161 25.16 -11.64 -8.85
CA GLY B 161 25.00 -12.90 -9.53
C GLY B 161 23.86 -13.74 -9.01
N LEU B 162 23.07 -14.25 -9.94
CA LEU B 162 21.89 -15.00 -9.62
C LEU B 162 22.01 -16.38 -10.23
N CYS B 163 21.19 -17.31 -9.73
CA CYS B 163 21.24 -18.71 -10.14
C CYS B 163 19.89 -19.29 -9.89
N ASN B 164 19.59 -20.47 -10.43
CA ASN B 164 18.24 -21.03 -10.26
C ASN B 164 18.05 -22.08 -9.16
N VAL B 165 19.13 -22.58 -8.54
CA VAL B 165 19.00 -23.71 -7.60
C VAL B 165 18.45 -23.37 -6.20
N PRO B 166 18.84 -22.20 -5.66
CA PRO B 166 18.28 -21.71 -4.40
C PRO B 166 16.76 -21.66 -4.46
N ILE B 167 16.23 -21.00 -5.50
CA ILE B 167 14.79 -20.80 -5.62
C ILE B 167 14.03 -22.11 -5.84
N ASN B 168 14.60 -22.97 -6.67
CA ASN B 168 14.02 -24.28 -6.90
C ASN B 168 14.01 -25.11 -5.63
N PHE B 169 15.11 -25.07 -4.87
CA PHE B 169 15.17 -25.77 -3.59
C PHE B 169 14.12 -25.26 -2.59
N ILE B 170 14.09 -23.94 -2.38
CA ILE B 170 13.11 -23.34 -1.48
C ILE B 170 11.70 -23.74 -1.91
N ARG B 171 11.45 -23.65 -3.22
CA ARG B 171 10.13 -24.00 -3.76
C ARG B 171 9.70 -25.43 -3.42
N GLU B 172 10.66 -26.35 -3.59
CA GLU B 172 10.51 -27.77 -3.25
C GLU B 172 10.14 -27.94 -1.77
N ILE B 173 10.89 -27.26 -0.90
CA ILE B 173 10.68 -27.35 0.55
C ILE B 173 9.35 -26.76 0.97
N ALA B 174 9.01 -25.60 0.43
CA ALA B 174 7.73 -24.96 0.71
C ALA B 174 6.57 -25.87 0.39
N GLU B 175 6.62 -26.55 -0.76
CA GLU B 175 5.51 -27.45 -1.11
C GLU B 175 5.51 -28.75 -0.30
N MSE B 176 6.70 -29.24 0.07
CA MSE B 176 6.85 -30.35 1.01
C MSE B 176 6.12 -30.10 2.33
O MSE B 176 5.49 -31.01 2.87
CB MSE B 176 8.33 -30.55 1.30
CG MSE B 176 8.75 -31.99 1.50
SE MSE B 176 10.66 -32.09 2.01
CE MSE B 176 10.29 -33.13 3.68
N PHE B 177 6.21 -28.86 2.84
CA PHE B 177 5.68 -28.49 4.17
C PHE B 177 4.42 -27.62 4.11
N SER B 178 3.98 -27.29 2.89
CA SER B 178 2.75 -26.52 2.63
C SER B 178 2.83 -25.13 3.27
N ALA B 179 3.82 -24.38 2.82
CA ALA B 179 4.19 -23.10 3.39
C ALA B 179 4.53 -22.15 2.25
N ARG B 180 4.69 -20.88 2.55
CA ARG B 180 5.07 -19.91 1.52
C ARG B 180 6.58 -19.92 1.28
N LEU B 181 6.99 -19.40 0.14
CA LEU B 181 8.42 -19.28 -0.18
C LEU B 181 9.22 -18.60 0.93
N GLU B 182 8.68 -17.54 1.53
CA GLU B 182 9.45 -16.81 2.52
C GLU B 182 9.41 -17.42 3.94
N ASP B 183 8.54 -18.41 4.15
CA ASP B 183 8.53 -19.19 5.38
C ASP B 183 9.80 -20.05 5.52
N VAL B 184 10.52 -20.21 4.43
CA VAL B 184 11.67 -21.09 4.37
C VAL B 184 12.97 -20.31 4.57
N PHE B 185 13.75 -20.70 5.57
CA PHE B 185 15.03 -20.07 5.83
C PHE B 185 16.15 -21.09 5.96
N LEU B 186 17.23 -20.84 5.23
CA LEU B 186 18.29 -21.82 5.02
C LEU B 186 19.66 -21.39 5.57
N LYS B 187 20.43 -22.34 6.09
CA LYS B 187 21.86 -22.11 6.21
C LYS B 187 22.50 -22.72 4.97
N TYR B 188 22.94 -21.82 4.11
CA TYR B 188 23.25 -22.13 2.73
C TYR B 188 24.51 -21.39 2.38
N TYR B 189 25.47 -22.09 1.79
CA TYR B 189 26.73 -21.47 1.39
C TYR B 189 27.47 -22.29 0.34
N GLY B 190 28.32 -21.63 -0.41
CA GLY B 190 29.19 -22.29 -1.32
C GLY B 190 29.35 -21.46 -2.56
N LEU B 191 29.73 -22.10 -3.65
CA LEU B 191 29.87 -21.36 -4.89
C LEU B 191 28.67 -21.68 -5.73
N ASN B 192 28.43 -20.83 -6.72
CA ASN B 192 27.41 -21.11 -7.71
C ASN B 192 27.58 -22.50 -8.33
N HIS B 193 26.54 -23.31 -8.27
CA HIS B 193 26.59 -24.70 -8.74
C HIS B 193 27.54 -25.54 -7.92
N LEU B 194 27.78 -25.13 -6.69
CA LEU B 194 28.69 -25.82 -5.79
C LEU B 194 28.35 -25.44 -4.36
N SER B 195 27.09 -25.65 -3.97
CA SER B 195 26.55 -25.15 -2.73
C SER B 195 26.13 -26.30 -1.84
N PHE B 196 25.90 -25.94 -0.57
CA PHE B 196 25.63 -26.88 0.51
C PHE B 196 24.59 -26.25 1.39
N ILE B 197 23.68 -27.09 1.89
CA ILE B 197 22.74 -26.64 2.88
C ILE B 197 22.98 -27.45 4.10
N GLU B 198 23.14 -26.74 5.21
CA GLU B 198 23.40 -27.36 6.49
C GLU B 198 22.16 -27.38 7.40
N LYS B 199 21.28 -26.39 7.28
CA LYS B 199 20.08 -26.31 8.11
C LYS B 199 18.89 -25.85 7.27
N VAL B 200 17.71 -26.41 7.53
CA VAL B 200 16.47 -25.96 6.87
C VAL B 200 15.46 -25.59 7.95
N PHE B 201 14.93 -24.38 7.88
CA PHE B 201 13.90 -23.94 8.81
C PHE B 201 12.62 -23.60 8.04
N VAL B 202 11.48 -24.12 8.52
CA VAL B 202 10.18 -23.75 7.96
C VAL B 202 9.30 -23.15 9.08
N LYS B 203 8.88 -21.90 8.89
CA LYS B 203 8.14 -21.12 9.90
C LYS B 203 8.82 -21.11 11.29
N GLY B 204 10.14 -21.00 11.32
CA GLY B 204 10.88 -21.05 12.58
C GLY B 204 11.35 -22.43 13.02
N GLU B 205 10.61 -23.46 12.65
CA GLU B 205 10.93 -24.82 13.05
C GLU B 205 12.11 -25.43 12.27
N ASP B 206 13.08 -25.99 13.00
CA ASP B 206 14.18 -26.74 12.40
C ASP B 206 13.62 -28.07 11.87
N VAL B 207 13.58 -28.21 10.54
CA VAL B 207 13.00 -29.39 9.90
C VAL B 207 14.08 -30.16 9.14
N THR B 208 15.34 -29.89 9.46
CA THR B 208 16.46 -30.44 8.73
C THR B 208 16.38 -31.96 8.72
N GLU B 209 16.19 -32.56 9.89
CA GLU B 209 16.10 -34.00 10.00
C GLU B 209 15.02 -34.55 9.08
N LYS B 210 13.86 -33.91 9.03
CA LYS B 210 12.75 -34.34 8.17
C LYS B 210 13.08 -34.19 6.66
N VAL B 211 13.93 -33.25 6.32
CA VAL B 211 14.33 -33.07 4.92
C VAL B 211 15.24 -34.23 4.51
N PHE B 212 16.15 -34.62 5.42
CA PHE B 212 17.00 -35.79 5.20
C PHE B 212 16.16 -37.07 5.05
N GLU B 213 15.23 -37.31 5.96
CA GLU B 213 14.38 -38.47 5.86
C GLU B 213 13.65 -38.49 4.51
N ASN B 214 13.16 -37.35 4.04
CA ASN B 214 12.34 -37.41 2.84
C ASN B 214 13.16 -37.56 1.55
N LEU B 215 14.39 -37.08 1.59
CA LEU B 215 15.36 -37.35 0.52
C LEU B 215 15.65 -38.85 0.35
N LYS B 216 15.56 -39.60 1.45
CA LYS B 216 15.73 -41.06 1.40
C LYS B 216 14.61 -41.71 0.61
N LEU B 217 13.38 -41.20 0.78
CA LEU B 217 12.20 -41.72 0.10
C LEU B 217 12.07 -41.23 -1.37
N LYS B 218 12.76 -40.15 -1.77
CA LYS B 218 12.77 -39.71 -3.18
C LYS B 218 13.16 -40.85 -4.15
N LEU B 219 12.86 -40.68 -5.44
CA LEU B 219 12.90 -41.80 -6.42
C LEU B 219 13.23 -41.38 -7.86
N ILE B 222 16.52 -42.02 -12.84
CA ILE B 222 17.41 -43.13 -12.56
C ILE B 222 18.12 -42.91 -11.21
N PRO B 223 17.78 -43.78 -10.27
CA PRO B 223 18.18 -43.63 -8.87
C PRO B 223 19.68 -43.82 -8.64
N ASP B 224 20.32 -44.79 -9.29
CA ASP B 224 21.76 -45.01 -9.09
C ASP B 224 22.62 -43.89 -9.65
N GLU B 225 21.98 -42.81 -10.11
CA GLU B 225 22.71 -41.60 -10.48
C GLU B 225 22.49 -40.48 -9.48
N ASP B 226 22.01 -40.84 -8.28
CA ASP B 226 22.00 -39.85 -7.18
C ASP B 226 22.74 -40.38 -5.96
N PHE B 227 22.97 -39.49 -5.00
CA PHE B 227 23.63 -39.86 -3.76
C PHE B 227 22.81 -40.86 -2.98
N PRO B 228 23.48 -41.94 -2.55
CA PRO B 228 22.83 -42.97 -1.74
C PRO B 228 22.54 -42.45 -0.34
N THR B 229 21.76 -43.21 0.43
CA THR B 229 21.36 -42.80 1.76
C THR B 229 22.55 -42.56 2.68
N TRP B 230 23.51 -43.48 2.68
CA TRP B 230 24.63 -43.44 3.62
C TRP B 230 25.45 -42.15 3.45
N PHE B 231 25.46 -41.60 2.24
CA PHE B 231 26.18 -40.37 1.97
C PHE B 231 25.63 -39.18 2.76
N TYR B 232 24.30 -39.07 2.85
CA TYR B 232 23.70 -38.01 3.65
C TYR B 232 24.00 -38.25 5.11
N ASP B 233 23.93 -39.51 5.55
CA ASP B 233 24.27 -39.90 6.94
C ASP B 233 25.73 -39.53 7.31
N SER B 234 26.66 -39.73 6.38
CA SER B 234 28.06 -39.43 6.61
C SER B 234 28.40 -37.96 6.54
N VAL B 235 27.97 -37.33 5.45
CA VAL B 235 28.36 -35.97 5.17
C VAL B 235 27.53 -34.97 5.93
N ARG B 236 26.26 -35.30 6.16
CA ARG B 236 25.33 -34.40 6.86
C ARG B 236 25.21 -33.02 6.23
N LEU B 237 25.23 -32.98 4.91
CA LEU B 237 24.97 -31.75 4.16
C LEU B 237 24.03 -32.09 3.04
N ILE B 238 23.10 -31.17 2.76
CA ILE B 238 22.28 -31.30 1.59
C ILE B 238 23.09 -30.65 0.51
N VAL B 239 23.25 -31.37 -0.57
CA VAL B 239 24.29 -31.05 -1.51
C VAL B 239 23.68 -30.69 -2.87
N ASN B 240 24.28 -29.74 -3.53
CA ASN B 240 23.89 -29.36 -4.88
C ASN B 240 24.08 -30.56 -5.80
N PRO B 241 23.14 -30.86 -6.69
CA PRO B 241 23.26 -32.05 -7.56
C PRO B 241 24.50 -32.01 -8.47
N TYR B 242 25.04 -30.81 -8.73
CA TYR B 242 26.29 -30.67 -9.52
C TYR B 242 27.53 -31.29 -8.85
N LEU B 243 27.48 -31.47 -7.53
CA LEU B 243 28.54 -32.18 -6.83
C LEU B 243 28.77 -33.60 -7.35
N ARG B 244 27.76 -34.18 -8.02
CA ARG B 244 27.89 -35.52 -8.60
C ARG B 244 29.04 -35.54 -9.61
N TYR B 245 29.22 -34.47 -10.38
CA TYR B 245 30.36 -34.38 -11.29
C TYR B 245 31.70 -34.50 -10.58
N TYR B 246 31.76 -34.07 -9.32
CA TYR B 246 32.95 -34.23 -8.48
C TYR B 246 32.97 -35.57 -7.72
N LEU B 247 31.90 -35.92 -7.00
CA LEU B 247 31.95 -37.07 -6.11
C LEU B 247 31.68 -38.41 -6.85
N MSE B 248 31.07 -38.32 -8.04
CA MSE B 248 30.66 -39.50 -8.82
C MSE B 248 31.16 -39.35 -10.28
O MSE B 248 30.44 -39.69 -11.23
CB MSE B 248 29.15 -39.69 -8.80
CG MSE B 248 28.42 -39.35 -7.50
SE MSE B 248 26.53 -40.08 -7.35
CE MSE B 248 26.36 -40.87 -9.04
N GLU B 249 32.38 -38.84 -10.43
CA GLU B 249 32.98 -38.50 -11.73
C GLU B 249 32.92 -39.64 -12.75
N LYS B 250 33.37 -40.81 -12.36
CA LYS B 250 33.31 -41.96 -13.25
C LYS B 250 31.89 -42.24 -13.76
N LYS B 251 30.91 -42.28 -12.85
CA LYS B 251 29.50 -42.50 -13.17
C LYS B 251 28.95 -41.40 -14.14
N MSE B 252 29.19 -40.14 -13.81
CA MSE B 252 28.73 -39.04 -14.64
C MSE B 252 29.41 -39.00 -15.99
O MSE B 252 28.79 -38.65 -17.00
CB MSE B 252 28.86 -37.69 -13.89
CG MSE B 252 28.07 -37.58 -12.60
SE MSE B 252 26.13 -38.00 -12.79
CE MSE B 252 26.09 -39.86 -12.55
N PHE B 253 30.67 -39.42 -16.05
CA PHE B 253 31.38 -39.40 -17.33
C PHE B 253 30.80 -40.43 -18.28
N LYS B 254 30.53 -41.61 -17.74
CA LYS B 254 29.88 -42.67 -18.47
C LYS B 254 28.53 -42.19 -19.02
N LYS B 255 27.77 -41.45 -18.21
CA LYS B 255 26.45 -40.98 -18.61
C LYS B 255 26.59 -39.96 -19.75
N ILE B 256 27.43 -38.96 -19.56
CA ILE B 256 27.51 -37.88 -20.54
C ILE B 256 28.02 -38.38 -21.89
N SER B 257 28.91 -39.37 -21.86
CA SER B 257 29.64 -39.76 -23.07
C SER B 257 28.98 -40.87 -23.86
N THR B 258 27.83 -41.35 -23.41
CA THR B 258 27.10 -42.35 -24.16
C THR B 258 25.72 -41.83 -24.55
N HIS B 259 25.56 -40.51 -24.58
CA HIS B 259 24.29 -39.84 -24.87
C HIS B 259 24.55 -38.57 -25.70
N GLU B 260 23.53 -38.14 -26.43
CA GLU B 260 23.46 -36.85 -27.10
C GLU B 260 23.96 -35.82 -26.12
N LEU B 261 24.73 -34.87 -26.60
CA LEU B 261 25.10 -33.71 -25.81
C LEU B 261 23.85 -32.91 -25.43
N ARG B 262 23.78 -32.47 -24.18
CA ARG B 262 22.61 -31.74 -23.69
C ARG B 262 22.30 -30.51 -24.57
N ALA B 263 23.35 -29.80 -25.00
CA ALA B 263 23.19 -28.58 -25.79
C ALA B 263 22.31 -28.85 -26.97
N ARG B 264 22.41 -30.07 -27.48
CA ARG B 264 21.64 -30.46 -28.65
C ARG B 264 20.16 -30.66 -28.34
N GLU B 265 19.84 -31.18 -27.16
CA GLU B 265 18.44 -31.25 -26.76
C GLU B 265 17.89 -29.82 -26.63
N VAL B 266 18.65 -28.95 -25.96
CA VAL B 266 18.25 -27.57 -25.72
C VAL B 266 17.95 -26.86 -27.03
N MSE B 267 18.87 -27.01 -27.98
CA MSE B 267 18.72 -26.48 -29.33
C MSE B 267 17.34 -26.83 -29.88
O MSE B 267 16.64 -25.96 -30.41
CB MSE B 267 19.78 -27.12 -30.27
CG MSE B 267 20.87 -26.18 -30.89
SE MSE B 267 22.65 -27.01 -31.57
CE MSE B 267 22.29 -26.69 -33.55
N LYS B 268 16.97 -28.10 -29.78
CA LYS B 268 15.65 -28.52 -30.29
C LYS B 268 14.53 -27.89 -29.46
N ILE B 269 14.66 -27.87 -28.13
CA ILE B 269 13.63 -27.29 -27.28
C ILE B 269 13.41 -25.82 -27.65
N GLU B 270 14.51 -25.07 -27.71
CA GLU B 270 14.48 -23.63 -27.97
C GLU B 270 13.90 -23.31 -29.34
N LYS B 271 14.19 -24.16 -30.32
CA LYS B 271 13.68 -23.99 -31.67
C LYS B 271 12.17 -24.31 -31.80
N GLU B 272 11.65 -25.19 -30.95
CA GLU B 272 10.20 -25.44 -30.93
C GLU B 272 9.46 -24.30 -30.21
N LEU B 273 10.02 -23.80 -29.10
CA LEU B 273 9.48 -22.64 -28.38
C LEU B 273 9.40 -21.43 -29.31
N PHE B 274 10.54 -21.10 -29.89
CA PHE B 274 10.68 -19.98 -30.81
C PHE B 274 9.56 -19.95 -31.83
N GLU B 275 9.28 -21.12 -32.42
CA GLU B 275 8.21 -21.26 -33.41
C GLU B 275 6.82 -21.03 -32.80
N LYS B 276 6.63 -21.39 -31.53
CA LYS B 276 5.36 -21.21 -30.88
C LYS B 276 5.13 -19.72 -30.54
N TYR B 277 6.23 -19.01 -30.26
CA TYR B 277 6.22 -17.57 -29.95
C TYR B 277 5.66 -16.72 -31.08
N ARG B 278 5.68 -17.24 -32.29
CA ARG B 278 5.20 -16.46 -33.43
C ARG B 278 3.71 -16.14 -33.33
N THR B 279 2.97 -16.95 -32.57
CA THR B 279 1.51 -16.88 -32.53
C THR B 279 0.90 -17.00 -31.12
N ALA B 280 1.73 -17.30 -30.12
CA ALA B 280 1.19 -17.59 -28.78
C ALA B 280 0.58 -16.34 -28.16
N VAL B 281 -0.54 -16.51 -27.48
CA VAL B 281 -1.15 -15.41 -26.72
C VAL B 281 -0.88 -15.54 -25.21
N GLU B 282 -0.45 -16.71 -24.79
CA GLU B 282 -0.12 -16.99 -23.40
C GLU B 282 1.15 -17.83 -23.39
N ILE B 283 1.93 -17.72 -22.32
CA ILE B 283 3.12 -18.55 -22.18
C ILE B 283 2.73 -20.03 -22.33
N PRO B 284 3.49 -20.78 -23.11
CA PRO B 284 3.19 -22.21 -23.31
C PRO B 284 3.70 -23.09 -22.15
N GLU B 285 3.54 -24.41 -22.27
CA GLU B 285 4.02 -25.37 -21.27
C GLU B 285 5.44 -25.87 -21.55
N GLU B 286 5.78 -26.08 -22.83
CA GLU B 286 7.12 -26.54 -23.21
C GLU B 286 8.21 -25.66 -22.56
N LEU B 287 7.84 -24.42 -22.23
CA LEU B 287 8.69 -23.55 -21.40
C LEU B 287 8.86 -24.10 -19.99
N THR B 288 7.72 -24.37 -19.33
CA THR B 288 7.69 -24.93 -17.96
C THR B 288 7.66 -26.47 -17.99
N SER B 293 13.76 -22.70 -15.54
CA SER B 293 12.45 -22.09 -15.85
C SER B 293 11.97 -21.00 -14.86
N MSE B 294 12.40 -21.09 -13.59
CA MSE B 294 11.89 -20.22 -12.51
C MSE B 294 12.97 -19.26 -12.00
O MSE B 294 12.89 -18.74 -10.87
CB MSE B 294 11.39 -21.07 -11.33
CG MSE B 294 9.91 -20.89 -11.04
SE MSE B 294 8.86 -21.94 -12.36
CE MSE B 294 7.13 -20.79 -12.51
N TYR B 295 13.97 -19.04 -12.81
CA TYR B 295 15.02 -18.11 -12.44
C TYR B 295 14.41 -16.72 -12.59
N SER B 296 13.50 -16.63 -13.54
CA SER B 296 12.78 -15.41 -13.87
C SER B 296 11.59 -15.21 -12.95
N THR B 297 11.86 -15.38 -11.66
CA THR B 297 10.99 -14.95 -10.57
C THR B 297 11.96 -14.64 -9.44
N ALA B 298 13.20 -15.12 -9.59
CA ALA B 298 14.26 -14.72 -8.70
C ALA B 298 14.73 -13.31 -9.09
N ALA B 299 14.70 -13.01 -10.39
CA ALA B 299 15.12 -11.70 -10.87
C ALA B 299 14.09 -10.62 -10.51
N ALA B 300 12.83 -10.81 -10.91
CA ALA B 300 11.73 -9.92 -10.55
C ALA B 300 11.62 -9.66 -9.06
N HIS B 301 11.74 -10.70 -8.23
CA HIS B 301 11.62 -10.54 -6.78
C HIS B 301 12.78 -9.77 -6.18
N LEU B 302 13.99 -10.03 -6.68
CA LEU B 302 15.17 -9.28 -6.27
C LEU B 302 15.00 -7.79 -6.55
N ILE B 303 14.64 -7.46 -7.80
CA ILE B 303 14.43 -6.09 -8.24
C ILE B 303 13.37 -5.38 -7.39
N ARG B 304 12.25 -6.07 -7.16
CA ARG B 304 11.20 -5.59 -6.29
C ARG B 304 11.71 -5.28 -4.88
N ASP B 305 12.44 -6.21 -4.29
CA ASP B 305 12.89 -6.06 -2.91
C ASP B 305 14.06 -5.08 -2.82
N LEU B 306 14.68 -4.81 -3.96
CA LEU B 306 15.70 -3.77 -4.04
C LEU B 306 15.02 -2.40 -4.08
N GLU B 307 13.81 -2.34 -4.64
CA GLU B 307 13.03 -1.12 -4.73
C GLU B 307 12.34 -0.68 -3.45
N THR B 308 11.76 -1.61 -2.69
CA THR B 308 11.02 -1.27 -1.48
C THR B 308 11.96 -1.20 -0.27
N ASP B 309 11.40 -0.80 0.88
CA ASP B 309 12.11 -0.70 2.14
C ASP B 309 11.72 -1.80 3.10
N GLU B 310 11.04 -2.83 2.58
CA GLU B 310 10.54 -3.94 3.40
C GLU B 310 11.63 -4.76 4.08
N GLY B 311 12.67 -5.10 3.34
CA GLY B 311 13.68 -6.06 3.79
C GLY B 311 13.23 -7.51 3.65
N LYS B 312 13.96 -8.27 2.83
CA LYS B 312 13.55 -9.62 2.43
C LYS B 312 14.81 -10.40 2.18
N ILE B 313 14.76 -11.72 2.41
CA ILE B 313 15.92 -12.59 2.23
C ILE B 313 15.99 -13.15 0.81
N HIS B 314 17.15 -13.07 0.17
CA HIS B 314 17.40 -13.63 -1.15
C HIS B 314 18.76 -14.30 -1.15
N ILE B 315 18.83 -15.51 -1.70
CA ILE B 315 20.14 -16.13 -1.85
C ILE B 315 20.77 -15.63 -3.16
N VAL B 316 21.95 -15.02 -3.10
CA VAL B 316 22.59 -14.38 -4.25
C VAL B 316 24.12 -14.55 -4.21
N ASN B 317 24.79 -14.27 -5.32
CA ASN B 317 26.27 -14.32 -5.34
C ASN B 317 26.85 -12.97 -5.05
N THR B 318 27.66 -12.91 -4.00
CA THR B 318 28.19 -11.63 -3.53
C THR B 318 29.39 -11.93 -2.63
N ARG B 319 30.09 -10.90 -2.17
CA ARG B 319 31.18 -11.07 -1.21
C ARG B 319 30.69 -11.63 0.11
N ASN B 320 31.38 -12.65 0.61
CA ASN B 320 31.14 -13.28 1.90
C ASN B 320 30.95 -12.27 3.07
N ASN B 321 31.92 -11.37 3.26
CA ASN B 321 31.84 -10.37 4.34
C ASN B 321 31.36 -10.92 5.67
N GLY B 322 31.97 -12.00 6.12
CA GLY B 322 31.63 -12.53 7.43
C GLY B 322 30.45 -13.47 7.52
N SER B 323 29.74 -13.68 6.43
CA SER B 323 28.59 -14.58 6.44
C SER B 323 29.00 -16.01 6.84
N ILE B 324 30.06 -16.53 6.22
CA ILE B 324 30.72 -17.72 6.69
C ILE B 324 32.04 -17.33 7.38
N GLU B 325 32.11 -17.48 8.70
CA GLU B 325 33.22 -16.91 9.46
C GLU B 325 34.61 -17.53 9.17
N ASN B 326 34.65 -18.78 8.71
CA ASN B 326 35.93 -19.41 8.44
C ASN B 326 36.34 -19.40 6.97
N LEU B 327 35.79 -18.45 6.22
CA LEU B 327 36.20 -18.22 4.83
C LEU B 327 36.58 -16.73 4.70
N PRO B 328 37.50 -16.39 3.80
CA PRO B 328 37.89 -14.99 3.63
C PRO B 328 36.75 -14.07 3.21
N ASP B 329 36.78 -12.85 3.72
CA ASP B 329 35.76 -11.87 3.46
C ASP B 329 35.47 -11.67 1.99
N ASP B 330 36.51 -11.75 1.18
CA ASP B 330 36.38 -11.36 -0.21
C ASP B 330 36.00 -12.47 -1.19
N TYR B 331 35.87 -13.73 -0.74
CA TYR B 331 35.27 -14.75 -1.60
C TYR B 331 33.85 -14.36 -2.00
N VAL B 332 33.58 -14.36 -3.29
CA VAL B 332 32.20 -14.30 -3.76
C VAL B 332 31.55 -15.66 -3.49
N LEU B 333 30.47 -15.68 -2.70
CA LEU B 333 29.74 -16.92 -2.41
C LEU B 333 28.29 -16.78 -2.82
N GLU B 334 27.61 -17.91 -3.01
CA GLU B 334 26.15 -17.93 -3.10
C GLU B 334 25.54 -18.09 -1.67
N ILE B 335 24.91 -17.04 -1.12
CA ILE B 335 24.54 -17.00 0.32
C ILE B 335 23.33 -16.14 0.54
N PRO B 336 22.62 -16.35 1.65
CA PRO B 336 21.43 -15.54 1.93
C PRO B 336 21.80 -14.11 2.35
N CYS B 337 21.06 -13.15 1.81
CA CYS B 337 21.25 -11.73 2.08
C CYS B 337 19.96 -11.02 2.44
N TYR B 338 20.09 -9.95 3.22
CA TYR B 338 18.98 -9.11 3.52
C TYR B 338 19.00 -8.01 2.48
N VAL B 339 17.93 -7.94 1.69
CA VAL B 339 17.87 -7.05 0.56
C VAL B 339 16.83 -5.97 0.85
N ARG B 340 17.27 -4.72 0.79
CA ARG B 340 16.46 -3.58 1.21
C ARG B 340 17.00 -2.28 0.60
N SER B 341 16.10 -1.52 -0.03
CA SER B 341 16.39 -0.15 -0.52
C SER B 341 17.74 -0.01 -1.23
N GLY B 342 17.97 -0.76 -2.30
CA GLY B 342 19.21 -0.68 -3.04
C GLY B 342 20.42 -1.39 -2.42
N ARG B 343 20.25 -1.97 -1.24
CA ARG B 343 21.41 -2.54 -0.55
C ARG B 343 21.25 -4.02 -0.38
N VAL B 344 22.37 -4.72 -0.32
CA VAL B 344 22.41 -6.15 -0.09
C VAL B 344 23.32 -6.39 1.11
N HIS B 345 22.79 -6.94 2.20
CA HIS B 345 23.60 -7.15 3.38
C HIS B 345 23.78 -8.63 3.64
N THR B 346 25.01 -9.05 3.88
CA THR B 346 25.21 -10.40 4.33
C THR B 346 24.81 -10.56 5.79
N LEU B 347 24.34 -11.76 6.11
CA LEU B 347 23.86 -12.17 7.40
C LEU B 347 24.84 -13.20 7.94
N SER B 348 25.06 -13.18 9.26
CA SER B 348 25.81 -14.23 9.96
C SER B 348 25.21 -15.58 9.73
N GLN B 349 26.08 -16.56 9.48
CA GLN B 349 25.72 -17.96 9.45
C GLN B 349 26.60 -18.86 10.32
N GLY B 350 27.66 -18.34 10.93
CA GLY B 350 28.58 -19.16 11.70
C GLY B 350 29.64 -19.82 10.82
N LYS B 351 30.03 -21.04 11.14
CA LYS B 351 31.12 -21.73 10.39
C LYS B 351 30.66 -22.64 9.28
N GLY B 352 31.49 -22.70 8.23
CA GLY B 352 31.39 -23.68 7.17
C GLY B 352 32.04 -25.02 7.54
N ASP B 353 31.46 -26.10 7.04
CA ASP B 353 31.88 -27.49 7.24
C ASP B 353 33.21 -27.75 6.49
N HIS B 354 34.16 -28.45 7.10
CA HIS B 354 35.44 -28.72 6.42
C HIS B 354 35.25 -29.38 5.07
N PHE B 355 34.26 -30.26 4.94
CA PHE B 355 34.02 -30.97 3.70
C PHE B 355 33.57 -30.01 2.59
N ALA B 356 32.67 -29.08 2.88
CA ALA B 356 32.28 -28.08 1.88
C ALA B 356 33.44 -27.14 1.57
N LEU B 357 34.18 -26.76 2.62
CA LEU B 357 35.29 -25.85 2.42
C LEU B 357 36.34 -26.41 1.47
N SER B 358 36.55 -27.72 1.48
CA SER B 358 37.55 -28.29 0.57
C SER B 358 37.18 -27.99 -0.87
N PHE B 359 35.91 -28.11 -1.22
CA PHE B 359 35.52 -27.82 -2.58
C PHE B 359 35.55 -26.33 -2.84
N ILE B 360 35.08 -25.54 -1.90
CA ILE B 360 34.98 -24.12 -2.13
C ILE B 360 36.36 -23.49 -2.37
N HIS B 361 37.34 -23.82 -1.51
CA HIS B 361 38.68 -23.21 -1.65
C HIS B 361 39.25 -23.60 -3.00
N ALA B 362 39.09 -24.86 -3.39
CA ALA B 362 39.77 -25.33 -4.59
C ALA B 362 39.23 -24.66 -5.80
N VAL B 363 37.92 -24.59 -5.94
CA VAL B 363 37.48 -23.98 -7.16
C VAL B 363 37.55 -22.47 -7.12
N LYS B 364 37.48 -21.88 -5.94
CA LYS B 364 37.79 -20.48 -5.84
C LYS B 364 39.21 -20.17 -6.35
N MSE B 365 40.20 -20.97 -5.92
CA MSE B 365 41.55 -20.73 -6.40
C MSE B 365 41.58 -20.86 -7.94
O MSE B 365 42.20 -20.04 -8.63
CB MSE B 365 42.56 -21.65 -5.76
CG MSE B 365 42.71 -21.48 -4.26
SE MSE B 365 43.26 -19.67 -3.74
CE MSE B 365 41.39 -18.82 -3.63
N TYR B 366 40.88 -21.86 -8.48
CA TYR B 366 40.82 -22.04 -9.91
C TYR B 366 40.12 -20.85 -10.57
N GLU B 367 39.07 -20.32 -9.94
CA GLU B 367 38.37 -19.15 -10.51
C GLU B 367 39.35 -17.96 -10.67
N ARG B 368 40.17 -17.69 -9.65
CA ARG B 368 41.08 -16.56 -9.72
C ARG B 368 42.22 -16.78 -10.74
N LEU B 369 42.68 -18.02 -10.86
CA LEU B 369 43.73 -18.30 -11.81
C LEU B 369 43.22 -18.09 -13.25
N THR B 370 41.97 -18.48 -13.50
CA THR B 370 41.37 -18.29 -14.81
C THR B 370 41.24 -16.80 -15.12
N ILE B 371 40.76 -16.03 -14.16
CA ILE B 371 40.61 -14.60 -14.35
C ILE B 371 41.97 -14.01 -14.67
N GLU B 372 42.97 -14.37 -13.88
CA GLU B 372 44.32 -13.83 -14.04
C GLU B 372 44.90 -14.21 -15.41
N ALA B 373 44.63 -15.43 -15.87
CA ALA B 373 45.09 -15.82 -17.18
C ALA B 373 44.43 -14.96 -18.24
N TYR B 374 43.15 -14.69 -18.10
CA TYR B 374 42.51 -13.79 -19.03
C TYR B 374 43.04 -12.34 -19.02
N LEU B 375 43.29 -11.77 -17.83
CA LEU B 375 43.68 -10.35 -17.73
C LEU B 375 45.05 -10.10 -18.38
N LYS B 376 45.91 -11.10 -18.36
CA LYS B 376 47.24 -10.98 -18.92
C LYS B 376 47.28 -11.63 -20.30
N ARG B 377 46.13 -12.18 -20.70
CA ARG B 377 45.97 -12.77 -22.01
C ARG B 377 47.06 -13.82 -22.24
N SER B 378 47.24 -14.69 -21.27
CA SER B 378 48.39 -15.58 -21.24
C SER B 378 47.96 -17.03 -21.34
N LYS B 379 48.57 -17.69 -22.30
CA LYS B 379 48.37 -19.08 -22.60
C LYS B 379 49.02 -19.98 -21.54
N LYS B 380 50.20 -19.56 -21.10
CA LYS B 380 50.90 -20.11 -19.93
C LYS B 380 50.08 -20.12 -18.64
N LEU B 381 49.50 -18.96 -18.29
CA LEU B 381 48.67 -18.84 -17.12
C LEU B 381 47.35 -19.61 -17.27
N ALA B 382 46.92 -19.83 -18.51
CA ALA B 382 45.68 -20.61 -18.79
C ALA B 382 45.89 -22.08 -18.50
N LEU B 383 47.08 -22.56 -18.82
CA LEU B 383 47.54 -23.92 -18.51
C LEU B 383 47.54 -24.15 -17.00
N LYS B 384 48.09 -23.19 -16.27
CA LYS B 384 48.10 -23.18 -14.83
C LYS B 384 46.67 -23.24 -14.26
N ALA B 385 45.76 -22.43 -14.79
CA ALA B 385 44.36 -22.44 -14.37
C ALA B 385 43.69 -23.81 -14.61
N LEU B 386 43.93 -24.37 -15.80
CA LEU B 386 43.37 -25.66 -16.21
C LEU B 386 43.80 -26.81 -15.33
N LEU B 387 45.09 -26.81 -15.01
CA LEU B 387 45.66 -27.82 -14.12
C LEU B 387 45.18 -27.76 -12.68
N SER B 388 44.67 -26.61 -12.25
CA SER B 388 44.22 -26.39 -10.89
C SER B 388 42.80 -26.90 -10.63
N HIS B 389 41.99 -27.03 -11.67
CA HIS B 389 40.61 -27.49 -11.51
C HIS B 389 40.56 -28.95 -11.05
N PRO B 390 39.80 -29.28 -9.99
CA PRO B 390 39.61 -30.69 -9.59
C PRO B 390 39.20 -31.61 -10.74
N LEU B 391 38.50 -31.09 -11.76
CA LEU B 391 37.98 -31.87 -12.90
C LEU B 391 38.78 -31.58 -14.19
N GLY B 392 39.89 -30.89 -14.01
CA GLY B 392 40.79 -30.54 -15.08
C GLY B 392 41.69 -31.67 -15.54
N PRO B 393 42.47 -31.41 -16.58
CA PRO B 393 43.34 -32.43 -17.19
C PRO B 393 44.60 -32.72 -16.42
N ASP B 394 45.09 -33.92 -16.59
CA ASP B 394 46.41 -34.32 -16.16
C ASP B 394 47.44 -33.53 -17.01
N VAL B 395 48.65 -33.38 -16.48
CA VAL B 395 49.73 -32.72 -17.23
C VAL B 395 49.89 -33.27 -18.67
N GLU B 396 49.78 -34.59 -18.86
CA GLU B 396 49.93 -35.15 -20.22
C GLU B 396 48.86 -34.71 -21.25
N ASP B 397 47.73 -34.18 -20.81
CA ASP B 397 46.65 -33.85 -21.73
C ASP B 397 46.49 -32.34 -21.87
N ALA B 398 47.15 -31.55 -21.02
CA ALA B 398 46.83 -30.12 -20.88
C ALA B 398 47.15 -29.25 -22.15
N LYS B 399 48.32 -29.45 -22.74
CA LYS B 399 48.65 -28.64 -23.91
C LYS B 399 47.68 -28.85 -25.06
N ASP B 400 47.36 -30.11 -25.35
CA ASP B 400 46.39 -30.42 -26.38
C ASP B 400 44.98 -29.95 -26.07
N LEU B 401 44.49 -30.16 -24.83
CA LEU B 401 43.18 -29.69 -24.48
C LEU B 401 43.12 -28.16 -24.70
N LEU B 402 44.12 -27.42 -24.22
CA LEU B 402 44.05 -25.96 -24.34
C LEU B 402 44.05 -25.51 -25.78
N GLU B 403 44.87 -26.16 -26.59
CA GLU B 403 44.96 -25.80 -28.00
C GLU B 403 43.60 -25.98 -28.70
N GLU B 404 42.92 -27.11 -28.43
CA GLU B 404 41.59 -27.38 -28.97
C GLU B 404 40.53 -26.37 -28.49
N ILE B 405 40.54 -26.03 -27.21
CA ILE B 405 39.64 -25.01 -26.69
C ILE B 405 39.92 -23.64 -27.33
N LEU B 406 41.19 -23.27 -27.44
CA LEU B 406 41.48 -21.97 -28.01
C LEU B 406 41.16 -21.90 -29.50
N GLU B 407 41.32 -23.02 -30.21
CA GLU B 407 40.92 -23.06 -31.61
C GLU B 407 39.41 -22.96 -31.79
N ALA B 408 38.65 -23.64 -30.92
CA ALA B 408 37.19 -23.59 -31.00
C ALA B 408 36.66 -22.20 -30.66
N ASN B 409 37.31 -21.50 -29.74
CA ASN B 409 36.87 -20.18 -29.29
C ASN B 409 37.60 -18.99 -29.93
N ARG B 410 38.13 -19.22 -31.13
CA ARG B 410 38.84 -18.23 -31.95
C ARG B 410 38.22 -16.84 -32.06
N GLU B 411 36.90 -16.80 -32.21
CA GLU B 411 36.16 -15.57 -32.42
C GLU B 411 35.90 -14.77 -31.14
N TYR B 412 36.24 -15.33 -29.99
CA TYR B 412 35.75 -14.87 -28.69
C TYR B 412 36.87 -14.63 -27.69
N VAL B 413 37.99 -15.31 -27.90
CA VAL B 413 39.10 -15.37 -26.96
C VAL B 413 40.38 -15.36 -27.78
N LYS B 414 41.35 -14.57 -27.35
CA LYS B 414 42.68 -14.59 -27.96
C LYS B 414 43.79 -14.53 -26.90
N LEU B 415 44.55 -15.60 -26.76
CA LEU B 415 45.56 -15.65 -25.71
C LEU B 415 46.92 -15.82 -26.39
N GLY B 416 47.94 -15.17 -25.85
CA GLY B 416 49.30 -15.31 -26.35
C GLY B 416 50.26 -16.12 -25.49
N HIS C 1 2.45 -23.40 25.33
CA HIS C 1 2.50 -22.75 26.68
C HIS C 1 3.81 -21.94 26.81
N MSE C 2 3.69 -20.67 27.18
CA MSE C 2 4.82 -19.74 27.07
C MSE C 2 4.88 -18.83 28.30
O MSE C 2 3.92 -18.10 28.59
CB MSE C 2 4.66 -18.90 25.78
CG MSE C 2 5.96 -18.30 25.20
SE MSE C 2 6.50 -16.68 26.18
CE MSE C 2 6.25 -15.24 24.87
N ARG C 3 6.02 -18.87 28.98
CA ARG C 3 6.21 -18.14 30.23
C ARG C 3 7.43 -17.20 30.15
N ILE C 4 7.27 -15.97 30.65
CA ILE C 4 8.37 -15.00 30.75
C ILE C 4 8.72 -14.75 32.22
N ALA C 5 9.97 -14.98 32.59
CA ALA C 5 10.48 -14.65 33.91
C ALA C 5 11.00 -13.21 33.97
N VAL C 6 10.65 -12.46 35.01
CA VAL C 6 11.22 -11.13 35.24
C VAL C 6 11.98 -11.08 36.58
N ILE C 7 13.29 -10.89 36.48
CA ILE C 7 14.17 -10.92 37.65
C ILE C 7 14.47 -9.51 38.06
N GLY C 8 14.07 -9.15 39.29
CA GLY C 8 14.04 -7.78 39.74
C GLY C 8 12.68 -7.15 39.53
N GLY C 9 11.62 -7.86 39.91
CA GLY C 9 10.25 -7.43 39.69
C GLY C 9 9.88 -6.20 40.48
N GLY C 10 10.64 -5.92 41.52
CA GLY C 10 10.39 -4.78 42.36
C GLY C 10 10.80 -3.47 41.76
N SER C 11 11.39 -3.53 40.58
CA SER C 11 11.91 -2.31 39.93
C SER C 11 10.77 -1.35 39.59
N SER C 12 11.03 -0.06 39.76
CA SER C 12 10.03 0.96 39.48
C SER C 12 9.72 1.10 37.99
N TYR C 13 10.52 0.44 37.15
CA TYR C 13 10.21 0.36 35.71
C TYR C 13 9.31 -0.80 35.34
N THR C 14 9.06 -1.72 36.27
CA THR C 14 8.26 -2.90 35.94
C THR C 14 6.92 -2.57 35.22
N PRO C 15 6.17 -1.57 35.68
CA PRO C 15 4.88 -1.24 35.06
C PRO C 15 5.00 -0.93 33.57
N GLU C 16 6.01 -0.18 33.15
CA GLU C 16 6.19 0.04 31.69
C GLU C 16 6.56 -1.23 30.94
N LEU C 17 7.38 -2.09 31.54
CA LEU C 17 7.64 -3.42 30.97
C LEU C 17 6.34 -4.19 30.73
N VAL C 18 5.46 -4.22 31.74
CA VAL C 18 4.21 -5.00 31.61
C VAL C 18 3.32 -4.40 30.51
N LYS C 19 3.31 -3.08 30.40
CA LYS C 19 2.56 -2.41 29.33
C LYS C 19 3.05 -2.86 27.96
N GLY C 20 4.38 -2.89 27.78
CA GLY C 20 4.96 -3.50 26.60
C GLY C 20 4.50 -4.93 26.41
N LEU C 21 4.57 -5.75 27.45
CA LEU C 21 4.11 -7.12 27.33
C LEU C 21 2.63 -7.18 26.94
N LEU C 22 1.81 -6.31 27.55
CA LEU C 22 0.39 -6.30 27.18
C LEU C 22 0.24 -5.93 25.72
N ASP C 23 0.95 -4.91 25.25
CA ASP C 23 0.88 -4.52 23.84
C ASP C 23 1.26 -5.65 22.85
N ILE C 24 2.25 -6.48 23.17
CA ILE C 24 2.60 -7.57 22.25
C ILE C 24 1.75 -8.83 22.40
N SER C 25 0.98 -8.93 23.49
CA SER C 25 0.22 -10.15 23.79
C SER C 25 -0.90 -10.41 22.77
N GLU C 26 -1.14 -9.41 21.93
CA GLU C 26 -2.11 -9.57 20.86
C GLU C 26 -1.48 -10.29 19.67
N ASP C 27 -0.17 -10.14 19.48
CA ASP C 27 0.57 -10.78 18.38
C ASP C 27 1.21 -12.13 18.72
N VAL C 28 1.62 -12.32 19.97
CA VAL C 28 2.19 -13.58 20.39
C VAL C 28 1.50 -13.99 21.67
N ARG C 29 1.47 -15.30 21.92
CA ARG C 29 0.76 -15.86 23.07
C ARG C 29 1.65 -15.79 24.31
N ILE C 30 1.13 -15.18 25.37
CA ILE C 30 1.80 -15.17 26.68
C ILE C 30 0.84 -15.71 27.70
N ASP C 31 1.20 -16.83 28.29
CA ASP C 31 0.36 -17.46 29.29
C ASP C 31 0.58 -16.85 30.66
N GLU C 32 1.85 -16.63 31.00
CA GLU C 32 2.18 -16.15 32.34
C GLU C 32 3.42 -15.33 32.38
N VAL C 33 3.41 -14.34 33.26
CA VAL C 33 4.62 -13.60 33.59
C VAL C 33 4.86 -13.80 35.09
N ILE C 34 6.04 -14.35 35.41
CA ILE C 34 6.43 -14.61 36.79
C ILE C 34 7.55 -13.67 37.27
N PHE C 35 7.38 -13.14 38.48
CA PHE C 35 8.31 -12.14 39.03
C PHE C 35 9.12 -12.69 40.21
N TYR C 36 10.40 -12.34 40.21
CA TYR C 36 11.28 -12.61 41.34
C TYR C 36 12.07 -11.37 41.75
N ASP C 37 12.27 -11.20 43.05
CA ASP C 37 13.06 -10.11 43.59
C ASP C 37 13.59 -10.45 44.98
N ILE C 38 14.82 -10.08 45.28
CA ILE C 38 15.33 -10.19 46.66
C ILE C 38 14.54 -9.34 47.68
N ASP C 39 13.96 -8.24 47.25
CA ASP C 39 13.16 -7.43 48.16
C ASP C 39 11.67 -7.73 47.98
N GLU C 40 11.13 -8.62 48.82
CA GLU C 40 9.78 -9.12 48.62
C GLU C 40 8.70 -8.04 48.80
N GLU C 41 8.94 -7.08 49.70
CA GLU C 41 7.88 -6.14 50.06
C GLU C 41 7.69 -5.12 48.96
N LYS C 42 8.80 -4.71 48.38
CA LYS C 42 8.80 -3.70 47.34
C LYS C 42 8.17 -4.28 46.07
N GLN C 43 8.49 -5.54 45.77
CA GLN C 43 7.90 -6.20 44.62
C GLN C 43 6.40 -6.43 44.76
N LYS C 44 5.91 -6.73 45.97
CA LYS C 44 4.48 -6.95 46.15
C LYS C 44 3.65 -5.73 45.75
N ILE C 45 4.07 -4.54 46.17
CA ILE C 45 3.43 -3.28 45.79
C ILE C 45 3.36 -3.16 44.27
N VAL C 46 4.51 -3.27 43.63
CA VAL C 46 4.62 -3.23 42.17
C VAL C 46 3.74 -4.26 41.47
N VAL C 47 3.79 -5.50 41.94
CA VAL C 47 3.06 -6.60 41.32
C VAL C 47 1.56 -6.49 41.54
N ASP C 48 1.13 -5.88 42.64
CA ASP C 48 -0.29 -5.61 42.83
C ASP C 48 -0.77 -4.60 41.80
N PHE C 49 0.03 -3.59 41.55
CA PHE C 49 -0.26 -2.58 40.54
C PHE C 49 -0.31 -3.22 39.16
N VAL C 50 0.66 -4.06 38.86
CA VAL C 50 0.72 -4.81 37.61
C VAL C 50 -0.53 -5.66 37.36
N LYS C 51 -0.98 -6.39 38.38
CA LYS C 51 -2.22 -7.18 38.30
C LYS C 51 -3.42 -6.35 37.86
N ARG C 52 -3.49 -5.10 38.33
CA ARG C 52 -4.60 -4.18 38.04
C ARG C 52 -4.54 -3.71 36.59
N LEU C 53 -3.33 -3.60 36.05
CA LEU C 53 -3.12 -3.23 34.64
C LEU C 53 -3.35 -4.37 33.67
N VAL C 54 -3.04 -5.59 34.08
CA VAL C 54 -3.12 -6.75 33.20
C VAL C 54 -4.57 -7.20 32.98
N LYS C 55 -5.39 -7.04 34.02
CA LYS C 55 -6.80 -7.46 34.03
C LYS C 55 -7.00 -8.88 33.50
N ASP C 56 -6.13 -9.80 33.96
CA ASP C 56 -6.23 -11.21 33.60
C ASP C 56 -6.05 -11.52 32.10
N ARG C 57 -5.23 -10.72 31.42
CA ARG C 57 -4.90 -11.03 30.03
C ARG C 57 -3.84 -12.14 29.95
N PHE C 58 -2.95 -12.19 30.94
CA PHE C 58 -2.16 -13.38 31.23
C PHE C 58 -2.07 -13.54 32.76
N LYS C 59 -1.51 -14.65 33.23
CA LYS C 59 -1.33 -14.87 34.68
C LYS C 59 -0.14 -14.09 35.17
N VAL C 60 -0.28 -13.49 36.35
CA VAL C 60 0.81 -12.79 37.00
C VAL C 60 1.18 -13.59 38.25
N LEU C 61 2.42 -14.06 38.30
CA LEU C 61 2.90 -14.89 39.41
C LEU C 61 4.10 -14.28 40.10
N ILE C 62 4.25 -14.60 41.38
CA ILE C 62 5.49 -14.31 42.08
C ILE C 62 6.16 -15.63 42.44
N SER C 63 7.46 -15.72 42.21
CA SER C 63 8.27 -16.81 42.75
C SER C 63 9.09 -16.29 43.93
N ASP C 64 9.15 -17.08 45.01
CA ASP C 64 10.00 -16.75 46.16
C ASP C 64 11.46 -17.04 45.90
N THR C 65 11.73 -17.78 44.83
CA THR C 65 13.10 -18.14 44.46
C THR C 65 13.39 -17.83 43.01
N PHE C 66 14.66 -17.58 42.71
CA PHE C 66 15.10 -17.33 41.34
C PHE C 66 14.91 -18.55 40.46
N GLU C 67 15.28 -19.74 40.97
CA GLU C 67 15.10 -20.97 40.21
C GLU C 67 13.62 -21.23 39.86
N GLY C 68 12.70 -20.95 40.79
CA GLY C 68 11.27 -21.11 40.52
C GLY C 68 10.71 -20.20 39.43
N ALA C 69 11.33 -19.04 39.27
CA ALA C 69 10.97 -18.10 38.21
C ALA C 69 11.42 -18.56 36.84
N VAL C 70 12.62 -19.13 36.75
CA VAL C 70 13.22 -19.39 35.47
C VAL C 70 13.04 -20.82 34.94
N VAL C 71 12.64 -21.75 35.80
CA VAL C 71 12.60 -23.17 35.47
C VAL C 71 11.76 -23.55 34.21
N ASP C 72 10.56 -23.00 34.05
CA ASP C 72 9.78 -23.29 32.84
C ASP C 72 9.75 -22.11 31.86
N ALA C 73 10.70 -21.20 31.96
CA ALA C 73 10.62 -19.95 31.22
C ALA C 73 11.24 -20.01 29.82
N LYS C 74 10.56 -19.41 28.87
CA LYS C 74 11.13 -19.29 27.55
C LYS C 74 12.02 -18.03 27.45
N TYR C 75 11.66 -16.97 28.19
CA TYR C 75 12.47 -15.77 28.27
C TYR C 75 12.61 -15.35 29.70
N VAL C 76 13.82 -14.91 30.02
CA VAL C 76 14.20 -14.40 31.31
C VAL C 76 14.78 -12.99 31.12
N ILE C 77 14.11 -12.00 31.71
CA ILE C 77 14.58 -10.63 31.67
C ILE C 77 15.31 -10.26 32.98
N PHE C 78 16.57 -9.84 32.84
CA PHE C 78 17.39 -9.34 33.96
C PHE C 78 17.23 -7.81 34.09
N GLN C 79 16.72 -7.40 35.25
CA GLN C 79 16.22 -6.05 35.49
C GLN C 79 16.67 -5.62 36.89
N PHE C 80 17.59 -6.37 37.49
CA PHE C 80 17.93 -6.17 38.89
C PHE C 80 19.15 -5.29 39.00
N ARG C 81 19.40 -4.74 40.19
CA ARG C 81 20.47 -3.79 40.36
C ARG C 81 21.32 -4.18 41.57
N PRO C 82 22.41 -4.89 41.30
CA PRO C 82 23.21 -5.50 42.37
C PRO C 82 23.77 -4.44 43.31
N GLY C 83 23.62 -4.61 44.63
CA GLY C 83 24.05 -3.61 45.58
C GLY C 83 23.10 -2.44 45.73
N GLY C 84 22.07 -2.34 44.89
CA GLY C 84 21.05 -1.31 45.03
C GLY C 84 21.51 0.12 44.79
N LEU C 85 20.64 1.07 45.11
CA LEU C 85 20.99 2.48 44.90
C LEU C 85 22.15 2.90 45.80
N LYS C 86 22.26 2.28 46.97
CA LYS C 86 23.41 2.50 47.85
C LYS C 86 24.73 2.13 47.15
N GLY C 87 24.73 1.08 46.33
CA GLY C 87 25.92 0.72 45.59
C GLY C 87 26.22 1.75 44.51
N ARG C 88 25.16 2.25 43.89
CA ARG C 88 25.29 3.22 42.84
C ARG C 88 25.81 4.52 43.41
N GLU C 89 25.35 4.88 44.60
CA GLU C 89 25.86 6.05 45.27
C GLU C 89 27.37 5.95 45.54
N ASN C 90 27.84 4.79 45.99
CA ASN C 90 29.27 4.57 46.12
C ASN C 90 30.01 4.67 44.78
N ASP C 91 29.44 4.07 43.74
CA ASP C 91 30.01 4.10 42.40
C ASP C 91 30.23 5.53 41.91
N GLU C 92 29.22 6.37 42.10
CA GLU C 92 29.27 7.74 41.61
C GLU C 92 30.16 8.61 42.48
N GLY C 93 30.18 8.39 43.80
CA GLY C 93 30.81 9.32 44.71
C GLY C 93 32.27 9.08 45.04
N ILE C 94 32.67 7.83 45.06
CA ILE C 94 34.04 7.49 45.46
C ILE C 94 35.13 8.07 44.54
N PRO C 95 34.96 7.97 43.22
CA PRO C 95 35.96 8.52 42.30
C PRO C 95 36.14 10.05 42.34
N LEU C 96 35.13 10.79 42.85
CA LEU C 96 35.20 12.25 42.83
C LEU C 96 36.42 12.80 43.53
N LYS C 97 36.78 12.26 44.70
CA LYS C 97 37.90 12.82 45.49
C LYS C 97 39.27 12.59 44.85
N TYR C 98 39.31 11.71 43.86
CA TYR C 98 40.53 11.51 43.08
C TYR C 98 40.54 12.39 41.83
N GLY C 99 39.52 13.25 41.66
CA GLY C 99 39.41 14.08 40.47
C GLY C 99 38.91 13.30 39.25
N LEU C 100 38.26 12.16 39.49
CA LEU C 100 37.83 11.29 38.43
C LEU C 100 36.32 11.39 38.21
N ILE C 101 35.86 11.13 37.00
CA ILE C 101 34.42 10.93 36.71
C ILE C 101 33.79 9.83 37.57
N GLY C 102 32.71 10.17 38.27
CA GLY C 102 31.91 9.19 38.98
C GLY C 102 30.56 9.07 38.33
N GLN C 103 30.27 7.93 37.74
CA GLN C 103 29.01 7.77 36.97
C GLN C 103 28.59 6.30 36.99
N GLU C 104 27.28 6.07 36.96
CA GLU C 104 26.70 4.73 37.07
C GLU C 104 27.38 3.68 36.16
N THR C 105 27.63 4.01 34.89
CA THR C 105 28.08 3.01 33.94
C THR C 105 29.43 3.30 33.30
N THR C 106 29.89 4.54 33.42
CA THR C 106 31.05 4.98 32.62
C THR C 106 32.27 5.24 33.49
N GLY C 107 33.37 4.56 33.19
CA GLY C 107 34.58 4.73 33.98
C GLY C 107 34.60 3.92 35.27
N VAL C 108 35.20 4.48 36.31
CA VAL C 108 35.43 3.74 37.54
C VAL C 108 34.14 3.26 38.18
N GLY C 109 33.08 4.08 38.10
CA GLY C 109 31.74 3.66 38.51
C GLY C 109 31.25 2.39 37.84
N GLY C 110 31.45 2.28 36.53
CA GLY C 110 31.12 1.08 35.77
C GLY C 110 31.96 -0.14 36.16
N PHE C 111 33.20 0.13 36.55
CA PHE C 111 34.10 -0.89 37.01
C PHE C 111 33.62 -1.51 38.33
N SER C 112 33.32 -0.69 39.34
CA SER C 112 32.80 -1.27 40.57
C SER C 112 31.40 -1.90 40.40
N ALA C 113 30.57 -1.29 39.54
CA ALA C 113 29.28 -1.90 39.21
C ALA C 113 29.42 -3.29 38.59
N ALA C 114 30.42 -3.44 37.70
CA ALA C 114 30.72 -4.73 37.07
C ALA C 114 31.20 -5.82 38.05
N LEU C 115 32.07 -5.43 38.97
CA LEU C 115 32.53 -6.36 40.01
C LEU C 115 31.40 -6.86 40.90
N ARG C 116 30.42 -6.01 41.19
CA ARG C 116 29.24 -6.40 41.94
C ARG C 116 28.32 -7.34 41.12
N ALA C 117 28.23 -7.14 39.82
CA ALA C 117 27.29 -7.88 38.98
C ALA C 117 27.75 -9.30 38.63
N PHE C 118 29.03 -9.44 38.30
CA PHE C 118 29.59 -10.72 37.84
C PHE C 118 29.28 -11.95 38.70
N PRO C 119 29.44 -11.90 40.02
CA PRO C 119 29.11 -13.10 40.81
C PRO C 119 27.64 -13.45 40.71
N ILE C 120 26.75 -12.45 40.73
CA ILE C 120 25.31 -12.71 40.68
C ILE C 120 24.92 -13.26 39.30
N VAL C 121 25.44 -12.64 38.25
CA VAL C 121 25.11 -13.13 36.90
C VAL C 121 25.67 -14.50 36.59
N GLU C 122 26.88 -14.77 37.05
CA GLU C 122 27.44 -16.11 37.05
C GLU C 122 26.49 -17.12 37.68
N GLU C 123 26.04 -16.86 38.91
CA GLU C 123 25.14 -17.78 39.61
C GLU C 123 23.85 -17.95 38.78
N TYR C 124 23.32 -16.85 38.25
CA TYR C 124 22.01 -16.84 37.58
C TYR C 124 22.06 -17.52 36.20
N VAL C 125 23.11 -17.28 35.44
CA VAL C 125 23.28 -17.91 34.13
C VAL C 125 23.46 -19.45 34.25
N ASP C 126 24.29 -19.88 35.22
CA ASP C 126 24.39 -21.31 35.58
C ASP C 126 23.03 -21.95 35.89
N THR C 127 22.19 -21.31 36.71
CA THR C 127 20.89 -21.90 37.01
C THR C 127 20.00 -21.96 35.77
N VAL C 128 20.05 -20.92 34.95
CA VAL C 128 19.21 -20.90 33.76
C VAL C 128 19.64 -22.03 32.83
N ARG C 129 20.94 -22.19 32.73
CA ARG C 129 21.56 -23.16 31.84
C ARG C 129 21.27 -24.60 32.30
N LYS C 130 21.21 -24.82 33.60
CA LYS C 130 20.92 -26.15 34.12
C LYS C 130 19.43 -26.50 34.11
N THR C 131 18.57 -25.53 33.80
CA THR C 131 17.14 -25.78 33.81
C THR C 131 16.52 -25.52 32.45
N SER C 132 15.96 -24.33 32.24
CA SER C 132 15.16 -24.06 31.03
C SER C 132 15.99 -23.77 29.81
N ASN C 133 17.23 -23.40 29.99
CA ASN C 133 17.95 -22.86 28.86
C ASN C 133 17.23 -21.69 28.10
N ALA C 134 16.55 -20.81 28.84
CA ALA C 134 15.86 -19.66 28.28
C ALA C 134 16.78 -18.70 27.53
N THR C 135 16.17 -17.86 26.69
CA THR C 135 16.90 -16.70 26.20
C THR C 135 16.86 -15.62 27.29
N ILE C 136 18.02 -15.10 27.64
CA ILE C 136 18.10 -14.05 28.66
C ILE C 136 18.23 -12.71 27.94
N VAL C 137 17.31 -11.78 28.26
CA VAL C 137 17.37 -10.40 27.80
C VAL C 137 17.82 -9.53 28.98
N ASN C 138 18.96 -8.89 28.84
CA ASN C 138 19.57 -8.18 29.96
C ASN C 138 19.51 -6.64 29.91
N PHE C 139 18.95 -6.05 30.97
CA PHE C 139 19.09 -4.62 31.20
C PHE C 139 20.08 -4.28 32.31
N THR C 140 20.37 -5.23 33.21
CA THR C 140 21.26 -4.98 34.33
C THR C 140 22.56 -4.29 33.89
N ASN C 141 22.90 -3.22 34.58
CA ASN C 141 24.07 -2.48 34.20
C ASN C 141 25.32 -2.94 34.97
N PRO C 142 26.49 -2.90 34.34
CA PRO C 142 26.72 -2.40 32.97
C PRO C 142 26.46 -3.40 31.84
N SER C 143 25.53 -3.10 30.94
CA SER C 143 24.86 -4.13 30.14
C SER C 143 25.77 -4.74 29.06
N GLY C 144 26.52 -3.88 28.39
CA GLY C 144 27.46 -4.31 27.38
C GLY C 144 28.61 -5.12 27.96
N HIS C 145 29.11 -4.68 29.11
CA HIS C 145 30.21 -5.35 29.78
C HIS C 145 29.76 -6.74 30.26
N ILE C 146 28.56 -6.82 30.83
CA ILE C 146 28.02 -8.11 31.27
C ILE C 146 27.84 -9.04 30.07
N THR C 147 27.40 -8.49 28.95
CA THR C 147 27.19 -9.29 27.75
C THR C 147 28.52 -9.88 27.25
N GLU C 148 29.56 -9.06 27.25
CA GLU C 148 30.90 -9.50 26.91
C GLU C 148 31.30 -10.65 27.80
N PHE C 149 31.07 -10.50 29.10
CA PHE C 149 31.37 -11.52 30.10
C PHE C 149 30.62 -12.81 29.82
N VAL C 150 29.32 -12.76 29.59
CA VAL C 150 28.52 -13.97 29.45
C VAL C 150 28.80 -14.65 28.12
N ARG C 151 28.93 -13.86 27.07
CA ARG C 151 29.10 -14.43 25.74
C ARG C 151 30.49 -15.07 25.51
N ASN C 152 31.53 -14.43 26.04
CA ASN C 152 32.88 -14.89 25.79
C ASN C 152 33.60 -15.58 26.95
N TYR C 153 32.99 -15.64 28.12
CA TYR C 153 33.65 -16.25 29.25
C TYR C 153 32.81 -17.35 29.86
N LEU C 154 31.55 -17.07 30.19
CA LEU C 154 30.62 -18.11 30.65
C LEU C 154 30.16 -18.97 29.47
N GLU C 155 30.20 -18.33 28.30
CA GLU C 155 29.87 -18.98 27.05
C GLU C 155 28.43 -19.45 26.97
N TYR C 156 27.51 -18.56 27.35
CA TYR C 156 26.11 -18.84 27.19
C TYR C 156 25.65 -18.00 26.01
N GLU C 157 25.24 -18.68 24.96
CA GLU C 157 24.91 -18.04 23.70
C GLU C 157 23.62 -17.17 23.70
N LYS C 158 22.55 -17.62 24.33
CA LYS C 158 21.27 -16.90 24.34
C LYS C 158 21.20 -15.85 25.46
N PHE C 159 22.20 -14.98 25.46
CA PHE C 159 22.24 -13.87 26.38
C PHE C 159 22.32 -12.60 25.54
N ILE C 160 21.25 -11.79 25.54
CA ILE C 160 21.23 -10.61 24.69
C ILE C 160 21.20 -9.35 25.52
N GLY C 161 22.22 -8.53 25.37
CA GLY C 161 22.32 -7.25 26.06
C GLY C 161 21.50 -6.15 25.40
N LEU C 162 20.69 -5.44 26.18
CA LEU C 162 19.84 -4.38 25.67
C LEU C 162 20.20 -3.08 26.36
N CYS C 163 19.77 -1.98 25.76
CA CYS C 163 19.93 -0.66 26.34
C CYS C 163 18.83 0.22 25.75
N ASN C 164 18.50 1.35 26.36
CA ASN C 164 17.44 2.21 25.83
C ASN C 164 17.88 3.28 24.81
N VAL C 165 19.19 3.47 24.61
CA VAL C 165 19.59 4.58 23.73
C VAL C 165 19.30 4.40 22.22
N PRO C 166 19.50 3.19 21.70
CA PRO C 166 19.11 2.91 20.31
C PRO C 166 17.63 3.20 20.08
N ILE C 167 16.74 2.64 20.90
CA ILE C 167 15.29 2.83 20.73
C ILE C 167 14.85 4.30 20.91
N ASN C 168 15.47 5.01 21.86
CA ASN C 168 15.17 6.43 22.03
C ASN C 168 15.56 7.19 20.78
N PHE C 169 16.72 6.84 20.20
CA PHE C 169 17.18 7.54 19.01
C PHE C 169 16.31 7.29 17.75
N ILE C 170 15.98 6.02 17.51
CA ILE C 170 15.05 5.69 16.42
C ILE C 170 13.70 6.42 16.60
N ARG C 171 13.19 6.45 17.84
CA ARG C 171 11.95 7.18 18.16
C ARG C 171 12.07 8.65 17.72
N GLU C 172 13.19 9.27 18.07
CA GLU C 172 13.44 10.68 17.72
C GLU C 172 13.28 10.92 16.24
N ILE C 173 14.00 10.11 15.45
CA ILE C 173 14.06 10.25 13.98
C ILE C 173 12.72 9.97 13.31
N ALA C 174 12.01 8.97 13.80
CA ALA C 174 10.66 8.67 13.32
C ALA C 174 9.75 9.88 13.46
N GLU C 175 9.63 10.46 14.67
CA GLU C 175 8.77 11.66 14.78
C GLU C 175 9.29 12.85 13.98
N MSE C 176 10.61 12.99 13.89
CA MSE C 176 11.22 14.03 13.05
C MSE C 176 10.77 13.96 11.60
O MSE C 176 10.66 14.98 10.93
CB MSE C 176 12.74 13.89 13.11
CG MSE C 176 13.55 15.11 12.69
SE MSE C 176 15.48 14.68 12.74
CE MSE C 176 15.87 15.61 11.09
N PHE C 177 10.52 12.75 11.11
CA PHE C 177 10.24 12.53 9.69
C PHE C 177 8.84 11.99 9.49
N SER C 178 8.09 11.84 10.58
CA SER C 178 6.71 11.33 10.55
C SER C 178 6.62 9.97 9.89
N ALA C 179 7.42 9.03 10.41
CA ALA C 179 7.44 7.67 9.90
C ALA C 179 7.38 6.71 11.08
N ARG C 180 7.19 5.43 10.78
CA ARG C 180 7.10 4.40 11.81
C ARG C 180 8.51 4.00 12.29
N LEU C 181 8.59 3.32 13.43
CA LEU C 181 9.88 2.90 13.97
C LEU C 181 10.67 2.09 12.93
N GLU C 182 10.01 1.08 12.37
CA GLU C 182 10.70 0.17 11.43
C GLU C 182 11.05 0.78 10.06
N ASP C 183 10.57 1.99 9.81
CA ASP C 183 10.93 2.75 8.62
C ASP C 183 12.34 3.34 8.72
N VAL C 184 12.90 3.35 9.94
CA VAL C 184 14.23 3.90 10.20
C VAL C 184 15.32 2.81 10.24
N PHE C 185 16.36 3.03 9.45
CA PHE C 185 17.46 2.08 9.33
C PHE C 185 18.78 2.81 9.51
N LEU C 186 19.63 2.30 10.38
CA LEU C 186 20.80 3.03 10.80
C LEU C 186 22.10 2.28 10.54
N LYS C 187 23.16 2.99 10.23
CA LYS C 187 24.49 2.40 10.44
C LYS C 187 24.97 2.83 11.83
N TYR C 188 25.08 1.85 12.74
CA TYR C 188 25.22 2.09 14.17
C TYR C 188 26.16 1.06 14.71
N TYR C 189 27.12 1.48 15.53
CA TYR C 189 28.06 0.53 16.11
C TYR C 189 28.82 1.14 17.25
N GLY C 190 29.33 0.26 18.13
CA GLY C 190 30.13 0.66 19.25
C GLY C 190 29.86 -0.28 20.41
N LEU C 191 30.07 0.25 21.60
CA LEU C 191 29.82 -0.43 22.85
C LEU C 191 28.60 0.23 23.46
N ASN C 192 27.94 -0.49 24.34
CA ASN C 192 26.83 0.05 25.08
C ASN C 192 27.33 1.32 25.79
N HIS C 193 26.61 2.42 25.61
CA HIS C 193 26.96 3.74 26.15
C HIS C 193 28.21 4.36 25.52
N LEU C 194 28.59 3.84 24.35
CA LEU C 194 29.83 4.19 23.67
C LEU C 194 29.60 3.94 22.19
N SER C 195 28.53 4.52 21.67
CA SER C 195 28.05 4.15 20.35
C SER C 195 28.12 5.31 19.36
N PHE C 196 28.03 4.98 18.09
CA PHE C 196 28.24 5.94 17.03
C PHE C 196 27.26 5.65 15.92
N ILE C 197 26.66 6.70 15.39
CA ILE C 197 25.82 6.56 14.23
C ILE C 197 26.49 7.26 13.06
N GLU C 198 26.60 6.54 11.95
CA GLU C 198 27.26 7.02 10.75
C GLU C 198 26.32 7.35 9.59
N LYS C 199 25.21 6.63 9.50
CA LYS C 199 24.25 6.82 8.44
C LYS C 199 22.85 6.68 8.97
N VAL C 200 21.94 7.52 8.45
CA VAL C 200 20.54 7.47 8.84
C VAL C 200 19.71 7.33 7.58
N PHE C 201 18.91 6.29 7.51
CA PHE C 201 17.94 6.13 6.44
C PHE C 201 16.50 6.11 6.96
N VAL C 202 15.61 6.75 6.22
CA VAL C 202 14.20 6.75 6.53
C VAL C 202 13.45 6.40 5.25
N LYS C 203 12.72 5.30 5.29
CA LYS C 203 12.01 4.77 4.12
C LYS C 203 12.96 4.57 2.93
N GLY C 204 14.18 4.15 3.23
CA GLY C 204 15.16 3.85 2.20
C GLY C 204 16.02 5.03 1.81
N GLU C 205 15.49 6.24 2.03
CA GLU C 205 16.20 7.48 1.71
C GLU C 205 17.29 7.84 2.74
N ASP C 206 18.44 8.25 2.22
CA ASP C 206 19.58 8.69 3.02
C ASP C 206 19.34 10.12 3.54
N VAL C 207 19.07 10.26 4.83
CA VAL C 207 18.76 11.57 5.39
C VAL C 207 19.80 12.04 6.40
N THR C 208 21.00 11.48 6.31
CA THR C 208 22.07 11.76 7.26
C THR C 208 22.32 13.26 7.39
N GLU C 209 22.51 13.93 6.26
CA GLU C 209 22.67 15.38 6.19
C GLU C 209 21.58 16.13 6.95
N LYS C 210 20.32 15.73 6.73
CA LYS C 210 19.19 16.40 7.34
C LYS C 210 19.18 16.20 8.86
N VAL C 211 19.67 15.06 9.32
CA VAL C 211 19.80 14.80 10.75
C VAL C 211 20.84 15.72 11.40
N PHE C 212 22.01 15.81 10.78
CA PHE C 212 23.07 16.73 11.21
C PHE C 212 22.55 18.19 11.27
N GLU C 213 21.94 18.64 10.18
CA GLU C 213 21.32 19.97 10.11
C GLU C 213 20.39 20.21 11.28
N ASN C 214 19.50 19.25 11.55
CA ASN C 214 18.50 19.43 12.60
C ASN C 214 19.05 19.42 14.00
N LEU C 215 20.15 18.71 14.19
CA LEU C 215 20.79 18.65 15.50
C LEU C 215 21.31 20.01 15.98
N LYS C 216 21.53 20.93 15.05
CA LYS C 216 22.03 22.24 15.40
C LYS C 216 20.92 23.13 16.00
N LEU C 217 19.89 23.44 15.21
CA LEU C 217 18.70 24.10 15.76
C LEU C 217 18.00 23.18 16.77
N ASP C 224 25.14 24.49 27.21
CA ASP C 224 26.50 24.31 26.76
C ASP C 224 27.16 23.11 27.46
N GLU C 225 26.32 22.13 27.74
CA GLU C 225 26.75 20.81 28.18
C GLU C 225 26.67 19.84 27.01
N ASP C 226 26.52 20.38 25.81
CA ASP C 226 26.20 19.60 24.61
C ASP C 226 27.25 19.89 23.55
N PHE C 227 27.56 18.90 22.71
CA PHE C 227 28.55 19.07 21.66
C PHE C 227 28.19 20.27 20.79
N PRO C 228 29.16 21.16 20.52
CA PRO C 228 28.88 22.31 19.67
C PRO C 228 28.77 21.87 18.21
N THR C 229 28.39 22.80 17.34
CA THR C 229 28.12 22.53 15.94
C THR C 229 29.34 22.04 15.18
N TRP C 230 30.49 22.68 15.41
CA TRP C 230 31.74 22.35 14.72
C TRP C 230 32.18 20.88 14.97
N PHE C 231 31.75 20.32 16.11
CA PHE C 231 32.06 18.94 16.43
C PHE C 231 31.47 17.97 15.42
N TYR C 232 30.19 18.16 15.10
CA TYR C 232 29.51 17.26 14.18
C TYR C 232 30.08 17.43 12.78
N ASP C 233 30.44 18.65 12.43
CA ASP C 233 31.12 18.94 11.15
C ASP C 233 32.50 18.30 11.03
N SER C 234 33.21 18.23 12.16
CA SER C 234 34.53 17.64 12.21
C SER C 234 34.48 16.11 12.20
N VAL C 235 33.72 15.55 13.12
CA VAL C 235 33.83 14.15 13.41
C VAL C 235 32.93 13.38 12.45
N ARG C 236 31.81 14.00 12.07
CA ARG C 236 30.78 13.40 11.22
C ARG C 236 30.21 12.10 11.73
N LEU C 237 30.00 12.02 13.03
CA LEU C 237 29.30 10.93 13.66
C LEU C 237 28.27 11.52 14.61
N ILE C 238 27.09 10.94 14.66
CA ILE C 238 26.19 11.23 15.78
C ILE C 238 26.68 10.36 16.91
N VAL C 239 26.93 10.99 18.02
CA VAL C 239 27.68 10.40 19.12
C VAL C 239 26.72 10.11 20.28
N ASN C 240 26.91 8.97 20.93
CA ASN C 240 26.20 8.68 22.17
C ASN C 240 26.44 9.85 23.15
N PRO C 241 25.39 10.32 23.81
CA PRO C 241 25.56 11.42 24.77
C PRO C 241 26.57 11.10 25.86
N TYR C 242 26.75 9.81 26.17
CA TYR C 242 27.68 9.37 27.21
C TYR C 242 29.13 9.65 26.84
N LEU C 243 29.37 9.94 25.56
CA LEU C 243 30.72 10.27 25.14
C LEU C 243 31.21 11.60 25.69
N ARG C 244 30.27 12.41 26.21
CA ARG C 244 30.56 13.65 26.88
C ARG C 244 31.54 13.41 28.06
N TYR C 245 31.39 12.28 28.77
CA TYR C 245 32.31 12.05 29.89
C TYR C 245 33.75 11.85 29.42
N TYR C 246 33.91 11.37 28.19
CA TYR C 246 35.22 11.24 27.57
C TYR C 246 35.71 12.57 26.98
N LEU C 247 34.92 13.17 26.08
CA LEU C 247 35.41 14.25 25.26
C LEU C 247 35.29 15.63 25.96
N MSE C 248 34.47 15.68 27.02
CA MSE C 248 34.27 16.90 27.79
C MSE C 248 34.50 16.64 29.28
O MSE C 248 33.74 17.11 30.13
CB MSE C 248 32.85 17.48 27.58
CG MSE C 248 32.43 17.63 26.12
SE MSE C 248 30.62 18.43 25.82
CE MSE C 248 30.70 19.93 27.05
N GLU C 249 35.56 15.88 29.59
CA GLU C 249 35.80 15.35 30.92
C GLU C 249 35.80 16.44 31.99
N LYS C 250 36.54 17.52 31.72
CA LYS C 250 36.64 18.59 32.71
C LYS C 250 35.30 19.25 33.04
N LYS C 251 34.47 19.45 32.02
CA LYS C 251 33.13 20.00 32.17
C LYS C 251 32.17 19.07 32.93
N MSE C 252 32.27 17.78 32.65
CA MSE C 252 31.41 16.83 33.30
C MSE C 252 31.82 16.66 34.76
O MSE C 252 30.95 16.55 35.62
CB MSE C 252 31.43 15.50 32.54
CG MSE C 252 30.79 15.62 31.13
SE MSE C 252 28.97 16.47 31.08
CE MSE C 252 29.38 18.30 30.75
N PHE C 253 33.12 16.67 35.02
CA PHE C 253 33.61 16.48 36.36
C PHE C 253 33.10 17.59 37.26
N LYS C 254 33.15 18.80 36.72
CA LYS C 254 32.76 20.00 37.44
C LYS C 254 31.29 19.94 37.77
N LYS C 255 30.50 19.49 36.81
CA LYS C 255 29.05 19.37 36.99
C LYS C 255 28.64 18.28 38.02
N ILE C 256 29.22 17.08 37.92
CA ILE C 256 28.92 15.99 38.86
C ILE C 256 29.30 16.37 40.27
N SER C 257 30.49 16.96 40.40
CA SER C 257 31.08 17.26 41.70
C SER C 257 30.48 18.46 42.38
N THR C 258 29.69 19.29 41.68
CA THR C 258 29.01 20.44 42.32
C THR C 258 27.49 20.29 42.46
N HIS C 259 26.99 19.08 42.23
CA HIS C 259 25.57 18.79 42.32
C HIS C 259 25.38 17.50 43.12
N GLU C 260 24.20 17.35 43.72
CA GLU C 260 23.84 16.13 44.43
C GLU C 260 24.08 14.93 43.53
N LEU C 261 24.54 13.85 44.12
CA LEU C 261 24.75 12.61 43.41
C LEU C 261 23.41 12.20 42.79
N ARG C 262 23.51 11.77 41.55
CA ARG C 262 22.37 11.31 40.79
C ARG C 262 21.59 10.18 41.50
N ALA C 263 22.31 9.22 42.10
CA ALA C 263 21.69 8.12 42.87
C ALA C 263 20.70 8.61 43.92
N ARG C 264 21.14 9.60 44.69
CA ARG C 264 20.42 10.15 45.82
C ARG C 264 19.11 10.72 45.34
N GLU C 265 19.16 11.27 44.13
CA GLU C 265 18.02 11.89 43.48
C GLU C 265 17.01 10.88 43.00
N VAL C 266 17.50 9.73 42.51
CA VAL C 266 16.58 8.67 42.09
C VAL C 266 16.00 7.89 43.29
N MSE C 267 16.66 7.95 44.45
CA MSE C 267 16.11 7.47 45.71
C MSE C 267 14.80 8.19 45.97
O MSE C 267 13.79 7.57 46.33
CB MSE C 267 17.09 7.81 46.86
CG MSE C 267 17.62 6.65 47.73
SE MSE C 267 19.63 6.76 47.98
CE MSE C 267 19.65 8.16 49.43
N LYS C 268 14.81 9.50 45.75
CA LYS C 268 13.66 10.34 46.04
C LYS C 268 12.55 10.09 45.02
N ILE C 269 12.94 9.95 43.75
CA ILE C 269 11.98 9.69 42.68
C ILE C 269 11.30 8.32 42.86
N GLU C 270 12.11 7.29 43.11
CA GLU C 270 11.62 5.94 43.40
C GLU C 270 10.65 5.86 44.59
N LYS C 271 11.02 6.47 45.71
CA LYS C 271 10.19 6.51 46.91
C LYS C 271 8.80 7.11 46.60
N GLU C 272 8.78 8.02 45.64
CA GLU C 272 7.59 8.77 45.24
C GLU C 272 6.68 7.93 44.37
N LEU C 273 7.30 7.19 43.48
CA LEU C 273 6.59 6.31 42.56
C LEU C 273 5.94 5.17 43.32
N PHE C 274 6.64 4.64 44.33
CA PHE C 274 6.11 3.53 45.11
C PHE C 274 4.87 3.86 45.88
N GLU C 275 4.81 5.09 46.38
CA GLU C 275 3.61 5.61 47.05
C GLU C 275 2.45 5.69 46.08
N LYS C 276 2.71 6.16 44.87
CA LYS C 276 1.71 6.22 43.82
C LYS C 276 1.22 4.84 43.40
N TYR C 277 2.14 3.88 43.29
CA TYR C 277 1.78 2.50 42.95
C TYR C 277 0.78 1.79 43.89
N ARG C 278 0.63 2.28 45.11
CA ARG C 278 -0.25 1.64 46.05
C ARG C 278 -1.69 1.65 45.56
N THR C 279 -2.12 2.76 44.95
CA THR C 279 -3.52 2.97 44.55
C THR C 279 -3.72 3.25 43.05
N ALA C 280 -2.64 3.50 42.33
CA ALA C 280 -2.70 3.88 40.90
C ALA C 280 -3.45 2.88 40.03
N VAL C 281 -4.29 3.41 39.13
CA VAL C 281 -5.07 2.60 38.19
C VAL C 281 -4.44 2.57 36.81
N GLU C 282 -3.61 3.58 36.54
CA GLU C 282 -2.89 3.69 35.29
C GLU C 282 -1.48 4.17 35.58
N ILE C 283 -0.57 3.97 34.63
CA ILE C 283 0.84 4.29 34.81
C ILE C 283 1.01 5.79 35.09
N PRO C 284 1.66 6.15 36.20
CA PRO C 284 1.83 7.57 36.59
C PRO C 284 2.78 8.33 35.64
N GLU C 285 2.43 9.57 35.33
CA GLU C 285 3.23 10.39 34.41
C GLU C 285 4.69 10.55 34.86
N GLU C 286 4.90 10.80 36.16
CA GLU C 286 6.25 10.96 36.71
C GLU C 286 7.17 9.77 36.38
N LEU C 287 6.58 8.60 36.10
CA LEU C 287 7.38 7.47 35.61
C LEU C 287 7.71 7.62 34.13
N THR C 288 6.72 8.05 33.34
CA THR C 288 6.90 8.12 31.88
C THR C 288 7.84 9.24 31.42
N GLY C 292 15.16 6.36 31.76
CA GLY C 292 15.36 5.38 30.71
C GLY C 292 14.09 4.57 30.44
N SER C 293 12.93 5.23 30.56
CA SER C 293 11.60 4.57 30.53
C SER C 293 11.26 3.64 29.31
N MSE C 294 11.98 3.82 28.20
CA MSE C 294 11.64 3.19 26.91
C MSE C 294 12.37 1.88 26.72
O MSE C 294 12.19 1.18 25.69
CB MSE C 294 12.01 4.15 25.78
CG MSE C 294 11.40 3.80 24.43
SE MSE C 294 9.63 4.61 24.13
CE MSE C 294 9.11 3.72 22.33
N TYR C 295 13.22 1.53 27.68
CA TYR C 295 13.82 0.21 27.76
C TYR C 295 12.73 -0.84 27.55
N SER C 296 11.54 -0.56 28.06
CA SER C 296 10.45 -1.51 28.12
C SER C 296 10.02 -1.98 26.74
N THR C 297 9.78 -1.02 25.86
CA THR C 297 9.40 -1.29 24.47
C THR C 297 10.52 -2.02 23.73
N ALA C 298 11.78 -1.73 24.04
CA ALA C 298 12.84 -2.50 23.41
C ALA C 298 12.76 -3.99 23.80
N ALA C 299 12.50 -4.30 25.08
CA ALA C 299 12.42 -5.70 25.54
C ALA C 299 11.28 -6.44 24.89
N ALA C 300 10.09 -5.84 24.90
CA ALA C 300 8.87 -6.49 24.42
C ALA C 300 8.88 -6.70 22.89
N HIS C 301 9.35 -5.72 22.14
CA HIS C 301 9.46 -5.87 20.70
C HIS C 301 10.48 -6.94 20.32
N LEU C 302 11.57 -7.01 21.07
CA LEU C 302 12.57 -8.05 20.88
C LEU C 302 11.99 -9.43 21.15
N ILE C 303 11.27 -9.61 22.25
CA ILE C 303 10.71 -10.90 22.58
C ILE C 303 9.74 -11.29 21.47
N ARG C 304 8.92 -10.33 21.07
CA ARG C 304 7.92 -10.51 20.02
C ARG C 304 8.55 -11.03 18.74
N ASP C 305 9.62 -10.37 18.29
CA ASP C 305 10.27 -10.75 17.04
C ASP C 305 11.18 -11.97 17.17
N LEU C 306 11.53 -12.33 18.41
CA LEU C 306 12.18 -13.61 18.68
C LEU C 306 11.14 -14.74 18.52
N GLU C 307 9.87 -14.44 18.88
CA GLU C 307 8.77 -15.41 18.81
C GLU C 307 8.22 -15.67 17.41
N THR C 308 8.11 -14.64 16.57
CA THR C 308 7.60 -14.85 15.21
C THR C 308 8.71 -15.18 14.20
N ASP C 309 8.29 -15.43 12.96
CA ASP C 309 9.15 -15.77 11.84
C ASP C 309 9.14 -14.64 10.80
N GLU C 310 8.72 -13.44 11.21
CA GLU C 310 8.69 -12.31 10.32
C GLU C 310 10.09 -11.88 9.91
N GLY C 311 10.99 -11.70 10.89
CA GLY C 311 12.29 -11.12 10.62
C GLY C 311 12.29 -9.61 10.70
N LYS C 312 12.93 -9.05 11.73
CA LYS C 312 12.89 -7.61 12.01
C LYS C 312 14.26 -7.12 12.51
N ILE C 313 14.54 -5.83 12.39
CA ILE C 313 15.81 -5.25 12.85
C ILE C 313 15.75 -4.74 14.28
N HIS C 314 16.68 -5.17 15.12
CA HIS C 314 16.80 -4.65 16.47
C HIS C 314 18.27 -4.41 16.76
N ILE C 315 18.58 -3.24 17.30
CA ILE C 315 19.93 -2.98 17.78
C ILE C 315 20.12 -3.57 19.18
N VAL C 316 21.06 -4.50 19.30
CA VAL C 316 21.27 -5.26 20.53
C VAL C 316 22.77 -5.45 20.77
N ASN C 317 23.14 -5.93 21.95
CA ASN C 317 24.51 -6.31 22.26
C ASN C 317 24.78 -7.78 22.00
N THR C 318 25.64 -8.02 21.02
CA THR C 318 25.98 -9.36 20.59
C THR C 318 27.38 -9.34 19.94
N ARG C 319 27.92 -10.54 19.67
CA ARG C 319 29.18 -10.64 18.95
C ARG C 319 29.08 -10.02 17.56
N ASN C 320 30.10 -9.25 17.21
CA ASN C 320 30.24 -8.54 15.94
C ASN C 320 30.04 -9.43 14.71
N ASN C 321 30.74 -10.57 14.67
CA ASN C 321 30.58 -11.55 13.59
C ASN C 321 30.45 -10.91 12.21
N GLY C 322 31.34 -9.98 11.90
CA GLY C 322 31.31 -9.38 10.57
C GLY C 322 30.45 -8.12 10.38
N SER C 323 29.71 -7.71 11.40
CA SER C 323 28.96 -6.46 11.26
C SER C 323 29.91 -5.33 10.89
N ILE C 324 30.98 -5.20 11.65
CA ILE C 324 31.98 -4.20 11.40
C ILE C 324 33.29 -4.91 11.01
N GLU C 325 33.59 -4.77 9.74
CA GLU C 325 34.67 -5.47 9.06
C GLU C 325 36.10 -5.29 9.66
N ASN C 326 36.37 -4.14 10.28
CA ASN C 326 37.71 -3.85 10.79
C ASN C 326 37.79 -3.90 12.31
N LEU C 327 36.94 -4.73 12.90
CA LEU C 327 36.96 -5.01 14.34
C LEU C 327 36.97 -6.54 14.40
N PRO C 328 37.59 -7.14 15.42
CA PRO C 328 37.54 -8.59 15.57
C PRO C 328 36.11 -9.09 15.73
N ASP C 329 35.85 -10.28 15.17
CA ASP C 329 34.55 -10.92 15.26
C ASP C 329 33.97 -11.17 16.62
N ASP C 330 34.80 -11.39 17.64
CA ASP C 330 34.26 -11.78 18.92
C ASP C 330 34.02 -10.61 19.87
N TYR C 331 34.34 -9.38 19.44
CA TYR C 331 33.97 -8.21 20.25
C TYR C 331 32.45 -8.18 20.39
N VAL C 332 31.94 -8.14 21.61
CA VAL C 332 30.52 -7.86 21.78
C VAL C 332 30.34 -6.39 21.42
N LEU C 333 29.42 -6.11 20.50
CA LEU C 333 29.10 -4.73 20.12
C LEU C 333 27.62 -4.48 20.25
N GLU C 334 27.25 -3.21 20.31
CA GLU C 334 25.87 -2.78 20.15
C GLU C 334 25.60 -2.46 18.65
N ILE C 335 24.85 -3.31 17.98
CA ILE C 335 24.71 -3.28 16.51
C ILE C 335 23.35 -3.78 16.01
N PRO C 336 22.98 -3.39 14.79
CA PRO C 336 21.71 -3.83 14.20
C PRO C 336 21.70 -5.31 13.78
N CYS C 337 20.70 -6.06 14.21
CA CYS C 337 20.60 -7.47 13.83
C CYS C 337 19.23 -7.83 13.27
N TYR C 338 19.24 -8.87 12.47
CA TYR C 338 18.06 -9.47 11.90
C TYR C 338 17.59 -10.52 12.90
N VAL C 339 16.44 -10.29 13.51
CA VAL C 339 15.94 -11.12 14.58
C VAL C 339 14.76 -11.90 14.02
N ARG C 340 14.77 -13.21 14.23
CA ARG C 340 13.78 -14.15 13.65
C ARG C 340 13.80 -15.50 14.35
N SER C 341 12.63 -16.00 14.75
CA SER C 341 12.50 -17.33 15.35
C SER C 341 13.66 -17.74 16.27
N GLY C 342 13.93 -16.95 17.30
CA GLY C 342 14.83 -17.36 18.36
C GLY C 342 16.29 -17.12 18.06
N ARG C 343 16.59 -16.68 16.85
CA ARG C 343 17.97 -16.41 16.46
C ARG C 343 18.22 -14.92 16.17
N VAL C 344 19.48 -14.53 16.35
CA VAL C 344 19.94 -13.18 16.09
C VAL C 344 21.03 -13.25 15.02
N HIS C 345 20.82 -12.59 13.88
CA HIS C 345 21.81 -12.58 12.83
C HIS C 345 22.40 -11.21 12.63
N THR C 346 23.68 -11.15 12.76
CA THR C 346 24.41 -9.98 12.47
C THR C 346 24.35 -9.57 10.95
N LEU C 347 24.25 -8.27 10.72
CA LEU C 347 24.11 -7.69 9.40
C LEU C 347 25.37 -6.88 9.05
N SER C 348 25.82 -7.07 7.84
CA SER C 348 26.92 -6.35 7.25
C SER C 348 26.77 -4.80 7.27
N GLN C 349 27.79 -4.10 7.73
CA GLN C 349 27.73 -2.64 7.74
C GLN C 349 28.95 -1.99 7.11
N GLY C 350 29.97 -2.74 6.75
CA GLY C 350 31.22 -2.16 6.27
C GLY C 350 32.25 -1.84 7.37
N LYS C 351 33.04 -0.80 7.13
CA LYS C 351 34.13 -0.39 7.99
C LYS C 351 33.68 0.63 9.01
N GLY C 352 34.34 0.63 10.17
CA GLY C 352 34.03 1.62 11.19
C GLY C 352 35.06 2.73 11.10
N ASP C 353 34.67 3.91 11.55
CA ASP C 353 35.51 5.08 11.51
C ASP C 353 36.63 4.99 12.58
N HIS C 354 37.84 5.47 12.23
CA HIS C 354 38.99 5.44 13.15
C HIS C 354 38.74 6.12 14.47
N PHE C 355 38.02 7.25 14.45
CA PHE C 355 37.63 7.94 15.68
C PHE C 355 36.83 7.01 16.57
N ALA C 356 35.84 6.32 16.01
CA ALA C 356 34.98 5.47 16.81
C ALA C 356 35.79 4.30 17.39
N LEU C 357 36.65 3.75 16.56
CA LEU C 357 37.46 2.58 16.90
C LEU C 357 38.46 2.85 18.00
N SER C 358 39.00 4.07 18.08
CA SER C 358 39.88 4.34 19.22
C SER C 358 39.17 4.16 20.55
N PHE C 359 37.93 4.65 20.65
CA PHE C 359 37.15 4.41 21.85
C PHE C 359 36.84 2.93 22.07
N ILE C 360 36.32 2.27 21.03
CA ILE C 360 35.87 0.90 21.14
C ILE C 360 36.97 -0.05 21.58
N HIS C 361 38.13 0.02 20.93
CA HIS C 361 39.30 -0.77 21.33
C HIS C 361 39.70 -0.52 22.77
N ALA C 362 39.89 0.74 23.11
CA ALA C 362 40.36 1.04 24.47
C ALA C 362 39.46 0.44 25.55
N VAL C 363 38.12 0.56 25.42
CA VAL C 363 37.32 0.09 26.53
C VAL C 363 37.00 -1.38 26.46
N LYS C 364 37.07 -1.94 25.26
CA LYS C 364 37.04 -3.37 25.09
C LYS C 364 38.21 -4.06 25.80
N MSE C 365 39.43 -3.52 25.66
CA MSE C 365 40.61 -4.00 26.43
C MSE C 365 40.45 -3.84 27.96
O MSE C 365 40.69 -4.81 28.69
CB MSE C 365 41.90 -3.33 25.96
CG MSE C 365 42.26 -3.51 24.47
SE MSE C 365 42.41 -5.44 23.97
CE MSE C 365 40.50 -5.77 23.26
N TYR C 366 40.00 -2.67 28.41
CA TYR C 366 39.71 -2.43 29.80
C TYR C 366 38.69 -3.49 30.33
N GLU C 367 37.63 -3.71 29.57
CA GLU C 367 36.56 -4.53 30.14
C GLU C 367 36.89 -6.02 30.17
N ARG C 368 37.86 -6.37 29.38
CA ARG C 368 38.41 -7.73 29.39
C ARG C 368 39.46 -7.93 30.47
N LEU C 369 40.22 -6.87 30.76
CA LEU C 369 41.09 -6.86 31.92
C LEU C 369 40.31 -6.98 33.23
N THR C 370 39.16 -6.29 33.29
CA THR C 370 38.27 -6.37 34.43
C THR C 370 37.76 -7.76 34.64
N ILE C 371 37.28 -8.39 33.57
CA ILE C 371 36.74 -9.75 33.63
C ILE C 371 37.82 -10.73 34.14
N GLU C 372 39.01 -10.64 33.56
CA GLU C 372 40.11 -11.52 33.96
C GLU C 372 40.44 -11.35 35.45
N ALA C 373 40.49 -10.09 35.89
CA ALA C 373 40.74 -9.77 37.29
C ALA C 373 39.67 -10.39 38.18
N TYR C 374 38.40 -10.28 37.79
CA TYR C 374 37.30 -10.97 38.48
C TYR C 374 37.51 -12.49 38.55
N LEU C 375 37.74 -13.11 37.40
CA LEU C 375 37.85 -14.57 37.28
C LEU C 375 38.98 -15.16 38.08
N LYS C 376 40.05 -14.40 38.24
CA LYS C 376 41.18 -14.82 39.05
C LYS C 376 41.17 -14.23 40.44
N ARG C 377 40.15 -13.44 40.78
CA ARG C 377 40.06 -12.88 42.14
C ARG C 377 41.35 -12.17 42.55
N SER C 378 41.90 -11.39 41.64
CA SER C 378 43.22 -10.79 41.78
C SER C 378 43.26 -9.25 41.91
N LYS C 379 43.76 -8.80 43.05
CA LYS C 379 43.99 -7.37 43.33
C LYS C 379 44.95 -6.78 42.29
N LYS C 380 46.11 -7.42 42.10
CA LYS C 380 47.07 -7.03 41.07
C LYS C 380 46.43 -6.84 39.68
N LEU C 381 45.61 -7.78 39.25
CA LEU C 381 45.04 -7.63 37.93
C LEU C 381 43.92 -6.58 37.88
N ALA C 382 43.26 -6.32 39.04
CA ALA C 382 42.26 -5.26 39.14
C ALA C 382 42.91 -3.90 38.89
N LEU C 383 44.10 -3.72 39.48
CA LEU C 383 44.85 -2.49 39.33
C LEU C 383 45.16 -2.28 37.86
N LYS C 384 45.50 -3.36 37.18
CA LYS C 384 45.87 -3.29 35.80
C LYS C 384 44.65 -2.91 34.95
N ALA C 385 43.48 -3.46 35.29
CA ALA C 385 42.24 -3.10 34.62
C ALA C 385 41.93 -1.61 34.84
N LEU C 386 42.05 -1.14 36.09
CA LEU C 386 41.74 0.23 36.46
C LEU C 386 42.63 1.21 35.73
N LEU C 387 43.93 0.91 35.65
CA LEU C 387 44.86 1.83 34.94
C LEU C 387 44.62 1.90 33.46
N SER C 388 43.93 0.91 32.91
CA SER C 388 43.69 0.89 31.49
C SER C 388 42.45 1.68 31.05
N HIS C 389 41.49 1.95 31.94
CA HIS C 389 40.34 2.69 31.47
C HIS C 389 40.76 4.10 31.14
N PRO C 390 40.35 4.60 29.97
CA PRO C 390 40.56 6.03 29.61
C PRO C 390 40.17 7.02 30.68
N LEU C 391 39.26 6.72 31.61
CA LEU C 391 38.87 7.66 32.64
C LEU C 391 39.28 7.12 34.04
N GLY C 392 40.15 6.11 34.01
CA GLY C 392 40.79 5.58 35.20
C GLY C 392 41.84 6.44 35.89
N PRO C 393 42.31 5.98 37.04
CA PRO C 393 43.23 6.80 37.85
C PRO C 393 44.61 6.86 37.20
N ASP C 394 45.38 7.87 37.57
CA ASP C 394 46.81 7.86 37.37
C ASP C 394 47.40 6.86 38.39
N VAL C 395 48.62 6.42 38.12
CA VAL C 395 49.38 5.51 38.97
C VAL C 395 49.38 5.90 40.46
N GLU C 396 49.64 7.18 40.72
CA GLU C 396 49.64 7.76 42.07
C GLU C 396 48.30 7.65 42.84
N ASP C 397 47.16 7.48 42.18
CA ASP C 397 45.90 7.31 42.92
C ASP C 397 45.33 5.89 42.89
N ALA C 398 45.89 5.01 42.06
CA ALA C 398 45.23 3.74 41.77
C ALA C 398 45.05 2.79 42.98
N LYS C 399 46.05 2.68 43.86
CA LYS C 399 45.95 1.77 45.00
C LYS C 399 44.91 2.16 46.04
N ASP C 400 44.95 3.43 46.45
CA ASP C 400 43.94 3.99 47.33
C ASP C 400 42.52 3.89 46.78
N LEU C 401 42.36 4.21 45.50
CA LEU C 401 41.06 4.10 44.86
C LEU C 401 40.54 2.66 44.84
N LEU C 402 41.36 1.73 44.38
CA LEU C 402 40.97 0.32 44.44
C LEU C 402 40.60 -0.13 45.84
N GLU C 403 41.38 0.25 46.85
CA GLU C 403 41.08 -0.24 48.22
C GLU C 403 39.71 0.25 48.69
N GLU C 404 39.43 1.50 48.39
CA GLU C 404 38.15 2.12 48.70
C GLU C 404 36.98 1.42 48.01
N ILE C 405 37.14 1.12 46.71
CA ILE C 405 36.17 0.36 45.96
C ILE C 405 35.95 -1.05 46.55
N LEU C 406 37.03 -1.74 46.91
CA LEU C 406 36.93 -3.10 47.43
C LEU C 406 36.29 -3.16 48.82
N GLU C 407 36.61 -2.17 49.66
CA GLU C 407 35.99 -2.06 50.96
C GLU C 407 34.47 -1.81 50.85
N ALA C 408 34.06 -0.96 49.90
CA ALA C 408 32.65 -0.63 49.77
C ALA C 408 31.87 -1.82 49.21
N ASN C 409 32.54 -2.65 48.42
CA ASN C 409 31.93 -3.80 47.78
C ASN C 409 32.25 -5.14 48.41
N ARG C 410 32.72 -5.13 49.66
CA ARG C 410 33.14 -6.33 50.36
C ARG C 410 32.04 -7.39 50.56
N GLU C 411 30.77 -7.01 50.42
CA GLU C 411 29.70 -7.99 50.55
C GLU C 411 29.52 -8.76 49.25
N TYR C 412 30.08 -8.24 48.18
CA TYR C 412 29.73 -8.71 46.85
C TYR C 412 30.87 -9.44 46.14
N VAL C 413 32.10 -9.16 46.54
CA VAL C 413 33.25 -9.67 45.83
C VAL C 413 34.47 -9.56 46.72
N LYS C 414 35.33 -10.56 46.67
CA LYS C 414 36.61 -10.48 47.38
C LYS C 414 37.78 -10.72 46.43
N LEU C 415 38.74 -9.81 46.45
CA LEU C 415 39.93 -9.95 45.60
C LEU C 415 41.18 -10.08 46.48
N GLY C 416 42.11 -10.94 46.07
CA GLY C 416 43.28 -11.23 46.89
C GLY C 416 44.58 -11.05 46.15
N MSE D 2 79.34 1.45 -3.84
CA MSE D 2 78.31 1.59 -2.76
C MSE D 2 78.36 2.96 -2.09
O MSE D 2 79.35 3.30 -1.44
CB MSE D 2 78.51 0.49 -1.70
CG MSE D 2 77.21 0.10 -0.96
SE MSE D 2 76.72 1.41 0.44
CE MSE D 2 77.47 0.52 1.96
N ARG D 3 77.28 3.73 -2.22
CA ARG D 3 77.21 5.01 -1.54
C ARG D 3 76.01 5.19 -0.58
N ILE D 4 76.28 5.90 0.53
CA ILE D 4 75.32 6.25 1.58
C ILE D 4 75.00 7.74 1.56
N ALA D 5 73.72 8.12 1.45
CA ALA D 5 73.30 9.51 1.61
C ALA D 5 72.86 9.84 3.04
N VAL D 6 73.31 11.01 3.56
CA VAL D 6 72.91 11.51 4.88
C VAL D 6 72.13 12.83 4.77
N ILE D 7 70.79 12.75 4.93
CA ILE D 7 69.92 13.92 4.87
C ILE D 7 69.76 14.55 6.28
N GLY D 8 70.42 15.69 6.44
CA GLY D 8 70.55 16.39 7.71
C GLY D 8 71.98 16.42 8.19
N GLY D 9 72.92 16.72 7.29
CA GLY D 9 74.35 16.58 7.55
C GLY D 9 74.85 17.39 8.76
N GLY D 10 74.23 18.54 8.97
CA GLY D 10 74.56 19.40 10.08
C GLY D 10 74.15 18.91 11.45
N SER D 11 73.41 17.80 11.54
CA SER D 11 72.98 17.31 12.84
C SER D 11 74.19 17.19 13.77
N SER D 12 73.99 17.50 15.04
CA SER D 12 75.05 17.39 16.02
C SER D 12 75.34 15.94 16.36
N TYR D 13 74.48 15.03 15.86
CA TYR D 13 74.68 13.59 16.02
C TYR D 13 75.58 12.98 14.92
N THR D 14 75.74 13.70 13.82
CA THR D 14 76.50 13.21 12.66
C THR D 14 77.89 12.58 12.93
N PRO D 15 78.74 13.18 13.76
CA PRO D 15 80.00 12.52 14.10
C PRO D 15 79.81 11.10 14.60
N GLU D 16 78.80 10.86 15.43
CA GLU D 16 78.55 9.50 15.93
C GLU D 16 78.15 8.57 14.80
N LEU D 17 77.25 9.02 13.91
CA LEU D 17 76.84 8.19 12.77
C LEU D 17 78.06 7.75 11.96
N VAL D 18 78.94 8.69 11.68
CA VAL D 18 80.13 8.45 10.90
C VAL D 18 81.11 7.51 11.63
N LYS D 19 81.28 7.69 12.94
CA LYS D 19 82.08 6.71 13.69
C LYS D 19 81.55 5.28 13.40
N GLY D 20 80.24 5.08 13.62
CA GLY D 20 79.57 3.82 13.32
C GLY D 20 79.81 3.37 11.88
N LEU D 21 79.72 4.28 10.92
CA LEU D 21 80.00 3.86 9.54
C LEU D 21 81.46 3.44 9.35
N LEU D 22 82.37 4.08 10.08
CA LEU D 22 83.75 3.62 10.11
C LEU D 22 83.87 2.24 10.73
N ASP D 23 83.17 1.96 11.83
CA ASP D 23 83.30 0.64 12.43
C ASP D 23 82.88 -0.51 11.47
N ILE D 24 81.83 -0.31 10.65
CA ILE D 24 81.37 -1.37 9.74
C ILE D 24 82.17 -1.49 8.43
N SER D 25 82.94 -0.45 8.11
CA SER D 25 83.64 -0.39 6.82
C SER D 25 84.74 -1.45 6.69
N GLU D 26 84.93 -2.21 7.77
CA GLU D 26 85.81 -3.38 7.77
C GLU D 26 85.05 -4.62 7.32
N ASP D 27 83.78 -4.74 7.71
CA ASP D 27 82.97 -5.90 7.33
C ASP D 27 82.24 -5.67 5.99
N VAL D 28 82.03 -4.41 5.61
CA VAL D 28 81.33 -4.08 4.36
C VAL D 28 81.96 -2.90 3.60
N ARG D 29 81.82 -2.93 2.28
CA ARG D 29 82.40 -1.92 1.41
C ARG D 29 81.55 -0.66 1.37
N ILE D 30 82.18 0.45 1.73
CA ILE D 30 81.58 1.78 1.63
C ILE D 30 82.53 2.68 0.83
N ASP D 31 82.10 3.07 -0.36
CA ASP D 31 82.93 3.91 -1.24
C ASP D 31 82.81 5.37 -0.85
N GLU D 32 81.59 5.82 -0.53
CA GLU D 32 81.37 7.22 -0.25
C GLU D 32 80.10 7.53 0.53
N VAL D 33 80.21 8.56 1.36
CA VAL D 33 79.14 9.06 2.19
C VAL D 33 78.90 10.50 1.76
N ILE D 34 77.71 10.79 1.27
CA ILE D 34 77.38 12.12 0.79
C ILE D 34 76.34 12.80 1.69
N PHE D 35 76.59 14.07 2.00
CA PHE D 35 75.82 14.83 2.97
C PHE D 35 75.00 15.94 2.31
N TYR D 36 73.78 16.15 2.79
CA TYR D 36 72.95 17.27 2.38
C TYR D 36 72.24 17.84 3.61
N ASP D 37 72.07 19.16 3.62
CA ASP D 37 71.41 19.92 4.67
C ASP D 37 70.85 21.21 4.05
N ILE D 38 69.77 21.74 4.59
CA ILE D 38 69.27 23.05 4.16
C ILE D 38 70.13 24.18 4.73
N ASP D 39 70.87 23.89 5.80
CA ASP D 39 71.71 24.86 6.47
C ASP D 39 73.17 24.61 6.13
N GLU D 40 73.65 25.24 5.07
CA GLU D 40 74.96 24.96 4.50
C GLU D 40 76.13 25.32 5.43
N GLU D 41 75.97 26.39 6.19
CA GLU D 41 77.03 26.87 7.10
C GLU D 41 77.19 25.91 8.29
N LYS D 42 76.09 25.46 8.87
CA LYS D 42 76.12 24.43 9.92
C LYS D 42 76.83 23.13 9.43
N GLN D 43 76.36 22.59 8.31
CA GLN D 43 76.88 21.36 7.77
C GLN D 43 78.39 21.44 7.51
N LYS D 44 78.84 22.58 7.00
CA LYS D 44 80.24 22.76 6.67
C LYS D 44 81.18 22.49 7.85
N ILE D 45 80.82 22.97 9.04
CA ILE D 45 81.63 22.72 10.23
C ILE D 45 81.60 21.23 10.59
N VAL D 46 80.39 20.65 10.60
CA VAL D 46 80.25 19.22 10.96
C VAL D 46 81.03 18.33 10.00
N VAL D 47 80.88 18.56 8.70
CA VAL D 47 81.49 17.72 7.69
C VAL D 47 83.01 17.86 7.67
N ASP D 48 83.50 19.05 8.02
CA ASP D 48 84.95 19.24 8.17
C ASP D 48 85.48 18.40 9.31
N PHE D 49 84.76 18.37 10.43
CA PHE D 49 85.12 17.49 11.54
C PHE D 49 85.11 16.03 11.07
N VAL D 50 84.04 15.63 10.38
CA VAL D 50 83.92 14.30 9.77
C VAL D 50 85.18 13.95 8.94
N LYS D 51 85.57 14.83 8.03
CA LYS D 51 86.74 14.61 7.17
C LYS D 51 88.03 14.32 7.94
N ARG D 52 88.16 14.90 9.14
CA ARG D 52 89.30 14.65 10.03
C ARG D 52 89.22 13.28 10.70
N LEU D 53 87.99 12.80 10.93
CA LEU D 53 87.80 11.48 11.52
C LEU D 53 87.94 10.40 10.46
N VAL D 54 87.41 10.66 9.27
CA VAL D 54 87.34 9.66 8.21
C VAL D 54 88.74 9.34 7.68
N LYS D 55 89.54 10.38 7.47
CA LYS D 55 90.92 10.27 6.98
C LYS D 55 91.00 9.47 5.68
N ASP D 56 90.13 9.81 4.73
CA ASP D 56 90.11 9.18 3.39
C ASP D 56 89.87 7.66 3.35
N ARG D 57 89.36 7.09 4.44
CA ARG D 57 89.01 5.66 4.43
C ARG D 57 87.79 5.40 3.55
N PHE D 58 86.98 6.44 3.38
CA PHE D 58 86.08 6.57 2.24
C PHE D 58 85.97 8.03 1.83
N LYS D 59 85.39 8.27 0.66
CA LYS D 59 85.17 9.61 0.14
C LYS D 59 83.99 10.28 0.85
N VAL D 60 84.20 11.53 1.25
CA VAL D 60 83.22 12.34 1.96
C VAL D 60 82.79 13.49 1.05
N LEU D 61 81.48 13.60 0.80
CA LEU D 61 80.99 14.57 -0.18
C LEU D 61 79.81 15.38 0.32
N ILE D 62 79.66 16.58 -0.23
CA ILE D 62 78.54 17.46 0.06
C ILE D 62 77.78 17.65 -1.23
N SER D 63 76.46 17.56 -1.19
CA SER D 63 75.67 17.90 -2.36
C SER D 63 74.81 19.09 -2.01
N ASP D 64 74.49 19.87 -3.05
CA ASP D 64 73.78 21.11 -2.91
C ASP D 64 72.28 20.91 -2.97
N THR D 65 71.85 19.73 -3.44
CA THR D 65 70.44 19.42 -3.55
C THR D 65 70.16 18.06 -2.94
N PHE D 66 68.92 17.83 -2.51
CA PHE D 66 68.52 16.52 -2.09
C PHE D 66 68.72 15.53 -3.24
N GLU D 67 68.30 15.89 -4.46
CA GLU D 67 68.41 14.96 -5.58
C GLU D 67 69.84 14.49 -5.83
N GLY D 68 70.78 15.43 -5.76
CA GLY D 68 72.19 15.12 -5.91
C GLY D 68 72.74 14.12 -4.91
N ALA D 69 72.13 14.08 -3.71
CA ALA D 69 72.56 13.18 -2.67
C ALA D 69 72.02 11.78 -2.86
N VAL D 70 70.75 11.67 -3.25
CA VAL D 70 70.11 10.35 -3.30
C VAL D 70 70.27 9.58 -4.63
N VAL D 71 70.49 10.31 -5.73
CA VAL D 71 70.85 9.72 -7.00
C VAL D 71 71.99 8.71 -6.76
N ASP D 72 71.85 7.49 -7.26
CA ASP D 72 72.89 6.45 -7.10
C ASP D 72 73.31 6.07 -5.64
N ALA D 73 72.53 6.49 -4.64
CA ALA D 73 72.74 5.99 -3.28
C ALA D 73 72.02 4.66 -3.08
N LYS D 74 72.62 3.76 -2.33
CA LYS D 74 71.99 2.50 -1.99
C LYS D 74 71.23 2.59 -0.65
N TYR D 75 71.69 3.50 0.22
CA TYR D 75 71.06 3.78 1.51
C TYR D 75 70.92 5.29 1.69
N VAL D 76 69.79 5.71 2.23
CA VAL D 76 69.55 7.12 2.51
C VAL D 76 69.05 7.23 3.93
N ILE D 77 69.80 7.96 4.76
CA ILE D 77 69.49 8.17 6.16
C ILE D 77 68.80 9.52 6.40
N PHE D 78 67.55 9.49 6.88
CA PHE D 78 66.85 10.72 7.28
C PHE D 78 67.19 11.05 8.73
N GLN D 79 67.88 12.17 8.94
CA GLN D 79 68.16 12.69 10.28
C GLN D 79 67.99 14.21 10.35
N PHE D 80 67.07 14.76 9.57
CA PHE D 80 66.75 16.19 9.59
C PHE D 80 65.61 16.47 10.61
N ARG D 81 65.56 17.70 11.10
CA ARG D 81 64.53 18.15 12.04
C ARG D 81 63.68 19.29 11.43
N PRO D 82 62.54 18.95 10.84
CA PRO D 82 61.63 19.95 10.27
C PRO D 82 61.26 21.05 11.25
N GLY D 83 61.56 22.29 10.89
CA GLY D 83 61.31 23.46 11.72
C GLY D 83 62.33 23.73 12.82
N GLY D 84 63.36 22.89 12.94
CA GLY D 84 64.40 23.07 13.94
C GLY D 84 64.00 22.98 15.41
N LEU D 85 64.92 23.43 16.26
CA LEU D 85 64.68 23.45 17.70
C LEU D 85 63.60 24.45 18.12
N LYS D 86 63.39 25.48 17.31
CA LYS D 86 62.26 26.43 17.45
C LYS D 86 60.89 25.76 17.22
N GLY D 87 60.79 24.89 16.22
CA GLY D 87 59.66 23.98 16.10
C GLY D 87 59.41 23.17 17.37
N ARG D 88 60.46 22.58 17.91
CA ARG D 88 60.31 21.74 19.09
C ARG D 88 59.86 22.56 20.32
N GLU D 89 60.41 23.76 20.43
CA GLU D 89 59.99 24.72 21.44
C GLU D 89 58.50 25.01 21.38
N ASN D 90 57.96 25.23 20.19
CA ASN D 90 56.53 25.43 20.06
C ASN D 90 55.73 24.16 20.39
N ASP D 91 56.22 22.99 19.93
CA ASP D 91 55.60 21.71 20.23
C ASP D 91 55.49 21.44 21.73
N GLU D 92 56.48 21.89 22.50
CA GLU D 92 56.57 21.61 23.92
C GLU D 92 55.78 22.67 24.70
N GLY D 93 55.81 23.91 24.21
CA GLY D 93 55.28 25.06 24.94
C GLY D 93 53.79 25.35 24.82
N ILE D 94 53.26 25.20 23.62
CA ILE D 94 51.84 25.50 23.37
C ILE D 94 50.82 24.58 24.09
N PRO D 95 50.99 23.25 24.09
CA PRO D 95 50.06 22.38 24.86
C PRO D 95 49.93 22.75 26.35
N LEU D 96 51.01 23.22 26.95
CA LEU D 96 51.06 23.61 28.35
C LEU D 96 49.94 24.58 28.73
N LYS D 97 49.65 25.50 27.80
CA LYS D 97 48.70 26.59 28.05
C LYS D 97 47.28 26.06 28.12
N TYR D 98 47.11 24.79 27.77
CA TYR D 98 45.82 24.13 27.82
C TYR D 98 45.78 23.01 28.83
N GLY D 99 46.77 22.91 29.71
CA GLY D 99 46.79 21.85 30.71
C GLY D 99 47.21 20.51 30.12
N LEU D 100 47.83 20.54 28.95
CA LEU D 100 48.21 19.32 28.22
C LEU D 100 49.70 19.05 28.27
N ILE D 101 50.08 17.77 28.31
CA ILE D 101 51.48 17.36 28.12
C ILE D 101 52.07 17.99 26.86
N GLY D 102 53.16 18.72 27.03
CA GLY D 102 53.95 19.23 25.90
C GLY D 102 55.27 18.48 25.79
N GLN D 103 55.44 17.73 24.71
CA GLN D 103 56.60 16.86 24.56
C GLN D 103 56.91 16.61 23.08
N GLU D 104 58.19 16.44 22.79
CA GLU D 104 58.70 16.29 21.43
C GLU D 104 57.96 15.27 20.55
N THR D 105 57.64 14.09 21.10
CA THR D 105 57.08 13.03 20.25
C THR D 105 55.74 12.44 20.74
N THR D 106 55.30 12.84 21.94
CA THR D 106 54.14 12.24 22.57
C THR D 106 53.02 13.26 22.71
N GLY D 107 51.85 12.94 22.18
CA GLY D 107 50.70 13.81 22.33
C GLY D 107 50.69 14.97 21.36
N VAL D 108 50.16 16.10 21.80
CA VAL D 108 49.93 17.21 20.90
C VAL D 108 51.23 17.69 20.26
N GLY D 109 52.34 17.64 21.00
CA GLY D 109 53.62 18.06 20.47
C GLY D 109 54.05 17.20 19.28
N GLY D 110 53.73 15.92 19.35
CA GLY D 110 54.02 15.01 18.26
C GLY D 110 53.12 15.24 17.07
N PHE D 111 51.87 15.66 17.32
CA PHE D 111 50.92 15.98 16.27
C PHE D 111 51.52 17.09 15.39
N SER D 112 51.96 18.18 16.03
CA SER D 112 52.44 19.28 15.23
C SER D 112 53.75 18.92 14.53
N ALA D 113 54.63 18.17 15.20
CA ALA D 113 55.86 17.67 14.59
C ALA D 113 55.55 16.82 13.35
N ALA D 114 54.62 15.87 13.46
CA ALA D 114 54.20 15.13 12.27
C ALA D 114 53.76 16.05 11.12
N LEU D 115 52.88 17.01 11.41
CA LEU D 115 52.32 17.85 10.35
C LEU D 115 53.40 18.59 9.64
N ARG D 116 54.46 18.93 10.37
CA ARG D 116 55.62 19.62 9.82
C ARG D 116 56.47 18.68 8.95
N ALA D 117 56.57 17.41 9.32
CA ALA D 117 57.41 16.47 8.58
C ALA D 117 56.77 15.93 7.30
N PHE D 118 55.46 15.71 7.28
CA PHE D 118 54.78 15.06 6.13
C PHE D 118 55.09 15.69 4.75
N PRO D 119 54.98 17.01 4.58
CA PRO D 119 55.29 17.62 3.29
C PRO D 119 56.72 17.34 2.81
N ILE D 120 57.68 17.39 3.73
CA ILE D 120 59.07 17.19 3.38
C ILE D 120 59.33 15.73 3.07
N VAL D 121 58.87 14.81 3.92
CA VAL D 121 59.16 13.42 3.60
C VAL D 121 58.47 12.98 2.32
N GLU D 122 57.24 13.46 2.09
CA GLU D 122 56.48 13.17 0.86
C GLU D 122 57.30 13.54 -0.37
N GLU D 123 57.84 14.75 -0.37
CA GLU D 123 58.75 15.21 -1.44
C GLU D 123 60.03 14.37 -1.56
N TYR D 124 60.63 14.00 -0.43
CA TYR D 124 61.87 13.26 -0.41
C TYR D 124 61.67 11.82 -0.88
N VAL D 125 60.63 11.16 -0.37
CA VAL D 125 60.36 9.78 -0.77
C VAL D 125 60.13 9.74 -2.27
N ASP D 126 59.40 10.72 -2.77
CA ASP D 126 59.10 10.80 -4.18
C ASP D 126 60.34 10.89 -5.06
N THR D 127 61.28 11.75 -4.68
CA THR D 127 62.56 11.88 -5.43
C THR D 127 63.36 10.58 -5.36
N VAL D 128 63.44 9.96 -4.20
CA VAL D 128 64.21 8.73 -4.07
C VAL D 128 63.58 7.66 -4.98
N ARG D 129 62.25 7.53 -4.93
CA ARG D 129 61.51 6.54 -5.71
C ARG D 129 61.69 6.73 -7.21
N LYS D 130 61.75 7.97 -7.67
CA LYS D 130 61.95 8.15 -9.09
C LYS D 130 63.41 8.24 -9.52
N THR D 131 64.33 8.03 -8.58
CA THR D 131 65.75 7.96 -8.92
C THR D 131 66.39 6.62 -8.57
N SER D 132 66.88 6.48 -7.34
CA SER D 132 67.71 5.33 -6.99
C SER D 132 66.99 4.14 -6.36
N ASN D 133 65.80 4.37 -5.81
CA ASN D 133 65.09 3.33 -5.08
C ASN D 133 65.89 2.70 -3.94
N ALA D 134 66.61 3.58 -3.23
CA ALA D 134 67.40 3.22 -2.03
C ALA D 134 66.51 2.80 -0.85
N THR D 135 67.08 2.03 0.06
CA THR D 135 66.49 1.85 1.37
C THR D 135 66.66 3.13 2.18
N ILE D 136 65.57 3.69 2.67
CA ILE D 136 65.64 4.80 3.58
C ILE D 136 65.58 4.32 5.02
N VAL D 137 66.56 4.73 5.81
CA VAL D 137 66.61 4.50 7.27
C VAL D 137 66.24 5.81 7.98
N ASN D 138 65.16 5.79 8.75
CA ASN D 138 64.62 7.02 9.32
C ASN D 138 64.84 7.21 10.83
N PHE D 139 65.38 8.37 11.19
CA PHE D 139 65.41 8.86 12.57
C PHE D 139 64.55 10.06 12.82
N THR D 140 64.30 10.84 11.77
CA THR D 140 63.44 12.03 11.86
C THR D 140 62.17 11.72 12.64
N ASN D 141 61.93 12.49 13.69
CA ASN D 141 60.77 12.28 14.55
C ASN D 141 59.50 13.00 14.07
N PRO D 142 58.30 12.48 14.35
CA PRO D 142 58.12 11.20 15.07
C PRO D 142 58.24 10.03 14.10
N SER D 143 59.29 9.25 14.34
CA SER D 143 59.74 8.17 13.49
C SER D 143 58.73 7.08 13.23
N GLY D 144 58.04 6.58 14.28
CA GLY D 144 57.06 5.53 14.06
C GLY D 144 55.92 6.04 13.20
N HIS D 145 55.48 7.25 13.51
CA HIS D 145 54.34 7.88 12.85
C HIS D 145 54.69 8.14 11.38
N ILE D 146 55.90 8.63 11.15
CA ILE D 146 56.35 8.86 9.77
C ILE D 146 56.40 7.55 8.94
N THR D 147 56.80 6.46 9.60
CA THR D 147 56.86 5.17 8.98
C THR D 147 55.46 4.66 8.65
N GLU D 148 54.48 4.93 9.53
CA GLU D 148 53.10 4.52 9.23
C GLU D 148 52.69 5.21 7.92
N PHE D 149 53.03 6.50 7.84
CA PHE D 149 52.70 7.36 6.72
C PHE D 149 53.29 6.85 5.41
N VAL D 150 54.61 6.60 5.43
CA VAL D 150 55.30 6.12 4.24
C VAL D 150 54.87 4.71 3.82
N ARG D 151 54.75 3.77 4.77
CA ARG D 151 54.45 2.38 4.37
C ARG D 151 53.02 2.21 3.86
N ASN D 152 52.08 2.93 4.44
CA ASN D 152 50.66 2.66 4.22
C ASN D 152 49.92 3.69 3.38
N TYR D 153 50.52 4.84 3.16
CA TYR D 153 49.86 5.91 2.42
C TYR D 153 50.66 6.26 1.19
N LEU D 154 51.97 6.45 1.33
CA LEU D 154 52.81 6.68 0.16
C LEU D 154 53.19 5.34 -0.46
N GLU D 155 53.05 4.30 0.34
CA GLU D 155 53.26 2.93 -0.10
C GLU D 155 54.63 2.78 -0.75
N TYR D 156 55.68 3.13 -0.02
CA TYR D 156 57.08 2.90 -0.44
C TYR D 156 57.68 1.90 0.54
N GLU D 157 57.98 0.71 0.04
CA GLU D 157 58.22 -0.46 0.89
C GLU D 157 59.52 -0.33 1.70
N LYS D 158 60.53 0.20 1.06
CA LYS D 158 61.87 0.19 1.63
C LYS D 158 62.14 1.42 2.46
N PHE D 159 61.36 1.56 3.54
CA PHE D 159 61.49 2.66 4.44
C PHE D 159 61.42 2.07 5.83
N ILE D 160 62.52 2.17 6.57
CA ILE D 160 62.63 1.51 7.87
C ILE D 160 62.82 2.54 8.96
N GLY D 161 61.90 2.57 9.91
CA GLY D 161 61.97 3.52 11.00
C GLY D 161 62.81 3.02 12.15
N LEU D 162 63.71 3.89 12.61
CA LEU D 162 64.51 3.54 13.76
C LEU D 162 64.22 4.45 14.93
N CYS D 163 64.70 4.02 16.08
CA CYS D 163 64.49 4.72 17.33
C CYS D 163 65.58 4.23 18.25
N ASN D 164 65.70 4.95 19.34
CA ASN D 164 66.82 4.88 20.26
C ASN D 164 66.63 3.88 21.42
N VAL D 165 65.37 3.60 21.80
CA VAL D 165 65.12 2.90 23.07
C VAL D 165 65.47 1.42 23.04
N PRO D 166 65.19 0.71 21.94
CA PRO D 166 65.45 -0.74 21.87
C PRO D 166 66.93 -1.04 22.13
N ILE D 167 67.80 -0.30 21.45
CA ILE D 167 69.23 -0.52 21.58
C ILE D 167 69.76 -0.17 22.98
N ASN D 168 69.30 0.98 23.50
CA ASN D 168 69.61 1.38 24.87
C ASN D 168 69.14 0.32 25.86
N PHE D 169 67.92 -0.19 25.70
CA PHE D 169 67.48 -1.27 26.59
C PHE D 169 68.39 -2.50 26.54
N ILE D 170 68.56 -3.06 25.34
CA ILE D 170 69.45 -4.21 25.12
C ILE D 170 70.84 -3.96 25.71
N ARG D 171 71.38 -2.76 25.48
CA ARG D 171 72.68 -2.42 26.08
C ARG D 171 72.69 -2.50 27.62
N GLU D 172 71.65 -1.98 28.27
CA GLU D 172 71.52 -2.10 29.74
C GLU D 172 71.53 -3.55 30.16
N ILE D 173 70.70 -4.35 29.48
CA ILE D 173 70.54 -5.77 29.78
C ILE D 173 71.83 -6.55 29.60
N ALA D 174 72.51 -6.34 28.47
CA ALA D 174 73.79 -7.00 28.26
C ALA D 174 74.80 -6.69 29.37
N GLU D 175 74.84 -5.42 29.83
CA GLU D 175 75.77 -5.04 30.91
C GLU D 175 75.37 -5.65 32.24
N MSE D 176 74.07 -5.64 32.53
CA MSE D 176 73.50 -6.30 33.71
C MSE D 176 73.93 -7.76 33.83
O MSE D 176 74.17 -8.24 34.93
CB MSE D 176 71.98 -6.21 33.63
CG MSE D 176 71.18 -6.62 34.87
SE MSE D 176 69.29 -6.05 34.54
CE MSE D 176 68.41 -7.69 35.10
N PHE D 177 74.04 -8.47 32.70
CA PHE D 177 74.37 -9.91 32.70
C PHE D 177 75.74 -10.27 32.16
N SER D 178 76.46 -9.25 31.71
CA SER D 178 77.82 -9.38 31.16
C SER D 178 77.85 -10.31 29.96
N ALA D 179 77.16 -9.85 28.93
CA ALA D 179 76.93 -10.59 27.70
C ALA D 179 77.05 -9.62 26.52
N ARG D 180 77.07 -10.15 25.30
CA ARG D 180 77.07 -9.29 24.12
C ARG D 180 75.67 -8.78 23.76
N LEU D 181 75.61 -7.72 22.96
CA LEU D 181 74.36 -7.14 22.51
C LEU D 181 73.45 -8.18 21.85
N GLU D 182 74.06 -9.10 21.11
CA GLU D 182 73.28 -10.04 20.32
C GLU D 182 72.91 -11.31 21.09
N ASP D 183 73.47 -11.45 22.29
CA ASP D 183 73.05 -12.48 23.23
C ASP D 183 71.66 -12.23 23.85
N VAL D 184 71.15 -11.01 23.68
CA VAL D 184 69.89 -10.56 24.25
C VAL D 184 68.78 -10.71 23.23
N PHE D 185 67.73 -11.44 23.60
CA PHE D 185 66.55 -11.59 22.76
C PHE D 185 65.28 -11.20 23.54
N LEU D 186 64.44 -10.39 22.89
CA LEU D 186 63.28 -9.78 23.54
C LEU D 186 61.94 -10.16 22.92
N LYS D 187 60.89 -10.36 23.73
CA LYS D 187 59.54 -10.26 23.19
C LYS D 187 59.18 -8.79 23.38
N TYR D 188 59.14 -8.07 22.26
CA TYR D 188 59.09 -6.63 22.24
C TYR D 188 58.07 -6.16 21.23
N TYR D 189 57.18 -5.25 21.63
CA TYR D 189 56.18 -4.77 20.66
C TYR D 189 55.52 -3.47 21.10
N GLY D 190 55.02 -2.72 20.14
CA GLY D 190 54.24 -1.54 20.45
C GLY D 190 54.50 -0.53 19.37
N LEU D 191 54.27 0.72 19.68
CA LEU D 191 54.56 1.73 18.70
C LEU D 191 55.85 2.38 19.15
N ASN D 192 56.39 3.22 18.28
CA ASN D 192 57.57 3.99 18.62
C ASN D 192 57.31 4.95 19.77
N HIS D 193 58.15 4.85 20.81
CA HIS D 193 57.96 5.52 22.11
C HIS D 193 56.73 5.08 22.88
N LEU D 194 56.21 3.90 22.55
CA LEU D 194 54.98 3.37 23.10
C LEU D 194 55.13 1.84 23.08
N SER D 195 56.21 1.35 23.71
CA SER D 195 56.58 -0.05 23.56
C SER D 195 56.58 -0.83 24.88
N PHE D 196 56.55 -2.15 24.75
CA PHE D 196 56.37 -3.02 25.90
C PHE D 196 57.29 -4.20 25.76
N ILE D 197 57.87 -4.63 26.87
CA ILE D 197 58.62 -5.87 26.87
C ILE D 197 57.97 -6.87 27.78
N GLU D 198 57.73 -8.05 27.24
CA GLU D 198 57.07 -9.14 27.93
C GLU D 198 58.06 -10.22 28.36
N LYS D 199 59.10 -10.44 27.57
CA LYS D 199 60.07 -11.49 27.89
C LYS D 199 61.48 -11.03 27.53
N VAL D 200 62.44 -11.36 28.39
CA VAL D 200 63.85 -11.05 28.15
C VAL D 200 64.61 -12.37 28.23
N PHE D 201 65.39 -12.66 27.20
CA PHE D 201 66.25 -13.83 27.20
C PHE D 201 67.68 -13.38 27.06
N VAL D 202 68.56 -13.95 27.87
CA VAL D 202 69.99 -13.72 27.70
C VAL D 202 70.72 -15.06 27.51
N LYS D 203 71.41 -15.19 26.36
CA LYS D 203 72.02 -16.47 25.95
C LYS D 203 71.06 -17.66 26.02
N GLY D 204 69.78 -17.44 25.70
CA GLY D 204 68.75 -18.45 25.75
C GLY D 204 67.99 -18.64 27.06
N GLU D 205 68.56 -18.15 28.14
CA GLU D 205 67.92 -18.20 29.45
C GLU D 205 66.85 -17.11 29.60
N ASP D 206 65.67 -17.52 30.08
CA ASP D 206 64.60 -16.59 30.44
C ASP D 206 65.02 -15.90 31.73
N VAL D 207 65.36 -14.61 31.63
CA VAL D 207 65.81 -13.84 32.79
C VAL D 207 64.83 -12.69 33.11
N THR D 208 63.61 -12.80 32.59
CA THR D 208 62.56 -11.81 32.80
C THR D 208 62.35 -11.53 34.27
N GLU D 209 62.18 -12.59 35.05
CA GLU D 209 62.02 -12.49 36.51
C GLU D 209 63.12 -11.64 37.13
N LYS D 210 64.36 -11.98 36.82
CA LYS D 210 65.54 -11.23 37.28
C LYS D 210 65.62 -9.78 36.81
N VAL D 211 65.10 -9.47 35.62
CA VAL D 211 65.02 -8.07 35.17
C VAL D 211 63.99 -7.28 35.99
N PHE D 212 62.88 -7.92 36.34
CA PHE D 212 61.89 -7.30 37.21
C PHE D 212 62.51 -6.99 38.59
N GLU D 213 63.11 -7.99 39.24
CA GLU D 213 63.74 -7.81 40.54
C GLU D 213 64.76 -6.68 40.53
N ASN D 214 65.53 -6.54 39.45
CA ASN D 214 66.58 -5.52 39.41
C ASN D 214 66.02 -4.12 39.20
N LEU D 215 64.93 -4.02 38.44
CA LEU D 215 64.21 -2.77 38.29
C LEU D 215 63.68 -2.22 39.62
N LYS D 216 63.39 -3.11 40.57
CA LYS D 216 62.89 -2.72 41.88
C LYS D 216 64.00 -2.05 42.65
N LEU D 217 65.22 -2.57 42.47
CA LEU D 217 66.43 -2.04 43.13
C LEU D 217 66.93 -0.80 42.38
N PRO D 223 63.04 9.58 41.65
CA PRO D 223 62.45 8.34 42.19
C PRO D 223 60.90 8.38 42.05
N ASP D 224 60.25 9.32 42.75
CA ASP D 224 58.79 9.53 42.68
C ASP D 224 58.31 9.88 41.25
N GLU D 225 59.25 9.98 40.31
CA GLU D 225 58.89 10.18 38.92
C GLU D 225 59.10 8.95 38.06
N ASP D 226 59.16 7.76 38.67
CA ASP D 226 59.08 6.52 37.89
C ASP D 226 58.03 5.57 38.46
N PHE D 227 57.75 4.51 37.72
CA PHE D 227 56.74 3.58 38.13
C PHE D 227 57.21 2.91 39.39
N PRO D 228 56.32 2.78 40.36
CA PRO D 228 56.63 2.09 41.61
C PRO D 228 56.64 0.58 41.41
N THR D 229 57.08 -0.15 42.42
CA THR D 229 57.26 -1.59 42.30
C THR D 229 55.96 -2.31 42.01
N TRP D 230 54.88 -1.96 42.72
CA TRP D 230 53.59 -2.65 42.56
C TRP D 230 53.13 -2.67 41.08
N PHE D 231 53.44 -1.58 40.38
CA PHE D 231 53.07 -1.37 38.98
C PHE D 231 53.62 -2.49 38.08
N TYR D 232 54.86 -2.88 38.32
CA TYR D 232 55.46 -4.00 37.58
C TYR D 232 54.89 -5.35 38.00
N ASP D 233 54.54 -5.47 39.28
CA ASP D 233 53.86 -6.65 39.78
C ASP D 233 52.47 -6.79 39.14
N SER D 234 51.77 -5.66 38.95
CA SER D 234 50.41 -5.64 38.44
C SER D 234 50.36 -5.94 36.97
N VAL D 235 51.09 -5.11 36.24
CA VAL D 235 51.03 -4.99 34.81
C VAL D 235 51.86 -6.07 34.17
N ARG D 236 52.97 -6.41 34.81
CA ARG D 236 53.85 -7.50 34.34
C ARG D 236 54.34 -7.27 32.90
N LEU D 237 54.65 -6.02 32.62
CA LEU D 237 55.28 -5.65 31.36
C LEU D 237 56.40 -4.68 31.72
N ILE D 238 57.50 -4.75 30.99
CA ILE D 238 58.50 -3.71 31.11
C ILE D 238 58.11 -2.68 30.09
N VAL D 239 57.99 -1.47 30.55
CA VAL D 239 57.27 -0.47 29.83
C VAL D 239 58.27 0.63 29.43
N ASN D 240 58.06 1.18 28.26
CA ASN D 240 58.83 2.30 27.79
C ASN D 240 58.60 3.52 28.72
N PRO D 241 59.65 4.27 29.04
CA PRO D 241 59.55 5.40 29.99
C PRO D 241 58.59 6.49 29.56
N TYR D 242 58.37 6.60 28.26
CA TYR D 242 57.36 7.51 27.71
C TYR D 242 55.90 7.24 28.13
N LEU D 243 55.59 6.01 28.58
CA LEU D 243 54.23 5.73 29.09
C LEU D 243 53.88 6.56 30.31
N ARG D 244 54.89 7.12 30.97
CA ARG D 244 54.64 7.94 32.16
C ARG D 244 53.77 9.12 31.80
N TYR D 245 53.94 9.67 30.58
CA TYR D 245 53.12 10.81 30.12
C TYR D 245 51.65 10.45 30.05
N TYR D 246 51.38 9.15 29.87
CA TYR D 246 50.03 8.57 29.88
C TYR D 246 49.63 8.16 31.27
N LEU D 247 50.46 7.37 31.94
CA LEU D 247 50.02 6.71 33.16
C LEU D 247 50.19 7.60 34.39
N MSE D 248 51.03 8.61 34.25
CA MSE D 248 51.35 9.57 35.30
C MSE D 248 51.28 11.01 34.75
O MSE D 248 52.12 11.84 35.07
CB MSE D 248 52.78 9.34 35.86
CG MSE D 248 53.23 7.89 35.94
SE MSE D 248 54.86 7.43 37.00
CE MSE D 248 55.24 9.04 37.98
N GLU D 249 50.27 11.27 33.91
CA GLU D 249 50.01 12.61 33.34
C GLU D 249 50.11 13.75 34.34
N LYS D 250 49.38 13.72 35.46
CA LYS D 250 49.41 14.84 36.41
C LYS D 250 50.83 15.10 36.88
N LYS D 251 51.56 14.05 37.19
CA LYS D 251 52.89 14.17 37.73
C LYS D 251 53.85 14.69 36.66
N MSE D 252 53.84 14.11 35.47
CA MSE D 252 54.63 14.67 34.38
C MSE D 252 54.30 16.12 33.97
O MSE D 252 55.21 16.90 33.64
CB MSE D 252 54.64 13.75 33.15
CG MSE D 252 55.06 12.30 33.47
SE MSE D 252 56.91 12.14 34.17
CE MSE D 252 56.73 12.16 36.09
N PHE D 253 53.02 16.51 34.04
CA PHE D 253 52.61 17.84 33.64
C PHE D 253 53.20 18.85 34.62
N LYS D 254 53.19 18.50 35.89
CA LYS D 254 53.69 19.40 36.91
C LYS D 254 55.20 19.58 36.72
N LYS D 255 55.88 18.50 36.35
CA LYS D 255 57.31 18.58 36.09
C LYS D 255 57.64 19.44 34.86
N ILE D 256 56.96 19.21 33.74
CA ILE D 256 57.30 19.95 32.54
C ILE D 256 56.93 21.44 32.62
N SER D 257 55.94 21.74 33.44
CA SER D 257 55.38 23.06 33.44
C SER D 257 56.06 23.96 34.45
N THR D 258 57.06 23.47 35.17
CA THR D 258 57.68 24.30 36.22
C THR D 258 59.18 24.47 35.99
N HIS D 259 59.59 24.18 34.77
CA HIS D 259 61.00 24.13 34.37
C HIS D 259 61.12 24.73 32.98
N GLU D 260 62.33 25.14 32.65
CA GLU D 260 62.67 25.39 31.25
C GLU D 260 62.31 24.21 30.37
N LEU D 261 61.93 24.55 29.15
CA LEU D 261 61.57 23.55 28.17
C LEU D 261 62.82 22.76 27.75
N ARG D 262 62.62 21.46 27.60
CA ARG D 262 63.67 20.51 27.20
C ARG D 262 64.44 20.96 25.97
N ALA D 263 63.71 21.38 24.94
CA ALA D 263 64.28 21.98 23.75
C ALA D 263 65.33 23.06 24.02
N ARG D 264 65.12 23.88 25.05
CA ARG D 264 66.10 24.89 25.42
C ARG D 264 67.40 24.27 25.91
N GLU D 265 67.30 23.23 26.73
CA GLU D 265 68.48 22.50 27.20
C GLU D 265 69.25 21.93 26.01
N VAL D 266 68.51 21.26 25.12
CA VAL D 266 69.11 20.65 23.94
C VAL D 266 69.84 21.68 23.08
N MSE D 267 69.20 22.82 22.84
CA MSE D 267 69.82 23.91 22.13
C MSE D 267 71.15 24.31 22.77
O MSE D 267 72.11 24.48 22.05
CB MSE D 267 68.85 25.09 22.06
CG MSE D 267 69.01 25.99 20.85
SE MSE D 267 67.42 27.16 20.75
CE MSE D 267 68.38 28.85 20.61
N LYS D 268 71.23 24.43 24.09
CA LYS D 268 72.49 24.82 24.73
C LYS D 268 73.55 23.73 24.56
N ILE D 269 73.11 22.47 24.69
CA ILE D 269 74.00 21.34 24.52
C ILE D 269 74.57 21.31 23.08
N GLU D 270 73.69 21.41 22.08
CA GLU D 270 74.12 21.40 20.69
C GLU D 270 75.00 22.57 20.29
N LYS D 271 74.76 23.74 20.86
CA LYS D 271 75.57 24.90 20.56
C LYS D 271 76.98 24.71 21.14
N GLU D 272 77.08 24.06 22.29
CA GLU D 272 78.37 23.78 22.92
C GLU D 272 79.18 22.79 22.06
N LEU D 273 78.52 21.70 21.62
CA LEU D 273 79.14 20.67 20.80
C LEU D 273 79.61 21.23 19.46
N PHE D 274 78.74 22.00 18.82
CA PHE D 274 79.02 22.61 17.54
C PHE D 274 80.29 23.45 17.61
N GLU D 275 80.51 24.14 18.71
CA GLU D 275 81.69 24.97 18.87
C GLU D 275 82.94 24.11 19.12
N LYS D 276 82.73 22.94 19.71
CA LYS D 276 83.80 22.00 19.96
C LYS D 276 84.30 21.37 18.66
N TYR D 277 83.35 21.11 17.75
CA TYR D 277 83.59 20.51 16.44
C TYR D 277 84.52 21.33 15.55
N ARG D 278 84.66 22.62 15.84
CA ARG D 278 85.51 23.49 15.04
C ARG D 278 86.96 23.02 15.05
N THR D 279 87.35 22.36 16.15
CA THR D 279 88.77 22.05 16.40
C THR D 279 89.05 20.61 16.88
N ALA D 280 88.00 19.86 17.19
CA ALA D 280 88.17 18.52 17.78
C ALA D 280 88.84 17.53 16.82
N VAL D 281 89.73 16.71 17.37
CA VAL D 281 90.31 15.63 16.58
C VAL D 281 89.70 14.27 16.90
N GLU D 282 89.03 14.18 18.06
CA GLU D 282 88.18 13.03 18.37
C GLU D 282 86.84 13.46 18.94
N ILE D 283 85.87 12.56 18.81
CA ILE D 283 84.54 12.74 19.37
C ILE D 283 84.67 13.11 20.84
N PRO D 284 83.97 14.17 21.28
CA PRO D 284 84.05 14.63 22.67
C PRO D 284 83.16 13.80 23.60
N GLU D 285 83.08 14.16 24.88
CA GLU D 285 82.17 13.52 25.85
C GLU D 285 80.83 14.22 25.87
N GLY D 292 69.77 10.74 22.93
CA GLY D 292 69.74 9.67 21.94
C GLY D 292 71.10 9.22 21.39
N SER D 293 72.14 9.44 22.18
CA SER D 293 73.53 9.33 21.72
C SER D 293 73.98 8.11 20.90
N MSE D 294 73.35 6.95 21.09
CA MSE D 294 73.87 5.77 20.39
C MSE D 294 72.88 5.11 19.47
O MSE D 294 72.98 3.90 19.19
CB MSE D 294 74.50 4.75 21.37
CG MSE D 294 75.57 5.36 22.28
SE MSE D 294 77.36 5.38 21.44
CE MSE D 294 78.50 5.89 23.09
N TYR D 295 71.94 5.89 18.97
CA TYR D 295 71.12 5.33 17.90
C TYR D 295 71.98 5.24 16.61
N SER D 296 72.97 6.10 16.55
CA SER D 296 74.01 6.10 15.53
C SER D 296 74.97 4.93 15.74
N THR D 297 74.39 3.78 16.04
CA THR D 297 75.07 2.49 16.11
C THR D 297 74.04 1.45 15.69
N ALA D 298 72.77 1.80 15.87
CA ALA D 298 71.69 1.01 15.33
C ALA D 298 71.58 1.23 13.80
N ALA D 299 71.90 2.43 13.36
CA ALA D 299 71.88 2.72 11.93
C ALA D 299 72.95 1.96 11.18
N ALA D 300 74.20 2.11 11.64
CA ALA D 300 75.34 1.44 11.01
C ALA D 300 75.20 -0.08 11.05
N HIS D 301 74.78 -0.65 12.17
CA HIS D 301 74.56 -2.10 12.27
C HIS D 301 73.42 -2.60 11.39
N LEU D 302 72.34 -1.81 11.24
CA LEU D 302 71.25 -2.19 10.35
C LEU D 302 71.74 -2.28 8.89
N ILE D 303 72.49 -1.25 8.46
CA ILE D 303 72.98 -1.14 7.09
C ILE D 303 73.96 -2.28 6.80
N ARG D 304 74.83 -2.53 7.76
CA ARG D 304 75.72 -3.67 7.72
C ARG D 304 74.95 -5.00 7.49
N ASP D 305 73.92 -5.26 8.28
CA ASP D 305 73.25 -6.54 8.23
C ASP D 305 72.27 -6.60 7.05
N LEU D 306 71.94 -5.44 6.49
CA LEU D 306 71.16 -5.40 5.26
C LEU D 306 72.09 -5.78 4.12
N GLU D 307 73.39 -5.49 4.30
CA GLU D 307 74.39 -5.75 3.28
C GLU D 307 74.90 -7.18 3.21
N THR D 308 75.06 -7.86 4.35
CA THR D 308 75.57 -9.24 4.33
C THR D 308 74.43 -10.24 4.26
N ASP D 309 74.82 -11.51 4.19
CA ASP D 309 73.88 -12.62 4.16
C ASP D 309 73.90 -13.44 5.46
N GLU D 310 74.38 -12.85 6.55
CA GLU D 310 74.42 -13.53 7.85
C GLU D 310 73.02 -13.78 8.46
N GLY D 311 72.20 -12.73 8.51
CA GLY D 311 70.94 -12.77 9.23
C GLY D 311 71.12 -12.39 10.69
N LYS D 312 70.50 -11.29 11.09
CA LYS D 312 70.68 -10.72 12.42
C LYS D 312 69.38 -10.08 12.86
N ILE D 313 69.11 -10.07 14.16
CA ILE D 313 67.91 -9.45 14.70
C ILE D 313 68.09 -7.96 14.97
N HIS D 314 67.18 -7.14 14.46
CA HIS D 314 67.10 -5.73 14.78
C HIS D 314 65.66 -5.34 15.12
N ILE D 315 65.46 -4.58 16.20
CA ILE D 315 64.11 -4.08 16.46
C ILE D 315 63.93 -2.81 15.62
N VAL D 316 62.92 -2.77 14.77
CA VAL D 316 62.72 -1.65 13.84
C VAL D 316 61.23 -1.37 13.67
N ASN D 317 60.89 -0.24 13.06
CA ASN D 317 59.48 0.03 12.79
C ASN D 317 59.09 -0.46 11.41
N THR D 318 58.11 -1.33 11.35
CA THR D 318 57.71 -1.95 10.10
C THR D 318 56.30 -2.55 10.24
N ARG D 319 55.71 -3.00 9.13
CA ARG D 319 54.38 -3.64 9.19
C ARG D 319 54.42 -4.87 10.10
N ASN D 320 53.41 -5.00 10.98
CA ASN D 320 53.27 -6.15 11.86
C ASN D 320 53.42 -7.52 11.13
N ASN D 321 52.62 -7.71 10.09
CA ASN D 321 52.57 -8.96 9.35
C ASN D 321 52.64 -10.20 10.23
N GLY D 322 51.76 -10.29 11.21
CA GLY D 322 51.67 -11.50 12.02
C GLY D 322 52.68 -11.69 13.14
N SER D 323 53.59 -10.74 13.30
CA SER D 323 54.51 -10.77 14.41
C SER D 323 53.75 -10.74 15.74
N ILE D 324 52.76 -9.85 15.87
CA ILE D 324 51.79 -9.90 16.98
C ILE D 324 50.43 -10.41 16.45
N GLU D 325 50.05 -11.65 16.81
CA GLU D 325 48.89 -12.26 16.15
C GLU D 325 47.54 -11.55 16.34
N ASN D 326 47.33 -10.85 17.46
CA ASN D 326 46.03 -10.22 17.73
C ASN D 326 46.05 -8.72 17.41
N LEU D 327 46.93 -8.35 16.48
CA LEU D 327 46.97 -6.99 15.93
C LEU D 327 46.90 -7.09 14.41
N PRO D 328 46.26 -6.13 13.73
CA PRO D 328 46.15 -6.21 12.27
C PRO D 328 47.53 -6.24 11.60
N ASP D 329 47.61 -6.97 10.50
CA ASP D 329 48.84 -7.12 9.74
C ASP D 329 49.46 -5.82 9.31
N ASP D 330 48.64 -4.82 9.08
CA ASP D 330 49.15 -3.59 8.50
C ASP D 330 49.55 -2.50 9.48
N TYR D 331 49.40 -2.73 10.79
CA TYR D 331 49.87 -1.74 11.77
C TYR D 331 51.38 -1.68 11.67
N VAL D 332 51.94 -0.49 11.50
CA VAL D 332 53.38 -0.35 11.67
C VAL D 332 53.70 -0.42 13.17
N LEU D 333 54.61 -1.30 13.53
CA LEU D 333 54.97 -1.56 14.92
C LEU D 333 56.49 -1.48 15.05
N GLU D 334 56.96 -1.24 16.26
CA GLU D 334 58.36 -1.38 16.58
C GLU D 334 58.56 -2.80 17.17
N ILE D 335 59.22 -3.66 16.40
CA ILE D 335 59.25 -5.11 16.64
C ILE D 335 60.56 -5.74 16.16
N PRO D 336 60.93 -6.91 16.68
CA PRO D 336 62.17 -7.58 16.25
C PRO D 336 61.99 -8.26 14.91
N CYS D 337 62.98 -8.09 14.05
CA CYS D 337 62.95 -8.56 12.67
C CYS D 337 64.25 -9.25 12.32
N TYR D 338 64.15 -10.21 11.41
CA TYR D 338 65.30 -10.92 10.92
C TYR D 338 65.78 -10.16 9.69
N VAL D 339 67.01 -9.66 9.77
CA VAL D 339 67.53 -8.78 8.74
C VAL D 339 68.64 -9.45 7.96
N ARG D 340 68.44 -9.52 6.64
CA ARG D 340 69.32 -10.30 5.76
C ARG D 340 69.21 -9.90 4.28
N SER D 341 70.34 -9.58 3.68
CA SER D 341 70.43 -9.26 2.24
C SER D 341 69.36 -8.33 1.65
N GLY D 342 69.23 -7.13 2.20
CA GLY D 342 68.22 -6.22 1.69
C GLY D 342 66.81 -6.48 2.19
N ARG D 343 66.57 -7.54 2.96
CA ARG D 343 65.20 -7.82 3.40
C ARG D 343 65.04 -7.77 4.91
N VAL D 344 63.81 -7.51 5.33
CA VAL D 344 63.44 -7.42 6.71
C VAL D 344 62.27 -8.35 6.88
N HIS D 345 62.45 -9.39 7.69
CA HIS D 345 61.42 -10.40 7.94
C HIS D 345 60.86 -10.29 9.34
N THR D 346 59.55 -10.18 9.48
CA THR D 346 59.02 -10.23 10.83
C THR D 346 59.04 -11.67 11.31
N LEU D 347 59.16 -11.79 12.63
CA LEU D 347 59.21 -13.04 13.37
C LEU D 347 57.94 -13.15 14.23
N SER D 348 57.42 -14.36 14.34
CA SER D 348 56.37 -14.73 15.28
C SER D 348 56.70 -14.37 16.69
N GLN D 349 55.78 -13.72 17.38
CA GLN D 349 55.92 -13.49 18.82
C GLN D 349 54.70 -13.96 19.66
N GLY D 350 53.63 -14.41 19.03
CA GLY D 350 52.45 -14.82 19.78
C GLY D 350 51.57 -13.61 19.98
N LYS D 351 50.85 -13.57 21.10
CA LYS D 351 49.82 -12.58 21.36
C LYS D 351 50.37 -11.39 22.14
N GLY D 352 49.77 -10.22 21.92
CA GLY D 352 49.99 -9.06 22.76
C GLY D 352 48.99 -8.97 23.90
N ASP D 353 49.43 -8.32 24.98
CA ASP D 353 48.73 -8.17 26.24
C ASP D 353 47.60 -7.16 26.04
N HIS D 354 46.42 -7.37 26.63
CA HIS D 354 45.31 -6.42 26.48
C HIS D 354 45.72 -5.03 26.89
N PHE D 355 46.50 -4.90 27.96
CA PHE D 355 46.88 -3.58 28.50
C PHE D 355 47.68 -2.77 27.48
N ALA D 356 48.64 -3.42 26.83
CA ALA D 356 49.45 -2.74 25.85
C ALA D 356 48.68 -2.49 24.55
N LEU D 357 47.80 -3.44 24.19
CA LEU D 357 46.88 -3.25 23.06
C LEU D 357 45.98 -2.03 23.20
N SER D 358 45.51 -1.71 24.41
CA SER D 358 44.67 -0.50 24.56
C SER D 358 45.43 0.75 24.10
N PHE D 359 46.69 0.88 24.51
CA PHE D 359 47.51 2.04 24.09
C PHE D 359 47.78 2.03 22.59
N ILE D 360 48.20 0.87 22.08
CA ILE D 360 48.59 0.72 20.69
C ILE D 360 47.46 1.04 19.73
N HIS D 361 46.28 0.44 19.96
CA HIS D 361 45.11 0.69 19.11
C HIS D 361 44.81 2.20 19.11
N ALA D 362 44.75 2.82 20.29
CA ALA D 362 44.29 4.21 20.38
C ALA D 362 45.22 5.17 19.63
N VAL D 363 46.52 4.99 19.82
CA VAL D 363 47.45 5.92 19.22
C VAL D 363 47.57 5.62 17.72
N LYS D 364 47.40 4.36 17.38
CA LYS D 364 47.38 4.04 15.97
C LYS D 364 46.16 4.68 15.27
N MSE D 365 44.99 4.65 15.90
CA MSE D 365 43.82 5.31 15.27
C MSE D 365 44.13 6.78 15.10
O MSE D 365 43.88 7.36 14.03
CB MSE D 365 42.54 5.08 16.08
CG MSE D 365 42.07 3.65 16.16
SE MSE D 365 41.76 2.85 14.34
CE MSE D 365 43.56 2.02 14.03
N TYR D 366 44.72 7.38 16.13
CA TYR D 366 45.07 8.78 16.08
C TYR D 366 46.10 9.07 14.98
N GLU D 367 47.05 8.15 14.80
CA GLU D 367 48.07 8.33 13.77
C GLU D 367 47.44 8.42 12.39
N ARG D 368 46.48 7.54 12.08
CA ARG D 368 45.89 7.53 10.76
C ARG D 368 44.95 8.73 10.56
N LEU D 369 44.28 9.17 11.62
CA LEU D 369 43.40 10.35 11.51
C LEU D 369 44.26 11.58 11.18
N THR D 370 45.45 11.62 11.79
CA THR D 370 46.36 12.73 11.56
C THR D 370 46.87 12.75 10.11
N ILE D 371 47.34 11.59 9.64
CA ILE D 371 47.77 11.48 8.26
C ILE D 371 46.62 11.85 7.30
N GLU D 372 45.42 11.32 7.56
CA GLU D 372 44.24 11.65 6.73
C GLU D 372 43.93 13.14 6.74
N ALA D 373 44.03 13.79 7.90
CA ALA D 373 43.84 15.24 7.96
C ALA D 373 44.89 15.97 7.09
N TYR D 374 46.11 15.47 7.12
CA TYR D 374 47.16 16.05 6.31
C TYR D 374 46.91 15.90 4.81
N LEU D 375 46.52 14.71 4.36
CA LEU D 375 46.36 14.45 2.91
C LEU D 375 45.22 15.21 2.29
N LYS D 376 44.23 15.60 3.08
CA LYS D 376 43.11 16.36 2.56
C LYS D 376 43.26 17.83 2.94
N ARG D 377 44.36 18.16 3.61
CA ARG D 377 44.61 19.50 4.10
C ARG D 377 43.42 20.07 4.88
N SER D 378 42.86 19.28 5.77
CA SER D 378 41.59 19.66 6.37
C SER D 378 41.77 20.06 7.82
N LYS D 379 41.35 21.29 8.13
CA LYS D 379 41.27 21.78 9.52
C LYS D 379 40.27 20.96 10.32
N LYS D 380 39.08 20.79 9.75
CA LYS D 380 38.06 19.92 10.28
C LYS D 380 38.61 18.54 10.69
N LEU D 381 39.31 17.87 9.79
CA LEU D 381 39.80 16.53 10.08
C LEU D 381 40.98 16.55 11.07
N ALA D 382 41.66 17.71 11.17
CA ALA D 382 42.73 17.88 12.15
C ALA D 382 42.17 17.97 13.56
N LEU D 383 41.01 18.63 13.70
CA LEU D 383 40.30 18.69 14.98
C LEU D 383 39.92 17.27 15.42
N LYS D 384 39.42 16.48 14.47
CA LYS D 384 39.07 15.09 14.69
C LYS D 384 40.29 14.28 15.18
N ALA D 385 41.40 14.43 14.50
CA ALA D 385 42.63 13.77 14.93
C ALA D 385 43.06 14.20 16.34
N LEU D 386 43.05 15.51 16.61
CA LEU D 386 43.43 16.05 17.91
C LEU D 386 42.56 15.48 19.01
N LEU D 387 41.23 15.46 18.78
CA LEU D 387 40.30 14.93 19.78
C LEU D 387 40.53 13.45 20.11
N SER D 388 41.08 12.71 19.15
CA SER D 388 41.28 11.26 19.31
C SER D 388 42.49 10.85 20.14
N HIS D 389 43.48 11.71 20.28
CA HIS D 389 44.66 11.38 21.07
C HIS D 389 44.33 11.27 22.56
N PRO D 390 44.76 10.19 23.23
CA PRO D 390 44.56 10.07 24.68
C PRO D 390 45.09 11.26 25.45
N LEU D 391 46.09 11.97 24.92
CA LEU D 391 46.62 13.16 25.60
C LEU D 391 46.23 14.50 24.94
N GLY D 392 45.32 14.42 23.96
CA GLY D 392 44.73 15.58 23.34
C GLY D 392 43.76 16.44 24.17
N PRO D 393 43.26 17.48 23.54
CA PRO D 393 42.39 18.46 24.22
C PRO D 393 40.97 17.97 24.48
N ASP D 394 40.31 18.50 25.49
CA ASP D 394 38.87 18.35 25.57
C ASP D 394 38.27 19.19 24.42
N VAL D 395 37.04 18.87 24.04
CA VAL D 395 36.24 19.68 23.14
C VAL D 395 36.33 21.18 23.39
N GLU D 396 36.22 21.65 24.63
CA GLU D 396 36.22 23.09 24.93
C GLU D 396 37.54 23.80 24.57
N ASP D 397 38.63 23.07 24.49
CA ASP D 397 39.92 23.68 24.14
C ASP D 397 40.41 23.41 22.70
N ALA D 398 39.74 22.54 21.94
CA ALA D 398 40.26 22.06 20.65
C ALA D 398 40.45 23.13 19.54
N LYS D 399 39.48 24.01 19.37
CA LYS D 399 39.54 25.00 18.31
C LYS D 399 40.67 25.95 18.51
N ASP D 400 40.82 26.50 19.72
CA ASP D 400 41.91 27.40 20.04
C ASP D 400 43.30 26.73 19.99
N LEU D 401 43.39 25.50 20.49
CA LEU D 401 44.67 24.78 20.46
C LEU D 401 45.11 24.66 19.00
N LEU D 402 44.18 24.21 18.16
CA LEU D 402 44.52 24.02 16.75
C LEU D 402 44.93 25.33 16.04
N GLU D 403 44.17 26.39 16.27
CA GLU D 403 44.51 27.68 15.71
C GLU D 403 45.94 28.08 16.11
N GLU D 404 46.25 28.04 17.41
CA GLU D 404 47.59 28.33 17.92
C GLU D 404 48.70 27.49 17.24
N ILE D 405 48.50 26.18 17.12
CA ILE D 405 49.45 25.32 16.42
C ILE D 405 49.60 25.76 14.96
N LEU D 406 48.48 25.95 14.26
CA LEU D 406 48.54 26.32 12.85
C LEU D 406 49.22 27.69 12.65
N GLU D 407 48.98 28.61 13.56
CA GLU D 407 49.65 29.90 13.54
C GLU D 407 51.18 29.70 13.68
N ALA D 408 51.59 28.85 14.62
CA ALA D 408 52.99 28.65 14.89
C ALA D 408 53.74 28.02 13.70
N ASN D 409 53.08 27.09 12.98
CA ASN D 409 53.72 26.33 11.91
C ASN D 409 53.31 26.80 10.51
N ARG D 410 53.05 28.10 10.42
CA ARG D 410 52.69 28.80 9.20
C ARG D 410 53.55 28.51 7.98
N GLU D 411 54.87 28.43 8.20
CA GLU D 411 55.84 28.20 7.13
C GLU D 411 55.93 26.78 6.67
N TYR D 412 55.30 25.82 7.36
CA TYR D 412 55.53 24.38 7.10
C TYR D 412 54.27 23.63 6.74
N VAL D 413 53.14 24.09 7.26
CA VAL D 413 51.86 23.42 7.04
C VAL D 413 50.78 24.46 6.76
N LYS D 414 49.89 24.13 5.83
CA LYS D 414 48.73 24.95 5.53
C LYS D 414 47.49 24.09 5.37
N LEU D 415 46.53 24.31 6.26
CA LEU D 415 45.32 23.50 6.29
C LEU D 415 44.17 24.45 6.00
N GLY D 416 43.16 23.97 5.27
CA GLY D 416 41.99 24.77 4.95
C GLY D 416 40.70 24.31 5.62
N MSE E 2 -15.50 -9.85 13.46
CA MSE E 2 -16.33 -9.80 12.23
C MSE E 2 -16.51 -11.21 11.65
O MSE E 2 -15.52 -11.90 11.30
CB MSE E 2 -15.67 -8.88 11.19
CG MSE E 2 -15.46 -9.55 9.81
SE MSE E 2 -16.80 -9.02 8.46
CE MSE E 2 -15.58 -8.88 6.83
N ARG E 3 -17.78 -11.63 11.54
CA ARG E 3 -18.12 -12.96 11.02
C ARG E 3 -18.92 -12.85 9.70
N ILE E 4 -18.50 -13.62 8.70
CA ILE E 4 -19.15 -13.71 7.39
C ILE E 4 -19.88 -15.07 7.32
N ALA E 5 -21.15 -15.08 6.91
CA ALA E 5 -21.87 -16.34 6.79
C ALA E 5 -22.12 -16.63 5.33
N VAL E 6 -22.09 -17.91 4.95
CA VAL E 6 -22.25 -18.27 3.53
C VAL E 6 -23.32 -19.34 3.46
N ILE E 7 -24.38 -19.05 2.72
CA ILE E 7 -25.52 -19.97 2.68
C ILE E 7 -25.46 -20.66 1.31
N GLY E 8 -25.30 -21.99 1.35
CA GLY E 8 -24.95 -22.78 0.17
C GLY E 8 -23.44 -23.12 0.16
N GLY E 9 -22.93 -23.49 1.34
CA GLY E 9 -21.52 -23.86 1.48
C GLY E 9 -21.07 -24.88 0.43
N GLY E 10 -21.96 -25.82 0.09
CA GLY E 10 -21.63 -26.93 -0.79
C GLY E 10 -21.55 -26.55 -2.26
N SER E 11 -21.52 -25.25 -2.54
CA SER E 11 -21.71 -24.85 -3.94
C SER E 11 -20.36 -25.02 -4.60
N SER E 12 -20.35 -25.59 -5.81
CA SER E 12 -19.07 -25.81 -6.50
C SER E 12 -18.27 -24.55 -6.64
N TYR E 13 -18.91 -23.41 -6.36
CA TYR E 13 -18.25 -22.11 -6.49
C TYR E 13 -17.54 -21.65 -5.18
N THR E 14 -17.93 -22.24 -4.06
CA THR E 14 -17.35 -21.88 -2.76
C THR E 14 -15.83 -21.63 -2.76
N PRO E 15 -15.01 -22.59 -3.21
CA PRO E 15 -13.57 -22.34 -3.32
C PRO E 15 -13.25 -20.92 -3.80
N GLU E 16 -13.78 -20.50 -4.96
CA GLU E 16 -13.45 -19.14 -5.44
C GLU E 16 -13.90 -18.04 -4.46
N LEU E 17 -15.09 -18.19 -3.88
CA LEU E 17 -15.53 -17.22 -2.88
C LEU E 17 -14.44 -17.13 -1.82
N VAL E 18 -14.00 -18.27 -1.33
CA VAL E 18 -13.03 -18.27 -0.22
C VAL E 18 -11.70 -17.68 -0.65
N LYS E 19 -11.33 -17.91 -1.91
CA LYS E 19 -10.14 -17.26 -2.47
C LYS E 19 -10.33 -15.77 -2.32
N GLY E 20 -11.42 -15.26 -2.92
CA GLY E 20 -11.76 -13.84 -2.87
C GLY E 20 -11.68 -13.34 -1.45
N LEU E 21 -12.30 -14.06 -0.52
CA LEU E 21 -12.29 -13.61 0.87
C LEU E 21 -10.87 -13.58 1.44
N LEU E 22 -10.02 -14.52 1.00
CA LEU E 22 -8.60 -14.52 1.45
C LEU E 22 -7.87 -13.32 0.88
N ASP E 23 -8.13 -12.96 -0.38
CA ASP E 23 -7.44 -11.83 -1.01
C ASP E 23 -7.76 -10.47 -0.36
N ILE E 24 -8.97 -10.32 0.17
CA ILE E 24 -9.33 -9.08 0.89
C ILE E 24 -8.94 -9.10 2.38
N SER E 25 -8.65 -10.28 2.92
CA SER E 25 -8.28 -10.43 4.34
C SER E 25 -7.02 -9.66 4.72
N GLU E 26 -6.31 -9.18 3.70
CA GLU E 26 -5.15 -8.33 3.91
C GLU E 26 -5.56 -6.90 4.30
N ASP E 27 -6.62 -6.40 3.69
CA ASP E 27 -7.03 -5.00 3.88
C ASP E 27 -8.20 -4.82 4.86
N VAL E 28 -8.90 -5.90 5.18
CA VAL E 28 -9.99 -5.87 6.16
C VAL E 28 -9.90 -7.08 7.09
N ARG E 29 -10.23 -6.87 8.37
CA ARG E 29 -10.21 -7.98 9.33
C ARG E 29 -11.43 -8.91 9.18
N ILE E 30 -11.13 -10.20 9.03
CA ILE E 30 -12.13 -11.25 8.96
C ILE E 30 -11.67 -12.34 9.92
N ASP E 31 -12.43 -12.54 11.00
CA ASP E 31 -12.04 -13.59 11.96
C ASP E 31 -12.68 -14.96 11.68
N GLU E 32 -13.85 -14.96 11.05
CA GLU E 32 -14.53 -16.24 10.79
C GLU E 32 -15.47 -16.24 9.60
N VAL E 33 -15.37 -17.32 8.82
CA VAL E 33 -16.35 -17.65 7.79
C VAL E 33 -17.08 -18.93 8.20
N ILE E 34 -18.40 -18.81 8.31
CA ILE E 34 -19.25 -19.90 8.76
C ILE E 34 -20.17 -20.35 7.62
N PHE E 35 -20.21 -21.67 7.39
CA PHE E 35 -20.90 -22.24 6.22
C PHE E 35 -22.17 -22.96 6.62
N TYR E 36 -23.23 -22.79 5.83
CA TYR E 36 -24.44 -23.59 5.97
C TYR E 36 -24.93 -24.12 4.63
N ASP E 37 -25.44 -25.34 4.65
CA ASP E 37 -26.04 -25.97 3.48
C ASP E 37 -27.01 -27.05 3.92
N ILE E 38 -28.09 -27.19 3.15
CA ILE E 38 -29.09 -28.23 3.39
C ILE E 38 -28.58 -29.64 3.04
N ASP E 39 -27.48 -29.70 2.28
CA ASP E 39 -26.80 -30.95 1.93
C ASP E 39 -25.48 -31.04 2.69
N GLU E 40 -25.52 -31.70 3.85
CA GLU E 40 -24.37 -31.79 4.74
C GLU E 40 -23.15 -32.46 4.12
N GLU E 41 -23.36 -33.54 3.37
CA GLU E 41 -22.26 -34.35 2.82
C GLU E 41 -21.47 -33.63 1.71
N LYS E 42 -22.20 -32.97 0.81
CA LYS E 42 -21.58 -32.17 -0.25
C LYS E 42 -20.73 -31.07 0.36
N GLN E 43 -21.31 -30.34 1.30
CA GLN E 43 -20.61 -29.24 1.96
C GLN E 43 -19.36 -29.69 2.72
N LYS E 44 -19.43 -30.88 3.32
CA LYS E 44 -18.30 -31.46 4.05
C LYS E 44 -17.06 -31.58 3.16
N ILE E 45 -17.27 -31.98 1.92
CA ILE E 45 -16.22 -32.09 0.94
C ILE E 45 -15.63 -30.71 0.59
N VAL E 46 -16.48 -29.79 0.13
CA VAL E 46 -15.99 -28.46 -0.26
C VAL E 46 -15.32 -27.68 0.87
N VAL E 47 -15.90 -27.71 2.07
CA VAL E 47 -15.36 -26.99 3.23
C VAL E 47 -14.00 -27.58 3.68
N ASP E 48 -13.84 -28.89 3.51
CA ASP E 48 -12.58 -29.59 3.76
C ASP E 48 -11.47 -29.08 2.83
N PHE E 49 -11.82 -28.88 1.57
CA PHE E 49 -10.91 -28.27 0.60
C PHE E 49 -10.75 -26.77 0.91
N LYS E 51 -10.71 -25.17 4.06
CA LYS E 51 -9.80 -25.36 5.20
C LYS E 51 -8.34 -25.47 4.79
N ARG E 52 -8.08 -26.23 3.72
CA ARG E 52 -6.73 -26.42 3.21
C ARG E 52 -6.23 -25.19 2.44
N LEU E 53 -7.16 -24.44 1.85
CA LEU E 53 -6.84 -23.18 1.18
C LEU E 53 -6.57 -22.07 2.20
N VAL E 54 -7.42 -22.00 3.23
CA VAL E 54 -7.33 -20.96 4.26
C VAL E 54 -6.12 -21.15 5.17
N ARG E 57 -5.48 -18.55 8.57
CA ARG E 57 -5.75 -17.17 8.15
C ARG E 57 -7.08 -16.60 8.68
N PHE E 58 -8.13 -17.41 8.68
CA PHE E 58 -9.33 -17.16 9.50
C PHE E 58 -10.02 -18.47 9.89
N LYS E 59 -10.87 -18.42 10.91
CA LYS E 59 -11.60 -19.61 11.35
C LYS E 59 -12.64 -20.02 10.32
N VAL E 60 -12.67 -21.32 10.02
CA VAL E 60 -13.66 -21.89 9.12
C VAL E 60 -14.61 -22.76 9.94
N LEU E 61 -15.90 -22.44 9.91
CA LEU E 61 -16.88 -23.15 10.70
C LEU E 61 -18.10 -23.61 9.87
N ILE E 62 -18.72 -24.69 10.34
CA ILE E 62 -19.97 -25.18 9.78
C ILE E 62 -21.09 -24.95 10.82
N SER E 63 -22.22 -24.44 10.35
CA SER E 63 -23.40 -24.33 11.20
C SER E 63 -24.44 -25.33 10.73
N ASP E 64 -25.01 -26.07 11.69
CA ASP E 64 -26.08 -27.02 11.40
C ASP E 64 -27.36 -26.30 10.93
N THR E 65 -27.49 -25.03 11.29
CA THR E 65 -28.69 -24.26 11.01
C THR E 65 -28.39 -22.94 10.28
N PHE E 66 -29.38 -22.47 9.53
CA PHE E 66 -29.44 -21.12 8.98
C PHE E 66 -29.18 -20.08 10.06
N GLU E 67 -29.99 -20.15 11.11
CA GLU E 67 -29.94 -19.22 12.24
C GLU E 67 -28.55 -19.15 12.87
N GLY E 68 -27.96 -20.32 13.12
CA GLY E 68 -26.61 -20.41 13.68
C GLY E 68 -25.54 -19.77 12.83
N ALA E 69 -25.71 -19.78 11.52
CA ALA E 69 -24.75 -19.16 10.60
C ALA E 69 -24.88 -17.63 10.57
N VAL E 70 -26.11 -17.15 10.69
CA VAL E 70 -26.37 -15.72 10.52
C VAL E 70 -26.42 -14.94 11.84
N VAL E 71 -26.51 -15.65 12.97
CA VAL E 71 -26.71 -15.04 14.30
C VAL E 71 -25.74 -13.88 14.64
N ASP E 72 -24.44 -14.09 14.45
CA ASP E 72 -23.44 -13.08 14.77
C ASP E 72 -22.71 -12.53 13.54
N ALA E 73 -23.32 -12.71 12.37
CA ALA E 73 -22.66 -12.36 11.11
C ALA E 73 -22.90 -10.91 10.71
N LYS E 74 -21.89 -10.29 10.13
CA LYS E 74 -22.03 -8.93 9.62
C LYS E 74 -22.44 -8.95 8.16
N TYR E 75 -22.00 -9.98 7.45
CA TYR E 75 -22.40 -10.18 6.06
C TYR E 75 -22.90 -11.60 5.86
N VAL E 76 -23.93 -11.72 5.02
CA VAL E 76 -24.51 -13.02 4.68
C VAL E 76 -24.53 -13.13 3.17
N ILE E 77 -23.91 -14.18 2.64
CA ILE E 77 -23.94 -14.41 1.19
C ILE E 77 -24.96 -15.49 0.83
N PHE E 78 -25.95 -15.11 0.03
CA PHE E 78 -26.90 -16.05 -0.54
C PHE E 78 -26.31 -16.69 -1.80
N GLN E 79 -26.05 -17.99 -1.73
CA GLN E 79 -25.25 -18.71 -2.72
C GLN E 79 -25.97 -19.99 -3.11
N PHE E 80 -27.16 -20.21 -2.55
CA PHE E 80 -27.89 -21.47 -2.69
C PHE E 80 -28.70 -21.54 -3.98
N ARG E 81 -29.11 -22.75 -4.35
CA ARG E 81 -29.87 -23.02 -5.57
C ARG E 81 -31.13 -23.85 -5.26
N PRO E 82 -32.27 -23.17 -5.08
CA PRO E 82 -33.52 -23.82 -4.67
C PRO E 82 -34.01 -24.85 -5.68
N GLY E 83 -34.34 -26.05 -5.21
CA GLY E 83 -34.73 -27.13 -6.09
C GLY E 83 -33.57 -27.87 -6.73
N GLY E 84 -32.37 -27.29 -6.64
CA GLY E 84 -31.17 -27.87 -7.22
C GLY E 84 -31.16 -27.93 -8.74
N LEU E 85 -30.17 -28.61 -9.30
CA LEU E 85 -30.01 -28.73 -10.75
C LEU E 85 -31.15 -29.45 -11.49
N LYS E 86 -31.83 -30.38 -10.81
CA LYS E 86 -33.05 -30.98 -11.33
C LYS E 86 -34.13 -29.91 -11.54
N GLY E 87 -34.17 -28.92 -10.66
CA GLY E 87 -35.11 -27.83 -10.80
C GLY E 87 -34.79 -26.97 -12.02
N ARG E 88 -33.50 -26.74 -12.24
CA ARG E 88 -33.04 -25.95 -13.38
C ARG E 88 -33.32 -26.67 -14.69
N GLU E 89 -33.15 -27.99 -14.68
CA GLU E 89 -33.49 -28.82 -15.84
C GLU E 89 -34.98 -28.67 -16.18
N ASN E 90 -35.83 -28.77 -15.17
CA ASN E 90 -37.27 -28.55 -15.33
C ASN E 90 -37.54 -27.18 -15.94
N ASP E 91 -36.85 -26.15 -15.44
CA ASP E 91 -36.97 -24.79 -15.92
C ASP E 91 -36.63 -24.64 -17.38
N GLU E 92 -35.52 -25.22 -17.79
CA GLU E 92 -35.05 -25.13 -19.17
C GLU E 92 -35.87 -25.99 -20.14
N GLY E 93 -36.31 -27.16 -19.69
CA GLY E 93 -36.93 -28.17 -20.53
C GLY E 93 -38.43 -28.11 -20.72
N ILE E 94 -39.18 -27.88 -19.65
CA ILE E 94 -40.64 -27.80 -19.72
C ILE E 94 -41.20 -26.82 -20.78
N PRO E 95 -40.63 -25.61 -20.92
CA PRO E 95 -41.20 -24.63 -21.88
C PRO E 95 -40.97 -25.03 -23.33
N LEU E 96 -39.98 -25.87 -23.58
CA LEU E 96 -39.60 -26.21 -24.96
C LEU E 96 -40.73 -26.76 -25.82
N LYS E 97 -41.47 -27.74 -25.31
CA LYS E 97 -42.59 -28.32 -26.07
C LYS E 97 -43.70 -27.31 -26.47
N TYR E 98 -43.84 -26.21 -25.73
CA TYR E 98 -44.81 -25.15 -26.06
C TYR E 98 -44.29 -24.18 -27.13
N GLY E 99 -43.04 -24.36 -27.56
CA GLY E 99 -42.39 -23.46 -28.50
C GLY E 99 -41.85 -22.19 -27.87
N LEU E 100 -41.55 -22.25 -26.58
CA LEU E 100 -41.11 -21.10 -25.80
C LEU E 100 -39.65 -21.27 -25.37
N ILE E 101 -38.95 -20.14 -25.19
CA ILE E 101 -37.57 -20.14 -24.70
C ILE E 101 -37.46 -20.77 -23.31
N GLY E 102 -36.62 -21.79 -23.19
CA GLY E 102 -36.41 -22.40 -21.89
C GLY E 102 -35.02 -22.05 -21.44
N GLN E 103 -34.92 -21.30 -20.34
CA GLN E 103 -33.64 -20.82 -19.85
C GLN E 103 -33.67 -20.58 -18.33
N GLU E 104 -32.52 -20.76 -17.69
CA GLU E 104 -32.32 -20.64 -16.25
C GLU E 104 -32.93 -19.36 -15.61
N THR E 105 -32.71 -18.20 -16.24
CA THR E 105 -33.14 -16.93 -15.65
C THR E 105 -34.13 -16.12 -16.49
N THR E 106 -34.24 -16.42 -17.77
CA THR E 106 -35.00 -15.57 -18.69
C THR E 106 -36.28 -16.26 -19.14
N GLY E 107 -37.40 -15.54 -19.05
CA GLY E 107 -38.70 -16.04 -19.45
C GLY E 107 -39.26 -17.03 -18.45
N VAL E 108 -39.93 -18.05 -18.98
CA VAL E 108 -40.69 -19.00 -18.18
C VAL E 108 -39.84 -19.70 -17.12
N GLY E 109 -38.63 -20.11 -17.49
CA GLY E 109 -37.72 -20.73 -16.55
C GLY E 109 -37.33 -19.84 -15.37
N GLY E 110 -37.14 -18.55 -15.62
CA GLY E 110 -36.94 -17.55 -14.57
C GLY E 110 -38.16 -17.46 -13.66
N PHE E 111 -39.34 -17.59 -14.26
CA PHE E 111 -40.60 -17.52 -13.53
C PHE E 111 -40.69 -18.64 -12.50
N SER E 112 -40.48 -19.86 -12.96
CA SER E 112 -40.55 -21.02 -12.08
C SER E 112 -39.45 -21.00 -11.03
N ALA E 113 -38.25 -20.58 -11.43
CA ALA E 113 -37.13 -20.39 -10.50
C ALA E 113 -37.43 -19.39 -9.39
N ALA E 114 -38.09 -18.28 -9.75
CA ALA E 114 -38.49 -17.24 -8.79
C ALA E 114 -39.47 -17.77 -7.76
N LEU E 115 -40.47 -18.49 -8.26
CA LEU E 115 -41.48 -19.16 -7.47
C LEU E 115 -40.88 -20.08 -6.40
N ARG E 116 -39.87 -20.85 -6.78
CA ARG E 116 -39.16 -21.73 -5.86
C ARG E 116 -38.33 -20.97 -4.83
N ALA E 117 -37.76 -19.83 -5.23
CA ALA E 117 -36.87 -19.08 -4.36
C ALA E 117 -37.61 -18.28 -3.28
N PHE E 118 -38.77 -17.73 -3.61
CA PHE E 118 -39.45 -16.79 -2.70
C PHE E 118 -39.71 -17.32 -1.27
N PRO E 119 -40.25 -18.53 -1.13
CA PRO E 119 -40.53 -19.08 0.20
C PRO E 119 -39.27 -19.16 1.06
N ILE E 120 -38.15 -19.54 0.44
CA ILE E 120 -36.90 -19.75 1.16
C ILE E 120 -36.26 -18.43 1.55
N VAL E 121 -36.22 -17.46 0.63
CA VAL E 121 -35.66 -16.15 0.97
C VAL E 121 -36.54 -15.37 1.98
N GLU E 122 -37.85 -15.59 1.93
CA GLU E 122 -38.77 -15.03 2.91
C GLU E 122 -38.41 -15.51 4.33
N GLU E 123 -38.21 -16.82 4.49
CA GLU E 123 -37.73 -17.38 5.75
C GLU E 123 -36.38 -16.79 6.15
N TYR E 124 -35.44 -16.77 5.21
CA TYR E 124 -34.06 -16.39 5.51
C TYR E 124 -33.93 -14.91 5.91
N VAL E 125 -34.56 -14.05 5.13
CA VAL E 125 -34.54 -12.63 5.38
C VAL E 125 -35.22 -12.30 6.72
N ASP E 126 -36.31 -13.01 7.04
CA ASP E 126 -36.97 -12.83 8.32
C ASP E 126 -36.07 -13.21 9.50
N THR E 127 -35.31 -14.30 9.37
CA THR E 127 -34.40 -14.72 10.45
C THR E 127 -33.21 -13.76 10.61
N VAL E 128 -32.67 -13.25 9.50
CA VAL E 128 -31.56 -12.30 9.55
C VAL E 128 -32.00 -11.03 10.27
N ARG E 129 -33.21 -10.57 9.95
CA ARG E 129 -33.74 -9.32 10.52
C ARG E 129 -34.13 -9.46 11.99
N LYS E 130 -34.38 -10.69 12.43
CA LYS E 130 -34.74 -10.99 13.80
C LYS E 130 -33.50 -11.21 14.65
N THR E 131 -32.33 -11.26 14.02
CA THR E 131 -31.07 -11.53 14.73
C THR E 131 -29.98 -10.49 14.44
N SER E 132 -29.09 -10.79 13.50
CA SER E 132 -27.90 -9.99 13.28
C SER E 132 -28.16 -8.68 12.56
N ASN E 133 -29.23 -8.65 11.76
CA ASN E 133 -29.48 -7.55 10.83
C ASN E 133 -28.31 -7.29 9.87
N ALA E 134 -27.68 -8.37 9.42
CA ALA E 134 -26.53 -8.29 8.52
C ALA E 134 -26.91 -7.77 7.12
N THR E 135 -25.91 -7.29 6.38
CA THR E 135 -26.06 -6.99 4.96
C THR E 135 -26.08 -8.30 4.17
N ILE E 136 -27.15 -8.54 3.42
CA ILE E 136 -27.20 -9.71 2.57
C ILE E 136 -26.72 -9.36 1.17
N VAL E 137 -25.73 -10.10 0.68
CA VAL E 137 -25.28 -10.04 -0.70
C VAL E 137 -25.81 -11.27 -1.44
N ASN E 138 -26.63 -11.06 -2.46
CA ASN E 138 -27.35 -12.16 -3.11
C ASN E 138 -26.82 -12.58 -4.47
N PHE E 139 -26.52 -13.87 -4.60
CA PHE E 139 -26.15 -14.49 -5.86
C PHE E 139 -27.22 -15.42 -6.43
N THR E 140 -28.00 -16.03 -5.55
CA THR E 140 -29.10 -16.92 -5.92
C THR E 140 -29.93 -16.34 -7.08
N ASN E 141 -30.28 -17.19 -8.04
CA ASN E 141 -31.08 -16.75 -9.19
C ASN E 141 -32.57 -17.00 -9.06
N PRO E 142 -33.40 -16.14 -9.65
CA PRO E 142 -32.97 -14.92 -10.35
C PRO E 142 -32.71 -13.72 -9.43
N SER E 143 -31.50 -13.18 -9.53
CA SER E 143 -30.97 -12.22 -8.57
C SER E 143 -31.68 -10.88 -8.56
N GLY E 144 -31.98 -10.35 -9.74
CA GLY E 144 -32.65 -9.07 -9.85
C GLY E 144 -34.08 -9.16 -9.33
N HIS E 145 -34.77 -10.20 -9.77
CA HIS E 145 -36.15 -10.46 -9.35
C HIS E 145 -36.28 -10.64 -7.84
N ILE E 146 -35.30 -11.32 -7.22
CA ILE E 146 -35.31 -11.56 -5.79
C ILE E 146 -35.10 -10.23 -5.03
N THR E 147 -34.19 -9.41 -5.56
CA THR E 147 -33.88 -8.08 -5.02
C THR E 147 -35.10 -7.16 -5.03
N GLU E 148 -35.81 -7.14 -6.15
CA GLU E 148 -37.08 -6.43 -6.26
C GLU E 148 -38.05 -6.95 -5.20
N PHE E 149 -38.07 -8.26 -5.01
CA PHE E 149 -38.89 -8.89 -3.99
C PHE E 149 -38.56 -8.41 -2.56
N VAL E 150 -37.28 -8.49 -2.18
CA VAL E 150 -36.89 -8.19 -0.80
C VAL E 150 -36.98 -6.70 -0.50
N ARG E 151 -36.52 -5.88 -1.45
CA ARG E 151 -36.46 -4.45 -1.26
C ARG E 151 -37.83 -3.79 -1.19
N ASN E 152 -38.75 -4.26 -2.03
CA ASN E 152 -40.03 -3.58 -2.21
C ASN E 152 -41.26 -4.28 -1.63
N TYR E 153 -41.08 -5.48 -1.10
CA TYR E 153 -42.19 -6.25 -0.56
C TYR E 153 -41.87 -6.76 0.86
N LEU E 154 -40.69 -7.33 1.05
CA LEU E 154 -40.21 -7.69 2.39
C LEU E 154 -39.73 -6.45 3.12
N GLU E 155 -39.30 -5.47 2.33
CA GLU E 155 -38.78 -4.20 2.84
C GLU E 155 -37.59 -4.35 3.77
N TYR E 156 -36.60 -5.11 3.30
CA TYR E 156 -35.32 -5.18 3.97
C TYR E 156 -34.30 -4.38 3.16
N GLU E 157 -33.81 -3.28 3.73
CA GLU E 157 -32.90 -2.36 3.03
C GLU E 157 -31.53 -2.96 2.69
N LYS E 158 -30.93 -3.68 3.64
CA LYS E 158 -29.59 -4.25 3.44
C LYS E 158 -29.65 -5.57 2.69
N PHE E 159 -30.24 -5.52 1.49
CA PHE E 159 -30.23 -6.63 0.57
C PHE E 159 -29.69 -6.13 -0.78
N ILE E 160 -28.47 -6.54 -1.12
CA ILE E 160 -27.83 -6.11 -2.36
C ILE E 160 -27.73 -7.32 -3.31
N GLY E 161 -28.36 -7.19 -4.47
CA GLY E 161 -28.32 -8.25 -5.48
C GLY E 161 -27.12 -8.15 -6.39
N LEU E 162 -26.44 -9.27 -6.58
CA LEU E 162 -25.24 -9.26 -7.42
C LEU E 162 -25.41 -10.08 -8.69
N CYS E 163 -24.60 -9.76 -9.69
CA CYS E 163 -24.50 -10.57 -10.90
C CYS E 163 -23.08 -10.52 -11.43
N ASN E 164 -22.69 -11.59 -12.13
CA ASN E 164 -21.33 -11.68 -12.69
C ASN E 164 -21.10 -10.95 -14.02
N VAL E 165 -22.16 -10.41 -14.65
CA VAL E 165 -21.98 -9.78 -15.98
C VAL E 165 -21.32 -8.40 -15.96
N PRO E 166 -21.64 -7.54 -14.99
CA PRO E 166 -20.94 -6.26 -14.88
C PRO E 166 -19.44 -6.45 -14.61
N ILE E 167 -19.07 -7.32 -13.66
CA ILE E 167 -17.66 -7.59 -13.37
C ILE E 167 -16.93 -8.25 -14.54
N ASN E 168 -17.67 -9.04 -15.33
CA ASN E 168 -17.12 -9.70 -16.52
C ASN E 168 -16.88 -8.72 -17.66
N PHE E 169 -17.82 -7.79 -17.83
CA PHE E 169 -17.69 -6.82 -18.89
C PHE E 169 -16.58 -5.79 -18.61
N ILE E 170 -16.55 -5.24 -17.39
CA ILE E 170 -15.50 -4.30 -16.98
C ILE E 170 -14.12 -4.94 -17.14
N ARG E 171 -14.03 -6.21 -16.73
CA ARG E 171 -12.78 -6.99 -16.82
C ARG E 171 -12.29 -7.08 -18.27
N GLU E 172 -13.24 -7.21 -19.19
CA GLU E 172 -12.99 -7.22 -20.63
C GLU E 172 -12.37 -5.92 -21.09
N ILE E 173 -13.03 -4.80 -20.77
CA ILE E 173 -12.59 -3.47 -21.25
C ILE E 173 -11.24 -3.10 -20.66
N ALA E 174 -11.06 -3.42 -19.37
CA ALA E 174 -9.79 -3.20 -18.68
C ALA E 174 -8.62 -3.83 -19.43
N GLU E 175 -8.74 -5.10 -19.80
CA GLU E 175 -7.65 -5.75 -20.53
C GLU E 175 -7.59 -5.33 -22.00
N MSE E 176 -8.72 -4.88 -22.54
CA MSE E 176 -8.78 -4.33 -23.90
C MSE E 176 -7.98 -3.04 -24.04
O MSE E 176 -7.43 -2.77 -25.11
CB MSE E 176 -10.22 -4.09 -24.33
CG MSE E 176 -10.46 -3.97 -25.82
SE MSE E 176 -12.29 -3.34 -26.22
CE MSE E 176 -11.74 -2.06 -27.62
N PHE E 177 -7.93 -2.25 -22.96
CA PHE E 177 -7.29 -0.93 -22.98
C PHE E 177 -6.10 -0.79 -22.01
N SER E 178 -5.68 -1.91 -21.44
CA SER E 178 -4.53 -2.00 -20.52
C SER E 178 -4.64 -1.13 -19.26
N ALA E 179 -5.83 -1.13 -18.64
CA ALA E 179 -6.04 -0.38 -17.41
C ALA E 179 -6.55 -1.31 -16.31
N ARG E 180 -6.56 -0.79 -15.07
CA ARG E 180 -7.17 -1.52 -13.94
C ARG E 180 -8.70 -1.48 -14.04
N LEU E 181 -9.35 -2.39 -13.31
CA LEU E 181 -10.81 -2.42 -13.20
C LEU E 181 -11.36 -1.08 -12.72
N GLU E 182 -10.68 -0.45 -11.75
CA GLU E 182 -11.16 0.83 -11.20
C GLU E 182 -11.09 1.99 -12.22
N ASP E 183 -10.35 1.78 -13.31
CA ASP E 183 -10.16 2.83 -14.33
C ASP E 183 -11.28 2.87 -15.35
N VAL E 184 -12.17 1.88 -15.31
CA VAL E 184 -13.30 1.79 -16.23
C VAL E 184 -14.58 2.30 -15.56
N PHE E 185 -15.26 3.23 -16.21
CA PHE E 185 -16.48 3.82 -15.66
C PHE E 185 -17.55 3.77 -16.74
N LEU E 186 -18.76 3.36 -16.36
CA LEU E 186 -19.83 3.13 -17.34
C LEU E 186 -21.11 3.93 -17.12
N LYS E 187 -21.82 4.22 -18.22
CA LYS E 187 -23.26 4.45 -18.17
C LYS E 187 -23.98 3.11 -18.35
N TYR E 188 -24.42 2.51 -17.26
CA TYR E 188 -24.91 1.14 -17.24
C TYR E 188 -26.24 1.09 -16.53
N TYR E 189 -27.25 0.49 -17.16
CA TYR E 189 -28.57 0.37 -16.52
C TYR E 189 -29.46 -0.68 -17.14
N GLY E 190 -30.41 -1.17 -16.35
CA GLY E 190 -31.34 -2.18 -16.81
C GLY E 190 -31.68 -3.10 -15.68
N LEU E 191 -32.12 -4.29 -16.04
CA LEU E 191 -32.44 -5.31 -15.06
C LEU E 191 -31.32 -6.31 -15.11
N ASN E 192 -31.20 -7.10 -14.06
CA ASN E 192 -30.28 -8.23 -14.04
C ASN E 192 -30.54 -9.08 -15.28
N HIS E 193 -29.46 -9.43 -16.00
CA HIS E 193 -29.55 -10.18 -17.26
C HIS E 193 -30.42 -9.47 -18.32
N LEU E 194 -30.49 -8.15 -18.25
CA LEU E 194 -31.29 -7.35 -19.17
C LEU E 194 -30.81 -5.92 -19.00
N SER E 195 -29.54 -5.72 -19.32
CA SER E 195 -28.90 -4.43 -19.09
C SER E 195 -28.32 -3.84 -20.38
N PHE E 196 -28.00 -2.56 -20.31
CA PHE E 196 -27.61 -1.78 -21.47
C PHE E 196 -26.45 -0.88 -21.09
N ILE E 197 -25.45 -0.82 -21.97
CA ILE E 197 -24.37 0.13 -21.82
C ILE E 197 -24.46 1.19 -22.90
N GLU E 198 -24.47 2.45 -22.50
CA GLU E 198 -24.65 3.59 -23.40
C GLU E 198 -23.34 4.33 -23.62
N LYS E 199 -22.45 4.23 -22.64
CA LYS E 199 -21.25 5.03 -22.62
C LYS E 199 -20.15 4.26 -21.88
N VAL E 200 -18.93 4.33 -22.37
CA VAL E 200 -17.80 3.69 -21.71
C VAL E 200 -16.61 4.67 -21.64
N PHE E 201 -16.08 4.80 -20.43
CA PHE E 201 -14.92 5.65 -20.18
C PHE E 201 -13.78 4.84 -19.56
N VAL E 202 -12.56 5.09 -20.05
CA VAL E 202 -11.37 4.46 -19.50
C VAL E 202 -10.41 5.59 -19.16
N LYS E 203 -9.94 5.61 -17.92
CA LYS E 203 -9.13 6.72 -17.40
C LYS E 203 -9.66 8.13 -17.81
N GLY E 204 -10.98 8.29 -17.77
CA GLY E 204 -11.60 9.56 -18.14
C GLY E 204 -11.93 9.79 -19.61
N GLU E 205 -11.26 9.07 -20.49
CA GLU E 205 -11.47 9.22 -21.92
C GLU E 205 -12.71 8.47 -22.40
N ASP E 206 -13.56 9.18 -23.14
CA ASP E 206 -14.73 8.58 -23.76
C ASP E 206 -14.29 7.66 -24.87
N VAL E 207 -14.34 6.36 -24.61
CA VAL E 207 -13.91 5.36 -25.58
C VAL E 207 -15.09 4.58 -26.17
N THR E 208 -16.28 5.19 -26.12
CA THR E 208 -17.50 4.52 -26.57
C THR E 208 -17.41 3.97 -27.99
N GLU E 209 -17.04 4.83 -28.93
CA GLU E 209 -16.95 4.46 -30.35
C GLU E 209 -15.90 3.37 -30.63
N LYS E 210 -14.79 3.41 -29.88
CA LYS E 210 -13.75 2.39 -30.01
C LYS E 210 -14.28 1.01 -29.59
N VAL E 211 -15.08 0.98 -28.53
CA VAL E 211 -15.69 -0.27 -28.06
C VAL E 211 -16.58 -0.88 -29.16
N PHE E 212 -17.48 -0.05 -29.69
CA PHE E 212 -18.33 -0.41 -30.84
C PHE E 212 -17.47 -1.00 -31.97
N GLU E 213 -16.44 -0.26 -32.36
CA GLU E 213 -15.54 -0.66 -33.43
C GLU E 213 -14.93 -2.02 -33.16
N ASN E 214 -14.40 -2.19 -31.96
CA ASN E 214 -13.69 -3.42 -31.65
C ASN E 214 -14.60 -4.63 -31.35
N LEU E 215 -15.89 -4.35 -31.17
CA LEU E 215 -16.90 -5.42 -31.09
C LEU E 215 -17.21 -6.03 -32.46
N LYS E 216 -16.84 -5.34 -33.54
CA LYS E 216 -17.01 -5.85 -34.92
C LYS E 216 -15.88 -6.81 -35.30
N ASP E 224 -21.31 -17.64 -34.99
CA ASP E 224 -22.17 -16.46 -35.11
C ASP E 224 -23.59 -16.79 -34.72
N GLU E 225 -23.91 -16.48 -33.47
CA GLU E 225 -25.29 -16.39 -33.02
C GLU E 225 -25.34 -15.14 -32.17
N ASP E 226 -24.64 -14.11 -32.64
CA ASP E 226 -24.54 -12.83 -31.92
C ASP E 226 -24.88 -11.67 -32.86
N PHE E 227 -25.12 -10.50 -32.27
CA PHE E 227 -25.65 -9.35 -33.00
C PHE E 227 -24.75 -8.96 -34.16
N PRO E 228 -25.36 -8.65 -35.30
CA PRO E 228 -24.60 -8.23 -36.48
C PRO E 228 -24.20 -6.77 -36.37
N THR E 229 -23.31 -6.34 -37.27
CA THR E 229 -22.76 -4.99 -37.24
C THR E 229 -23.82 -3.89 -37.28
N TRP E 230 -24.83 -4.04 -38.14
CA TRP E 230 -25.84 -3.00 -38.33
C TRP E 230 -26.72 -2.78 -37.09
N PHE E 231 -26.89 -3.82 -36.28
CA PHE E 231 -27.59 -3.70 -35.02
C PHE E 231 -26.89 -2.68 -34.11
N TYR E 232 -25.57 -2.77 -33.97
CA TYR E 232 -24.85 -1.83 -33.11
C TYR E 232 -24.90 -0.41 -33.65
N ASP E 233 -24.90 -0.31 -34.98
CA ASP E 233 -25.05 0.96 -35.70
C ASP E 233 -26.40 1.66 -35.53
N SER E 234 -27.45 0.87 -35.25
CA SER E 234 -28.83 1.37 -35.15
C SER E 234 -29.24 1.68 -33.70
N VAL E 235 -29.15 0.67 -32.86
CA VAL E 235 -29.56 0.72 -31.46
C VAL E 235 -28.63 1.64 -30.64
N ARG E 236 -27.34 1.59 -30.96
CA ARG E 236 -26.29 2.37 -30.32
C ARG E 236 -26.18 2.10 -28.83
N LEU E 237 -26.46 0.87 -28.45
CA LEU E 237 -26.25 0.44 -27.09
C LEU E 237 -25.41 -0.83 -27.16
N ILE E 238 -24.58 -1.05 -26.15
CA ILE E 238 -23.99 -2.36 -25.95
C ILE E 238 -24.95 -3.13 -25.07
N VAL E 239 -25.43 -4.26 -25.57
CA VAL E 239 -26.47 -5.01 -24.91
C VAL E 239 -25.95 -6.26 -24.19
N ASN E 240 -26.61 -6.61 -23.10
CA ASN E 240 -26.41 -7.87 -22.41
C ASN E 240 -26.70 -9.01 -23.37
N PRO E 241 -25.78 -9.96 -23.51
CA PRO E 241 -25.97 -11.15 -24.39
C PRO E 241 -27.33 -11.83 -24.20
N TYR E 242 -27.90 -11.76 -22.99
CA TYR E 242 -29.22 -12.35 -22.72
C TYR E 242 -30.33 -11.78 -23.57
N LEU E 243 -30.10 -10.59 -24.14
CA LEU E 243 -31.12 -9.95 -24.96
C LEU E 243 -31.42 -10.69 -26.24
N ARG E 244 -30.50 -11.59 -26.61
CA ARG E 244 -30.68 -12.45 -27.77
C ARG E 244 -31.96 -13.25 -27.62
N TYR E 245 -32.30 -13.61 -26.39
CA TYR E 245 -33.49 -14.42 -26.18
C TYR E 245 -34.72 -13.62 -26.53
N TYR E 246 -34.61 -12.30 -26.42
CA TYR E 246 -35.70 -11.39 -26.77
C TYR E 246 -35.65 -11.00 -28.26
N LEU E 247 -34.47 -10.60 -28.73
CA LEU E 247 -34.29 -10.01 -30.05
C LEU E 247 -33.98 -11.05 -31.14
N MSE E 248 -33.54 -12.24 -30.75
CA MSE E 248 -33.38 -13.32 -31.71
C MSE E 248 -34.13 -14.60 -31.31
O MSE E 248 -33.63 -15.70 -31.53
CB MSE E 248 -31.88 -13.63 -31.94
CG MSE E 248 -31.10 -12.46 -32.53
SE MSE E 248 -29.14 -12.65 -32.49
CE MSE E 248 -28.91 -13.12 -34.40
N GLU E 249 -35.34 -14.43 -30.75
CA GLU E 249 -36.12 -15.53 -30.18
C GLU E 249 -36.06 -16.82 -31.00
N LYS E 250 -36.35 -16.70 -32.29
CA LYS E 250 -36.42 -17.86 -33.20
C LYS E 250 -35.11 -18.64 -33.29
N LYS E 251 -34.01 -17.90 -33.39
CA LYS E 251 -32.67 -18.47 -33.48
C LYS E 251 -32.27 -19.17 -32.19
N MSE E 252 -32.61 -18.54 -31.06
CA MSE E 252 -32.26 -19.09 -29.75
C MSE E 252 -33.11 -20.30 -29.38
O MSE E 252 -32.60 -21.24 -28.79
CB MSE E 252 -32.34 -18.01 -28.66
CG MSE E 252 -31.30 -16.88 -28.76
SE MSE E 252 -29.40 -17.42 -28.93
CE MSE E 252 -29.16 -17.17 -30.82
N PHE E 253 -34.41 -20.27 -29.74
CA PHE E 253 -35.26 -21.44 -29.52
C PHE E 253 -34.74 -22.69 -30.26
N LYS E 254 -34.39 -22.50 -31.53
CA LYS E 254 -33.83 -23.57 -32.36
C LYS E 254 -32.55 -24.14 -31.73
N LYS E 255 -31.74 -23.25 -31.14
CA LYS E 255 -30.50 -23.62 -30.49
C LYS E 255 -30.72 -24.44 -29.22
N ILE E 256 -31.59 -23.98 -28.34
CA ILE E 256 -31.85 -24.68 -27.07
C ILE E 256 -32.51 -26.03 -27.33
N SER E 257 -33.40 -26.03 -28.31
CA SER E 257 -34.22 -27.19 -28.60
C SER E 257 -33.47 -28.29 -29.37
N THR E 258 -32.36 -27.94 -30.01
CA THR E 258 -31.56 -28.92 -30.75
C THR E 258 -30.24 -29.31 -30.07
N HIS E 259 -30.14 -29.04 -28.78
CA HIS E 259 -28.97 -29.43 -28.00
C HIS E 259 -29.37 -29.92 -26.62
N GLU E 260 -28.42 -30.54 -25.93
CA GLU E 260 -28.60 -30.98 -24.56
C GLU E 260 -28.94 -29.79 -23.63
N LEU E 261 -29.90 -30.00 -22.72
CA LEU E 261 -30.26 -29.01 -21.71
C LEU E 261 -28.99 -28.63 -20.95
N ARG E 262 -28.74 -27.33 -20.82
CA ARG E 262 -27.55 -26.84 -20.12
C ARG E 262 -27.37 -27.47 -18.74
N ALA E 263 -28.46 -27.54 -17.97
CA ALA E 263 -28.45 -28.13 -16.62
C ALA E 263 -27.74 -29.49 -16.55
N ARG E 264 -27.97 -30.34 -17.55
CA ARG E 264 -27.37 -31.66 -17.60
C ARG E 264 -25.85 -31.60 -17.82
N GLU E 265 -25.39 -30.55 -18.50
CA GLU E 265 -23.97 -30.38 -18.76
C GLU E 265 -23.24 -29.97 -17.48
N VAL E 266 -23.81 -29.00 -16.76
CA VAL E 266 -23.17 -28.53 -15.54
C VAL E 266 -23.26 -29.57 -14.42
N MSE E 267 -24.30 -30.43 -14.49
CA MSE E 267 -24.38 -31.62 -13.64
C MSE E 267 -23.12 -32.44 -13.75
O MSE E 267 -22.51 -32.80 -12.72
CB MSE E 267 -25.59 -32.48 -14.03
CG MSE E 267 -26.89 -32.07 -13.37
SE MSE E 267 -28.26 -33.45 -13.57
CE MSE E 267 -29.84 -32.47 -12.96
N LYS E 268 -22.68 -32.73 -14.98
CA LYS E 268 -21.44 -33.48 -15.22
C LYS E 268 -20.21 -32.71 -14.78
N ILE E 269 -20.07 -31.48 -15.24
CA ILE E 269 -19.00 -30.59 -14.79
C ILE E 269 -18.88 -30.60 -13.25
N GLU E 270 -20.01 -30.41 -12.55
CA GLU E 270 -20.04 -30.35 -11.09
C GLU E 270 -19.73 -31.67 -10.38
N LYS E 271 -20.12 -32.79 -10.99
CA LYS E 271 -19.77 -34.13 -10.48
C LYS E 271 -18.27 -34.40 -10.68
N GLU E 272 -17.69 -33.70 -11.65
CA GLU E 272 -16.25 -33.82 -11.94
C GLU E 272 -15.43 -32.96 -11.00
N LEU E 273 -15.97 -31.77 -10.68
CA LEU E 273 -15.31 -30.81 -9.79
C LEU E 273 -15.29 -31.31 -8.34
N PHE E 274 -16.44 -31.80 -7.87
CA PHE E 274 -16.58 -32.35 -6.53
C PHE E 274 -15.51 -33.41 -6.26
N GLU E 275 -15.29 -34.31 -7.22
CA GLU E 275 -14.27 -35.36 -7.14
C GLU E 275 -12.84 -34.81 -7.00
N LYS E 276 -12.58 -33.69 -7.67
CA LYS E 276 -11.29 -33.01 -7.57
C LYS E 276 -11.17 -32.22 -6.27
N PRO E 284 -8.36 -25.80 -9.00
CA PRO E 284 -8.36 -26.48 -10.31
C PRO E 284 -8.75 -25.54 -11.46
N GLU E 285 -8.28 -25.85 -12.67
CA GLU E 285 -8.44 -24.97 -13.84
C GLU E 285 -9.84 -24.99 -14.43
N GLU E 286 -10.40 -26.20 -14.60
CA GLU E 286 -11.76 -26.36 -15.15
C GLU E 286 -12.83 -25.61 -14.35
N LEU E 287 -12.38 -24.76 -13.42
CA LEU E 287 -13.22 -23.80 -12.73
C LEU E 287 -13.57 -22.63 -13.67
N SER E 296 -17.36 -14.16 -7.71
CA SER E 296 -16.70 -14.37 -6.42
C SER E 296 -15.86 -13.14 -6.06
N THR E 297 -15.09 -12.67 -7.04
CA THR E 297 -14.39 -11.38 -6.97
C THR E 297 -15.38 -10.24 -6.67
N ALA E 298 -16.55 -10.30 -7.28
CA ALA E 298 -17.56 -9.25 -7.06
C ALA E 298 -18.01 -9.22 -5.62
N ALA E 299 -18.15 -10.38 -4.99
CA ALA E 299 -18.63 -10.47 -3.62
C ALA E 299 -17.61 -9.95 -2.61
N ALA E 300 -16.36 -10.41 -2.75
CA ALA E 300 -15.28 -10.03 -1.86
C ALA E 300 -14.97 -8.54 -1.94
N HIS E 301 -14.91 -8.02 -3.17
CA HIS E 301 -14.68 -6.58 -3.38
C HIS E 301 -15.81 -5.71 -2.84
N LEU E 302 -17.05 -6.15 -3.00
CA LEU E 302 -18.20 -5.42 -2.46
C LEU E 302 -18.14 -5.34 -0.95
N ILE E 303 -17.84 -6.48 -0.31
CA ILE E 303 -17.74 -6.55 1.15
C ILE E 303 -16.61 -5.63 1.65
N ARG E 304 -15.47 -5.70 0.98
CA ARG E 304 -14.29 -4.89 1.27
C ARG E 304 -14.60 -3.40 1.28
N ASP E 305 -15.31 -2.96 0.24
CA ASP E 305 -15.60 -1.54 0.07
C ASP E 305 -16.79 -1.08 0.91
N LEU E 306 -17.63 -2.02 1.33
CA LEU E 306 -18.62 -1.79 2.39
C LEU E 306 -17.91 -1.58 3.73
N GLU E 307 -16.77 -2.24 3.91
CA GLU E 307 -16.04 -2.24 5.16
C GLU E 307 -15.17 -1.00 5.37
N THR E 308 -14.64 -0.44 4.28
CA THR E 308 -13.76 0.72 4.39
C THR E 308 -14.46 2.03 4.05
N ASP E 309 -13.78 3.13 4.35
CA ASP E 309 -14.27 4.47 4.07
C ASP E 309 -13.67 5.10 2.81
N GLU E 310 -13.11 4.26 1.94
CA GLU E 310 -12.50 4.69 0.68
C GLU E 310 -13.49 5.34 -0.26
N GLY E 311 -14.51 4.58 -0.65
CA GLY E 311 -15.50 5.05 -1.61
C GLY E 311 -15.15 4.55 -2.98
N LYS E 312 -15.88 3.53 -3.43
CA LYS E 312 -15.61 2.88 -4.71
C LYS E 312 -16.91 2.61 -5.48
N ILE E 313 -16.77 2.36 -6.78
CA ILE E 313 -17.90 2.09 -7.68
C ILE E 313 -18.16 0.60 -7.83
N HIS E 314 -19.39 0.18 -7.58
CA HIS E 314 -19.83 -1.18 -7.89
C HIS E 314 -21.17 -1.15 -8.58
N ILE E 315 -21.29 -1.96 -9.63
CA ILE E 315 -22.57 -2.15 -10.30
C ILE E 315 -23.30 -3.25 -9.56
N VAL E 316 -24.50 -2.94 -9.09
CA VAL E 316 -25.17 -3.72 -8.08
C VAL E 316 -26.65 -3.61 -8.36
N ASN E 317 -27.46 -4.54 -7.84
CA ASN E 317 -28.92 -4.40 -7.94
C ASN E 317 -29.51 -3.75 -6.70
N THR E 318 -30.13 -2.58 -6.91
CA THR E 318 -30.62 -1.69 -5.86
C THR E 318 -31.68 -0.75 -6.44
N ARG E 319 -32.42 -0.05 -5.59
CA ARG E 319 -33.43 0.91 -6.04
C ARG E 319 -32.79 2.02 -6.89
N ASN E 320 -33.44 2.30 -8.00
CA ASN E 320 -33.05 3.36 -8.93
C ASN E 320 -32.70 4.67 -8.24
N ASN E 321 -33.64 5.18 -7.44
CA ASN E 321 -33.45 6.40 -6.66
C ASN E 321 -32.82 7.55 -7.45
N GLY E 322 -33.29 7.74 -8.68
CA GLY E 322 -32.83 8.88 -9.47
C GLY E 322 -31.58 8.65 -10.31
N SER E 323 -31.03 7.44 -10.28
CA SER E 323 -29.90 7.10 -11.16
C SER E 323 -30.29 7.25 -12.65
N ILE E 324 -31.43 6.65 -13.03
CA ILE E 324 -32.03 6.92 -14.33
C ILE E 324 -33.30 7.78 -14.15
N GLU E 325 -33.21 9.05 -14.56
CA GLU E 325 -34.24 10.06 -14.28
C GLU E 325 -35.63 9.84 -14.90
N ASN E 326 -35.71 9.07 -15.98
CA ASN E 326 -37.01 8.75 -16.59
C ASN E 326 -37.47 7.32 -16.32
N LEU E 327 -37.07 6.79 -15.16
CA LEU E 327 -37.62 5.54 -14.59
C LEU E 327 -38.02 5.81 -13.11
N PRO E 328 -39.07 5.17 -12.57
CA PRO E 328 -39.47 5.44 -11.18
C PRO E 328 -38.37 5.08 -10.20
N ASP E 329 -38.35 5.78 -9.07
CA ASP E 329 -37.27 5.60 -8.10
C ASP E 329 -37.25 4.23 -7.44
N ASP E 330 -38.39 3.56 -7.39
CA ASP E 330 -38.45 2.33 -6.64
C ASP E 330 -38.18 1.09 -7.48
N TYR E 331 -38.07 1.25 -8.80
CA TYR E 331 -37.59 0.16 -9.65
C TYR E 331 -36.20 -0.33 -9.18
N VAL E 332 -36.09 -1.62 -8.87
CA VAL E 332 -34.77 -2.19 -8.64
C VAL E 332 -34.06 -2.29 -9.98
N LEU E 333 -32.92 -1.62 -10.10
CA LEU E 333 -32.14 -1.71 -11.33
C LEU E 333 -30.74 -2.20 -11.03
N GLU E 334 -30.06 -2.68 -12.06
CA GLU E 334 -28.63 -2.98 -12.03
C GLU E 334 -27.86 -1.76 -12.51
N ILE E 335 -27.19 -1.08 -11.58
CA ILE E 335 -26.59 0.23 -11.84
C ILE E 335 -25.27 0.48 -11.08
N PRO E 336 -24.46 1.42 -11.55
CA PRO E 336 -23.26 1.85 -10.83
C PRO E 336 -23.53 2.69 -9.59
N CYS E 337 -22.99 2.23 -8.46
CA CYS E 337 -23.18 2.87 -7.17
C CYS E 337 -21.85 3.21 -6.49
N TYR E 338 -21.89 4.26 -5.67
CA TYR E 338 -20.79 4.64 -4.80
C TYR E 338 -21.00 3.90 -3.49
N VAL E 339 -20.03 3.05 -3.15
CA VAL E 339 -20.13 2.17 -2.01
C VAL E 339 -19.13 2.67 -0.97
N ARG E 340 -19.58 2.88 0.27
CA ARG E 340 -18.72 3.42 1.31
C ARG E 340 -19.32 3.23 2.70
N SER E 341 -18.52 2.64 3.60
CA SER E 341 -18.89 2.44 5.01
C SER E 341 -20.30 1.89 5.27
N GLY E 342 -20.61 0.73 4.68
CA GLY E 342 -21.89 0.08 4.90
C GLY E 342 -23.04 0.68 4.09
N ARG E 343 -22.78 1.77 3.36
CA ARG E 343 -23.83 2.42 2.58
C ARG E 343 -23.66 2.26 1.05
N VAL E 344 -24.78 2.12 0.35
CA VAL E 344 -24.76 2.10 -1.10
C VAL E 344 -25.47 3.36 -1.59
N HIS E 345 -24.73 4.24 -2.26
CA HIS E 345 -25.28 5.48 -2.79
C HIS E 345 -25.44 5.39 -4.29
N THR E 346 -26.60 5.78 -4.74
CA THR E 346 -26.91 5.73 -6.14
C THR E 346 -26.36 6.99 -6.83
N LEU E 347 -25.96 6.84 -8.09
CA LEU E 347 -25.26 7.86 -8.84
C LEU E 347 -26.07 8.35 -10.01
N SER E 348 -26.08 9.68 -10.19
CA SER E 348 -26.77 10.34 -11.30
C SER E 348 -26.25 9.88 -12.65
N GLN E 349 -27.13 9.47 -13.56
CA GLN E 349 -26.72 9.06 -14.92
C GLN E 349 -27.43 9.77 -16.07
N GLY E 350 -28.54 10.45 -15.80
CA GLY E 350 -29.33 11.10 -16.84
C GLY E 350 -30.47 10.22 -17.32
N LYS E 351 -30.87 10.40 -18.58
CA LYS E 351 -31.98 9.65 -19.20
C LYS E 351 -31.59 8.29 -19.74
N GLY E 352 -32.47 7.31 -19.58
CA GLY E 352 -32.30 6.03 -20.26
C GLY E 352 -32.93 6.09 -21.64
N ASP E 353 -32.45 5.23 -22.52
CA ASP E 353 -32.85 5.17 -23.92
C ASP E 353 -34.21 4.44 -24.07
N HIS E 354 -35.09 4.99 -24.90
CA HIS E 354 -36.42 4.43 -25.17
C HIS E 354 -36.48 2.92 -25.43
N PHE E 355 -35.54 2.47 -26.27
CA PHE E 355 -35.42 1.07 -26.64
C PHE E 355 -35.15 0.23 -25.41
N ALA E 356 -34.20 0.66 -24.58
CA ALA E 356 -33.88 -0.04 -23.36
C ALA E 356 -35.05 -0.05 -22.38
N LEU E 357 -35.78 1.07 -22.31
CA LEU E 357 -36.90 1.26 -21.40
C LEU E 357 -38.08 0.33 -21.69
N SER E 358 -38.31 0.01 -22.96
CA SER E 358 -39.45 -0.86 -23.25
C SER E 358 -39.24 -2.23 -22.60
N PHE E 359 -38.03 -2.78 -22.77
CA PHE E 359 -37.68 -4.03 -22.11
C PHE E 359 -37.76 -3.94 -20.59
N ILE E 360 -37.18 -2.87 -20.02
CA ILE E 360 -37.12 -2.70 -18.56
C ILE E 360 -38.53 -2.64 -17.97
N HIS E 361 -39.37 -1.80 -18.54
CA HIS E 361 -40.76 -1.62 -18.11
C HIS E 361 -41.54 -2.94 -18.13
N ALA E 362 -41.45 -3.63 -19.26
CA ALA E 362 -42.21 -4.86 -19.48
C ALA E 362 -41.84 -5.95 -18.49
N VAL E 363 -40.54 -6.19 -18.30
CA VAL E 363 -40.20 -7.27 -17.40
C VAL E 363 -40.32 -6.87 -15.94
N LYS E 364 -40.24 -5.58 -15.67
CA LYS E 364 -40.50 -5.08 -14.34
C LYS E 364 -41.96 -5.32 -13.91
N MSE E 365 -42.90 -4.97 -14.80
CA MSE E 365 -44.32 -5.26 -14.59
C MSE E 365 -44.54 -6.76 -14.40
O MSE E 365 -45.27 -7.18 -13.48
CB MSE E 365 -45.16 -4.70 -15.76
CG MSE E 365 -45.08 -3.20 -15.92
SE MSE E 365 -45.55 -2.20 -14.31
CE MSE E 365 -43.74 -1.76 -13.57
N TYR E 366 -43.88 -7.57 -15.24
CA TYR E 366 -43.91 -9.03 -15.09
C TYR E 366 -43.42 -9.47 -13.70
N GLU E 367 -42.29 -8.92 -13.24
CA GLU E 367 -41.75 -9.30 -11.94
C GLU E 367 -42.70 -9.04 -10.79
N ARG E 368 -43.29 -7.86 -10.76
CA ARG E 368 -44.26 -7.51 -9.71
C ARG E 368 -45.52 -8.36 -9.79
N LEU E 369 -45.95 -8.72 -11.01
CA LEU E 369 -47.10 -9.61 -11.17
C LEU E 369 -46.83 -10.97 -10.57
N THR E 370 -45.61 -11.45 -10.78
CA THR E 370 -45.13 -12.72 -10.22
C THR E 370 -45.06 -12.70 -8.68
N ILE E 371 -44.49 -11.63 -8.15
CA ILE E 371 -44.42 -11.42 -6.71
C ILE E 371 -45.81 -11.42 -6.07
N GLU E 372 -46.74 -10.67 -6.65
CA GLU E 372 -48.12 -10.64 -6.16
C GLU E 372 -48.78 -12.02 -6.16
N ALA E 373 -48.58 -12.79 -7.22
CA ALA E 373 -49.12 -14.14 -7.34
C ALA E 373 -48.62 -15.03 -6.21
N TYR E 374 -47.32 -14.91 -5.93
CA TYR E 374 -46.71 -15.66 -4.83
C TYR E 374 -47.32 -15.24 -3.50
N LEU E 375 -47.47 -13.93 -3.33
CA LEU E 375 -47.91 -13.36 -2.06
C LEU E 375 -49.34 -13.71 -1.70
N LYS E 376 -50.20 -13.81 -2.73
CA LYS E 376 -51.59 -14.20 -2.51
C LYS E 376 -51.81 -15.68 -2.77
N ARG E 377 -50.71 -16.42 -2.92
CA ARG E 377 -50.68 -17.86 -3.27
C ARG E 377 -51.71 -18.31 -4.33
N SER E 378 -51.75 -17.57 -5.43
CA SER E 378 -52.86 -17.60 -6.37
C SER E 378 -52.50 -18.07 -7.78
N LYS E 379 -53.11 -19.18 -8.19
CA LYS E 379 -53.06 -19.70 -9.56
C LYS E 379 -53.54 -18.64 -10.57
N LYS E 380 -54.71 -18.04 -10.31
CA LYS E 380 -55.30 -17.01 -11.17
C LYS E 380 -54.28 -15.92 -11.48
N LEU E 381 -53.65 -15.39 -10.43
CA LEU E 381 -52.69 -14.32 -10.58
C LEU E 381 -51.37 -14.83 -11.19
N ALA E 382 -51.06 -16.11 -11.01
CA ALA E 382 -49.89 -16.70 -11.65
C ALA E 382 -50.06 -16.69 -13.18
N LEU E 383 -51.27 -17.02 -13.64
CA LEU E 383 -51.58 -16.96 -15.07
C LEU E 383 -51.39 -15.53 -15.60
N LYS E 384 -51.84 -14.55 -14.83
CA LYS E 384 -51.69 -13.14 -15.20
C LYS E 384 -50.21 -12.78 -15.35
N ALA E 385 -49.41 -13.12 -14.35
CA ALA E 385 -47.97 -12.90 -14.43
C ALA E 385 -47.38 -13.59 -15.68
N LEU E 386 -47.74 -14.85 -15.87
CA LEU E 386 -47.21 -15.65 -16.95
C LEU E 386 -47.50 -15.08 -18.34
N LEU E 387 -48.73 -14.61 -18.55
CA LEU E 387 -49.12 -14.03 -19.84
C LEU E 387 -48.51 -12.66 -20.06
N SER E 388 -47.99 -12.04 -19.01
CA SER E 388 -47.43 -10.71 -19.11
C SER E 388 -45.97 -10.69 -19.62
N HIS E 389 -45.23 -11.77 -19.40
CA HIS E 389 -43.84 -11.83 -19.82
C HIS E 389 -43.71 -11.80 -21.37
N PRO E 390 -42.81 -10.94 -21.89
CA PRO E 390 -42.56 -10.88 -23.34
C PRO E 390 -42.20 -12.22 -23.97
N LEU E 391 -41.70 -13.19 -23.21
CA LEU E 391 -41.41 -14.53 -23.74
C LEU E 391 -42.29 -15.63 -23.11
N GLY E 392 -43.40 -15.22 -22.48
CA GLY E 392 -44.39 -16.14 -21.94
C GLY E 392 -45.32 -16.72 -23.00
N PRO E 393 -46.25 -17.56 -22.58
CA PRO E 393 -47.10 -18.28 -23.52
C PRO E 393 -48.20 -17.40 -24.11
N ASP E 394 -48.76 -17.83 -25.23
CA ASP E 394 -50.02 -17.32 -25.73
C ASP E 394 -51.15 -17.83 -24.86
N VAL E 395 -52.31 -17.17 -24.94
CA VAL E 395 -53.50 -17.59 -24.20
C VAL E 395 -53.76 -19.11 -24.35
N GLU E 396 -53.66 -19.62 -25.58
CA GLU E 396 -53.96 -21.05 -25.86
C GLU E 396 -53.06 -22.09 -25.16
N ASP E 397 -51.96 -21.63 -24.55
CA ASP E 397 -50.99 -22.52 -23.92
C ASP E 397 -50.76 -22.27 -22.44
N ALA E 398 -51.30 -21.17 -21.89
CA ALA E 398 -50.95 -20.74 -20.55
C ALA E 398 -51.38 -21.74 -19.47
N LYS E 399 -52.64 -22.15 -19.49
CA LYS E 399 -53.17 -23.03 -18.46
C LYS E 399 -52.39 -24.34 -18.36
N ASP E 400 -52.17 -25.01 -19.49
CA ASP E 400 -51.41 -26.24 -19.53
C ASP E 400 -49.94 -26.05 -19.10
N LEU E 401 -49.33 -24.95 -19.51
CA LEU E 401 -47.95 -24.68 -19.13
C LEU E 401 -47.77 -24.44 -17.61
N LEU E 402 -48.65 -23.62 -17.02
CA LEU E 402 -48.59 -23.39 -15.59
C LEU E 402 -48.79 -24.70 -14.81
N GLU E 403 -49.79 -25.49 -15.21
CA GLU E 403 -50.10 -26.77 -14.58
C GLU E 403 -48.88 -27.68 -14.50
N GLU E 404 -48.12 -27.75 -15.59
CA GLU E 404 -46.88 -28.49 -15.67
C GLU E 404 -45.80 -27.93 -14.73
N ILE E 405 -45.62 -26.61 -14.74
CA ILE E 405 -44.67 -25.95 -13.86
C ILE E 405 -44.98 -26.27 -12.38
N LEU E 406 -46.23 -26.06 -11.96
CA LEU E 406 -46.63 -26.26 -10.56
C LEU E 406 -46.56 -27.72 -10.13
N GLU E 407 -46.84 -28.63 -11.08
CA GLU E 407 -46.73 -30.06 -10.84
C GLU E 407 -45.28 -30.45 -10.55
N ALA E 408 -44.35 -29.86 -11.32
CA ALA E 408 -42.92 -30.12 -11.16
C ALA E 408 -42.37 -29.54 -9.86
N ASN E 409 -42.98 -28.47 -9.38
CA ASN E 409 -42.49 -27.77 -8.21
C ASN E 409 -43.34 -27.97 -6.95
N ARG E 410 -44.08 -29.08 -6.92
CA ARG E 410 -44.90 -29.51 -5.77
C ARG E 410 -44.26 -29.28 -4.41
N GLU E 411 -42.99 -29.69 -4.27
CA GLU E 411 -42.36 -29.63 -2.96
C GLU E 411 -41.90 -28.25 -2.57
N TYR E 412 -41.91 -27.32 -3.51
CA TYR E 412 -41.33 -26.00 -3.30
C TYR E 412 -42.35 -24.86 -3.30
N VAL E 413 -43.41 -24.96 -4.09
CA VAL E 413 -44.46 -23.95 -4.08
C VAL E 413 -45.86 -24.53 -4.28
N LYS E 414 -46.83 -23.99 -3.53
CA LYS E 414 -48.21 -24.42 -3.65
C LYS E 414 -49.09 -23.20 -3.80
N LEU E 415 -49.70 -23.12 -4.98
CA LEU E 415 -50.63 -22.07 -5.35
C LEU E 415 -52.04 -22.66 -5.45
N GLY E 416 -53.04 -21.91 -4.99
CA GLY E 416 -54.42 -22.34 -5.10
C GLY E 416 -55.23 -21.20 -5.68
N MSE F 2 -69.39 30.43 -37.03
CA MSE F 2 -68.94 29.06 -36.64
C MSE F 2 -68.89 28.11 -37.85
O MSE F 2 -69.93 27.76 -38.41
CB MSE F 2 -69.84 28.51 -35.51
CG MSE F 2 -69.15 27.51 -34.58
SE MSE F 2 -68.73 25.80 -35.47
CE MSE F 2 -70.20 24.64 -34.73
N ARG F 3 -67.69 27.67 -38.22
CA ARG F 3 -67.51 26.81 -39.40
C ARG F 3 -66.66 25.58 -39.09
N ILE F 4 -67.16 24.41 -39.52
CA ILE F 4 -66.50 23.14 -39.28
C ILE F 4 -65.89 22.64 -40.60
N ALA F 5 -64.60 22.31 -40.56
CA ALA F 5 -63.91 21.82 -41.76
C ALA F 5 -63.78 20.32 -41.64
N VAL F 6 -63.99 19.62 -42.75
CA VAL F 6 -63.88 18.17 -42.84
C VAL F 6 -62.81 17.86 -43.89
N ILE F 7 -61.69 17.27 -43.47
CA ILE F 7 -60.58 16.97 -44.38
C ILE F 7 -60.61 15.47 -44.76
N GLY F 8 -61.00 15.19 -46.00
CA GLY F 8 -61.25 13.84 -46.47
C GLY F 8 -62.71 13.71 -46.84
N GLY F 9 -63.25 14.79 -47.41
CA GLY F 9 -64.67 14.86 -47.76
C GLY F 9 -65.13 13.57 -48.40
N GLY F 10 -64.31 13.02 -49.29
CA GLY F 10 -64.70 11.83 -50.00
C GLY F 10 -64.80 10.56 -49.17
N SER F 11 -64.52 10.62 -47.86
CA SER F 11 -64.57 9.37 -47.11
C SER F 11 -65.98 8.81 -47.23
N SER F 12 -66.09 7.49 -47.22
CA SER F 12 -67.40 6.86 -47.25
C SER F 12 -68.15 7.03 -45.94
N TYR F 13 -67.47 7.54 -44.92
CA TYR F 13 -68.09 7.73 -43.59
C TYR F 13 -68.80 9.08 -43.48
N THR F 14 -68.49 9.99 -44.39
CA THR F 14 -68.99 11.37 -44.31
C THR F 14 -70.51 11.51 -44.07
N PRO F 15 -71.32 10.71 -44.76
CA PRO F 15 -72.78 10.81 -44.58
C PRO F 15 -73.16 10.68 -43.11
N GLU F 16 -72.57 9.70 -42.42
CA GLU F 16 -72.77 9.53 -40.97
C GLU F 16 -72.31 10.78 -40.18
N LEU F 17 -71.11 11.26 -40.48
CA LEU F 17 -70.63 12.45 -39.78
C LEU F 17 -71.69 13.52 -39.91
N VAL F 18 -72.11 13.80 -41.15
CA VAL F 18 -73.06 14.92 -41.38
C VAL F 18 -74.41 14.68 -40.65
N LYS F 19 -74.91 13.45 -40.67
CA LYS F 19 -76.10 13.15 -39.87
C LYS F 19 -75.86 13.68 -38.46
N GLY F 20 -74.83 13.13 -37.79
CA GLY F 20 -74.39 13.61 -36.48
C GLY F 20 -74.44 15.12 -36.42
N LEU F 21 -73.75 15.79 -37.35
CA LEU F 21 -73.65 17.26 -37.28
C LEU F 21 -75.02 17.89 -37.33
N LEU F 22 -75.94 17.23 -38.07
CA LEU F 22 -77.32 17.70 -38.11
C LEU F 22 -78.00 17.53 -36.77
N ASP F 23 -77.80 16.36 -36.13
CA ASP F 23 -78.47 16.07 -34.86
C ASP F 23 -78.14 17.09 -33.78
N ILE F 24 -76.91 17.61 -33.80
CA ILE F 24 -76.46 18.63 -32.84
C ILE F 24 -76.81 20.07 -33.27
N SER F 25 -77.45 20.23 -34.44
CA SER F 25 -77.85 21.55 -34.99
C SER F 25 -78.86 22.33 -34.15
N GLU F 26 -79.68 21.61 -33.37
CA GLU F 26 -80.69 22.23 -32.51
C GLU F 26 -80.06 22.84 -31.25
N ASP F 27 -79.04 22.16 -30.71
CA ASP F 27 -78.38 22.50 -29.46
C ASP F 27 -77.32 23.59 -29.60
N VAL F 28 -76.64 23.60 -30.75
CA VAL F 28 -75.53 24.51 -31.02
C VAL F 28 -75.64 25.01 -32.45
N ARG F 29 -75.20 26.25 -32.68
CA ARG F 29 -75.28 26.85 -34.02
C ARG F 29 -74.11 26.45 -34.93
N ILE F 30 -74.45 25.85 -36.07
CA ILE F 30 -73.49 25.56 -37.12
C ILE F 30 -73.92 26.36 -38.33
N ASP F 31 -73.03 27.21 -38.83
CA ASP F 31 -73.39 28.06 -39.97
C ASP F 31 -73.01 27.41 -41.29
N GLU F 32 -71.81 26.82 -41.35
CA GLU F 32 -71.35 26.15 -42.57
C GLU F 32 -70.42 24.97 -42.29
N VAL F 33 -70.47 23.98 -43.18
CA VAL F 33 -69.56 22.84 -43.16
C VAL F 33 -68.88 22.79 -44.50
N ILE F 34 -67.55 22.80 -44.49
CA ILE F 34 -66.78 22.84 -45.71
C ILE F 34 -65.89 21.59 -45.87
N PHE F 35 -65.80 21.08 -47.10
CA PHE F 35 -65.15 19.81 -47.36
C PHE F 35 -63.91 19.94 -48.23
N TYR F 36 -62.86 19.20 -47.86
CA TYR F 36 -61.68 19.08 -48.72
C TYR F 36 -61.32 17.61 -48.92
N ASP F 37 -60.88 17.29 -50.13
CA ASP F 37 -60.32 15.97 -50.44
C ASP F 37 -59.29 16.12 -51.55
N ILE F 38 -58.34 15.19 -51.62
CA ILE F 38 -57.35 15.16 -52.69
C ILE F 38 -57.96 14.52 -53.94
N ASP F 39 -59.05 13.78 -53.75
CA ASP F 39 -59.80 13.19 -54.86
C ASP F 39 -61.12 13.96 -55.06
N GLU F 40 -61.06 15.00 -55.90
CA GLU F 40 -62.20 15.88 -56.18
C GLU F 40 -63.41 15.13 -56.75
N GLU F 41 -63.13 14.17 -57.63
CA GLU F 41 -64.15 13.31 -58.24
C GLU F 41 -64.94 12.50 -57.19
N LYS F 42 -64.23 11.84 -56.28
CA LYS F 42 -64.85 11.02 -55.24
C LYS F 42 -65.73 11.86 -54.33
N GLN F 43 -65.17 12.97 -53.84
CA GLN F 43 -65.83 13.89 -52.93
C GLN F 43 -67.13 14.47 -53.50
N LYS F 44 -67.09 14.84 -54.79
CA LYS F 44 -68.23 15.46 -55.46
C LYS F 44 -69.52 14.66 -55.33
N ILE F 45 -69.43 13.34 -55.46
CA ILE F 45 -70.59 12.44 -55.31
C ILE F 45 -71.09 12.40 -53.85
N VAL F 46 -70.16 12.26 -52.90
CA VAL F 46 -70.49 12.20 -51.47
C VAL F 46 -71.15 13.49 -51.01
N VAL F 47 -70.51 14.60 -51.33
CA VAL F 47 -70.99 15.92 -50.93
C VAL F 47 -72.36 16.24 -51.52
N ASP F 48 -72.56 15.88 -52.79
CA ASP F 48 -73.87 16.02 -53.45
C ASP F 48 -74.95 15.20 -52.75
N PHE F 49 -74.57 14.08 -52.13
CA PHE F 49 -75.49 13.31 -51.33
C PHE F 49 -75.72 14.01 -49.99
N VAL F 50 -74.63 14.53 -49.41
CA VAL F 50 -74.68 15.33 -48.18
C VAL F 50 -75.69 16.45 -48.30
N LYS F 51 -75.62 17.19 -49.43
CA LYS F 51 -76.49 18.33 -49.69
C LYS F 51 -77.98 17.97 -49.73
N ARG F 52 -78.28 16.75 -50.18
CA ARG F 52 -79.64 16.21 -50.18
C ARG F 52 -80.16 15.93 -48.76
N LEU F 53 -79.24 15.54 -47.87
CA LEU F 53 -79.58 15.24 -46.47
C LEU F 53 -79.72 16.51 -45.64
N VAL F 54 -78.86 17.49 -45.93
CA VAL F 54 -78.80 18.75 -45.19
C VAL F 54 -80.03 19.62 -45.45
N LYS F 55 -80.33 19.83 -46.73
CA LYS F 55 -81.45 20.66 -47.18
C LYS F 55 -81.42 22.07 -46.58
N ASP F 56 -80.30 22.76 -46.76
CA ASP F 56 -80.09 24.13 -46.27
C ASP F 56 -80.21 24.36 -44.74
N ARG F 57 -80.11 23.30 -43.95
CA ARG F 57 -80.04 23.44 -42.49
C ARG F 57 -78.77 24.19 -42.10
N PHE F 58 -77.71 23.99 -42.89
CA PHE F 58 -76.54 24.87 -42.90
C PHE F 58 -75.91 24.88 -44.29
N LYS F 59 -75.06 25.86 -44.56
CA LYS F 59 -74.39 25.96 -45.86
C LYS F 59 -73.33 24.86 -46.02
N VAL F 60 -73.31 24.24 -47.20
CA VAL F 60 -72.37 23.17 -47.51
C VAL F 60 -71.42 23.65 -48.62
N LEU F 61 -70.11 23.64 -48.34
CA LEU F 61 -69.11 24.14 -49.28
C LEU F 61 -68.01 23.13 -49.60
N ILE F 62 -67.37 23.32 -50.76
CA ILE F 62 -66.17 22.56 -51.14
C ILE F 62 -65.00 23.53 -51.32
N SER F 63 -63.87 23.24 -50.68
CA SER F 63 -62.66 24.03 -50.89
C SER F 63 -61.63 23.31 -51.76
N ASP F 64 -61.00 24.08 -52.63
CA ASP F 64 -60.00 23.54 -53.55
C ASP F 64 -58.62 23.32 -52.93
N THR F 65 -58.38 23.93 -51.76
CA THR F 65 -57.11 23.79 -51.04
C THR F 65 -57.34 23.36 -49.60
N PHE F 66 -56.26 22.98 -48.91
CA PHE F 66 -56.36 22.70 -47.47
C PHE F 66 -56.56 24.03 -46.75
N GLU F 67 -55.73 25.01 -47.06
CA GLU F 67 -55.81 26.33 -46.43
C GLU F 67 -57.21 26.95 -46.49
N GLY F 68 -57.88 26.80 -47.63
CA GLY F 68 -59.19 27.38 -47.86
C GLY F 68 -60.28 26.79 -46.98
N ALA F 69 -60.14 25.50 -46.65
CA ALA F 69 -61.11 24.81 -45.81
C ALA F 69 -60.96 25.18 -44.35
N VAL F 70 -59.72 25.40 -43.91
CA VAL F 70 -59.46 25.54 -42.48
C VAL F 70 -59.51 26.97 -41.96
N VAL F 71 -59.11 27.93 -42.81
CA VAL F 71 -59.15 29.36 -42.47
C VAL F 71 -60.54 29.76 -42.01
N ASP F 72 -60.60 30.55 -40.94
CA ASP F 72 -61.86 30.91 -40.30
C ASP F 72 -62.74 29.70 -39.95
N ALA F 73 -62.18 28.73 -39.23
CA ALA F 73 -62.96 27.59 -38.77
C ALA F 73 -62.65 27.33 -37.31
N LYS F 74 -63.68 26.93 -36.57
CA LYS F 74 -63.50 26.65 -35.15
C LYS F 74 -63.11 25.20 -34.93
N TYR F 75 -63.51 24.34 -35.86
CA TYR F 75 -63.19 22.93 -35.75
C TYR F 75 -62.75 22.37 -37.08
N VAL F 76 -61.77 21.48 -37.02
CA VAL F 76 -61.25 20.80 -38.20
C VAL F 76 -61.16 19.30 -37.92
N ILE F 77 -61.89 18.51 -38.71
CA ILE F 77 -61.92 17.08 -38.56
C ILE F 77 -61.02 16.37 -39.57
N PHE F 78 -60.00 15.68 -39.07
CA PHE F 78 -59.13 14.86 -39.92
C PHE F 78 -59.76 13.49 -40.11
N GLN F 79 -60.20 13.20 -41.32
CA GLN F 79 -60.73 11.87 -41.64
C GLN F 79 -60.20 11.32 -42.97
N PHE F 80 -59.04 11.79 -43.39
CA PHE F 80 -58.40 11.29 -44.61
C PHE F 80 -57.63 9.99 -44.33
N ARG F 81 -57.22 9.31 -45.41
CA ARG F 81 -56.47 8.05 -45.34
C ARG F 81 -55.23 8.10 -46.25
N PRO F 82 -54.07 8.45 -45.67
CA PRO F 82 -52.82 8.59 -46.44
C PRO F 82 -52.35 7.30 -47.12
N GLY F 83 -52.42 7.30 -48.46
CA GLY F 83 -52.07 6.14 -49.27
C GLY F 83 -53.26 5.33 -49.77
N GLY F 84 -54.45 5.68 -49.30
CA GLY F 84 -55.68 5.00 -49.64
C GLY F 84 -55.72 3.55 -49.20
N LEU F 85 -56.67 2.80 -49.76
CA LEU F 85 -56.84 1.38 -49.44
C LEU F 85 -55.71 0.53 -50.03
N LYS F 86 -55.05 1.07 -51.04
CA LYS F 86 -53.81 0.51 -51.57
C LYS F 86 -52.72 0.46 -50.48
N GLY F 87 -52.56 1.55 -49.74
CA GLY F 87 -51.64 1.60 -48.62
C GLY F 87 -51.97 0.59 -47.53
N ARG F 88 -53.25 0.52 -47.15
CA ARG F 88 -53.72 -0.47 -46.19
C ARG F 88 -53.37 -1.89 -46.63
N GLU F 89 -53.53 -2.19 -47.92
CA GLU F 89 -53.20 -3.50 -48.48
C GLU F 89 -51.75 -3.91 -48.23
N ASN F 90 -50.81 -3.03 -48.56
CA ASN F 90 -49.39 -3.23 -48.30
C ASN F 90 -49.12 -3.38 -46.81
N ASP F 91 -49.82 -2.59 -46.02
CA ASP F 91 -49.75 -2.65 -44.58
C ASP F 91 -50.05 -4.06 -44.06
N GLU F 92 -51.16 -4.63 -44.48
CA GLU F 92 -51.59 -5.95 -44.00
C GLU F 92 -50.79 -7.09 -44.62
N GLY F 93 -50.42 -6.89 -45.89
CA GLY F 93 -49.81 -7.94 -46.69
C GLY F 93 -48.34 -8.23 -46.44
N ILE F 94 -47.53 -7.18 -46.42
CA ILE F 94 -46.07 -7.35 -46.31
C ILE F 94 -45.58 -8.06 -45.03
N PRO F 95 -46.01 -7.64 -43.82
CA PRO F 95 -45.57 -8.33 -42.60
C PRO F 95 -45.83 -9.84 -42.64
N LEU F 96 -46.94 -10.23 -43.27
CA LEU F 96 -47.32 -11.64 -43.42
C LEU F 96 -46.18 -12.51 -43.90
N LYS F 97 -45.42 -12.00 -44.87
CA LYS F 97 -44.30 -12.72 -45.48
C LYS F 97 -43.17 -13.07 -44.50
N TYR F 98 -43.11 -12.38 -43.37
CA TYR F 98 -42.07 -12.61 -42.36
C TYR F 98 -42.59 -13.34 -41.13
N GLY F 99 -43.81 -13.89 -41.22
CA GLY F 99 -44.46 -14.56 -40.11
C GLY F 99 -44.93 -13.59 -39.05
N LEU F 100 -45.29 -12.38 -39.47
CA LEU F 100 -45.64 -11.28 -38.59
C LEU F 100 -47.07 -10.85 -38.81
N ILE F 101 -47.72 -10.30 -37.78
CA ILE F 101 -49.08 -9.79 -37.88
C ILE F 101 -49.18 -8.62 -38.85
N GLY F 102 -50.02 -8.79 -39.87
CA GLY F 102 -50.36 -7.70 -40.79
C GLY F 102 -51.76 -7.16 -40.50
N GLN F 103 -51.81 -5.94 -39.98
CA GLN F 103 -53.05 -5.29 -39.62
C GLN F 103 -52.94 -3.77 -39.81
N GLU F 104 -54.07 -3.13 -40.08
CA GLU F 104 -54.15 -1.69 -40.34
C GLU F 104 -53.45 -0.77 -39.29
N THR F 105 -53.60 -1.06 -38.01
CA THR F 105 -53.17 -0.12 -36.97
C THR F 105 -52.25 -0.74 -35.93
N THR F 106 -52.13 -2.06 -35.94
CA THR F 106 -51.46 -2.76 -34.86
C THR F 106 -50.20 -3.45 -35.39
N GLY F 107 -49.06 -3.07 -34.85
CA GLY F 107 -47.79 -3.67 -35.21
C GLY F 107 -47.19 -3.03 -36.45
N VAL F 108 -46.52 -3.85 -37.25
CA VAL F 108 -45.78 -3.37 -38.42
C VAL F 108 -46.66 -2.59 -39.39
N GLY F 109 -47.90 -3.04 -39.57
CA GLY F 109 -48.82 -2.35 -40.46
C GLY F 109 -49.09 -0.94 -40.00
N GLY F 110 -49.19 -0.76 -38.68
CA GLY F 110 -49.40 0.56 -38.11
C GLY F 110 -48.14 1.41 -38.24
N PHE F 111 -46.98 0.76 -38.17
CA PHE F 111 -45.69 1.44 -38.32
C PHE F 111 -45.60 2.15 -39.67
N SER F 112 -45.93 1.43 -40.72
CA SER F 112 -45.89 2.00 -42.06
C SER F 112 -47.00 3.04 -42.26
N ALA F 113 -48.15 2.82 -41.63
CA ALA F 113 -49.26 3.75 -41.73
C ALA F 113 -48.88 5.11 -41.11
N ALA F 114 -48.20 5.07 -39.96
CA ALA F 114 -47.73 6.28 -39.27
C ALA F 114 -46.69 7.05 -40.11
N LEU F 115 -45.71 6.36 -40.68
CA LEU F 115 -44.69 7.02 -41.50
C LEU F 115 -45.31 7.74 -42.69
N ARG F 116 -46.37 7.16 -43.25
CA ARG F 116 -47.11 7.82 -44.33
C ARG F 116 -47.89 9.04 -43.83
N ALA F 117 -48.45 8.97 -42.61
CA ALA F 117 -49.33 10.03 -42.10
C ALA F 117 -48.56 11.27 -41.68
N PHE F 118 -47.42 11.06 -41.02
CA PHE F 118 -46.64 12.13 -40.41
C PHE F 118 -46.35 13.36 -41.34
N PRO F 119 -45.83 13.16 -42.56
CA PRO F 119 -45.57 14.29 -43.44
C PRO F 119 -46.82 15.13 -43.72
N ILE F 120 -47.94 14.45 -43.98
CA ILE F 120 -49.22 15.10 -44.23
C ILE F 120 -49.76 15.83 -42.99
N VAL F 121 -49.79 15.20 -41.82
CA VAL F 121 -50.30 15.91 -40.66
C VAL F 121 -49.41 17.11 -40.25
N GLU F 122 -48.09 16.94 -40.35
CA GLU F 122 -47.16 18.03 -40.05
C GLU F 122 -47.53 19.29 -40.86
N GLU F 123 -47.62 19.14 -42.18
CA GLU F 123 -48.05 20.20 -43.09
C GLU F 123 -49.42 20.77 -42.74
N TYR F 124 -50.33 19.91 -42.31
CA TYR F 124 -51.70 20.28 -42.02
C TYR F 124 -51.84 21.04 -40.71
N VAL F 125 -51.13 20.56 -39.68
CA VAL F 125 -51.13 21.22 -38.38
C VAL F 125 -50.45 22.58 -38.54
N ASP F 126 -49.33 22.59 -39.26
CA ASP F 126 -48.60 23.80 -39.59
C ASP F 126 -49.49 24.89 -40.19
N THR F 127 -50.37 24.49 -41.11
CA THR F 127 -51.25 25.44 -41.78
C THR F 127 -52.39 25.92 -40.87
N VAL F 128 -52.96 25.02 -40.08
CA VAL F 128 -54.01 25.39 -39.10
C VAL F 128 -53.46 26.39 -38.08
N ARG F 129 -52.33 26.04 -37.49
CA ARG F 129 -51.64 26.85 -36.47
C ARG F 129 -51.37 28.27 -36.95
N LYS F 130 -50.96 28.43 -38.21
CA LYS F 130 -50.70 29.78 -38.69
C LYS F 130 -51.87 30.49 -39.38
N THR F 131 -53.08 29.91 -39.27
CA THR F 131 -54.30 30.59 -39.73
C THR F 131 -55.35 30.71 -38.63
N SER F 132 -56.16 29.67 -38.43
CA SER F 132 -57.38 29.76 -37.62
C SER F 132 -57.20 29.33 -36.19
N ASN F 133 -56.18 28.52 -35.94
CA ASN F 133 -55.94 27.92 -34.64
C ASN F 133 -57.15 27.17 -34.10
N ALA F 134 -57.81 26.44 -35.00
CA ALA F 134 -58.99 25.64 -34.69
C ALA F 134 -58.65 24.42 -33.85
N THR F 135 -59.64 23.84 -33.19
CA THR F 135 -59.47 22.54 -32.57
C THR F 135 -59.53 21.50 -33.67
N ILE F 136 -58.55 20.59 -33.68
CA ILE F 136 -58.54 19.47 -34.61
C ILE F 136 -59.02 18.19 -33.94
N VAL F 137 -60.06 17.61 -34.50
CA VAL F 137 -60.58 16.33 -34.04
C VAL F 137 -60.09 15.29 -35.03
N ASN F 138 -59.22 14.38 -34.58
CA ASN F 138 -58.55 13.41 -35.46
C ASN F 138 -59.17 12.01 -35.48
N PHE F 139 -59.43 11.52 -36.70
CA PHE F 139 -59.81 10.14 -36.93
C PHE F 139 -58.76 9.32 -37.68
N THR F 140 -58.02 9.98 -38.58
CA THR F 140 -56.90 9.38 -39.32
C THR F 140 -56.06 8.42 -38.46
N ASN F 141 -55.86 7.20 -38.97
CA ASN F 141 -55.11 6.18 -38.24
C ASN F 141 -53.62 6.22 -38.58
N PRO F 142 -52.78 5.82 -37.63
CA PRO F 142 -53.20 5.41 -36.29
C PRO F 142 -53.35 6.65 -35.40
N SER F 143 -54.55 6.76 -34.83
CA SER F 143 -55.02 8.00 -34.22
C SER F 143 -54.28 8.37 -32.95
N GLY F 144 -54.05 7.39 -32.07
CA GLY F 144 -53.31 7.65 -30.84
C GLY F 144 -51.89 8.06 -31.14
N HIS F 145 -51.27 7.34 -32.06
CA HIS F 145 -49.88 7.59 -32.45
C HIS F 145 -49.68 8.98 -33.09
N ILE F 146 -50.61 9.41 -33.93
CA ILE F 146 -50.59 10.76 -34.49
C ILE F 146 -50.78 11.80 -33.38
N THR F 147 -51.60 11.47 -32.39
CA THR F 147 -51.83 12.37 -31.25
C THR F 147 -50.58 12.52 -30.41
N GLU F 148 -49.86 11.43 -30.19
CA GLU F 148 -48.59 11.50 -29.49
C GLU F 148 -47.60 12.43 -30.21
N PHE F 149 -47.55 12.27 -31.54
CA PHE F 149 -46.75 13.09 -32.45
C PHE F 149 -47.11 14.58 -32.40
N VAL F 150 -48.41 14.89 -32.50
CA VAL F 150 -48.82 16.28 -32.55
C VAL F 150 -48.69 16.97 -31.20
N ARG F 151 -49.08 16.30 -30.12
CA ARG F 151 -49.07 16.94 -28.81
C ARG F 151 -47.67 17.13 -28.27
N ASN F 152 -46.81 16.13 -28.44
CA ASN F 152 -45.52 16.12 -27.76
C ASN F 152 -44.34 16.50 -28.63
N TYR F 153 -44.53 16.48 -29.94
CA TYR F 153 -43.44 16.81 -30.87
C TYR F 153 -43.68 18.07 -31.70
N LEU F 154 -44.85 18.17 -32.34
CA LEU F 154 -45.19 19.41 -33.05
C LEU F 154 -45.65 20.43 -32.05
N GLU F 155 -46.07 19.95 -30.88
CA GLU F 155 -46.48 20.79 -29.76
C GLU F 155 -47.64 21.73 -30.07
N TYR F 156 -48.69 21.21 -30.71
CA TYR F 156 -49.94 21.92 -30.95
C TYR F 156 -51.00 21.39 -30.00
N GLU F 157 -51.43 22.22 -29.06
CA GLU F 157 -52.27 21.77 -27.95
C GLU F 157 -53.66 21.23 -28.36
N LYS F 158 -54.33 21.97 -29.25
CA LYS F 158 -55.72 21.72 -29.58
C LYS F 158 -55.87 20.67 -30.69
N PHE F 159 -55.48 19.44 -30.36
CA PHE F 159 -55.53 18.31 -31.28
C PHE F 159 -55.98 17.12 -30.45
N ILE F 160 -57.19 16.65 -30.74
CA ILE F 160 -57.81 15.59 -29.96
C ILE F 160 -58.04 14.33 -30.80
N GLY F 161 -57.33 13.27 -30.45
CA GLY F 161 -57.47 12.00 -31.11
C GLY F 161 -58.69 11.26 -30.64
N LEU F 162 -59.42 10.73 -31.60
CA LEU F 162 -60.66 10.06 -31.33
C LEU F 162 -60.59 8.69 -31.92
N CYS F 163 -61.36 7.76 -31.35
CA CYS F 163 -61.44 6.40 -31.86
C CYS F 163 -62.81 5.78 -31.65
N ASN F 164 -62.99 4.64 -32.29
CA ASN F 164 -64.26 3.93 -32.40
C ASN F 164 -64.75 3.21 -31.14
N VAL F 165 -63.81 2.58 -30.41
CA VAL F 165 -64.17 1.58 -29.40
C VAL F 165 -64.84 2.08 -28.11
N PRO F 166 -64.42 3.20 -27.53
CA PRO F 166 -65.03 3.69 -26.29
C PRO F 166 -66.53 3.87 -26.48
N ILE F 167 -66.94 4.61 -27.52
CA ILE F 167 -68.38 4.84 -27.74
C ILE F 167 -69.14 3.55 -27.97
N ASN F 168 -68.50 2.61 -28.64
CA ASN F 168 -69.07 1.30 -28.96
C ASN F 168 -69.36 0.50 -27.71
N PHE F 169 -68.38 0.46 -26.80
CA PHE F 169 -68.53 -0.22 -25.52
C PHE F 169 -69.64 0.40 -24.64
N ILE F 170 -69.61 1.73 -24.54
CA ILE F 170 -70.58 2.48 -23.75
C ILE F 170 -71.99 2.17 -24.23
N ARG F 171 -72.13 2.13 -25.55
CA ARG F 171 -73.39 1.77 -26.22
C ARG F 171 -73.85 0.35 -25.86
N GLU F 172 -72.92 -0.61 -25.83
CA GLU F 172 -73.19 -1.98 -25.42
C GLU F 172 -73.77 -1.99 -24.01
N ILE F 173 -73.05 -1.36 -23.08
CA ILE F 173 -73.41 -1.32 -21.68
C ILE F 173 -74.74 -0.62 -21.45
N ALA F 174 -74.90 0.54 -22.09
CA ALA F 174 -76.15 1.30 -22.03
C ALA F 174 -77.34 0.43 -22.36
N GLU F 175 -77.22 -0.37 -23.42
CA GLU F 175 -78.30 -1.25 -23.87
C GLU F 175 -78.54 -2.41 -22.90
N MSE F 176 -77.46 -3.05 -22.45
CA MSE F 176 -77.51 -4.08 -21.43
C MSE F 176 -78.32 -3.70 -20.17
O MSE F 176 -79.03 -4.52 -19.60
CB MSE F 176 -76.11 -4.42 -21.01
CG MSE F 176 -75.89 -5.80 -20.48
SE MSE F 176 -73.96 -5.94 -20.42
CE MSE F 176 -73.79 -6.40 -18.56
N PHE F 177 -78.17 -2.43 -19.75
CA PHE F 177 -78.75 -1.95 -18.50
C PHE F 177 -79.94 -1.02 -18.67
N SER F 178 -80.30 -0.76 -19.94
CA SER F 178 -81.41 0.12 -20.30
C SER F 178 -81.26 1.55 -19.77
N ALA F 179 -80.10 2.13 -20.04
CA ALA F 179 -79.74 3.44 -19.55
C ALA F 179 -79.27 4.33 -20.70
N ARG F 180 -79.09 5.61 -20.41
CA ARG F 180 -78.49 6.52 -21.38
C ARG F 180 -76.99 6.29 -21.46
N LEU F 181 -76.42 6.76 -22.57
CA LEU F 181 -74.99 6.73 -22.79
C LEU F 181 -74.27 7.45 -21.66
N GLU F 182 -74.80 8.62 -21.29
CA GLU F 182 -74.15 9.41 -20.26
C GLU F 182 -74.29 8.86 -18.83
N ASP F 183 -75.17 7.88 -18.62
CA ASP F 183 -75.29 7.19 -17.32
C ASP F 183 -74.16 6.18 -17.11
N VAL F 184 -73.40 5.89 -18.15
CA VAL F 184 -72.28 4.95 -18.07
C VAL F 184 -70.98 5.68 -17.79
N PHE F 185 -70.26 5.21 -16.77
CA PHE F 185 -69.01 5.83 -16.36
C PHE F 185 -67.96 4.76 -16.08
N LEU F 186 -66.81 4.95 -16.69
CA LEU F 186 -65.82 3.90 -16.80
C LEU F 186 -64.51 4.28 -16.14
N LYS F 187 -63.85 3.31 -15.52
CA LYS F 187 -62.40 3.42 -15.35
C LYS F 187 -61.76 2.79 -16.59
N TYR F 188 -61.28 3.65 -17.47
CA TYR F 188 -60.84 3.29 -18.81
C TYR F 188 -59.48 3.93 -19.07
N TYR F 189 -58.52 3.14 -19.54
CA TYR F 189 -57.19 3.65 -19.82
C TYR F 189 -56.38 2.76 -20.76
N GLY F 190 -55.39 3.37 -21.40
CA GLY F 190 -54.49 2.67 -22.28
C GLY F 190 -54.17 3.52 -23.49
N LEU F 191 -53.75 2.86 -24.55
CA LEU F 191 -53.46 3.52 -25.80
C LEU F 191 -54.59 3.24 -26.75
N ASN F 192 -54.64 4.00 -27.83
CA ASN F 192 -55.67 3.78 -28.83
C ASN F 192 -55.51 2.37 -29.40
N HIS F 193 -56.61 1.62 -29.41
CA HIS F 193 -56.58 0.21 -29.78
C HIS F 193 -55.74 -0.62 -28.82
N LEU F 194 -55.55 -0.10 -27.60
CA LEU F 194 -54.78 -0.78 -26.57
C LEU F 194 -55.26 -0.34 -25.19
N SER F 195 -56.56 -0.49 -24.94
CA SER F 195 -57.17 0.04 -23.75
C SER F 195 -57.79 -1.06 -22.90
N PHE F 196 -58.09 -0.70 -21.65
CA PHE F 196 -58.47 -1.63 -20.62
C PHE F 196 -59.54 -0.95 -19.79
N ILE F 197 -60.54 -1.71 -19.41
CA ILE F 197 -61.56 -1.22 -18.53
C ILE F 197 -61.43 -2.00 -17.23
N GLU F 198 -61.24 -1.26 -16.14
CA GLU F 198 -61.11 -1.85 -14.81
C GLU F 198 -62.45 -1.84 -14.05
N LYS F 199 -63.25 -0.79 -14.31
CA LYS F 199 -64.51 -0.57 -13.59
C LYS F 199 -65.62 -0.06 -14.51
N VAL F 200 -66.84 -0.56 -14.33
CA VAL F 200 -68.00 -0.07 -15.06
C VAL F 200 -69.06 0.39 -14.05
N PHE F 201 -69.55 1.62 -14.22
CA PHE F 201 -70.66 2.15 -13.41
C PHE F 201 -71.84 2.54 -14.30
N VAL F 202 -73.04 2.16 -13.87
CA VAL F 202 -74.27 2.61 -14.53
C VAL F 202 -75.18 3.31 -13.52
N LYS F 203 -75.41 4.60 -13.76
CA LYS F 203 -76.19 5.47 -12.86
C LYS F 203 -75.64 5.41 -11.43
N GLY F 204 -74.30 5.30 -11.32
CA GLY F 204 -73.62 5.28 -10.04
C GLY F 204 -73.45 3.93 -9.39
N GLU F 205 -74.15 2.93 -9.88
CA GLU F 205 -73.99 1.58 -9.37
C GLU F 205 -72.81 0.87 -10.03
N ASP F 206 -71.95 0.29 -9.21
CA ASP F 206 -70.88 -0.55 -9.72
C ASP F 206 -71.47 -1.87 -10.25
N VAL F 207 -71.44 -2.03 -11.58
CA VAL F 207 -71.95 -3.22 -12.25
C VAL F 207 -70.85 -4.04 -12.94
N THR F 208 -69.62 -3.85 -12.49
CA THR F 208 -68.45 -4.50 -13.08
C THR F 208 -68.59 -6.02 -13.09
N GLU F 209 -68.95 -6.58 -11.93
CA GLU F 209 -69.07 -8.02 -11.79
C GLU F 209 -70.13 -8.53 -12.76
N LYS F 210 -71.25 -7.81 -12.84
CA LYS F 210 -72.34 -8.14 -13.77
C LYS F 210 -71.88 -8.12 -15.23
N VAL F 211 -71.01 -7.16 -15.57
CA VAL F 211 -70.48 -7.08 -16.93
C VAL F 211 -69.61 -8.31 -17.25
N PHE F 212 -68.70 -8.67 -16.34
CA PHE F 212 -67.92 -9.90 -16.50
C PHE F 212 -68.80 -11.13 -16.66
N GLU F 213 -69.87 -11.23 -15.86
CA GLU F 213 -70.77 -12.37 -15.93
C GLU F 213 -71.42 -12.50 -17.32
N ASN F 214 -71.81 -11.37 -17.89
CA ASN F 214 -72.45 -11.35 -19.21
C ASN F 214 -71.49 -11.66 -20.35
N LEU F 215 -70.20 -11.38 -20.15
CA LEU F 215 -69.19 -11.62 -21.18
C LEU F 215 -68.96 -13.11 -21.40
N LYS F 216 -69.00 -13.89 -20.33
CA LYS F 216 -68.82 -15.33 -20.46
C LYS F 216 -70.01 -15.97 -21.16
N LEU F 217 -71.10 -15.22 -21.32
CA LEU F 217 -72.35 -15.71 -21.92
C LEU F 217 -72.44 -15.54 -23.46
N LYS F 218 -71.60 -14.70 -24.07
CA LYS F 218 -71.80 -14.25 -25.46
C LYS F 218 -71.73 -15.31 -26.58
N GLU F 225 -61.98 -18.25 -30.99
CA GLU F 225 -61.12 -17.15 -31.39
C GLU F 225 -61.34 -15.82 -30.64
N ASP F 226 -61.97 -15.87 -29.46
CA ASP F 226 -61.91 -14.74 -28.52
C ASP F 226 -61.53 -15.23 -27.12
N PHE F 227 -61.37 -14.30 -26.19
CA PHE F 227 -60.83 -14.65 -24.87
C PHE F 227 -61.73 -15.62 -24.09
N PRO F 228 -61.16 -16.71 -23.60
CA PRO F 228 -61.90 -17.70 -22.81
C PRO F 228 -62.24 -17.15 -21.43
N THR F 229 -63.13 -17.83 -20.71
CA THR F 229 -63.59 -17.33 -19.41
C THR F 229 -62.44 -17.12 -18.42
N TRP F 230 -61.54 -18.10 -18.32
CA TRP F 230 -60.47 -18.05 -17.33
C TRP F 230 -59.56 -16.84 -17.48
N PHE F 231 -59.53 -16.25 -18.68
CA PHE F 231 -58.71 -15.08 -18.93
C PHE F 231 -59.26 -13.89 -18.16
N TYR F 232 -60.58 -13.73 -18.16
CA TYR F 232 -61.24 -12.65 -17.43
C TYR F 232 -61.16 -12.83 -15.91
N ASP F 233 -61.16 -14.09 -15.46
CA ASP F 233 -60.95 -14.41 -14.05
C ASP F 233 -59.53 -14.05 -13.63
N SER F 234 -58.56 -14.40 -14.48
CA SER F 234 -57.16 -14.21 -14.18
C SER F 234 -56.74 -12.75 -14.27
N VAL F 235 -57.04 -12.13 -15.40
CA VAL F 235 -56.58 -10.79 -15.69
C VAL F 235 -57.43 -9.72 -14.98
N ARG F 236 -58.72 -9.97 -14.85
CA ARG F 236 -59.63 -9.07 -14.15
C ARG F 236 -59.75 -7.67 -14.77
N LEU F 237 -59.53 -7.60 -16.07
CA LEU F 237 -59.74 -6.40 -16.89
C LEU F 237 -60.60 -6.72 -18.13
N ILE F 238 -61.42 -5.76 -18.54
CA ILE F 238 -62.11 -5.88 -19.82
C ILE F 238 -61.17 -5.27 -20.85
N VAL F 239 -60.84 -6.06 -21.84
CA VAL F 239 -59.73 -5.77 -22.71
C VAL F 239 -60.20 -5.50 -24.14
N ASN F 240 -59.62 -4.49 -24.77
CA ASN F 240 -59.85 -4.15 -26.17
C ASN F 240 -59.65 -5.39 -27.04
N PRO F 241 -60.54 -5.64 -28.02
CA PRO F 241 -60.38 -6.81 -28.91
C PRO F 241 -59.02 -6.88 -29.66
N TYR F 242 -58.41 -5.74 -29.91
CA TYR F 242 -57.10 -5.71 -30.58
C TYR F 242 -56.00 -6.33 -29.76
N LEU F 243 -56.25 -6.63 -28.49
CA LEU F 243 -55.22 -7.25 -27.68
C LEU F 243 -55.00 -8.71 -28.11
N ARG F 244 -55.99 -9.25 -28.84
CA ARG F 244 -55.89 -10.61 -29.36
C ARG F 244 -54.63 -10.78 -30.19
N TYR F 245 -54.29 -9.77 -30.96
CA TYR F 245 -53.09 -9.77 -31.78
C TYR F 245 -51.80 -9.93 -30.98
N TYR F 246 -51.81 -9.42 -29.74
CA TYR F 246 -50.69 -9.55 -28.84
C TYR F 246 -50.75 -10.87 -28.12
N LEU F 247 -51.87 -11.18 -27.47
CA LEU F 247 -51.95 -12.33 -26.58
C LEU F 247 -52.34 -13.61 -27.27
N MSE F 248 -52.85 -13.51 -28.50
CA MSE F 248 -53.20 -14.70 -29.27
C MSE F 248 -52.56 -14.64 -30.65
O MSE F 248 -53.21 -14.95 -31.67
CB MSE F 248 -54.73 -14.90 -29.34
CG MSE F 248 -55.45 -14.92 -27.97
SE MSE F 248 -57.39 -15.14 -28.13
CE MSE F 248 -57.49 -17.10 -28.32
N GLU F 249 -51.29 -14.25 -30.68
CA GLU F 249 -50.56 -13.99 -31.94
C GLU F 249 -50.61 -15.14 -32.94
N LYS F 250 -50.33 -16.34 -32.45
CA LYS F 250 -50.38 -17.57 -33.22
C LYS F 250 -51.74 -17.72 -33.90
N LYS F 251 -52.82 -17.61 -33.12
CA LYS F 251 -54.20 -17.79 -33.59
C LYS F 251 -54.63 -16.73 -34.59
N MSE F 252 -54.28 -15.48 -34.32
CA MSE F 252 -54.64 -14.35 -35.18
C MSE F 252 -53.92 -14.43 -36.53
O MSE F 252 -54.52 -14.15 -37.58
CB MSE F 252 -54.34 -13.01 -34.48
CG MSE F 252 -55.31 -12.65 -33.33
SE MSE F 252 -57.19 -12.99 -33.78
CE MSE F 252 -57.49 -14.66 -32.81
N PHE F 253 -52.66 -14.83 -36.49
CA PHE F 253 -51.83 -14.91 -37.69
C PHE F 253 -52.34 -15.97 -38.65
N LYS F 254 -52.72 -17.13 -38.12
CA LYS F 254 -53.32 -18.19 -38.93
C LYS F 254 -54.62 -17.68 -39.56
N LYS F 255 -55.36 -16.85 -38.83
CA LYS F 255 -56.59 -16.24 -39.33
C LYS F 255 -56.34 -15.27 -40.50
N ILE F 256 -55.42 -14.33 -40.32
CA ILE F 256 -55.12 -13.31 -41.33
C ILE F 256 -54.48 -13.90 -42.59
N SER F 257 -53.62 -14.90 -42.42
CA SER F 257 -52.85 -15.43 -43.56
C SER F 257 -53.57 -16.48 -44.39
N THR F 258 -54.72 -16.97 -43.92
CA THR F 258 -55.49 -17.95 -44.71
C THR F 258 -56.80 -17.37 -45.25
N HIS F 259 -56.90 -16.05 -45.21
CA HIS F 259 -58.06 -15.33 -45.69
C HIS F 259 -57.65 -14.12 -46.52
N GLU F 260 -58.60 -13.68 -47.36
CA GLU F 260 -58.54 -12.41 -48.07
C GLU F 260 -58.17 -11.30 -47.11
N LEU F 261 -57.26 -10.42 -47.54
CA LEU F 261 -56.86 -9.28 -46.72
C LEU F 261 -58.04 -8.35 -46.47
N ARG F 262 -58.20 -7.90 -45.23
CA ARG F 262 -59.33 -7.04 -44.87
C ARG F 262 -59.52 -5.87 -45.85
N ALA F 263 -58.42 -5.17 -46.15
CA ALA F 263 -58.45 -4.02 -47.05
C ALA F 263 -59.28 -4.27 -48.30
N ARG F 264 -59.16 -5.47 -48.86
CA ARG F 264 -59.90 -5.88 -50.05
C ARG F 264 -61.41 -6.03 -49.80
N GLU F 265 -61.78 -6.56 -48.63
CA GLU F 265 -63.18 -6.64 -48.23
C GLU F 265 -63.73 -5.21 -48.18
N VAL F 266 -63.01 -4.31 -47.49
CA VAL F 266 -63.38 -2.90 -47.37
C VAL F 266 -63.59 -2.24 -48.74
N MSE F 267 -62.60 -2.40 -49.60
CA MSE F 267 -62.64 -1.88 -50.96
C MSE F 267 -63.96 -2.18 -51.67
O MSE F 267 -64.53 -1.33 -52.34
CB MSE F 267 -61.53 -2.55 -51.76
CG MSE F 267 -60.14 -2.03 -51.53
SE MSE F 267 -59.18 -2.00 -53.25
CE MSE F 267 -58.69 -3.93 -53.43
N LYS F 268 -64.42 -3.42 -51.53
CA LYS F 268 -65.66 -3.88 -52.14
C LYS F 268 -66.86 -3.24 -51.43
N ILE F 269 -66.81 -3.21 -50.10
CA ILE F 269 -67.90 -2.60 -49.32
C ILE F 269 -68.04 -1.12 -49.71
N GLU F 270 -66.90 -0.45 -49.88
CA GLU F 270 -66.89 0.98 -50.18
C GLU F 270 -67.24 1.29 -51.63
N LYS F 271 -67.04 0.32 -52.51
CA LYS F 271 -67.40 0.47 -53.91
C LYS F 271 -68.89 0.29 -54.15
N GLU F 272 -69.53 -0.51 -53.30
CA GLU F 272 -70.98 -0.67 -53.35
C GLU F 272 -71.66 0.54 -52.71
N LEU F 273 -71.02 1.13 -51.70
CA LEU F 273 -71.53 2.35 -51.04
C LEU F 273 -71.45 3.60 -51.94
N PHE F 274 -70.33 3.77 -52.65
CA PHE F 274 -70.13 4.93 -53.52
C PHE F 274 -71.14 4.98 -54.65
N GLU F 275 -71.51 3.79 -55.15
CA GLU F 275 -72.53 3.69 -56.20
C GLU F 275 -73.96 3.76 -55.65
N LYS F 276 -74.11 3.64 -54.34
CA LYS F 276 -75.39 3.81 -53.67
C LYS F 276 -75.68 5.30 -53.42
N TYR F 277 -74.66 6.00 -52.91
CA TYR F 277 -74.74 7.44 -52.65
C TYR F 277 -75.14 8.27 -53.89
N ARG F 278 -74.95 7.70 -55.07
CA ARG F 278 -75.32 8.38 -56.31
C ARG F 278 -76.81 8.73 -56.37
N THR F 279 -77.67 7.87 -55.79
CA THR F 279 -79.12 8.07 -55.87
C THR F 279 -79.85 8.04 -54.53
N ALA F 280 -79.14 7.87 -53.43
CA ALA F 280 -79.77 7.74 -52.11
C ALA F 280 -80.38 9.04 -51.58
N VAL F 281 -81.61 8.93 -51.08
CA VAL F 281 -82.28 10.04 -50.39
C VAL F 281 -82.09 9.92 -48.88
N GLU F 282 -81.67 8.74 -48.44
CA GLU F 282 -81.36 8.54 -47.01
C GLU F 282 -80.16 7.63 -46.77
N ILE F 283 -79.62 7.70 -45.56
CA ILE F 283 -78.52 6.84 -45.13
C ILE F 283 -78.91 5.37 -45.31
N PRO F 284 -78.08 4.59 -46.02
CA PRO F 284 -78.34 3.16 -46.22
C PRO F 284 -77.85 2.30 -45.05
N GLU F 285 -77.84 0.97 -45.25
CA GLU F 285 -77.53 0.02 -44.19
C GLU F 285 -76.02 -0.11 -43.94
N SER F 296 -68.14 8.68 -35.32
CA SER F 296 -68.87 9.62 -36.19
C SER F 296 -70.15 10.13 -35.52
N THR F 297 -70.26 9.90 -34.22
CA THR F 297 -71.27 10.51 -33.34
C THR F 297 -70.51 10.81 -32.06
N ALA F 298 -69.33 10.20 -31.96
CA ALA F 298 -68.30 10.62 -31.03
C ALA F 298 -67.82 12.00 -31.45
N ALA F 299 -67.69 12.21 -32.75
CA ALA F 299 -67.21 13.48 -33.29
C ALA F 299 -68.19 14.62 -33.04
N ALA F 300 -69.47 14.40 -33.36
CA ALA F 300 -70.51 15.40 -33.17
C ALA F 300 -70.73 15.74 -31.70
N HIS F 301 -70.86 14.72 -30.85
CA HIS F 301 -71.06 14.91 -29.42
C HIS F 301 -69.89 15.65 -28.75
N LEU F 302 -68.67 15.42 -29.24
CA LEU F 302 -67.49 16.12 -28.73
C LEU F 302 -67.52 17.61 -29.06
N ILE F 303 -67.70 17.93 -30.34
CA ILE F 303 -67.79 19.30 -30.82
C ILE F 303 -68.91 20.02 -30.07
N ARG F 304 -70.04 19.36 -29.91
CA ARG F 304 -71.17 19.90 -29.17
C ARG F 304 -70.79 20.27 -27.74
N ASP F 305 -70.12 19.36 -27.05
CA ASP F 305 -69.76 19.57 -25.65
C ASP F 305 -68.54 20.48 -25.49
N LEU F 306 -67.79 20.65 -26.58
CA LEU F 306 -66.74 21.65 -26.65
C LEU F 306 -67.35 23.07 -26.79
N GLU F 307 -68.53 23.14 -27.39
CA GLU F 307 -69.21 24.40 -27.63
C GLU F 307 -70.02 24.93 -26.46
N THR F 308 -70.73 24.07 -25.75
CA THR F 308 -71.55 24.50 -24.61
C THR F 308 -70.74 24.54 -23.31
N ASP F 309 -71.42 24.92 -22.23
CA ASP F 309 -70.78 25.08 -20.93
C ASP F 309 -71.34 24.12 -19.88
N GLU F 310 -71.97 23.04 -20.34
CA GLU F 310 -72.58 22.03 -19.46
C GLU F 310 -71.52 21.23 -18.70
N GLY F 311 -70.52 20.71 -19.41
CA GLY F 311 -69.53 19.78 -18.87
C GLY F 311 -70.01 18.35 -19.04
N LYS F 312 -69.31 17.59 -19.87
CA LYS F 312 -69.70 16.20 -20.17
C LYS F 312 -68.45 15.34 -20.28
N ILE F 313 -68.59 14.04 -20.03
CA ILE F 313 -67.45 13.13 -20.05
C ILE F 313 -67.30 12.52 -21.44
N HIS F 314 -66.11 12.62 -22.00
CA HIS F 314 -65.77 11.97 -23.26
C HIS F 314 -64.45 11.27 -23.17
N ILE F 315 -64.41 10.04 -23.69
CA ILE F 315 -63.16 9.30 -23.71
C ILE F 315 -62.39 9.69 -24.96
N VAL F 316 -61.17 10.16 -24.75
CA VAL F 316 -60.49 10.92 -25.76
C VAL F 316 -59.01 10.65 -25.59
N ASN F 317 -58.24 10.80 -26.67
CA ASN F 317 -56.78 10.67 -26.65
C ASN F 317 -56.11 12.01 -26.35
N THR F 318 -55.45 12.08 -25.20
CA THR F 318 -54.87 13.32 -24.72
C THR F 318 -53.79 13.01 -23.69
N ARG F 319 -53.07 14.04 -23.24
CA ARG F 319 -52.01 13.81 -22.25
C ARG F 319 -52.62 13.31 -20.96
N ASN F 320 -51.99 12.26 -20.40
CA ASN F 320 -52.37 11.67 -19.11
C ASN F 320 -52.66 12.72 -18.01
N ASN F 321 -51.68 13.59 -17.75
CA ASN F 321 -51.79 14.65 -16.74
C ASN F 321 -52.41 14.17 -15.44
N GLY F 322 -51.91 13.08 -14.86
CA GLY F 322 -52.43 12.62 -13.56
C GLY F 322 -53.70 11.77 -13.55
N SER F 323 -54.26 11.51 -14.73
CA SER F 323 -55.42 10.63 -14.83
C SER F 323 -55.09 9.22 -14.27
N ILE F 324 -53.95 8.70 -14.68
CA ILE F 324 -53.41 7.44 -14.18
C ILE F 324 -52.14 7.81 -13.45
N GLU F 325 -52.19 7.78 -12.12
CA GLU F 325 -51.06 8.29 -11.35
C GLU F 325 -49.82 7.41 -11.47
N ASN F 326 -50.01 6.27 -12.10
CA ASN F 326 -49.03 5.24 -12.28
C ASN F 326 -48.16 5.47 -13.54
N LEU F 327 -48.56 6.44 -14.37
CA LEU F 327 -47.93 6.68 -15.67
C LEU F 327 -47.40 8.12 -15.76
N PRO F 328 -46.34 8.36 -16.54
CA PRO F 328 -45.85 9.72 -16.75
C PRO F 328 -46.93 10.65 -17.30
N ASP F 329 -46.89 11.91 -16.87
CA ASP F 329 -47.89 12.88 -17.23
C ASP F 329 -47.98 13.13 -18.73
N ASP F 330 -46.87 12.96 -19.44
CA ASP F 330 -46.93 13.33 -20.83
C ASP F 330 -47.31 12.22 -21.82
N TYR F 331 -47.49 11.00 -21.35
CA TYR F 331 -47.98 9.95 -22.22
C TYR F 331 -49.36 10.37 -22.71
N VAL F 332 -49.55 10.33 -24.01
CA VAL F 332 -50.88 10.44 -24.58
C VAL F 332 -51.60 9.14 -24.35
N LEU F 333 -52.77 9.22 -23.70
CA LEU F 333 -53.55 8.05 -23.38
C LEU F 333 -54.96 8.26 -23.88
N GLU F 334 -55.67 7.17 -24.12
CA GLU F 334 -57.09 7.23 -24.41
C GLU F 334 -57.82 7.06 -23.05
N ILE F 335 -58.40 8.16 -22.57
CA ILE F 335 -58.93 8.26 -21.20
C ILE F 335 -60.18 9.17 -21.12
N PRO F 336 -60.99 8.99 -20.08
CA PRO F 336 -62.19 9.84 -19.85
C PRO F 336 -61.82 11.25 -19.43
N CYS F 337 -62.43 12.24 -20.06
CA CYS F 337 -62.13 13.65 -19.76
C CYS F 337 -63.40 14.50 -19.58
N TYR F 338 -63.27 15.56 -18.80
CA TYR F 338 -64.37 16.48 -18.57
C TYR F 338 -64.27 17.55 -19.66
N VAL F 339 -65.25 17.59 -20.55
CA VAL F 339 -65.21 18.48 -21.71
C VAL F 339 -66.22 19.62 -21.55
N ARG F 340 -65.73 20.85 -21.69
CA ARG F 340 -66.49 22.04 -21.39
C ARG F 340 -65.85 23.28 -22.03
N SER F 341 -66.68 24.09 -22.70
CA SER F 341 -66.28 25.40 -23.22
C SER F 341 -64.87 25.50 -23.79
N GLY F 342 -64.54 24.63 -24.75
CA GLY F 342 -63.26 24.68 -25.42
C GLY F 342 -62.11 23.98 -24.73
N ARG F 343 -62.36 23.42 -23.55
CA ARG F 343 -61.30 22.78 -22.79
C ARG F 343 -61.61 21.31 -22.46
N VAL F 344 -60.53 20.55 -22.26
CA VAL F 344 -60.56 19.13 -21.98
C VAL F 344 -59.75 18.93 -20.68
N HIS F 345 -60.39 18.48 -19.63
CA HIS F 345 -59.67 18.28 -18.38
C HIS F 345 -59.64 16.82 -18.09
N THR F 346 -58.48 16.32 -17.69
CA THR F 346 -58.41 14.94 -17.25
C THR F 346 -58.97 14.83 -15.85
N LEU F 347 -59.45 13.62 -15.53
CA LEU F 347 -60.03 13.28 -14.24
C LEU F 347 -59.15 12.22 -13.59
N SER F 348 -58.94 12.35 -12.30
CA SER F 348 -58.37 11.30 -11.47
C SER F 348 -58.98 9.93 -11.68
N GLN F 349 -58.14 8.90 -11.82
CA GLN F 349 -58.61 7.52 -11.86
C GLN F 349 -57.89 6.59 -10.88
N GLY F 350 -56.83 7.05 -10.22
CA GLY F 350 -56.04 6.19 -9.36
C GLY F 350 -54.96 5.49 -10.18
N LYS F 351 -54.60 4.27 -9.77
CA LYS F 351 -53.50 3.53 -10.37
C LYS F 351 -53.96 2.58 -11.49
N GLY F 352 -53.10 2.44 -12.50
CA GLY F 352 -53.21 1.43 -13.55
C GLY F 352 -52.65 0.08 -13.15
N ASP F 353 -53.26 -0.97 -13.69
CA ASP F 353 -52.91 -2.35 -13.39
C ASP F 353 -51.53 -2.69 -14.03
N HIS F 354 -50.64 -3.37 -13.31
CA HIS F 354 -49.31 -3.70 -13.87
C HIS F 354 -49.42 -4.42 -15.22
N PHE F 355 -50.46 -5.25 -15.38
CA PHE F 355 -50.63 -5.99 -16.62
C PHE F 355 -50.91 -5.05 -17.79
N ALA F 356 -51.87 -4.15 -17.64
CA ALA F 356 -52.11 -3.09 -18.64
C ALA F 356 -50.87 -2.21 -18.87
N LEU F 357 -50.14 -1.90 -17.81
CA LEU F 357 -48.96 -1.07 -17.92
C LEU F 357 -47.83 -1.68 -18.72
N SER F 358 -47.68 -3.00 -18.69
CA SER F 358 -46.64 -3.62 -19.49
C SER F 358 -46.84 -3.31 -20.98
N PHE F 359 -48.09 -3.39 -21.46
CA PHE F 359 -48.34 -3.14 -22.87
C PHE F 359 -48.21 -1.65 -23.18
N ILE F 360 -48.81 -0.80 -22.33
CA ILE F 360 -48.80 0.63 -22.58
C ILE F 360 -47.39 1.17 -22.70
N HIS F 361 -46.49 0.82 -21.76
CA HIS F 361 -45.10 1.28 -21.80
C HIS F 361 -44.40 0.79 -23.08
N ALA F 362 -44.64 -0.46 -23.45
CA ALA F 362 -43.88 -1.04 -24.54
C ALA F 362 -44.22 -0.32 -25.82
N VAL F 363 -45.50 -0.13 -26.12
CA VAL F 363 -45.81 0.48 -27.41
C VAL F 363 -45.64 2.01 -27.43
N LYS F 364 -45.78 2.62 -26.26
CA LYS F 364 -45.42 4.03 -26.13
C LYS F 364 -43.91 4.28 -26.46
N MSE F 365 -43.03 3.42 -25.98
CA MSE F 365 -41.62 3.53 -26.31
C MSE F 365 -41.44 3.32 -27.81
O MSE F 365 -40.72 4.07 -28.46
CB MSE F 365 -40.76 2.55 -25.50
CG MSE F 365 -40.74 2.80 -23.99
SE MSE F 365 -40.13 4.59 -23.42
CE MSE F 365 -41.84 5.63 -23.50
N TYR F 366 -42.11 2.32 -28.36
CA TYR F 366 -42.11 2.09 -29.78
C TYR F 366 -42.58 3.35 -30.54
N GLU F 367 -43.64 3.98 -30.03
CA GLU F 367 -44.24 5.13 -30.70
C GLU F 367 -43.25 6.31 -30.82
N ARG F 368 -42.54 6.60 -29.72
CA ARG F 368 -41.62 7.73 -29.73
C ARG F 368 -40.41 7.43 -30.61
N LEU F 369 -39.97 6.17 -30.62
CA LEU F 369 -38.86 5.76 -31.46
C LEU F 369 -39.20 5.89 -32.94
N THR F 370 -40.45 5.57 -33.30
CA THR F 370 -40.92 5.77 -34.67
C THR F 370 -40.93 7.25 -35.04
N ILE F 371 -41.47 8.09 -34.16
CA ILE F 371 -41.48 9.53 -34.36
C ILE F 371 -40.06 10.04 -34.54
N GLU F 372 -39.17 9.73 -33.60
CA GLU F 372 -37.78 10.17 -33.67
C GLU F 372 -37.13 9.74 -35.00
N ALA F 373 -37.39 8.50 -35.41
CA ALA F 373 -36.90 8.01 -36.69
C ALA F 373 -37.41 8.86 -37.86
N TYR F 374 -38.67 9.27 -37.80
CA TYR F 374 -39.25 10.13 -38.82
C TYR F 374 -38.60 11.52 -38.85
N LEU F 375 -38.53 12.17 -37.68
CA LEU F 375 -38.03 13.53 -37.57
C LEU F 375 -36.59 13.69 -38.08
N LYS F 376 -35.76 12.68 -37.87
CA LYS F 376 -34.40 12.72 -38.38
C LYS F 376 -34.28 12.02 -39.74
N ARG F 377 -35.39 11.52 -40.26
CA ARG F 377 -35.41 10.76 -41.52
C ARG F 377 -34.32 9.68 -41.58
N SER F 378 -34.26 8.83 -40.55
CA SER F 378 -33.17 7.87 -40.40
C SER F 378 -33.63 6.41 -40.52
N LYS F 379 -33.12 5.75 -41.55
CA LYS F 379 -33.25 4.31 -41.75
C LYS F 379 -32.79 3.54 -40.50
N LYS F 380 -31.58 3.89 -40.03
CA LYS F 380 -31.00 3.37 -38.80
C LYS F 380 -31.98 3.37 -37.63
N LEU F 381 -32.62 4.50 -37.37
CA LEU F 381 -33.52 4.60 -36.22
C LEU F 381 -34.89 3.97 -36.49
N ALA F 382 -35.23 3.81 -37.77
CA ALA F 382 -36.43 3.08 -38.16
C ALA F 382 -36.30 1.61 -37.80
N LEU F 383 -35.10 1.06 -37.97
CA LEU F 383 -34.77 -0.30 -37.57
C LEU F 383 -34.88 -0.48 -36.06
N LYS F 384 -34.34 0.50 -35.34
CA LYS F 384 -34.48 0.59 -33.90
C LYS F 384 -35.96 0.56 -33.50
N ALA F 385 -36.77 1.42 -34.15
CA ALA F 385 -38.20 1.48 -33.87
C ALA F 385 -38.92 0.14 -34.12
N LEU F 386 -38.63 -0.47 -35.25
CA LEU F 386 -39.21 -1.76 -35.62
C LEU F 386 -38.88 -2.88 -34.65
N LEU F 387 -37.63 -2.95 -34.22
CA LEU F 387 -37.21 -3.98 -33.30
C LEU F 387 -37.87 -3.84 -31.94
N SER F 388 -38.26 -2.62 -31.61
CA SER F 388 -38.82 -2.34 -30.30
C SER F 388 -40.28 -2.79 -30.14
N HIS F 389 -40.99 -2.97 -31.25
CA HIS F 389 -42.40 -3.35 -31.21
C HIS F 389 -42.62 -4.79 -30.73
N PRO F 390 -43.48 -5.01 -29.73
CA PRO F 390 -43.77 -6.38 -29.26
C PRO F 390 -44.14 -7.32 -30.41
N LEU F 391 -44.68 -6.76 -31.51
CA LEU F 391 -45.10 -7.56 -32.67
C LEU F 391 -44.16 -7.39 -33.88
N GLY F 392 -42.98 -6.84 -33.63
CA GLY F 392 -42.03 -6.57 -34.69
C GLY F 392 -41.17 -7.75 -35.11
N PRO F 393 -40.31 -7.50 -36.09
CA PRO F 393 -39.34 -8.49 -36.56
C PRO F 393 -38.26 -8.91 -35.55
N ASP F 394 -37.82 -10.16 -35.68
CA ASP F 394 -36.55 -10.63 -35.12
C ASP F 394 -35.41 -9.86 -35.80
N VAL F 395 -34.20 -9.93 -35.24
CA VAL F 395 -33.05 -9.29 -35.86
C VAL F 395 -32.75 -9.85 -37.27
N GLU F 396 -32.99 -11.15 -37.49
CA GLU F 396 -32.82 -11.77 -38.83
C GLU F 396 -33.65 -11.12 -39.94
N ASP F 397 -34.85 -10.66 -39.61
CA ASP F 397 -35.85 -10.25 -40.60
C ASP F 397 -35.93 -8.75 -40.81
N ALA F 398 -35.41 -7.98 -39.85
CA ALA F 398 -35.70 -6.55 -39.75
C ALA F 398 -35.23 -5.70 -40.92
N LYS F 399 -34.02 -5.98 -41.42
CA LYS F 399 -33.44 -5.19 -42.51
C LYS F 399 -34.22 -5.37 -43.80
N ASP F 400 -34.55 -6.61 -44.11
CA ASP F 400 -35.33 -6.91 -45.30
C ASP F 400 -36.74 -6.36 -45.21
N LEU F 401 -37.38 -6.51 -44.05
CA LEU F 401 -38.73 -6.01 -43.87
C LEU F 401 -38.82 -4.50 -44.07
N LEU F 402 -37.93 -3.75 -43.41
CA LEU F 402 -37.87 -2.30 -43.57
C LEU F 402 -37.68 -1.94 -45.05
N GLU F 403 -36.75 -2.62 -45.70
CA GLU F 403 -36.51 -2.35 -47.10
C GLU F 403 -37.79 -2.50 -47.95
N GLU F 404 -38.55 -3.55 -47.69
CA GLU F 404 -39.80 -3.78 -48.42
C GLU F 404 -40.86 -2.71 -48.11
N ILE F 405 -40.91 -2.28 -46.85
CA ILE F 405 -41.87 -1.25 -46.45
C ILE F 405 -41.54 0.08 -47.10
N LEU F 406 -40.25 0.41 -47.12
CA LEU F 406 -39.79 1.68 -47.67
C LEU F 406 -39.91 1.69 -49.20
N GLU F 407 -39.75 0.52 -49.82
CA GLU F 407 -39.94 0.40 -51.26
C GLU F 407 -41.39 0.68 -51.63
N ALA F 408 -42.32 0.12 -50.85
CA ALA F 408 -43.76 0.24 -51.13
C ALA F 408 -44.31 1.64 -50.87
N ASN F 409 -43.67 2.39 -49.97
CA ASN F 409 -44.19 3.69 -49.60
C ASN F 409 -43.31 4.85 -50.09
N ARG F 410 -42.61 4.61 -51.20
CA ARG F 410 -41.69 5.59 -51.79
C ARG F 410 -42.34 6.94 -52.14
N GLU F 411 -43.63 6.92 -52.50
CA GLU F 411 -44.37 8.14 -52.83
C GLU F 411 -44.71 9.01 -51.60
N TYR F 412 -44.51 8.48 -50.40
CA TYR F 412 -45.00 9.17 -49.20
C TYR F 412 -43.95 9.47 -48.14
N VAL F 413 -42.92 8.63 -48.06
CA VAL F 413 -41.91 8.81 -47.03
C VAL F 413 -40.53 8.49 -47.59
N LYS F 414 -39.54 9.29 -47.19
CA LYS F 414 -38.18 9.08 -47.64
C LYS F 414 -37.20 9.11 -46.46
N LEU F 415 -36.60 7.95 -46.19
CA LEU F 415 -35.63 7.81 -45.12
C LEU F 415 -34.23 7.60 -45.68
N GLY F 416 -33.24 8.24 -45.06
CA GLY F 416 -31.86 8.16 -45.52
C GLY F 416 -30.93 7.42 -44.58
N MSE G 2 -81.51 6.30 4.67
CA MSE G 2 -80.38 7.26 4.62
C MSE G 2 -80.40 8.26 5.80
O MSE G 2 -81.34 9.04 5.93
CB MSE G 2 -80.36 8.01 3.28
CG MSE G 2 -79.00 8.59 2.89
SE MSE G 2 -78.72 10.39 3.63
CE MSE G 2 -78.84 11.44 1.93
N ARG G 3 -79.36 8.20 6.63
CA ARG G 3 -79.23 9.07 7.81
C ARG G 3 -77.95 9.94 7.72
N ILE G 4 -78.10 11.20 8.12
CA ILE G 4 -77.03 12.16 8.23
C ILE G 4 -76.79 12.45 9.70
N ALA G 5 -75.53 12.37 10.11
CA ALA G 5 -75.12 12.75 11.48
C ALA G 5 -74.49 14.15 11.50
N VAL G 6 -74.83 14.93 12.51
CA VAL G 6 -74.29 16.27 12.70
C VAL G 6 -73.62 16.33 14.08
N ILE G 7 -72.32 16.63 14.08
CA ILE G 7 -71.48 16.57 15.25
C ILE G 7 -71.16 18.00 15.63
N GLY G 8 -71.69 18.44 16.78
CA GLY G 8 -71.75 19.85 17.13
C GLY G 8 -73.12 20.43 16.85
N GLY G 9 -74.18 19.67 17.14
CA GLY G 9 -75.56 20.11 16.95
C GLY G 9 -75.94 21.43 17.61
N GLY G 10 -75.23 21.82 18.67
CA GLY G 10 -75.51 23.07 19.35
C GLY G 10 -74.83 24.28 18.74
N SER G 11 -74.30 24.12 17.55
CA SER G 11 -73.64 25.24 16.91
C SER G 11 -74.70 26.25 16.45
N SER G 12 -74.40 27.54 16.63
CA SER G 12 -75.31 28.60 16.23
C SER G 12 -75.60 28.57 14.74
N TYR G 13 -74.79 27.82 13.99
CA TYR G 13 -74.99 27.64 12.55
C TYR G 13 -75.92 26.48 12.18
N THR G 14 -76.24 25.61 13.12
CA THR G 14 -77.08 24.45 12.81
C THR G 14 -78.37 24.78 12.02
N PRO G 15 -79.15 25.81 12.39
CA PRO G 15 -80.38 26.11 11.65
C PRO G 15 -80.10 26.30 10.14
N GLU G 16 -79.09 27.07 9.76
CA GLU G 16 -78.76 27.19 8.33
C GLU G 16 -78.46 25.83 7.70
N LEU G 17 -77.67 25.00 8.39
CA LEU G 17 -77.38 23.68 7.86
C LEU G 17 -78.69 22.94 7.61
N VAL G 18 -79.63 23.02 8.57
CA VAL G 18 -80.86 22.23 8.48
C VAL G 18 -81.72 22.75 7.33
N LYS G 19 -81.76 24.07 7.16
CA LYS G 19 -82.41 24.67 5.99
C LYS G 19 -81.81 24.10 4.70
N GLY G 20 -80.48 24.15 4.59
CA GLY G 20 -79.79 23.56 3.45
C GLY G 20 -80.24 22.13 3.23
N LEU G 21 -80.26 21.32 4.28
CA LEU G 21 -80.70 19.93 4.16
C LEU G 21 -82.16 19.86 3.74
N LEU G 22 -83.00 20.79 4.22
CA LEU G 22 -84.41 20.80 3.77
C LEU G 22 -84.49 21.13 2.26
N ASP G 23 -83.71 22.11 1.80
CA ASP G 23 -83.69 22.45 0.37
C ASP G 23 -83.34 21.28 -0.57
N ILE G 24 -82.35 20.45 -0.20
CA ILE G 24 -82.02 19.28 -1.04
C ILE G 24 -82.95 18.07 -0.86
N SER G 25 -83.74 18.05 0.21
CA SER G 25 -84.60 16.90 0.52
C SER G 25 -85.64 16.67 -0.56
N GLU G 26 -85.75 17.65 -1.46
CA GLU G 26 -86.65 17.51 -2.60
C GLU G 26 -86.04 16.59 -3.67
N ASP G 27 -84.72 16.73 -3.88
CA ASP G 27 -83.95 15.99 -4.90
C ASP G 27 -83.30 14.67 -4.45
N VAL G 28 -83.08 14.51 -3.13
CA VAL G 28 -82.53 13.27 -2.57
C VAL G 28 -83.28 12.89 -1.30
N ARG G 29 -83.40 11.58 -1.08
CA ARG G 29 -84.07 11.02 0.08
C ARG G 29 -83.24 11.21 1.34
N ILE G 30 -83.80 11.88 2.35
CA ILE G 30 -83.21 11.97 3.69
C ILE G 30 -84.27 11.51 4.68
N ASP G 31 -84.02 10.41 5.39
CA ASP G 31 -85.01 9.92 6.35
C ASP G 31 -84.78 10.49 7.75
N GLU G 32 -83.50 10.70 8.11
CA GLU G 32 -83.21 11.22 9.43
C GLU G 32 -81.92 12.01 9.57
N VAL G 33 -82.01 13.07 10.36
CA VAL G 33 -80.85 13.82 10.82
C VAL G 33 -80.73 13.64 12.34
N ILE G 34 -79.55 13.17 12.75
CA ILE G 34 -79.29 12.87 14.15
C ILE G 34 -78.18 13.78 14.66
N PHE G 35 -78.40 14.37 15.83
CA PHE G 35 -77.53 15.41 16.34
C PHE G 35 -76.77 14.95 17.59
N TYR G 36 -75.47 15.23 17.65
CA TYR G 36 -74.69 15.04 18.85
C TYR G 36 -73.90 16.28 19.25
N ASP G 37 -73.75 16.50 20.55
CA ASP G 37 -72.96 17.60 21.08
C ASP G 37 -72.58 17.24 22.52
N ILE G 38 -71.38 17.62 22.92
CA ILE G 38 -70.92 17.50 24.31
C ILE G 38 -71.63 18.45 25.30
N ASP G 39 -72.32 19.47 24.77
CA ASP G 39 -73.10 20.42 25.58
C ASP G 39 -74.59 20.20 25.31
N GLU G 40 -75.20 19.33 26.12
CA GLU G 40 -76.58 18.88 26.00
C GLU G 40 -77.60 20.01 25.98
N GLU G 41 -77.41 21.00 26.86
CA GLU G 41 -78.42 22.03 27.07
C GLU G 41 -78.52 23.02 25.91
N LYS G 42 -77.35 23.41 25.40
CA LYS G 42 -77.28 24.32 24.27
C LYS G 42 -77.90 23.64 23.05
N GLN G 43 -77.51 22.39 22.78
CA GLN G 43 -78.05 21.63 21.67
C GLN G 43 -79.58 21.46 21.76
N LYS G 44 -80.09 21.25 22.97
CA LYS G 44 -81.53 21.10 23.18
C LYS G 44 -82.32 22.32 22.67
N ILE G 45 -81.80 23.51 22.91
CA ILE G 45 -82.41 24.72 22.39
C ILE G 45 -82.40 24.74 20.86
N VAL G 46 -81.20 24.66 20.28
CA VAL G 46 -81.03 24.66 18.84
C VAL G 46 -81.90 23.61 18.12
N VAL G 47 -81.92 22.39 18.65
CA VAL G 47 -82.59 21.28 17.98
C VAL G 47 -84.11 21.41 18.09
N ASP G 48 -84.58 22.03 19.17
CA ASP G 48 -85.99 22.35 19.30
C ASP G 48 -86.44 23.37 18.26
N PHE G 49 -85.58 24.34 17.96
CA PHE G 49 -85.80 25.29 16.87
C PHE G 49 -85.81 24.56 15.54
N VAL G 50 -84.92 23.58 15.38
CA VAL G 50 -84.77 22.82 14.14
C VAL G 50 -86.03 22.00 13.82
N LYS G 51 -86.53 21.29 14.81
CA LYS G 51 -87.77 20.51 14.71
C LYS G 51 -88.95 21.37 14.21
N ARG G 52 -88.96 22.65 14.62
CA ARG G 52 -89.99 23.62 14.22
C ARG G 52 -89.83 24.03 12.74
N LEU G 53 -88.58 24.06 12.27
CA LEU G 53 -88.27 24.35 10.86
C LEU G 53 -88.57 23.14 9.98
N VAL G 54 -88.25 21.94 10.49
CA VAL G 54 -88.40 20.68 9.74
C VAL G 54 -89.85 20.22 9.54
N LYS G 55 -90.70 20.31 10.56
CA LYS G 55 -92.12 19.95 10.40
C LYS G 55 -92.33 18.57 9.76
N ASP G 56 -91.77 17.53 10.38
CA ASP G 56 -91.94 16.13 9.96
C ASP G 56 -91.40 15.71 8.58
N ARG G 57 -90.90 16.66 7.79
CA ARG G 57 -90.25 16.38 6.51
C ARG G 57 -89.11 15.35 6.58
N PHE G 58 -88.36 15.32 7.69
CA PHE G 58 -87.56 14.15 8.07
C PHE G 58 -87.50 14.00 9.59
N LYS G 59 -87.06 12.84 10.09
CA LYS G 59 -86.94 12.66 11.55
C LYS G 59 -85.72 13.42 12.08
N VAL G 60 -85.93 14.11 13.20
CA VAL G 60 -84.85 14.80 13.89
C VAL G 60 -84.61 14.05 15.21
N LEU G 61 -83.36 13.60 15.40
CA LEU G 61 -82.96 12.81 16.56
C LEU G 61 -81.76 13.39 17.27
N ILE G 62 -81.69 13.12 18.57
CA ILE G 62 -80.52 13.42 19.37
C ILE G 62 -79.89 12.10 19.81
N SER G 63 -78.57 12.01 19.68
CA SER G 63 -77.82 10.91 20.21
C SER G 63 -77.03 11.38 21.43
N ASP G 64 -77.05 10.57 22.49
CA ASP G 64 -76.26 10.84 23.68
C ASP G 64 -74.75 10.69 23.43
N THR G 65 -74.39 9.93 22.39
CA THR G 65 -73.00 9.67 22.10
C THR G 65 -72.65 9.92 20.63
N PHE G 66 -71.36 10.15 20.40
CA PHE G 66 -70.84 10.21 19.05
C PHE G 66 -71.08 8.90 18.27
N GLU G 67 -70.77 7.76 18.88
CA GLU G 67 -70.98 6.47 18.23
C GLU G 67 -72.44 6.26 17.80
N GLY G 68 -73.39 6.53 18.71
CA GLY G 68 -74.82 6.49 18.40
C GLY G 68 -75.23 7.32 17.18
N ALA G 69 -74.55 8.45 16.95
CA ALA G 69 -74.90 9.34 15.87
C ALA G 69 -74.36 8.84 14.56
N VAL G 70 -73.17 8.24 14.56
CA VAL G 70 -72.54 7.84 13.31
C VAL G 70 -72.77 6.39 12.92
N VAL G 71 -73.23 5.58 13.87
CA VAL G 71 -73.41 4.15 13.63
C VAL G 71 -74.14 3.77 12.30
N ASP G 72 -75.30 4.35 12.03
CA ASP G 72 -75.96 4.01 10.78
C ASP G 72 -75.98 5.17 9.74
N ALA G 73 -75.04 6.09 9.89
CA ALA G 73 -75.06 7.32 9.10
C ALA G 73 -74.32 7.14 7.78
N LYS G 74 -74.87 7.72 6.72
CA LYS G 74 -74.19 7.70 5.44
C LYS G 74 -73.24 8.89 5.30
N TYR G 75 -73.63 10.02 5.90
CA TYR G 75 -72.80 11.20 5.94
C TYR G 75 -72.67 11.68 7.37
N VAL G 76 -71.49 12.22 7.69
CA VAL G 76 -71.19 12.76 9.01
C VAL G 76 -70.59 14.16 8.84
N ILE G 77 -71.21 15.15 9.43
CA ILE G 77 -70.69 16.50 9.34
C ILE G 77 -70.00 16.92 10.65
N PHE G 78 -68.70 17.21 10.54
CA PHE G 78 -67.95 17.80 11.65
C PHE G 78 -68.21 19.31 11.69
N GLN G 79 -68.82 19.75 12.79
CA GLN G 79 -69.29 21.10 12.93
C GLN G 79 -68.87 21.64 14.31
N PHE G 80 -68.05 20.87 15.01
CA PHE G 80 -67.75 21.20 16.41
C PHE G 80 -66.54 22.13 16.52
N ARG G 81 -66.36 22.76 17.68
CA ARG G 81 -65.23 23.64 17.94
C ARG G 81 -64.52 23.30 19.26
N PRO G 82 -63.43 22.55 19.14
CA PRO G 82 -62.68 22.07 20.31
C PRO G 82 -62.17 23.20 21.22
N GLY G 83 -62.41 23.07 22.51
CA GLY G 83 -62.00 24.10 23.44
C GLY G 83 -62.97 25.26 23.51
N GLY G 84 -63.86 25.38 22.52
CA GLY G 84 -64.90 26.40 22.48
C GLY G 84 -64.36 27.78 22.20
N LEU G 85 -65.21 28.80 22.37
CA LEU G 85 -64.81 30.20 22.15
C LEU G 85 -63.70 30.74 23.08
N LYS G 86 -63.63 30.24 24.32
CA LYS G 86 -62.49 30.56 25.20
C LYS G 86 -61.18 30.08 24.55
N GLY G 87 -61.23 28.93 23.89
CA GLY G 87 -60.09 28.42 23.15
C GLY G 87 -59.63 29.35 22.03
N ARG G 88 -60.62 29.87 21.28
CA ARG G 88 -60.36 30.83 20.21
C ARG G 88 -59.82 32.15 20.74
N GLU G 89 -60.35 32.62 21.86
CA GLU G 89 -59.86 33.83 22.51
C GLU G 89 -58.36 33.67 22.83
N ASN G 90 -57.99 32.51 23.39
CA ASN G 90 -56.60 32.21 23.70
C ASN G 90 -55.73 32.14 22.44
N ASP G 91 -56.30 31.58 21.37
CA ASP G 91 -55.62 31.53 20.07
C ASP G 91 -55.26 32.90 19.56
N GLU G 92 -56.23 33.81 19.64
CA GLU G 92 -56.10 35.16 19.11
C GLU G 92 -55.26 36.05 20.00
N GLY G 93 -55.41 35.89 21.32
CA GLY G 93 -54.83 36.79 22.29
C GLY G 93 -53.40 36.49 22.70
N ILE G 94 -53.07 35.22 22.96
CA ILE G 94 -51.73 34.87 23.44
C ILE G 94 -50.56 35.32 22.54
N PRO G 95 -50.65 35.13 21.22
CA PRO G 95 -49.58 35.57 20.32
C PRO G 95 -49.32 37.08 20.28
N LEU G 96 -50.30 37.89 20.67
CA LEU G 96 -50.20 39.33 20.50
C LEU G 96 -49.07 39.97 21.30
N LYS G 97 -48.88 39.54 22.55
CA LYS G 97 -47.78 40.10 23.37
C LYS G 97 -46.38 39.81 22.85
N TYR G 98 -46.27 38.83 21.95
CA TYR G 98 -44.99 38.50 21.33
C TYR G 98 -44.80 39.24 20.02
N GLY G 99 -45.75 40.08 19.64
CA GLY G 99 -45.71 40.83 18.39
C GLY G 99 -46.12 40.01 17.17
N LEU G 100 -46.84 38.92 17.41
CA LEU G 100 -47.22 38.01 16.34
C LEU G 100 -48.71 38.15 16.02
N ILE G 101 -49.08 37.85 14.78
CA ILE G 101 -50.48 37.78 14.36
C ILE G 101 -51.23 36.76 15.18
N GLY G 102 -52.31 37.19 15.82
CA GLY G 102 -53.18 36.28 16.53
C GLY G 102 -54.48 36.16 15.77
N GLN G 103 -54.79 34.95 15.33
CA GLN G 103 -55.96 34.74 14.48
C GLN G 103 -56.44 33.29 14.57
N GLU G 104 -57.76 33.09 14.44
CA GLU G 104 -58.40 31.78 14.63
C GLU G 104 -57.79 30.63 13.78
N THR G 105 -57.49 30.89 12.51
CA THR G 105 -56.95 29.84 11.67
C THR G 105 -55.53 30.04 11.16
N THR G 106 -55.00 31.25 11.26
CA THR G 106 -53.78 31.62 10.53
C THR G 106 -52.63 31.85 11.51
N GLY G 107 -51.48 31.23 11.26
CA GLY G 107 -50.33 31.40 12.14
C GLY G 107 -50.47 30.66 13.46
N VAL G 108 -49.90 31.25 14.52
CA VAL G 108 -49.83 30.61 15.83
C VAL G 108 -51.20 30.16 16.39
N GLY G 109 -52.24 30.97 16.19
CA GLY G 109 -53.58 30.60 16.62
C GLY G 109 -54.13 29.35 15.94
N GLY G 110 -53.80 29.18 14.66
CA GLY G 110 -54.17 28.00 13.89
C GLY G 110 -53.39 26.79 14.37
N PHE G 111 -52.19 27.06 14.86
CA PHE G 111 -51.31 26.03 15.35
C PHE G 111 -51.90 25.41 16.64
N SER G 112 -52.28 26.26 17.59
CA SER G 112 -52.84 25.76 18.84
C SER G 112 -54.23 25.17 18.63
N ALA G 113 -55.03 25.77 17.75
CA ALA G 113 -56.33 25.19 17.33
C ALA G 113 -56.21 23.77 16.73
N ALA G 114 -55.18 23.57 15.90
CA ALA G 114 -54.89 22.24 15.33
C ALA G 114 -54.56 21.21 16.41
N LEU G 115 -53.73 21.59 17.37
CA LEU G 115 -53.33 20.70 18.45
C LEU G 115 -54.52 20.24 19.27
N ARG G 116 -55.44 21.16 19.50
CA ARG G 116 -56.67 20.86 20.23
C ARG G 116 -57.55 19.92 19.43
N ALA G 117 -57.57 20.08 18.11
CA ALA G 117 -58.50 19.33 17.28
C ALA G 117 -58.05 17.88 17.03
N PHE G 118 -56.74 17.68 16.89
CA PHE G 118 -56.20 16.37 16.54
C PHE G 118 -56.66 15.17 17.38
N PRO G 119 -56.62 15.24 18.73
CA PRO G 119 -57.02 14.10 19.55
C PRO G 119 -58.49 13.76 19.33
N ILE G 120 -59.34 14.78 19.20
CA ILE G 120 -60.77 14.55 19.07
C ILE G 120 -61.10 13.92 17.74
N VAL G 121 -60.50 14.43 16.68
CA VAL G 121 -60.80 13.89 15.35
C VAL G 121 -60.16 12.51 15.12
N GLU G 122 -59.03 12.25 15.75
CA GLU G 122 -58.51 10.90 15.79
C GLU G 122 -59.53 9.90 16.41
N GLU G 123 -60.09 10.21 17.59
CA GLU G 123 -61.17 9.37 18.11
C GLU G 123 -62.31 9.26 17.08
N TYR G 124 -62.73 10.39 16.54
CA TYR G 124 -63.98 10.43 15.77
C TYR G 124 -63.86 9.61 14.49
N VAL G 125 -62.77 9.81 13.79
CA VAL G 125 -62.46 9.06 12.57
C VAL G 125 -62.28 7.54 12.84
N ASP G 126 -61.64 7.18 13.94
CA ASP G 126 -61.54 5.81 14.35
C ASP G 126 -62.92 5.14 14.56
N THR G 127 -63.85 5.82 15.22
CA THR G 127 -65.20 5.30 15.48
C THR G 127 -66.04 5.18 14.19
N VAL G 128 -65.96 6.20 13.32
CA VAL G 128 -66.68 6.16 12.04
C VAL G 128 -66.21 4.94 11.23
N ARG G 129 -64.89 4.72 11.20
CA ARG G 129 -64.28 3.67 10.38
C ARG G 129 -64.50 2.25 10.93
N LYS G 130 -64.77 2.14 12.23
CA LYS G 130 -65.10 0.85 12.82
C LYS G 130 -66.60 0.57 12.78
N THR G 131 -67.39 1.51 12.27
CA THR G 131 -68.83 1.32 12.22
C THR G 131 -69.41 1.56 10.82
N SER G 132 -69.94 2.76 10.56
CA SER G 132 -70.66 3.04 9.32
C SER G 132 -69.76 3.24 8.13
N ASN G 133 -68.54 3.67 8.36
CA ASN G 133 -67.64 4.07 7.28
C ASN G 133 -68.24 5.18 6.42
N ALA G 134 -68.92 6.11 7.05
CA ALA G 134 -69.53 7.22 6.32
C ALA G 134 -68.50 8.16 5.68
N THR G 135 -68.98 8.97 4.76
CA THR G 135 -68.26 10.14 4.29
C THR G 135 -68.31 11.26 5.31
N ILE G 136 -67.14 11.76 5.72
CA ILE G 136 -67.09 12.87 6.65
C ILE G 136 -66.91 14.16 5.86
N VAL G 137 -67.82 15.10 6.09
CA VAL G 137 -67.71 16.43 5.56
C VAL G 137 -67.28 17.37 6.69
N ASN G 138 -66.11 17.96 6.58
CA ASN G 138 -65.55 18.71 7.70
C ASN G 138 -65.61 20.25 7.61
N PHE G 139 -66.11 20.86 8.67
CA PHE G 139 -66.06 22.31 8.82
C PHE G 139 -65.18 22.76 9.96
N THR G 140 -65.02 21.92 10.98
CA THR G 140 -64.14 22.22 12.10
C THR G 140 -62.81 22.83 11.64
N ASN G 141 -62.40 23.93 12.25
CA ASN G 141 -61.14 24.56 11.92
C ASN G 141 -59.94 24.12 12.78
N PRO G 142 -58.73 24.10 12.21
CA PRO G 142 -58.49 24.51 10.80
C PRO G 142 -58.74 23.37 9.81
N SER G 143 -59.62 23.63 8.87
CA SER G 143 -60.22 22.58 8.05
C SER G 143 -59.22 21.90 7.11
N GLY G 144 -58.39 22.72 6.46
CA GLY G 144 -57.39 22.20 5.54
C GLY G 144 -56.31 21.42 6.25
N HIS G 145 -55.84 21.93 7.38
CA HIS G 145 -54.87 21.23 8.21
C HIS G 145 -55.41 19.87 8.72
N ILE G 146 -56.66 19.87 9.17
CA ILE G 146 -57.30 18.63 9.66
C ILE G 146 -57.37 17.58 8.54
N THR G 147 -57.80 18.03 7.35
CA THR G 147 -57.88 17.22 6.13
C THR G 147 -56.54 16.61 5.72
N GLU G 148 -55.49 17.43 5.72
CA GLU G 148 -54.13 16.92 5.60
C GLU G 148 -53.82 15.80 6.62
N PHE G 149 -54.24 16.00 7.87
CA PHE G 149 -54.02 15.02 8.95
C PHE G 149 -54.76 13.71 8.68
N VAL G 150 -56.05 13.81 8.38
CA VAL G 150 -56.87 12.63 8.18
C VAL G 150 -56.47 11.85 6.92
N ARG G 151 -56.19 12.57 5.84
CA ARG G 151 -55.97 11.92 4.56
C ARG G 151 -54.60 11.25 4.50
N ASN G 152 -53.59 11.90 5.08
CA ASN G 152 -52.22 11.42 4.93
C ASN G 152 -51.60 10.79 6.18
N TYR G 153 -52.31 10.75 7.29
CA TYR G 153 -51.76 10.18 8.50
C TYR G 153 -52.70 9.19 9.13
N LEU G 154 -54.00 9.53 9.20
CA LEU G 154 -55.02 8.59 9.64
C LEU G 154 -55.36 7.66 8.48
N GLU G 155 -55.15 8.19 7.29
CA GLU G 155 -55.42 7.46 6.04
C GLU G 155 -56.88 7.01 5.88
N TYR G 156 -57.80 7.95 6.10
CA TYR G 156 -59.20 7.70 5.88
C TYR G 156 -59.58 8.49 4.64
N GLU G 157 -59.93 7.77 3.57
CA GLU G 157 -60.18 8.36 2.26
C GLU G 157 -61.40 9.32 2.18
N LYS G 158 -62.53 8.89 2.71
CA LYS G 158 -63.78 9.64 2.65
C LYS G 158 -63.86 10.69 3.75
N PHE G 159 -62.87 11.57 3.76
CA PHE G 159 -62.85 12.77 4.58
C PHE G 159 -62.67 13.97 3.65
N ILE G 160 -63.72 14.76 3.47
CA ILE G 160 -63.67 15.93 2.59
C ILE G 160 -63.74 17.23 3.40
N GLY G 161 -62.69 18.05 3.33
CA GLY G 161 -62.63 19.28 4.09
C GLY G 161 -63.35 20.41 3.37
N LEU G 162 -64.19 21.14 4.07
CA LEU G 162 -64.87 22.26 3.43
C LEU G 162 -64.45 23.59 4.03
N CYS G 163 -64.71 24.65 3.26
CA CYS G 163 -64.55 26.03 3.70
C CYS G 163 -65.61 26.89 3.01
N ASN G 164 -65.96 28.03 3.62
CA ASN G 164 -67.00 28.90 3.04
C ASN G 164 -66.47 29.92 2.03
N VAL G 165 -65.15 29.97 1.81
CA VAL G 165 -64.64 31.06 0.96
C VAL G 165 -64.77 30.82 -0.55
N PRO G 166 -64.58 29.58 -1.01
CA PRO G 166 -64.94 29.26 -2.40
C PRO G 166 -66.44 29.53 -2.72
N ILE G 167 -67.39 29.01 -1.93
CA ILE G 167 -68.81 29.29 -2.21
C ILE G 167 -69.14 30.79 -2.12
N ASN G 168 -68.45 31.50 -1.22
CA ASN G 168 -68.64 32.96 -1.09
C ASN G 168 -68.18 33.68 -2.31
N PHE G 169 -67.03 33.25 -2.84
CA PHE G 169 -66.46 33.95 -3.98
C PHE G 169 -67.24 33.68 -5.27
N ILE G 170 -67.54 32.41 -5.54
CA ILE G 170 -68.40 32.05 -6.67
C ILE G 170 -69.75 32.82 -6.66
N ARG G 171 -70.39 32.89 -5.50
CA ARG G 171 -71.66 33.62 -5.30
C ARG G 171 -71.51 35.10 -5.63
N GLU G 172 -70.36 35.66 -5.31
CA GLU G 172 -70.04 37.03 -5.66
C GLU G 172 -70.01 37.18 -7.19
N ILE G 173 -69.27 36.29 -7.87
CA ILE G 173 -69.10 36.40 -9.33
C ILE G 173 -70.41 36.16 -10.08
N ALA G 174 -71.16 35.16 -9.61
CA ALA G 174 -72.47 34.89 -10.17
C ALA G 174 -73.37 36.14 -10.18
N GLU G 175 -73.50 36.81 -9.04
CA GLU G 175 -74.33 38.04 -8.95
C GLU G 175 -73.73 39.22 -9.72
N MSE G 176 -72.41 39.26 -9.82
CA MSE G 176 -71.72 40.31 -10.58
C MSE G 176 -72.00 40.19 -12.07
O MSE G 176 -71.99 41.19 -12.80
CB MSE G 176 -70.21 40.24 -10.30
CG MSE G 176 -69.37 41.45 -10.77
SE MSE G 176 -67.41 41.00 -10.89
CE MSE G 176 -67.03 40.51 -9.01
N PHE G 177 -72.27 38.96 -12.51
CA PHE G 177 -72.40 38.65 -13.94
C PHE G 177 -73.77 38.14 -14.37
N SER G 178 -74.70 38.10 -13.42
CA SER G 178 -76.09 37.69 -13.63
C SER G 178 -76.22 36.24 -14.11
N ALA G 179 -75.50 35.35 -13.46
CA ALA G 179 -75.50 33.93 -13.81
C ALA G 179 -75.67 33.09 -12.57
N ARG G 180 -75.97 31.81 -12.76
CA ARG G 180 -76.10 30.89 -11.65
C ARG G 180 -74.72 30.45 -11.15
N LEU G 181 -74.68 29.90 -9.93
CA LEU G 181 -73.46 29.34 -9.35
C LEU G 181 -72.77 28.38 -10.33
N GLU G 182 -73.53 27.45 -10.90
CA GLU G 182 -72.97 26.43 -11.80
C GLU G 182 -72.35 27.03 -13.08
N ASP G 183 -72.68 28.28 -13.39
CA ASP G 183 -72.14 28.96 -14.58
C ASP G 183 -70.72 29.46 -14.41
N VAL G 184 -70.25 29.49 -13.17
CA VAL G 184 -68.94 30.04 -12.86
C VAL G 184 -67.95 28.88 -12.71
N PHE G 185 -66.86 28.95 -13.47
CA PHE G 185 -65.80 27.93 -13.42
C PHE G 185 -64.47 28.63 -13.20
N LEU G 186 -63.65 28.08 -12.31
CA LEU G 186 -62.47 28.77 -11.81
C LEU G 186 -61.19 27.98 -12.04
N LYS G 187 -60.07 28.67 -12.26
CA LYS G 187 -58.80 28.06 -11.91
C LYS G 187 -58.42 28.47 -10.45
N TYR G 188 -58.60 27.52 -9.54
CA TYR G 188 -58.50 27.81 -8.10
C TYR G 188 -57.59 26.77 -7.45
N TYR G 189 -56.60 27.23 -6.68
CA TYR G 189 -55.74 26.31 -5.91
C TYR G 189 -55.04 26.98 -4.74
N GLY G 190 -54.64 26.16 -3.78
CA GLY G 190 -53.91 26.60 -2.61
C GLY G 190 -54.28 25.78 -1.40
N LEU G 191 -54.08 26.36 -0.23
CA LEU G 191 -54.49 25.73 1.01
C LEU G 191 -55.73 26.45 1.46
N ASN G 192 -56.48 25.79 2.32
CA ASN G 192 -57.61 26.40 2.98
C ASN G 192 -57.16 27.71 3.63
N HIS G 193 -57.93 28.78 3.41
CA HIS G 193 -57.54 30.13 3.86
C HIS G 193 -56.18 30.64 3.31
N LEU G 194 -55.79 30.12 2.15
CA LEU G 194 -54.48 30.41 1.55
C LEU G 194 -54.57 30.01 0.08
N SER G 195 -55.57 30.56 -0.58
CA SER G 195 -55.93 30.16 -1.93
C SER G 195 -55.69 31.29 -2.93
N PHE G 196 -55.69 30.91 -4.20
CA PHE G 196 -55.36 31.81 -5.26
C PHE G 196 -56.28 31.49 -6.45
N ILE G 197 -56.77 32.54 -7.11
CA ILE G 197 -57.53 32.37 -8.34
C ILE G 197 -56.76 33.02 -9.48
N GLU G 198 -56.56 32.24 -10.52
CA GLU G 198 -55.73 32.65 -11.65
C GLU G 198 -56.59 32.91 -12.90
N LYS G 199 -57.79 32.37 -12.92
CA LYS G 199 -58.66 32.44 -14.09
C LYS G 199 -60.13 32.37 -13.67
N VAL G 200 -60.96 33.23 -14.25
CA VAL G 200 -62.41 33.26 -14.00
C VAL G 200 -63.18 33.11 -15.31
N PHE G 201 -64.04 32.10 -15.38
CA PHE G 201 -64.94 31.86 -16.52
C PHE G 201 -66.39 31.88 -16.06
N VAL G 202 -67.21 32.59 -16.80
CA VAL G 202 -68.65 32.68 -16.59
C VAL G 202 -69.28 32.26 -17.92
N LYS G 203 -70.15 31.25 -17.89
CA LYS G 203 -70.78 30.72 -19.11
C LYS G 203 -69.78 30.47 -20.25
N GLY G 204 -68.58 29.99 -19.90
CA GLY G 204 -67.54 29.69 -20.87
C GLY G 204 -66.62 30.83 -21.28
N GLU G 205 -67.06 32.05 -21.03
CA GLU G 205 -66.30 33.24 -21.39
C GLU G 205 -65.23 33.56 -20.34
N ASP G 206 -64.01 33.81 -20.82
CA ASP G 206 -62.88 34.21 -19.99
C ASP G 206 -63.07 35.65 -19.53
N VAL G 207 -63.52 35.82 -18.29
CA VAL G 207 -63.84 37.15 -17.74
C VAL G 207 -62.80 37.62 -16.73
N THR G 208 -61.62 37.00 -16.77
CA THR G 208 -60.56 37.29 -15.80
C THR G 208 -60.25 38.80 -15.69
N GLU G 209 -59.96 39.45 -16.81
CA GLU G 209 -59.62 40.88 -16.79
C GLU G 209 -60.74 41.75 -16.23
N LYS G 210 -61.98 41.39 -16.52
CA LYS G 210 -63.15 42.15 -16.05
C LYS G 210 -63.23 42.10 -14.53
N VAL G 211 -62.97 40.92 -13.95
CA VAL G 211 -62.95 40.74 -12.49
C VAL G 211 -61.90 41.62 -11.84
N PHE G 212 -60.67 41.57 -12.36
CA PHE G 212 -59.58 42.45 -11.93
C PHE G 212 -60.02 43.91 -11.94
N GLU G 213 -60.59 44.34 -13.07
CA GLU G 213 -61.09 45.70 -13.28
C GLU G 213 -62.15 46.05 -12.24
N ASN G 214 -63.10 45.14 -12.06
CA ASN G 214 -64.21 45.35 -11.15
C ASN G 214 -63.78 45.39 -9.69
N LEU G 215 -62.64 44.76 -9.40
CA LEU G 215 -62.06 44.73 -8.05
C LEU G 215 -61.45 46.08 -7.64
N LYS G 216 -61.18 46.94 -8.62
CA LYS G 216 -60.64 48.28 -8.37
C LYS G 216 -61.70 49.25 -7.85
N LEU G 217 -62.74 49.52 -8.65
CA LEU G 217 -63.86 50.32 -8.18
C LEU G 217 -64.65 49.61 -7.04
N LYS G 218 -64.03 48.63 -6.39
CA LYS G 218 -64.53 48.10 -5.12
C LYS G 218 -63.84 48.83 -3.94
N LEU G 219 -64.58 49.72 -3.27
CA LEU G 219 -64.07 50.50 -2.14
C LEU G 219 -64.51 49.94 -0.76
N SER G 220 -64.71 50.83 0.22
CA SER G 220 -65.05 50.50 1.62
C SER G 220 -63.80 50.29 2.49
N ASP G 226 -57.14 46.71 2.49
CA ASP G 226 -57.05 45.64 1.49
C ASP G 226 -56.10 46.02 0.34
N PHE G 227 -55.82 45.06 -0.54
CA PHE G 227 -54.74 45.19 -1.53
C PHE G 227 -54.98 46.33 -2.49
N PRO G 228 -53.93 47.12 -2.77
CA PRO G 228 -54.04 48.26 -3.68
C PRO G 228 -54.02 47.82 -5.14
N THR G 229 -54.34 48.75 -6.04
CA THR G 229 -54.43 48.49 -7.48
C THR G 229 -53.20 47.83 -8.07
N TRP G 230 -52.02 48.36 -7.72
CA TRP G 230 -50.76 47.89 -8.31
C TRP G 230 -50.45 46.44 -7.94
N PHE G 231 -50.88 46.01 -6.75
CA PHE G 231 -50.73 44.61 -6.33
C PHE G 231 -51.36 43.67 -7.34
N TYR G 232 -52.62 43.95 -7.71
CA TYR G 232 -53.32 43.06 -8.62
C TYR G 232 -52.69 43.07 -10.00
N ASP G 233 -52.14 44.22 -10.38
CA ASP G 233 -51.41 44.38 -11.64
C ASP G 233 -50.04 43.70 -11.74
N SER G 234 -49.44 43.37 -10.59
CA SER G 234 -48.13 42.71 -10.56
C SER G 234 -48.23 41.20 -10.36
N VAL G 235 -48.94 40.80 -9.32
CA VAL G 235 -49.01 39.41 -8.93
C VAL G 235 -49.96 38.67 -9.88
N ARG G 236 -51.02 39.34 -10.34
CA ARG G 236 -51.96 38.80 -11.33
C ARG G 236 -52.72 37.56 -10.85
N LEU G 237 -52.96 37.52 -9.55
CA LEU G 237 -53.77 36.49 -8.95
C LEU G 237 -54.82 37.23 -8.16
N ILE G 238 -56.01 36.63 -8.06
CA ILE G 238 -56.99 37.05 -7.08
C ILE G 238 -56.67 36.24 -5.84
N VAL G 239 -56.42 36.94 -4.75
CA VAL G 239 -55.90 36.34 -3.54
C VAL G 239 -56.99 36.17 -2.45
N ASN G 240 -56.92 35.09 -1.68
CA ASN G 240 -57.71 34.92 -0.47
C ASN G 240 -57.40 36.10 0.48
N PRO G 241 -58.43 36.71 1.07
CA PRO G 241 -58.22 37.90 1.91
C PRO G 241 -57.32 37.59 3.10
N TYR G 242 -57.27 36.33 3.54
CA TYR G 242 -56.40 35.90 4.63
C TYR G 242 -54.91 36.13 4.35
N LEU G 243 -54.54 36.28 3.08
CA LEU G 243 -53.14 36.51 2.73
C LEU G 243 -52.64 37.85 3.27
N ARG G 244 -53.57 38.71 3.64
CA ARG G 244 -53.25 40.01 4.22
C ARG G 244 -52.36 39.82 5.45
N TYR G 245 -52.60 38.74 6.18
CA TYR G 245 -51.84 38.48 7.39
C TYR G 245 -50.39 38.19 7.06
N TYR G 246 -50.18 37.65 5.87
CA TYR G 246 -48.84 37.35 5.38
C TYR G 246 -48.22 38.55 4.71
N LEU G 247 -48.97 39.20 3.82
CA LEU G 247 -48.44 40.26 2.95
C LEU G 247 -48.53 41.65 3.55
N MSE G 248 -49.41 41.83 4.52
CA MSE G 248 -49.50 43.12 5.22
C MSE G 248 -49.40 42.94 6.72
O MSE G 248 -50.12 43.61 7.49
CB MSE G 248 -50.80 43.84 4.87
CG MSE G 248 -51.41 43.49 3.52
SE MSE G 248 -52.76 44.80 3.04
CE MSE G 248 -52.36 44.96 1.22
N GLU G 249 -48.50 42.05 7.15
CA GLU G 249 -48.34 41.67 8.55
C GLU G 249 -48.42 42.84 9.52
N LYS G 250 -47.60 43.87 9.29
CA LYS G 250 -47.57 45.03 10.18
C LYS G 250 -48.91 45.73 10.33
N LYS G 251 -49.60 45.98 9.22
CA LYS G 251 -50.90 46.63 9.22
C LYS G 251 -51.97 45.80 9.97
N MSE G 252 -51.94 44.48 9.76
CA MSE G 252 -52.89 43.59 10.41
C MSE G 252 -52.63 43.43 11.90
O MSE G 252 -53.57 43.35 12.70
CB MSE G 252 -52.93 42.22 9.72
CG MSE G 252 -53.32 42.27 8.25
SE MSE G 252 -55.08 43.11 7.92
CE MSE G 252 -54.62 44.31 6.49
N PHE G 253 -51.36 43.40 12.30
CA PHE G 253 -51.01 43.30 13.71
C PHE G 253 -51.54 44.50 14.48
N LYS G 254 -51.30 45.68 13.93
CA LYS G 254 -51.77 46.92 14.50
C LYS G 254 -53.29 46.93 14.65
N LYS G 255 -53.99 46.37 13.67
CA LYS G 255 -55.44 46.26 13.68
C LYS G 255 -55.96 45.30 14.76
N ILE G 256 -55.40 44.09 14.81
CA ILE G 256 -55.81 43.06 15.77
C ILE G 256 -55.52 43.50 17.19
N SER G 257 -54.38 44.16 17.39
CA SER G 257 -53.94 44.52 18.74
C SER G 257 -54.50 45.85 19.27
N THR G 258 -55.20 46.60 18.40
CA THR G 258 -55.87 47.85 18.80
C THR G 258 -57.41 47.73 18.89
N HIS G 259 -57.92 46.50 18.78
CA HIS G 259 -59.35 46.26 18.86
C HIS G 259 -59.64 45.06 19.74
N GLU G 260 -60.91 44.92 20.14
CA GLU G 260 -61.38 43.73 20.84
C GLU G 260 -61.08 42.46 20.07
N LEU G 261 -60.70 41.43 20.81
CA LEU G 261 -60.50 40.13 20.20
C LEU G 261 -61.83 39.66 19.58
N ARG G 262 -61.75 39.18 18.34
CA ARG G 262 -62.91 38.72 17.59
C ARG G 262 -63.76 37.74 18.41
N ALA G 263 -63.13 36.73 19.02
CA ALA G 263 -63.84 35.71 19.80
C ALA G 263 -64.83 36.28 20.82
N ARG G 264 -64.50 37.43 21.41
CA ARG G 264 -65.35 38.02 22.42
C ARG G 264 -66.56 38.69 21.78
N GLU G 265 -66.43 39.05 20.50
CA GLU G 265 -67.54 39.64 19.74
C GLU G 265 -68.55 38.56 19.34
N VAL G 266 -68.04 37.46 18.78
CA VAL G 266 -68.90 36.33 18.41
C VAL G 266 -69.55 35.66 19.64
N MSE G 267 -68.85 35.71 20.78
CA MSE G 267 -69.45 35.29 22.06
C MSE G 267 -70.77 36.03 22.28
O MSE G 267 -71.79 35.40 22.54
CB MSE G 267 -68.50 35.58 23.23
CG MSE G 267 -67.64 34.40 23.69
SE MSE G 267 -66.10 34.98 24.80
CE MSE G 267 -64.64 34.12 23.80
N LYS G 268 -70.74 37.35 22.12
CA LYS G 268 -71.92 38.22 22.31
C LYS G 268 -73.00 37.97 21.24
N ILE G 269 -72.58 37.87 19.98
CA ILE G 269 -73.48 37.55 18.88
C ILE G 269 -74.19 36.23 19.15
N GLU G 270 -73.43 35.21 19.57
CA GLU G 270 -73.95 33.87 19.83
C GLU G 270 -74.90 33.80 21.04
N LYS G 271 -74.61 34.59 22.06
CA LYS G 271 -75.45 34.67 23.24
C LYS G 271 -76.75 35.38 22.87
N GLU G 272 -76.71 36.16 21.81
CA GLU G 272 -77.88 36.89 21.30
C GLU G 272 -78.74 35.97 20.43
N LEU G 273 -78.07 35.13 19.64
CA LEU G 273 -78.73 34.23 18.69
C LEU G 273 -79.46 33.12 19.43
N PHE G 274 -78.76 32.49 20.37
CA PHE G 274 -79.31 31.42 21.21
C PHE G 274 -80.64 31.83 21.84
N GLU G 275 -80.69 33.06 22.37
CA GLU G 275 -81.90 33.63 22.95
C GLU G 275 -83.07 33.73 21.95
N LYS G 276 -82.76 34.06 20.70
CA LYS G 276 -83.77 34.12 19.65
C LYS G 276 -84.22 32.73 19.19
N TYR G 277 -83.31 31.75 19.15
CA TYR G 277 -83.68 30.37 18.84
C TYR G 277 -84.69 29.76 19.82
N ARG G 278 -84.74 30.32 21.03
CA ARG G 278 -85.71 29.90 22.03
C ARG G 278 -87.15 29.98 21.46
N THR G 279 -87.45 31.06 20.72
CA THR G 279 -88.82 31.39 20.30
C THR G 279 -89.08 31.49 18.78
N ALA G 280 -88.03 31.71 18.00
CA ALA G 280 -88.15 32.01 16.56
C ALA G 280 -88.87 30.91 15.78
N VAL G 281 -89.64 31.29 14.77
CA VAL G 281 -90.36 30.33 13.92
C VAL G 281 -89.73 30.30 12.53
N GLU G 282 -88.84 31.28 12.30
CA GLU G 282 -88.15 31.50 11.04
C GLU G 282 -86.71 31.85 11.39
N ILE G 283 -85.79 31.58 10.46
CA ILE G 283 -84.37 31.93 10.66
C ILE G 283 -84.27 33.46 10.88
N PRO G 284 -83.49 33.87 11.89
CA PRO G 284 -83.27 35.29 12.17
C PRO G 284 -82.27 35.89 11.18
N GLU G 285 -82.37 37.19 10.94
CA GLU G 285 -81.51 37.86 9.94
C GLU G 285 -80.06 38.01 10.42
N GLU G 286 -79.86 38.43 11.67
CA GLU G 286 -78.50 38.60 12.22
C GLU G 286 -77.72 37.29 12.26
N SER G 293 -72.29 33.12 7.47
CA SER G 293 -71.74 32.23 6.45
C SER G 293 -72.78 31.26 5.89
N MSE G 294 -72.72 31.06 4.57
CA MSE G 294 -73.48 30.00 3.90
C MSE G 294 -72.57 28.82 3.57
O MSE G 294 -72.60 28.30 2.45
CB MSE G 294 -74.18 30.49 2.64
CG MSE G 294 -75.66 30.11 2.57
SE MSE G 294 -76.76 31.70 2.87
CE MSE G 294 -78.68 30.92 2.76
N TYR G 295 -71.75 28.45 4.55
CA TYR G 295 -71.02 27.18 4.53
C TYR G 295 -72.06 26.07 4.40
N SER G 296 -73.25 26.37 4.91
CA SER G 296 -74.34 25.42 5.02
C SER G 296 -74.71 24.93 3.64
N THR G 297 -74.94 25.89 2.75
CA THR G 297 -75.19 25.65 1.34
C THR G 297 -74.10 24.74 0.79
N ALA G 298 -72.84 24.99 1.17
CA ALA G 298 -71.75 24.18 0.65
C ALA G 298 -71.93 22.71 1.07
N ALA G 299 -72.34 22.47 2.31
CA ALA G 299 -72.47 21.11 2.82
C ALA G 299 -73.61 20.35 2.15
N ALA G 300 -74.79 20.96 2.11
CA ALA G 300 -75.97 20.34 1.53
C ALA G 300 -75.79 20.06 0.02
N HIS G 301 -75.19 20.98 -0.70
CA HIS G 301 -74.96 20.76 -2.10
C HIS G 301 -73.92 19.68 -2.42
N LEU G 302 -72.89 19.58 -1.58
CA LEU G 302 -71.89 18.54 -1.74
C LEU G 302 -72.50 17.16 -1.48
N ILE G 303 -73.34 17.05 -0.45
CA ILE G 303 -73.97 15.79 -0.09
C ILE G 303 -74.90 15.38 -1.21
N ARG G 304 -75.68 16.34 -1.67
CA ARG G 304 -76.59 16.15 -2.81
C ARG G 304 -75.88 15.62 -4.05
N ASP G 305 -74.73 16.19 -4.38
CA ASP G 305 -74.04 15.77 -5.60
C ASP G 305 -73.21 14.51 -5.41
N LEU G 306 -72.91 14.18 -4.16
CA LEU G 306 -72.37 12.88 -3.84
C LEU G 306 -73.48 11.82 -3.97
N GLU G 307 -74.74 12.23 -3.77
CA GLU G 307 -75.84 11.27 -3.81
C GLU G 307 -76.31 10.96 -5.24
N THR G 308 -76.33 11.95 -6.13
CA THR G 308 -76.77 11.68 -7.50
C THR G 308 -75.59 11.36 -8.44
N ASP G 309 -75.96 10.97 -9.67
CA ASP G 309 -75.03 10.63 -10.74
C ASP G 309 -74.89 11.73 -11.79
N GLU G 310 -75.36 12.93 -11.47
CA GLU G 310 -75.27 14.08 -12.38
C GLU G 310 -73.82 14.45 -12.75
N GLY G 311 -72.99 14.71 -11.76
CA GLY G 311 -71.64 15.20 -12.02
C GLY G 311 -71.61 16.72 -11.92
N LYS G 312 -71.05 17.23 -10.82
CA LYS G 312 -71.01 18.68 -10.57
C LYS G 312 -69.65 19.06 -10.04
N ILE G 313 -69.29 20.34 -10.18
CA ILE G 313 -68.02 20.87 -9.68
C ILE G 313 -68.15 21.46 -8.28
N HIS G 314 -67.29 21.02 -7.38
CA HIS G 314 -67.20 21.58 -6.04
C HIS G 314 -65.75 21.84 -5.69
N ILE G 315 -65.46 23.03 -5.16
CA ILE G 315 -64.12 23.27 -4.62
C ILE G 315 -64.09 22.74 -3.20
N VAL G 316 -63.19 21.82 -2.95
CA VAL G 316 -63.14 21.09 -1.67
C VAL G 316 -61.68 20.82 -1.34
N ASN G 317 -61.42 20.42 -0.10
CA ASN G 317 -60.08 20.06 0.33
C ASN G 317 -59.85 18.55 0.19
N THR G 318 -58.89 18.21 -0.66
CA THR G 318 -58.56 16.83 -1.00
C THR G 318 -57.13 16.73 -1.58
N ARG G 319 -56.65 15.51 -1.77
CA ARG G 319 -55.32 15.29 -2.37
C ARG G 319 -55.22 15.88 -3.78
N ASN G 320 -54.17 16.65 -4.03
CA ASN G 320 -53.88 17.22 -5.34
C ASN G 320 -54.03 16.25 -6.55
N ASN G 321 -53.40 15.07 -6.46
CA ASN G 321 -53.44 14.03 -7.51
C ASN G 321 -53.43 14.59 -8.92
N GLY G 322 -52.51 15.49 -9.18
CA GLY G 322 -52.37 15.98 -10.53
C GLY G 322 -53.19 17.20 -10.97
N SER G 323 -54.11 17.69 -10.15
CA SER G 323 -54.79 18.95 -10.42
C SER G 323 -53.80 20.08 -10.71
N ILE G 324 -52.81 20.23 -9.84
CA ILE G 324 -51.74 21.21 -10.04
C ILE G 324 -50.47 20.43 -10.30
N GLU G 325 -50.01 20.49 -11.55
CA GLU G 325 -48.97 19.56 -12.00
C GLU G 325 -47.55 19.77 -11.44
N ASN G 326 -47.25 20.98 -10.97
CA ASN G 326 -45.96 21.28 -10.32
C ASN G 326 -46.06 21.34 -8.79
N LEU G 327 -47.01 20.62 -8.22
CA LEU G 327 -47.10 20.38 -6.79
C LEU G 327 -47.19 18.85 -6.57
N PRO G 328 -46.64 18.28 -5.50
CA PRO G 328 -46.80 16.84 -5.25
C PRO G 328 -48.26 16.38 -5.16
N ASP G 329 -48.48 15.17 -5.65
CA ASP G 329 -49.78 14.52 -5.65
C ASP G 329 -50.46 14.44 -4.28
N ASP G 330 -49.67 14.28 -3.22
CA ASP G 330 -50.25 14.00 -1.91
C ASP G 330 -50.50 15.24 -1.07
N TYR G 331 -50.11 16.41 -1.56
CA TYR G 331 -50.51 17.66 -0.90
C TYR G 331 -52.02 17.74 -0.86
N VAL G 332 -52.60 17.92 0.33
CA VAL G 332 -54.00 18.29 0.39
C VAL G 332 -54.14 19.74 -0.09
N LEU G 333 -54.92 19.94 -1.14
CA LEU G 333 -55.18 21.29 -1.62
C LEU G 333 -56.68 21.60 -1.63
N GLU G 334 -57.00 22.88 -1.66
CA GLU G 334 -58.36 23.33 -1.87
C GLU G 334 -58.50 23.60 -3.36
N ILE G 335 -59.28 22.78 -4.04
CA ILE G 335 -59.32 22.76 -5.51
C ILE G 335 -60.66 22.35 -6.09
N PRO G 336 -60.90 22.63 -7.37
CA PRO G 336 -62.16 22.25 -8.02
C PRO G 336 -62.18 20.78 -8.43
N CYS G 337 -63.23 20.06 -8.01
CA CYS G 337 -63.39 18.64 -8.24
C CYS G 337 -64.74 18.33 -8.86
N TYR G 338 -64.74 17.25 -9.64
CA TYR G 338 -65.89 16.66 -10.26
C TYR G 338 -66.40 15.66 -9.24
N VAL G 339 -67.61 15.90 -8.75
CA VAL G 339 -68.25 15.12 -7.71
C VAL G 339 -69.41 14.35 -8.32
N ARG G 340 -69.45 13.05 -8.05
CA ARG G 340 -70.45 12.15 -8.67
C ARG G 340 -70.48 10.78 -7.99
N SER G 341 -71.68 10.37 -7.61
CA SER G 341 -71.94 9.05 -7.00
C SER G 341 -70.94 8.62 -5.93
N GLY G 342 -70.84 9.39 -4.84
CA GLY G 342 -69.96 9.04 -3.75
C GLY G 342 -68.47 9.22 -4.00
N ARG G 343 -68.09 9.68 -5.20
CA ARG G 343 -66.69 9.95 -5.49
C ARG G 343 -66.33 11.41 -5.82
N VAL G 344 -65.08 11.77 -5.54
CA VAL G 344 -64.55 13.07 -5.77
C VAL G 344 -63.37 12.85 -6.73
N HIS G 345 -63.49 13.38 -7.95
CA HIS G 345 -62.44 13.30 -8.94
C HIS G 345 -61.76 14.62 -9.12
N THR G 346 -60.46 14.53 -9.09
CA THR G 346 -59.62 15.69 -9.24
C THR G 346 -59.57 16.05 -10.74
N LEU G 347 -59.51 17.33 -11.05
CA LEU G 347 -59.57 17.84 -12.40
C LEU G 347 -58.26 18.54 -12.77
N SER G 348 -57.76 18.28 -13.98
CA SER G 348 -56.51 18.91 -14.42
C SER G 348 -56.66 20.43 -14.59
N GLN G 349 -55.67 21.16 -14.10
CA GLN G 349 -55.66 22.63 -14.15
C GLN G 349 -54.39 23.23 -14.76
N GLY G 350 -53.31 22.44 -14.88
CA GLY G 350 -52.02 22.95 -15.34
C GLY G 350 -51.11 23.36 -14.19
N LYS G 351 -50.24 24.35 -14.42
CA LYS G 351 -49.20 24.75 -13.46
C LYS G 351 -49.64 25.84 -12.48
N GLY G 352 -49.16 25.77 -11.26
CA GLY G 352 -49.43 26.81 -10.31
C GLY G 352 -48.34 27.85 -10.45
N ASP G 353 -48.68 29.08 -10.08
CA ASP G 353 -47.78 30.22 -10.19
C ASP G 353 -46.77 30.21 -9.04
N HIS G 354 -45.51 30.57 -9.33
CA HIS G 354 -44.40 30.54 -8.34
C HIS G 354 -44.68 31.28 -7.04
N PHE G 355 -45.23 32.49 -7.16
CA PHE G 355 -45.63 33.32 -6.03
C PHE G 355 -46.58 32.54 -5.12
N ALA G 356 -47.59 31.88 -5.70
CA ALA G 356 -48.56 31.10 -4.93
C ALA G 356 -47.91 29.90 -4.27
N LEU G 357 -47.01 29.27 -5.01
CA LEU G 357 -46.30 28.08 -4.55
C LEU G 357 -45.38 28.30 -3.34
N SER G 358 -44.79 29.48 -3.21
CA SER G 358 -43.94 29.71 -2.05
C SER G 358 -44.74 29.67 -0.78
N PHE G 359 -45.95 30.26 -0.80
CA PHE G 359 -46.83 30.21 0.36
C PHE G 359 -47.25 28.77 0.65
N ILE G 360 -47.73 28.07 -0.38
CA ILE G 360 -48.28 26.74 -0.23
C ILE G 360 -47.25 25.74 0.32
N HIS G 361 -46.03 25.80 -0.22
CA HIS G 361 -44.95 24.91 0.21
C HIS G 361 -44.59 25.12 1.68
N ALA G 362 -44.39 26.39 2.04
CA ALA G 362 -44.05 26.77 3.39
C ALA G 362 -45.08 26.33 4.44
N VAL G 363 -46.36 26.61 4.23
CA VAL G 363 -47.31 26.26 5.28
C VAL G 363 -47.69 24.77 5.23
N LYS G 364 -47.46 24.14 4.08
CA LYS G 364 -47.61 22.72 3.99
C LYS G 364 -46.56 22.01 4.84
N MSE G 365 -45.31 22.45 4.74
CA MSE G 365 -44.22 21.91 5.57
C MSE G 365 -44.52 22.17 7.02
O MSE G 365 -44.32 21.29 7.86
CB MSE G 365 -42.87 22.48 5.20
CG MSE G 365 -42.47 22.25 3.78
SE MSE G 365 -42.28 20.34 3.34
CE MSE G 365 -44.08 19.90 2.61
N TYR G 366 -45.02 23.37 7.33
CA TYR G 366 -45.43 23.72 8.68
C TYR G 366 -46.49 22.74 9.19
N GLU G 367 -47.47 22.45 8.34
CA GLU G 367 -48.59 21.66 8.82
C GLU G 367 -48.23 20.20 9.08
N ARG G 368 -47.32 19.66 8.29
CA ARG G 368 -46.77 18.32 8.54
C ARG G 368 -45.89 18.28 9.79
N LEU G 369 -45.13 19.34 10.02
CA LEU G 369 -44.31 19.40 11.22
C LEU G 369 -45.19 19.40 12.46
N THR G 370 -46.32 20.11 12.39
CA THR G 370 -47.29 20.14 13.49
C THR G 370 -47.92 18.76 13.75
N ILE G 371 -48.33 18.09 12.68
CA ILE G 371 -48.88 16.73 12.77
C ILE G 371 -47.87 15.76 13.42
N GLU G 372 -46.64 15.80 12.95
CA GLU G 372 -45.59 14.97 13.48
C GLU G 372 -45.35 15.20 14.98
N ALA G 373 -45.38 16.46 15.41
CA ALA G 373 -45.16 16.80 16.82
C ALA G 373 -46.28 16.24 17.65
N TYR G 374 -47.52 16.42 17.17
CA TYR G 374 -48.69 15.82 17.80
C TYR G 374 -48.56 14.30 17.93
N LEU G 375 -48.16 13.63 16.84
CA LEU G 375 -48.10 12.18 16.80
C LEU G 375 -47.08 11.59 17.76
N LYS G 376 -45.93 12.26 17.91
CA LYS G 376 -44.92 11.81 18.84
C LYS G 376 -45.03 12.52 20.19
N ARG G 377 -46.16 13.20 20.41
CA ARG G 377 -46.42 13.98 21.64
C ARG G 377 -45.22 14.78 22.18
N SER G 378 -44.53 15.49 21.29
CA SER G 378 -43.22 16.05 21.59
C SER G 378 -43.15 17.58 21.60
N LYS G 379 -42.77 18.12 22.74
CA LYS G 379 -42.43 19.54 22.88
C LYS G 379 -41.33 19.96 21.89
N LYS G 380 -40.25 19.18 21.82
CA LYS G 380 -39.12 19.56 20.96
C LYS G 380 -39.62 19.70 19.54
N LEU G 381 -40.46 18.77 19.10
CA LEU G 381 -40.96 18.82 17.73
C LEU G 381 -42.03 19.91 17.56
N ALA G 382 -42.75 20.22 18.62
CA ALA G 382 -43.71 21.33 18.54
C ALA G 382 -42.99 22.68 18.32
N LEU G 383 -41.87 22.88 19.00
CA LEU G 383 -40.99 24.03 18.76
C LEU G 383 -40.55 24.11 17.30
N LYS G 384 -40.21 22.96 16.72
CA LYS G 384 -39.74 22.91 15.36
C LYS G 384 -40.85 23.39 14.44
N ALA G 385 -42.05 22.84 14.64
CA ALA G 385 -43.21 23.24 13.85
C ALA G 385 -43.44 24.73 14.00
N LEU G 386 -43.40 25.21 15.26
CA LEU G 386 -43.70 26.60 15.54
C LEU G 386 -42.73 27.56 14.81
N LEU G 387 -41.44 27.21 14.79
CA LEU G 387 -40.42 28.04 14.18
C LEU G 387 -40.53 28.07 12.65
N SER G 388 -41.21 27.08 12.11
CA SER G 388 -41.29 26.89 10.67
C SER G 388 -42.37 27.73 10.03
N HIS G 389 -43.39 28.10 10.81
CA HIS G 389 -44.48 28.92 10.28
C HIS G 389 -43.99 30.32 9.87
N PRO G 390 -44.36 30.75 8.67
CA PRO G 390 -43.98 32.09 8.19
C PRO G 390 -44.47 33.21 9.07
N LEU G 391 -45.45 33.00 9.96
CA LEU G 391 -45.88 34.00 10.96
C LEU G 391 -45.60 33.55 12.40
N GLY G 392 -44.72 32.57 12.56
CA GLY G 392 -44.35 32.05 13.86
C GLY G 392 -43.30 32.91 14.54
N PRO G 393 -42.87 32.55 15.74
CA PRO G 393 -41.95 33.40 16.52
C PRO G 393 -40.52 33.37 15.99
N ASP G 394 -39.72 34.32 16.42
CA ASP G 394 -38.27 34.25 16.28
C ASP G 394 -37.75 33.31 17.34
N VAL G 395 -36.53 32.79 17.16
CA VAL G 395 -35.92 31.91 18.16
C VAL G 395 -36.05 32.46 19.59
N GLU G 396 -35.78 33.75 19.77
CA GLU G 396 -35.77 34.38 21.10
C GLU G 396 -37.13 34.36 21.83
N ASP G 397 -38.20 34.00 21.13
CA ASP G 397 -39.55 34.00 21.72
C ASP G 397 -40.28 32.63 21.69
N ALA G 398 -39.70 31.65 21.01
CA ALA G 398 -40.38 30.37 20.79
C ALA G 398 -40.70 29.59 22.07
N LYS G 399 -39.70 29.41 22.94
CA LYS G 399 -39.87 28.63 24.15
C LYS G 399 -40.96 29.20 25.06
N ASP G 400 -40.90 30.50 25.31
CA ASP G 400 -41.89 31.20 26.15
C ASP G 400 -43.28 31.10 25.53
N LEU G 401 -43.37 31.26 24.21
CA LEU G 401 -44.65 31.27 23.53
C LEU G 401 -45.33 29.88 23.55
N LEU G 402 -44.57 28.82 23.25
CA LEU G 402 -45.10 27.47 23.32
C LEU G 402 -45.57 27.10 24.72
N GLU G 403 -44.77 27.44 25.72
CA GLU G 403 -45.10 27.17 27.11
C GLU G 403 -46.44 27.77 27.51
N GLU G 404 -46.72 28.96 27.01
CA GLU G 404 -47.97 29.65 27.29
C GLU G 404 -49.15 28.98 26.57
N ILE G 405 -48.94 28.63 25.30
CA ILE G 405 -49.92 27.85 24.56
C ILE G 405 -50.28 26.55 25.29
N LEU G 406 -49.26 25.78 25.68
CA LEU G 406 -49.45 24.46 26.27
C LEU G 406 -50.15 24.56 27.60
N GLU G 407 -49.82 25.61 28.33
CA GLU G 407 -50.43 25.90 29.63
C GLU G 407 -51.93 26.18 29.48
N ALA G 408 -52.29 26.94 28.45
CA ALA G 408 -53.67 27.30 28.21
C ALA G 408 -54.51 26.12 27.73
N ASN G 409 -53.87 25.18 27.03
CA ASN G 409 -54.55 24.02 26.47
C ASN G 409 -54.32 22.70 27.21
N ARG G 410 -53.93 22.80 28.49
CA ARG G 410 -53.81 21.68 29.43
C ARG G 410 -54.87 20.58 29.26
N GLU G 411 -56.14 20.98 29.15
CA GLU G 411 -57.26 20.05 29.08
C GLU G 411 -57.28 19.23 27.81
N TYR G 412 -56.64 19.77 26.78
CA TYR G 412 -56.86 19.31 25.42
C TYR G 412 -55.66 18.65 24.76
N VAL G 413 -54.45 19.12 25.06
CA VAL G 413 -53.23 18.48 24.58
C VAL G 413 -52.15 18.38 25.62
N LYS G 414 -51.47 17.24 25.66
CA LYS G 414 -50.32 17.09 26.52
C LYS G 414 -49.13 16.62 25.71
N LEU G 415 -48.10 17.46 25.70
CA LEU G 415 -46.86 17.21 24.99
C LEU G 415 -45.77 17.03 26.03
N GLY G 416 -44.79 16.17 25.75
CA GLY G 416 -43.76 15.87 26.73
C GLY G 416 -42.29 15.93 26.31
N MSE H 2 -3.38 23.35 -21.41
CA MSE H 2 -4.38 23.59 -20.32
C MSE H 2 -4.23 24.99 -19.73
O MSE H 2 -3.20 25.35 -19.13
CB MSE H 2 -4.26 22.56 -19.21
CG MSE H 2 -5.58 22.32 -18.47
SE MSE H 2 -5.83 23.60 -16.99
CE MSE H 2 -5.27 22.46 -15.45
N ARG H 3 -5.29 25.78 -19.87
CA ARG H 3 -5.23 27.19 -19.48
C ARG H 3 -6.48 27.60 -18.66
N ILE H 4 -6.22 28.16 -17.46
CA ILE H 4 -7.24 28.56 -16.48
C ILE H 4 -7.41 30.07 -16.52
N ALA H 5 -8.60 30.54 -16.90
CA ALA H 5 -8.88 31.97 -16.85
C ALA H 5 -9.48 32.35 -15.50
N VAL H 6 -9.10 33.54 -15.03
CA VAL H 6 -9.56 34.09 -13.75
C VAL H 6 -10.20 35.43 -14.09
N ILE H 7 -11.51 35.55 -13.86
CA ILE H 7 -12.25 36.78 -14.22
C ILE H 7 -12.50 37.61 -12.95
N GLY H 8 -11.78 38.74 -12.83
CA GLY H 8 -11.72 39.48 -11.58
C GLY H 8 -10.33 39.36 -10.98
N GLY H 9 -9.33 39.45 -11.87
CA GLY H 9 -7.92 39.37 -11.50
C GLY H 9 -7.60 40.20 -10.27
N GLY H 10 -8.05 41.46 -10.27
CA GLY H 10 -7.86 42.37 -9.15
C GLY H 10 -8.44 41.97 -7.79
N SER H 11 -9.26 40.91 -7.71
CA SER H 11 -9.84 40.56 -6.41
C SER H 11 -8.71 40.50 -5.40
N SER H 12 -9.04 40.74 -4.14
CA SER H 12 -8.09 40.67 -3.06
C SER H 12 -7.86 39.22 -2.64
N TYR H 13 -8.73 38.31 -3.09
CA TYR H 13 -8.53 36.89 -2.73
C TYR H 13 -7.56 36.18 -3.72
N THR H 14 -7.28 36.82 -4.87
CA THR H 14 -6.45 36.23 -5.92
C THR H 14 -5.18 35.52 -5.44
N PRO H 15 -4.38 36.12 -4.56
CA PRO H 15 -3.17 35.43 -4.07
C PRO H 15 -3.52 34.05 -3.53
N GLU H 16 -4.55 33.96 -2.69
CA GLU H 16 -4.93 32.65 -2.15
C GLU H 16 -5.35 31.65 -3.29
N LEU H 17 -6.07 32.12 -4.29
CA LEU H 17 -6.44 31.24 -5.41
C LEU H 17 -5.13 30.70 -5.94
N VAL H 18 -4.30 31.62 -6.41
CA VAL H 18 -3.02 31.26 -7.01
C VAL H 18 -2.26 30.28 -6.12
N LYS H 19 -2.14 30.56 -4.83
CA LYS H 19 -1.43 29.59 -3.97
C LYS H 19 -2.03 28.18 -4.25
N GLY H 20 -3.35 28.03 -4.09
CA GLY H 20 -4.04 26.76 -4.27
C GLY H 20 -3.70 26.19 -5.63
N LEU H 21 -3.81 27.01 -6.68
CA LEU H 21 -3.46 26.56 -8.03
C LEU H 21 -2.03 26.02 -8.08
N LEU H 22 -1.13 26.65 -7.32
CA LEU H 22 0.26 26.16 -7.23
C LEU H 22 0.33 24.79 -6.53
N ASP H 23 -0.39 24.61 -5.43
CA ASP H 23 -0.30 23.36 -4.68
C ASP H 23 -0.84 22.14 -5.45
N ILE H 24 -1.74 22.36 -6.40
CA ILE H 24 -2.22 21.28 -7.27
C ILE H 24 -1.34 21.10 -8.52
N SER H 25 -0.27 21.90 -8.65
CA SER H 25 0.63 21.86 -9.82
C SER H 25 1.45 20.59 -9.95
N GLU H 26 1.67 19.90 -8.84
CA GLU H 26 2.40 18.63 -8.83
C GLU H 26 1.56 17.47 -9.38
N ASP H 27 0.25 17.51 -9.11
CA ASP H 27 -0.66 16.39 -9.43
C ASP H 27 -1.32 16.50 -10.81
N VAL H 28 -1.49 17.74 -11.28
CA VAL H 28 -2.07 18.01 -12.59
C VAL H 28 -1.26 19.09 -13.29
N ARG H 29 -1.21 19.03 -14.62
CA ARG H 29 -0.49 20.01 -15.42
C ARG H 29 -1.27 21.32 -15.63
N ILE H 30 -0.66 22.44 -15.22
CA ILE H 30 -1.18 23.77 -15.55
C ILE H 30 -0.11 24.45 -16.39
N ASP H 31 -0.46 24.87 -17.60
CA ASP H 31 0.50 25.55 -18.47
C ASP H 31 0.52 27.06 -18.23
N GLU H 32 -0.67 27.66 -18.19
CA GLU H 32 -0.79 29.09 -17.97
C GLU H 32 -2.04 29.50 -17.21
N VAL H 33 -1.93 30.60 -16.47
CA VAL H 33 -3.05 31.23 -15.78
C VAL H 33 -3.16 32.66 -16.31
N ILE H 34 -4.35 33.02 -16.80
CA ILE H 34 -4.57 34.35 -17.38
C ILE H 34 -5.61 35.14 -16.59
N PHE H 35 -5.37 36.43 -16.42
CA PHE H 35 -6.23 37.26 -15.58
C PHE H 35 -6.97 38.35 -16.37
N TYR H 36 -8.23 38.56 -16.03
CA TYR H 36 -8.99 39.67 -16.58
C TYR H 36 -9.63 40.48 -15.44
N ASP H 37 -9.65 41.79 -15.60
CA ASP H 37 -10.36 42.68 -14.69
C ASP H 37 -10.83 43.93 -15.44
N ILE H 38 -11.91 44.54 -14.97
CA ILE H 38 -12.36 45.81 -15.54
C ILE H 38 -11.51 46.97 -15.01
N ASP H 39 -10.84 46.74 -13.88
CA ASP H 39 -9.95 47.74 -13.30
C ASP H 39 -8.50 47.29 -13.47
N GLU H 40 -7.90 47.71 -14.57
CA GLU H 40 -6.55 47.26 -14.94
C GLU H 40 -5.48 47.73 -13.96
N GLU H 41 -5.70 48.91 -13.38
CA GLU H 41 -4.81 49.48 -12.37
C GLU H 41 -4.73 48.59 -11.12
N LYS H 42 -5.88 48.19 -10.60
CA LYS H 42 -5.97 47.33 -9.42
C LYS H 42 -5.32 45.95 -9.66
N GLN H 43 -5.68 45.32 -10.79
CA GLN H 43 -5.18 43.99 -11.15
C GLN H 43 -3.66 43.96 -11.28
N LYS H 44 -3.12 44.99 -11.92
CA LYS H 44 -1.68 45.13 -12.15
C LYS H 44 -0.85 44.84 -10.90
N ILE H 45 -1.26 45.41 -9.77
CA ILE H 45 -0.55 45.25 -8.51
C ILE H 45 -0.70 43.82 -7.97
N VAL H 46 -1.91 43.27 -8.03
CA VAL H 46 -2.17 41.92 -7.56
C VAL H 46 -1.38 40.92 -8.37
N VAL H 47 -1.50 40.99 -9.70
CA VAL H 47 -0.86 40.03 -10.60
C VAL H 47 0.67 40.10 -10.48
N ASP H 48 1.21 41.30 -10.32
CA ASP H 48 2.65 41.44 -10.09
C ASP H 48 3.10 40.78 -8.78
N PHE H 49 2.20 40.73 -7.79
CA PHE H 49 2.47 39.98 -6.57
C PHE H 49 2.36 38.48 -6.85
N VAL H 50 1.37 38.10 -7.66
CA VAL H 50 1.18 36.71 -8.06
C VAL H 50 2.45 36.19 -8.73
N LYS H 51 3.00 36.98 -9.66
CA LYS H 51 4.21 36.66 -10.42
C LYS H 51 5.41 36.32 -9.52
N ARG H 52 5.51 37.03 -8.40
CA ARG H 52 6.55 36.79 -7.41
C ARG H 52 6.34 35.46 -6.66
N LEU H 53 5.08 35.07 -6.48
CA LEU H 53 4.75 33.83 -5.81
C LEU H 53 4.93 32.61 -6.72
N VAL H 54 4.56 32.74 -7.99
CA VAL H 54 4.60 31.59 -8.89
C VAL H 54 6.02 31.26 -9.36
N LYS H 55 6.79 32.29 -9.71
CA LYS H 55 8.20 32.12 -10.10
C LYS H 55 8.37 31.12 -11.24
N ASP H 56 7.64 31.33 -12.33
CA ASP H 56 7.76 30.54 -13.55
C ASP H 56 7.30 29.07 -13.44
N ARG H 57 6.58 28.73 -12.37
CA ARG H 57 6.03 27.39 -12.24
C ARG H 57 4.93 27.17 -13.28
N PHE H 58 4.24 28.26 -13.65
CA PHE H 58 3.42 28.32 -14.87
C PHE H 58 3.41 29.74 -15.41
N LYS H 59 3.06 29.91 -16.69
CA LYS H 59 2.98 31.23 -17.31
C LYS H 59 1.83 32.07 -16.74
N VAL H 60 2.10 33.32 -16.41
CA VAL H 60 1.07 34.26 -15.92
C VAL H 60 0.84 35.36 -16.95
N LEU H 61 -0.41 35.49 -17.39
CA LEU H 61 -0.78 36.43 -18.45
C LEU H 61 -1.90 37.37 -18.01
N ILE H 62 -1.97 38.53 -18.66
CA ILE H 62 -3.10 39.45 -18.50
C ILE H 62 -3.77 39.68 -19.86
N SER H 63 -5.09 39.52 -19.89
CA SER H 63 -5.89 39.78 -21.10
C SER H 63 -6.61 41.12 -21.02
N ASP H 64 -6.61 41.85 -22.14
CA ASP H 64 -7.29 43.13 -22.25
C ASP H 64 -8.81 43.01 -22.40
N THR H 65 -9.30 41.86 -22.87
CA THR H 65 -10.74 41.64 -23.02
C THR H 65 -11.21 40.40 -22.25
N PHE H 66 -12.53 40.20 -22.18
CA PHE H 66 -13.06 38.96 -21.63
C PHE H 66 -12.76 37.81 -22.60
N GLU H 67 -13.05 38.04 -23.88
CA GLU H 67 -12.88 37.04 -24.93
C GLU H 67 -11.45 36.46 -24.98
N GLY H 68 -10.47 37.34 -24.80
CA GLY H 68 -9.07 36.96 -24.85
C GLY H 68 -8.65 36.05 -23.71
N ALA H 69 -9.30 36.19 -22.57
CA ALA H 69 -8.95 35.41 -21.40
C ALA H 69 -9.54 34.01 -21.46
N VAL H 70 -10.74 33.88 -22.05
CA VAL H 70 -11.47 32.61 -22.03
C VAL H 70 -11.11 31.65 -23.17
N VAL H 71 -10.83 32.19 -24.37
CA VAL H 71 -10.59 31.33 -25.54
C VAL H 71 -9.44 30.36 -25.29
N TYR H 75 -10.87 25.76 -18.00
CA TYR H 75 -11.44 26.31 -16.77
C TYR H 75 -11.51 27.82 -16.80
N VAL H 76 -12.65 28.36 -16.34
CA VAL H 76 -12.88 29.79 -16.23
C VAL H 76 -13.48 30.09 -14.86
N ILE H 77 -12.76 30.84 -14.04
CA ILE H 77 -13.20 31.15 -12.68
C ILE H 77 -13.83 32.55 -12.60
N PHE H 78 -15.12 32.60 -12.26
CA PHE H 78 -15.80 33.87 -12.01
C PHE H 78 -15.57 34.30 -10.57
N GLN H 79 -14.87 35.41 -10.38
CA GLN H 79 -14.63 35.96 -9.04
C GLN H 79 -14.71 37.49 -9.03
N PHE H 80 -15.44 38.06 -10.00
CA PHE H 80 -15.69 39.49 -10.06
C PHE H 80 -16.82 39.90 -9.09
N ARG H 81 -16.92 41.21 -8.82
CA ARG H 81 -17.98 41.78 -7.98
C ARG H 81 -18.70 42.91 -8.70
N PRO H 82 -19.86 42.62 -9.29
CA PRO H 82 -20.62 43.61 -10.07
C PRO H 82 -21.12 44.76 -9.19
N GLY H 83 -20.60 45.96 -9.48
CA GLY H 83 -20.89 47.17 -8.74
C GLY H 83 -19.88 47.55 -7.67
N GLY H 84 -18.90 46.67 -7.43
CA GLY H 84 -17.92 46.85 -6.36
C GLY H 84 -18.47 46.92 -4.94
N LEU H 85 -17.66 47.41 -4.02
CA LEU H 85 -18.08 47.53 -2.62
C LEU H 85 -19.08 48.66 -2.43
N LYS H 86 -19.09 49.59 -3.39
CA LYS H 86 -20.12 50.62 -3.50
C LYS H 86 -21.50 49.99 -3.62
N GLY H 87 -21.60 48.95 -4.46
CA GLY H 87 -22.84 48.22 -4.67
C GLY H 87 -23.25 47.50 -3.41
N ARG H 88 -22.28 46.84 -2.78
CA ARG H 88 -22.52 46.13 -1.54
C ARG H 88 -23.06 47.07 -0.45
N GLU H 89 -22.56 48.31 -0.43
CA GLU H 89 -22.98 49.30 0.56
C GLU H 89 -24.47 49.65 0.42
N ASN H 90 -24.90 49.92 -0.81
CA ASN H 90 -26.32 50.14 -1.10
C ASN H 90 -27.18 48.91 -0.78
N ASP H 91 -26.66 47.72 -1.07
CA ASP H 91 -27.35 46.47 -0.74
C ASP H 91 -27.64 46.33 0.75
N GLU H 92 -26.66 46.64 1.59
CA GLU H 92 -26.80 46.51 3.03
C GLU H 92 -27.58 47.65 3.62
N GLY H 93 -27.36 48.85 3.07
CA GLY H 93 -27.90 50.10 3.61
C GLY H 93 -29.38 50.37 3.36
N ILE H 94 -29.81 50.25 2.10
CA ILE H 94 -31.18 50.59 1.69
C ILE H 94 -32.32 49.82 2.41
N PRO H 95 -32.26 48.47 2.44
CA PRO H 95 -33.30 47.70 3.16
C PRO H 95 -33.50 48.15 4.60
N LEU H 96 -32.40 48.57 5.26
CA LEU H 96 -32.41 49.04 6.64
C LEU H 96 -33.48 50.09 6.89
N LYS H 97 -33.66 50.98 5.92
CA LYS H 97 -34.59 52.11 6.05
C LYS H 97 -36.07 51.71 6.08
N TYR H 98 -36.34 50.44 5.75
CA TYR H 98 -37.71 49.93 5.75
C TYR H 98 -37.92 48.87 6.82
N GLY H 99 -36.97 48.76 7.74
CA GLY H 99 -37.07 47.77 8.81
C GLY H 99 -36.73 46.38 8.34
N LEU H 100 -35.94 46.30 7.28
CA LEU H 100 -35.62 45.03 6.63
C LEU H 100 -34.15 44.67 6.78
N ILE H 101 -33.84 43.38 6.77
CA ILE H 101 -32.46 42.88 6.78
C ILE H 101 -31.68 43.38 5.57
N GLY H 102 -30.57 44.05 5.84
CA GLY H 102 -29.63 44.47 4.83
C GLY H 102 -28.34 43.66 4.90
N GLN H 103 -28.16 42.79 3.92
CA GLN H 103 -27.01 41.89 3.87
C GLN H 103 -26.60 41.62 2.41
N GLU H 104 -25.32 41.33 2.22
CA GLU H 104 -24.75 41.09 0.89
C GLU H 104 -25.49 40.03 0.06
N THR H 105 -25.89 38.91 0.67
CA THR H 105 -26.42 37.77 -0.09
C THR H 105 -27.84 37.35 0.26
N THR H 106 -28.33 37.80 1.41
CA THR H 106 -29.54 37.26 2.03
C THR H 106 -30.64 38.32 2.02
N GLY H 107 -31.72 38.04 1.31
CA GLY H 107 -32.88 38.90 1.31
C GLY H 107 -32.75 39.99 0.27
N VAL H 108 -33.32 41.15 0.57
CA VAL H 108 -33.34 42.29 -0.36
C VAL H 108 -31.98 42.67 -0.94
N GLY H 109 -30.95 42.68 -0.09
CA GLY H 109 -29.61 42.96 -0.56
C GLY H 109 -29.13 41.98 -1.63
N GLY H 110 -29.55 40.72 -1.52
CA GLY H 110 -29.15 39.73 -2.50
C GLY H 110 -29.94 39.89 -3.78
N PHE H 111 -31.16 40.37 -3.62
CA PHE H 111 -32.04 40.67 -4.74
C PHE H 111 -31.34 41.67 -5.66
N SER H 112 -30.88 42.79 -5.11
CA SER H 112 -30.23 43.80 -5.94
C SER H 112 -28.88 43.32 -6.48
N ALA H 113 -28.16 42.51 -5.70
CA ALA H 113 -26.89 41.97 -6.19
C ALA H 113 -27.12 41.08 -7.41
N ALA H 114 -28.17 40.26 -7.37
CA ALA H 114 -28.56 39.38 -8.48
C ALA H 114 -28.89 40.17 -9.73
N LEU H 115 -29.75 41.18 -9.61
CA LEU H 115 -30.13 42.01 -10.74
C LEU H 115 -28.89 42.64 -11.40
N ARG H 116 -27.93 43.03 -10.58
CA ARG H 116 -26.66 43.57 -11.06
C ARG H 116 -25.81 42.53 -11.81
N ALA H 117 -25.75 41.31 -11.29
CA ALA H 117 -24.89 40.28 -11.85
C ALA H 117 -25.42 39.71 -13.17
N PHE H 118 -26.73 39.47 -13.23
CA PHE H 118 -27.34 38.81 -14.38
C PHE H 118 -26.91 39.29 -15.79
N PRO H 119 -26.93 40.60 -16.06
CA PRO H 119 -26.54 41.09 -17.40
C PRO H 119 -25.08 40.75 -17.74
N ILE H 120 -24.18 40.89 -16.77
CA ILE H 120 -22.77 40.57 -16.94
C ILE H 120 -22.54 39.06 -17.13
N VAL H 121 -23.17 38.24 -16.30
CA VAL H 121 -23.08 36.78 -16.41
C VAL H 121 -23.60 36.29 -17.77
N GLU H 122 -24.74 36.84 -18.20
CA GLU H 122 -25.34 36.50 -19.48
C GLU H 122 -24.32 36.68 -20.61
N GLU H 123 -23.77 37.89 -20.69
CA GLU H 123 -22.76 38.27 -21.68
C GLU H 123 -21.52 37.37 -21.62
N TYR H 124 -21.12 36.98 -20.41
CA TYR H 124 -19.91 36.19 -20.22
C TYR H 124 -20.13 34.72 -20.58
N VAL H 125 -21.25 34.15 -20.14
CA VAL H 125 -21.57 32.77 -20.46
C VAL H 125 -21.71 32.62 -21.98
N ASP H 126 -22.40 33.59 -22.59
CA ASP H 126 -22.57 33.61 -24.05
C ASP H 126 -21.23 33.62 -24.79
N THR H 127 -20.24 34.37 -24.28
CA THR H 127 -18.91 34.42 -24.90
C THR H 127 -18.14 33.12 -24.73
N VAL H 128 -18.23 32.49 -23.56
CA VAL H 128 -17.52 31.22 -23.33
C VAL H 128 -18.15 30.10 -24.18
N ARG H 129 -19.48 30.00 -24.14
CA ARG H 129 -20.25 29.05 -24.96
C ARG H 129 -19.86 29.10 -26.44
N LYS H 130 -19.62 30.33 -26.92
CA LYS H 130 -19.34 30.59 -28.32
C LYS H 130 -17.86 30.43 -28.71
N THR H 131 -17.00 30.20 -27.71
CA THR H 131 -15.57 30.00 -27.95
C THR H 131 -15.05 28.65 -27.42
N SER H 132 -14.70 28.62 -26.13
CA SER H 132 -13.89 27.55 -25.55
C SER H 132 -14.71 26.41 -24.95
N ASN H 133 -15.96 26.71 -24.59
CA ASN H 133 -16.83 25.78 -23.89
C ASN H 133 -16.16 25.18 -22.65
N ALA H 134 -15.39 26.01 -21.95
CA ALA H 134 -14.74 25.62 -20.68
C ALA H 134 -15.76 25.47 -19.54
N THR H 135 -15.35 24.76 -18.49
CA THR H 135 -16.13 24.67 -17.26
C THR H 135 -15.93 25.97 -16.51
N ILE H 136 -17.05 26.60 -16.10
CA ILE H 136 -17.00 27.81 -15.30
C ILE H 136 -17.22 27.46 -13.83
N VAL H 137 -16.27 27.87 -13.00
CA VAL H 137 -16.35 27.70 -11.56
C VAL H 137 -16.71 29.09 -11.04
N ASN H 138 -17.91 29.23 -10.48
CA ASN H 138 -18.41 30.54 -10.04
C ASN H 138 -18.31 30.82 -8.54
N PHE H 139 -17.78 32.00 -8.24
CA PHE H 139 -17.71 32.56 -6.88
C PHE H 139 -18.59 33.79 -6.71
N THR H 140 -18.76 34.55 -7.78
CA THR H 140 -19.59 35.76 -7.80
C THR H 140 -20.93 35.54 -7.09
N ASN H 141 -21.26 36.48 -6.22
CA ASN H 141 -22.45 36.34 -5.44
C ASN H 141 -23.60 37.08 -6.10
N PRO H 142 -24.84 36.62 -5.88
CA PRO H 142 -25.15 35.41 -5.11
C PRO H 142 -24.95 34.11 -5.93
N SER H 143 -24.04 33.27 -5.45
CA SER H 143 -23.52 32.17 -6.23
C SER H 143 -24.57 31.10 -6.56
N GLY H 144 -25.41 30.73 -5.60
CA GLY H 144 -26.44 29.76 -5.89
C GLY H 144 -27.46 30.29 -6.89
N HIS H 145 -27.86 31.54 -6.68
CA HIS H 145 -28.86 32.22 -7.50
C HIS H 145 -28.38 32.36 -8.94
N ILE H 146 -27.11 32.72 -9.11
CA ILE H 146 -26.53 32.83 -10.45
C ILE H 146 -26.54 31.43 -11.10
N THR H 147 -26.25 30.42 -10.29
CA THR H 147 -26.19 29.05 -10.78
C THR H 147 -27.57 28.54 -11.23
N GLU H 148 -28.61 28.89 -10.48
CA GLU H 148 -29.97 28.59 -10.88
C GLU H 148 -30.24 29.23 -12.24
N PHE H 149 -29.86 30.49 -12.38
CA PHE H 149 -30.06 31.25 -13.60
C PHE H 149 -29.31 30.64 -14.80
N VAL H 150 -28.04 30.29 -14.62
CA VAL H 150 -27.24 29.78 -15.71
C VAL H 150 -27.67 28.38 -16.13
N ARG H 151 -27.93 27.50 -15.16
CA ARG H 151 -28.28 26.12 -15.49
C ARG H 151 -29.69 25.98 -16.04
N ASN H 152 -30.68 26.66 -15.45
CA ASN H 152 -32.07 26.42 -15.86
C ASN H 152 -32.65 27.41 -16.87
N TYR H 153 -31.99 28.53 -17.06
CA TYR H 153 -32.52 29.57 -17.93
C TYR H 153 -31.62 29.86 -19.13
N LEU H 154 -30.33 30.11 -18.88
CA LEU H 154 -29.38 30.22 -19.98
C LEU H 154 -29.09 28.84 -20.54
N GLU H 155 -29.25 27.83 -19.69
CA GLU H 155 -29.07 26.43 -20.04
C GLU H 155 -27.68 26.07 -20.56
N TYR H 156 -26.66 26.52 -19.83
CA TYR H 156 -25.27 26.13 -20.09
C TYR H 156 -24.82 25.19 -18.98
N GLU H 157 -24.56 23.95 -19.37
CA GLU H 157 -24.42 22.84 -18.42
C GLU H 157 -23.22 22.99 -17.48
N LYS H 158 -22.11 23.45 -18.04
CA LYS H 158 -20.82 23.38 -17.39
C LYS H 158 -20.52 24.64 -16.57
N PHE H 159 -21.33 24.84 -15.54
CA PHE H 159 -21.27 26.01 -14.71
C PHE H 159 -21.53 25.50 -13.31
N ILE H 160 -20.49 25.58 -12.49
CA ILE H 160 -20.52 25.05 -11.14
C ILE H 160 -20.35 26.18 -10.12
N GLY H 161 -21.38 26.39 -9.31
CA GLY H 161 -21.38 27.41 -8.28
C GLY H 161 -20.73 26.86 -7.05
N LEU H 162 -19.89 27.67 -6.43
CA LEU H 162 -19.13 27.26 -5.28
C LEU H 162 -19.38 28.26 -4.18
N CYS H 163 -19.19 27.82 -2.93
CA CYS H 163 -19.27 28.71 -1.80
C CYS H 163 -18.27 28.34 -0.74
N ASN H 164 -18.23 29.20 0.28
CA ASN H 164 -17.27 29.16 1.37
C ASN H 164 -17.54 28.11 2.46
N VAL H 165 -18.82 27.97 2.85
CA VAL H 165 -19.18 27.31 4.12
C VAL H 165 -18.95 25.78 4.14
N PRO H 166 -19.25 25.08 3.05
CA PRO H 166 -19.07 23.63 3.01
C PRO H 166 -17.64 23.26 3.43
N ILE H 167 -16.64 23.80 2.71
CA ILE H 167 -15.26 23.49 3.02
C ILE H 167 -14.87 23.89 4.45
N ASN H 168 -15.44 24.99 4.95
CA ASN H 168 -15.12 25.47 6.29
C ASN H 168 -15.61 24.51 7.36
N PHE H 169 -16.83 24.01 7.18
CA PHE H 169 -17.39 23.03 8.09
C PHE H 169 -16.59 21.73 8.13
N ILE H 170 -16.29 21.18 6.96
CA ILE H 170 -15.50 19.97 6.85
C ILE H 170 -14.18 20.13 7.58
N ARG H 171 -13.55 21.30 7.41
CA ARG H 171 -12.31 21.65 8.11
C ARG H 171 -12.47 21.65 9.62
N GLU H 172 -13.59 22.20 10.11
CA GLU H 172 -13.88 22.24 11.55
C GLU H 172 -13.93 20.80 12.08
N ILE H 173 -14.71 19.96 11.39
CA ILE H 173 -14.93 18.57 11.79
C ILE H 173 -13.66 17.73 11.69
N ALA H 174 -12.91 17.93 10.61
CA ALA H 174 -11.62 17.28 10.41
C ALA H 174 -10.71 17.50 11.61
N GLU H 175 -10.65 18.76 12.07
CA GLU H 175 -9.80 19.15 13.19
C GLU H 175 -10.31 18.57 14.51
N MSE H 176 -11.62 18.70 14.73
CA MSE H 176 -12.34 18.08 15.85
C MSE H 176 -11.97 16.61 16.10
O MSE H 176 -11.76 16.21 17.24
CB MSE H 176 -13.84 18.18 15.57
CG MSE H 176 -14.73 18.60 16.74
SE MSE H 176 -16.64 18.68 16.20
CE MSE H 176 -17.34 17.31 17.46
N PHE H 177 -11.89 15.83 15.03
CA PHE H 177 -11.69 14.38 15.14
C PHE H 177 -10.30 13.91 14.67
N SER H 178 -9.44 14.86 14.30
CA SER H 178 -8.05 14.60 13.90
C SER H 178 -7.96 13.70 12.68
N ALA H 179 -8.69 14.07 11.63
CA ALA H 179 -8.74 13.28 10.42
C ALA H 179 -8.57 14.17 9.18
N ARG H 180 -8.43 13.55 8.01
CA ARG H 180 -8.28 14.31 6.78
C ARG H 180 -9.63 14.91 6.35
N LEU H 181 -9.58 15.91 5.48
CA LEU H 181 -10.77 16.53 4.91
C LEU H 181 -11.62 15.48 4.18
N GLU H 182 -10.96 14.57 3.47
CA GLU H 182 -11.63 13.51 2.71
C GLU H 182 -12.27 12.43 3.60
N ASP H 183 -11.86 12.35 4.86
CA ASP H 183 -12.43 11.41 5.83
C ASP H 183 -13.83 11.83 6.29
N VAL H 184 -14.23 13.06 5.94
CA VAL H 184 -15.50 13.61 6.39
C VAL H 184 -16.55 13.42 5.31
N PHE H 185 -17.69 12.88 5.70
CA PHE H 185 -18.78 12.64 4.78
C PHE H 185 -20.08 13.13 5.39
N LEU H 186 -20.76 14.02 4.68
CA LEU H 186 -21.94 14.72 5.19
C LEU H 186 -23.23 14.39 4.44
N LYS H 187 -24.34 14.35 5.16
CA LYS H 187 -25.65 14.56 4.53
C LYS H 187 -25.93 16.05 4.58
N TYR H 188 -25.77 16.69 3.44
CA TYR H 188 -25.76 18.14 3.35
C TYR H 188 -26.65 18.55 2.18
N TYR H 189 -27.54 19.50 2.42
CA TYR H 189 -28.44 19.99 1.37
C TYR H 189 -29.07 21.33 1.72
N GLY H 190 -29.44 22.07 0.67
CA GLY H 190 -30.09 23.35 0.80
C GLY H 190 -29.70 24.25 -0.35
N LEU H 191 -29.91 25.53 -0.18
CA LEU H 191 -29.48 26.51 -1.16
C LEU H 191 -28.18 27.08 -0.65
N ASN H 192 -27.47 27.78 -1.53
CA ASN H 192 -26.25 28.49 -1.14
C ASN H 192 -26.59 29.52 -0.07
N HIS H 193 -25.84 29.49 1.03
CA HIS H 193 -26.14 30.28 2.23
C HIS H 193 -27.47 29.91 2.88
N LEU H 194 -27.90 28.67 2.68
CA LEU H 194 -29.16 28.20 3.23
C LEU H 194 -29.16 26.68 3.26
N SER H 195 -28.15 26.12 3.90
CA SER H 195 -27.92 24.68 3.87
C SER H 195 -28.07 24.12 5.26
N PHE H 196 -28.13 22.81 5.32
CA PHE H 196 -28.48 22.08 6.52
C PHE H 196 -27.66 20.81 6.49
N ILE H 197 -27.12 20.43 7.65
CA ILE H 197 -26.49 19.15 7.80
C ILE H 197 -27.35 18.28 8.72
N GLU H 198 -27.64 17.09 8.23
CA GLU H 198 -28.47 16.13 8.96
C GLU H 198 -27.62 15.03 9.54
N LYS H 199 -26.56 14.65 8.82
CA LYS H 199 -25.63 13.62 9.31
C LYS H 199 -24.15 13.95 9.06
N VAL H 200 -23.31 13.63 10.03
CA VAL H 200 -21.86 13.77 9.90
C VAL H 200 -21.20 12.40 10.11
N PHE H 201 -20.32 12.02 9.19
CA PHE H 201 -19.54 10.78 9.30
C PHE H 201 -18.07 11.11 9.20
N VAL H 202 -17.25 10.52 10.07
CA VAL H 202 -15.80 10.61 9.89
C VAL H 202 -15.18 9.22 9.89
N LYS H 203 -14.39 8.94 8.85
CA LYS H 203 -13.84 7.60 8.66
C LYS H 203 -14.93 6.52 8.71
N GLY H 204 -16.16 6.88 8.34
CA GLY H 204 -17.27 5.95 8.32
C GLY H 204 -18.06 5.80 9.60
N GLU H 205 -17.55 6.39 10.69
CA GLU H 205 -18.25 6.42 11.97
C GLU H 205 -19.27 7.56 11.97
N ASP H 206 -20.51 7.23 12.33
CA ASP H 206 -21.55 8.23 12.54
C ASP H 206 -21.26 9.02 13.81
N VAL H 207 -20.86 10.27 13.65
CA VAL H 207 -20.44 11.09 14.78
C VAL H 207 -21.38 12.30 14.99
N THR H 208 -22.59 12.21 14.45
CA THR H 208 -23.58 13.30 14.46
C THR H 208 -23.84 13.77 15.88
N GLU H 209 -24.15 12.82 16.76
CA GLU H 209 -24.48 13.13 18.15
C GLU H 209 -23.31 13.83 18.86
N LYS H 210 -22.10 13.37 18.61
CA LYS H 210 -20.90 14.01 19.13
C LYS H 210 -20.75 15.45 18.63
N VAL H 211 -21.02 15.70 17.35
CA VAL H 211 -20.96 17.05 16.80
C VAL H 211 -21.93 17.98 17.51
N PHE H 212 -23.18 17.54 17.67
CA PHE H 212 -24.18 18.29 18.43
C PHE H 212 -23.72 18.57 19.87
N GLU H 213 -23.11 17.58 20.53
CA GLU H 213 -22.64 17.75 21.89
C GLU H 213 -21.58 18.85 21.99
N ASN H 214 -20.70 18.89 20.99
CA ASN H 214 -19.62 19.90 20.93
C ASN H 214 -20.10 21.31 20.61
N LEU H 215 -21.20 21.42 19.88
CA LEU H 215 -21.80 22.72 19.53
C LEU H 215 -22.30 23.46 20.77
N LYS H 216 -22.89 22.71 21.70
CA LYS H 216 -23.41 23.28 22.95
C LYS H 216 -22.30 23.84 23.82
N LEU H 217 -21.07 23.39 23.57
CA LEU H 217 -19.90 23.80 24.34
C LEU H 217 -19.25 25.02 23.72
N GLU H 225 -26.25 35.74 20.73
CA GLU H 225 -26.55 35.99 19.32
C GLU H 225 -26.19 34.81 18.39
N ASP H 226 -26.19 33.61 18.96
CA ASP H 226 -26.11 32.34 18.21
C ASP H 226 -27.27 31.45 18.66
N PHE H 227 -27.46 30.33 17.97
CA PHE H 227 -28.52 29.40 18.30
C PHE H 227 -28.29 28.76 19.66
N PRO H 228 -29.29 28.82 20.54
CA PRO H 228 -29.18 28.23 21.88
C PRO H 228 -29.25 26.70 21.82
N THR H 229 -28.98 26.04 22.94
CA THR H 229 -28.96 24.58 23.02
C THR H 229 -30.27 23.97 22.56
N TRP H 230 -31.39 24.45 23.11
CA TRP H 230 -32.70 23.86 22.82
C TRP H 230 -33.05 23.82 21.32
N PHE H 231 -32.48 24.74 20.54
CA PHE H 231 -32.69 24.83 19.09
C PHE H 231 -32.20 23.56 18.38
N TYR H 232 -31.02 23.08 18.76
CA TYR H 232 -30.45 21.90 18.13
C TYR H 232 -31.15 20.62 18.59
N ASP H 233 -31.63 20.58 19.83
CA ASP H 233 -32.47 19.50 20.31
C ASP H 233 -33.81 19.43 19.54
N SER H 234 -34.43 20.60 19.33
CA SER H 234 -35.71 20.70 18.67
C SER H 234 -35.63 20.44 17.17
N VAL H 235 -34.79 21.21 16.48
CA VAL H 235 -34.70 21.13 15.04
C VAL H 235 -33.91 19.93 14.54
N ARG H 236 -32.93 19.49 15.32
CA ARG H 236 -32.11 18.32 15.00
C ARG H 236 -31.37 18.44 13.67
N LEU H 237 -31.00 19.66 13.30
CA LEU H 237 -30.20 19.92 12.12
C LEU H 237 -29.05 20.85 12.49
N ILE H 238 -27.90 20.68 11.84
CA ILE H 238 -26.86 21.68 11.93
C ILE H 238 -27.10 22.64 10.80
N VAL H 239 -27.22 23.90 11.15
CA VAL H 239 -27.78 24.90 10.29
C VAL H 239 -26.71 25.91 9.93
N ASN H 240 -26.74 26.37 8.68
CA ASN H 240 -25.92 27.48 8.20
C ASN H 240 -26.09 28.74 9.07
N PRO H 241 -25.00 29.39 9.44
CA PRO H 241 -25.06 30.65 10.21
C PRO H 241 -26.02 31.72 9.64
N TYR H 242 -26.16 31.74 8.31
CA TYR H 242 -27.02 32.69 7.60
C TYR H 242 -28.51 32.52 7.90
N LEU H 243 -28.90 31.36 8.44
CA LEU H 243 -30.29 31.15 8.87
C LEU H 243 -30.70 32.07 10.03
N ARG H 244 -29.74 32.60 10.78
CA ARG H 244 -30.04 33.56 11.85
C ARG H 244 -30.84 34.75 11.32
N TYR H 245 -30.51 35.21 10.12
CA TYR H 245 -31.23 36.30 9.45
C TYR H 245 -32.72 35.99 9.27
N TYR H 246 -33.03 34.71 9.11
CA TYR H 246 -34.40 34.23 9.03
C TYR H 246 -35.03 33.99 10.41
N LEU H 247 -34.41 33.10 11.19
CA LEU H 247 -34.93 32.64 12.47
C LEU H 247 -34.75 33.64 13.62
N MSE H 248 -33.80 34.57 13.45
CA MSE H 248 -33.48 35.57 14.47
C MSE H 248 -33.49 36.98 13.88
O MSE H 248 -32.63 37.79 14.21
CB MSE H 248 -32.13 35.27 15.12
CG MSE H 248 -31.87 33.79 15.37
SE MSE H 248 -30.38 33.49 16.61
CE MSE H 248 -30.79 34.80 17.99
N GLU H 249 -34.48 37.25 13.05
CA GLU H 249 -34.60 38.52 12.31
C GLU H 249 -34.49 39.73 13.21
N LYS H 250 -35.24 39.73 14.30
CA LYS H 250 -35.28 40.87 15.22
C LYS H 250 -33.86 41.18 15.74
N LYS H 251 -33.18 40.15 16.24
CA LYS H 251 -31.86 40.30 16.85
C LYS H 251 -30.81 40.68 15.82
N MSE H 252 -30.88 40.07 14.64
CA MSE H 252 -29.93 40.36 13.56
C MSE H 252 -30.04 41.79 13.06
O MSE H 252 -29.02 42.44 12.86
CB MSE H 252 -30.13 39.38 12.40
CG MSE H 252 -29.50 38.00 12.60
SE MSE H 252 -27.78 38.08 13.50
CE MSE H 252 -28.20 36.87 14.99
N PHE H 253 -31.27 42.25 12.88
CA PHE H 253 -31.54 43.61 12.42
C PHE H 253 -31.05 44.65 13.44
N LYS H 254 -31.24 44.39 14.73
CA LYS H 254 -30.74 45.34 15.71
C LYS H 254 -29.21 45.39 15.70
N LYS H 255 -28.57 44.27 15.39
CA LYS H 255 -27.12 44.25 15.21
C LYS H 255 -26.63 45.02 13.95
N ILE H 256 -27.26 44.80 12.79
CA ILE H 256 -26.82 45.50 11.55
C ILE H 256 -27.07 46.99 11.58
N SER H 257 -28.14 47.41 12.25
CA SER H 257 -28.59 48.78 12.19
C SER H 257 -27.96 49.69 13.25
N THR H 258 -27.17 49.10 14.15
CA THR H 258 -26.56 49.86 15.25
C THR H 258 -25.05 49.88 15.10
N HIS H 259 -24.57 49.38 13.96
CA HIS H 259 -23.13 49.35 13.68
C HIS H 259 -22.87 49.79 12.26
N GLU H 260 -21.61 50.09 12.00
CA GLU H 260 -21.14 50.37 10.66
C GLU H 260 -21.40 49.19 9.73
N LEU H 261 -21.78 49.51 8.50
CA LEU H 261 -22.07 48.54 7.46
C LEU H 261 -20.87 47.65 7.20
N ARG H 262 -21.09 46.34 7.09
CA ARG H 262 -20.00 45.38 6.83
C ARG H 262 -19.14 45.76 5.62
N ALA H 263 -19.78 46.20 4.55
CA ALA H 263 -19.06 46.61 3.34
C ALA H 263 -17.92 47.59 3.63
N ARG H 264 -18.18 48.52 4.55
CA ARG H 264 -17.18 49.49 5.00
C ARG H 264 -15.99 48.82 5.67
N GLU H 265 -16.27 47.84 6.54
CA GLU H 265 -15.24 47.07 7.21
C GLU H 265 -14.37 46.39 6.18
N VAL H 266 -15.03 45.75 5.20
CA VAL H 266 -14.37 45.03 4.11
C VAL H 266 -13.46 45.97 3.32
N MSE H 267 -14.00 47.11 2.91
CA MSE H 267 -13.24 48.11 2.15
C MSE H 267 -11.93 48.51 2.84
O MSE H 267 -10.92 48.66 2.17
CB MSE H 267 -14.11 49.33 1.92
CG MSE H 267 -14.16 49.86 0.50
SE MSE H 267 -15.40 51.43 0.47
CE MSE H 267 -14.05 52.84 -0.01
N LYS H 268 -11.98 48.68 4.16
CA LYS H 268 -10.80 49.02 4.97
C LYS H 268 -9.82 47.85 4.97
N ILE H 269 -10.36 46.65 5.16
CA ILE H 269 -9.53 45.46 5.21
C ILE H 269 -8.83 45.26 3.87
N GLU H 270 -9.55 45.54 2.78
CA GLU H 270 -8.98 45.34 1.46
C GLU H 270 -8.06 46.46 0.99
N LYS H 271 -8.20 47.64 1.60
CA LYS H 271 -7.33 48.77 1.34
C LYS H 271 -5.96 48.58 2.02
N GLU H 272 -5.98 47.89 3.16
CA GLU H 272 -4.75 47.56 3.90
C GLU H 272 -4.02 46.42 3.17
N LEU H 273 -4.77 45.50 2.58
CA LEU H 273 -4.18 44.39 1.81
C LEU H 273 -3.56 44.84 0.47
N PHE H 274 -4.24 45.72 -0.26
CA PHE H 274 -3.76 46.18 -1.55
C PHE H 274 -2.44 46.92 -1.43
N GLU H 275 -2.27 47.65 -0.33
CA GLU H 275 -1.02 48.34 -0.04
C GLU H 275 0.06 47.40 0.52
N LYS H 276 -0.36 46.21 0.95
CA LYS H 276 0.56 45.19 1.45
C LYS H 276 1.14 44.38 0.29
N TYR H 277 0.27 44.05 -0.66
CA TYR H 277 0.64 43.32 -1.88
C TYR H 277 1.71 44.01 -2.71
N ARG H 278 1.85 45.33 -2.54
CA ARG H 278 2.86 46.10 -3.28
C ARG H 278 4.28 45.60 -3.01
N THR H 279 4.51 45.10 -1.80
CA THR H 279 5.86 44.76 -1.32
C THR H 279 6.01 43.31 -0.80
N ALA H 280 4.91 42.57 -0.72
CA ALA H 280 4.93 41.24 -0.11
C ALA H 280 5.65 40.17 -0.95
N VAL H 281 6.52 39.41 -0.29
CA VAL H 281 7.14 38.24 -0.90
C VAL H 281 6.35 36.98 -0.54
N GLU H 282 5.44 37.13 0.42
CA GLU H 282 4.69 36.01 0.99
C GLU H 282 3.23 36.38 1.25
N ILE H 283 2.34 35.38 1.26
CA ILE H 283 0.94 35.58 1.64
C ILE H 283 0.87 36.11 3.07
N PRO H 284 0.18 37.24 3.29
CA PRO H 284 0.06 37.84 4.62
C PRO H 284 -1.03 37.17 5.47
N GLU H 285 -1.35 37.76 6.63
CA GLU H 285 -2.31 37.20 7.58
C GLU H 285 -3.75 37.48 7.17
N SER H 296 -11.45 29.21 -2.07
CA SER H 296 -10.15 29.51 -2.67
C SER H 296 -9.16 28.34 -2.57
N THR H 297 -9.67 27.18 -2.17
CA THR H 297 -8.95 25.91 -2.12
C THR H 297 -10.01 24.88 -2.39
N ALA H 298 -11.25 25.31 -2.25
CA ALA H 298 -12.37 24.57 -2.84
C ALA H 298 -12.23 24.65 -4.36
N ALA H 299 -11.82 25.81 -4.86
CA ALA H 299 -11.66 26.02 -6.30
C ALA H 299 -10.58 25.12 -6.89
N ALA H 300 -9.39 25.17 -6.28
CA ALA H 300 -8.24 24.37 -6.70
C ALA H 300 -8.54 22.86 -6.64
N HIS H 301 -9.02 22.37 -5.50
CA HIS H 301 -9.34 20.95 -5.33
C HIS H 301 -10.37 20.46 -6.33
N LEU H 302 -11.36 21.30 -6.66
CA LEU H 302 -12.39 20.96 -7.63
C LEU H 302 -11.81 20.81 -9.04
N ILE H 303 -11.06 21.82 -9.48
CA ILE H 303 -10.41 21.78 -10.80
C ILE H 303 -9.51 20.56 -10.89
N ARG H 304 -8.80 20.27 -9.80
CA ARG H 304 -7.91 19.13 -9.74
C ARG H 304 -8.69 17.81 -9.89
N ASP H 305 -9.78 17.67 -9.16
CA ASP H 305 -10.59 16.46 -9.21
C ASP H 305 -11.44 16.34 -10.49
N LEU H 306 -11.67 17.48 -11.16
CA LEU H 306 -12.29 17.52 -12.48
C LEU H 306 -11.31 17.04 -13.55
N GLU H 307 -10.00 17.18 -13.28
CA GLU H 307 -8.98 16.81 -14.26
C GLU H 307 -8.51 15.37 -14.17
N THR H 308 -8.47 14.80 -12.96
CA THR H 308 -8.05 13.40 -12.83
C THR H 308 -9.23 12.43 -12.84
N ASP H 309 -8.92 11.14 -12.71
CA ASP H 309 -9.91 10.09 -12.80
C ASP H 309 -10.07 9.30 -11.50
N GLU H 310 -9.65 9.89 -10.38
CA GLU H 310 -9.79 9.23 -9.09
C GLU H 310 -11.26 9.14 -8.61
N GLY H 311 -12.00 10.25 -8.67
CA GLY H 311 -13.35 10.31 -8.14
C GLY H 311 -13.32 10.79 -6.69
N LYS H 312 -13.77 12.01 -6.45
CA LYS H 312 -13.71 12.63 -5.13
C LYS H 312 -15.01 13.37 -4.87
N ILE H 313 -15.34 13.52 -3.58
CA ILE H 313 -16.59 14.14 -3.16
C ILE H 313 -16.38 15.62 -2.96
N HIS H 314 -17.22 16.42 -3.62
CA HIS H 314 -17.22 17.88 -3.45
C HIS H 314 -18.65 18.41 -3.26
N ILE H 315 -18.80 19.32 -2.29
CA ILE H 315 -20.08 19.97 -2.09
C ILE H 315 -20.14 21.18 -3.02
N VAL H 316 -21.16 21.22 -3.86
CA VAL H 316 -21.16 22.05 -5.05
C VAL H 316 -22.60 22.44 -5.36
N ASN H 317 -22.81 23.62 -5.94
CA ASN H 317 -24.14 24.01 -6.42
C ASN H 317 -24.40 23.43 -7.81
N THR H 318 -25.41 22.56 -7.91
CA THR H 318 -25.76 21.93 -9.17
C THR H 318 -27.22 21.41 -9.09
N ARG H 319 -27.69 20.84 -10.19
CA ARG H 319 -29.06 20.37 -10.23
C ARG H 319 -29.25 19.22 -9.25
N ASN H 320 -30.36 19.22 -8.52
CA ASN H 320 -30.67 18.14 -7.58
C ASN H 320 -30.52 16.72 -8.16
N ASN H 321 -31.27 16.47 -9.23
CA ASN H 321 -31.25 15.20 -9.93
C ASN H 321 -31.26 13.98 -8.99
N GLY H 322 -32.24 13.93 -8.08
CA GLY H 322 -32.39 12.76 -7.21
C GLY H 322 -31.54 12.70 -5.96
N SER H 323 -30.70 13.70 -5.73
CA SER H 323 -29.89 13.74 -4.54
C SER H 323 -30.77 13.78 -3.29
N ILE H 324 -31.77 14.66 -3.33
CA ILE H 324 -32.81 14.74 -2.32
C ILE H 324 -34.09 14.35 -3.06
N GLU H 325 -34.60 13.16 -2.74
CA GLU H 325 -35.75 12.60 -3.44
C GLU H 325 -37.04 13.38 -3.15
N ASN H 326 -36.98 14.25 -2.15
CA ASN H 326 -38.09 15.05 -1.64
C ASN H 326 -38.31 16.35 -2.45
N LEU H 327 -37.34 16.68 -3.30
CA LEU H 327 -37.34 17.96 -4.00
C LEU H 327 -37.33 17.69 -5.50
N PRO H 328 -37.85 18.62 -6.29
CA PRO H 328 -37.80 18.49 -7.75
C PRO H 328 -36.36 18.36 -8.28
N ASP H 329 -36.21 17.58 -9.35
CA ASP H 329 -34.89 17.29 -9.89
C ASP H 329 -34.14 18.53 -10.43
N ASP H 330 -34.89 19.55 -10.84
CA ASP H 330 -34.26 20.70 -11.44
C ASP H 330 -33.92 21.84 -10.50
N TYR H 331 -34.30 21.73 -9.22
CA TYR H 331 -33.82 22.71 -8.23
C TYR H 331 -32.29 22.64 -8.20
N VAL H 332 -31.63 23.77 -8.40
CA VAL H 332 -30.20 23.87 -8.11
C VAL H 332 -30.00 23.90 -6.59
N LEU H 333 -29.25 22.92 -6.07
CA LEU H 333 -29.01 22.76 -4.64
C LEU H 333 -27.53 22.77 -4.37
N GLU H 334 -27.15 23.10 -3.14
CA GLU H 334 -25.76 22.95 -2.72
C GLU H 334 -25.63 21.60 -2.03
N ILE H 335 -25.01 20.66 -2.73
CA ILE H 335 -25.05 19.24 -2.34
C ILE H 335 -23.74 18.52 -2.66
N PRO H 336 -23.47 17.42 -1.96
CA PRO H 336 -22.26 16.63 -2.21
C PRO H 336 -22.34 15.83 -3.52
N CYS H 337 -21.32 15.98 -4.36
CA CYS H 337 -21.26 15.31 -5.66
C CYS H 337 -19.98 14.49 -5.87
N TYR H 338 -20.11 13.47 -6.70
CA TYR H 338 -18.98 12.65 -7.11
C TYR H 338 -18.35 13.28 -8.35
N VAL H 339 -17.12 13.77 -8.18
CA VAL H 339 -16.40 14.54 -9.21
C VAL H 339 -15.28 13.72 -9.83
N ARG H 340 -15.30 13.62 -11.14
CA ARG H 340 -14.42 12.74 -11.88
C ARG H 340 -14.37 13.15 -13.35
N SER H 341 -13.15 13.25 -13.89
CA SER H 341 -12.90 13.40 -15.33
C SER H 341 -13.88 14.30 -16.09
N GLY H 342 -14.12 15.50 -15.59
CA GLY H 342 -14.94 16.47 -16.28
C GLY H 342 -16.40 16.46 -15.88
N ARG H 343 -16.78 15.49 -15.05
CA ARG H 343 -18.19 15.26 -14.76
C ARG H 343 -18.49 15.44 -13.29
N VAL H 344 -19.73 15.80 -13.02
CA VAL H 344 -20.24 15.98 -11.68
C VAL H 344 -21.48 15.10 -11.56
N HIS H 345 -21.41 14.09 -10.71
CA HIS H 345 -22.57 13.23 -10.48
C HIS H 345 -23.18 13.48 -9.09
N THR H 346 -24.49 13.67 -9.03
CA THR H 346 -25.14 13.71 -7.73
C THR H 346 -25.18 12.30 -7.10
N LEU H 347 -25.22 12.27 -5.78
CA LEU H 347 -25.29 11.07 -4.96
C LEU H 347 -26.66 11.05 -4.27
N SER H 348 -27.27 9.89 -4.15
CA SER H 348 -28.50 9.76 -3.39
C SER H 348 -28.27 10.07 -1.90
N GLN H 349 -29.19 10.81 -1.30
CA GLN H 349 -29.12 11.12 0.14
C GLN H 349 -30.40 10.75 0.91
N GLY H 350 -31.45 10.37 0.19
CA GLY H 350 -32.75 10.08 0.79
C GLY H 350 -33.62 11.32 0.89
N LYS H 351 -34.39 11.44 1.95
CA LYS H 351 -35.35 12.53 2.12
C LYS H 351 -34.78 13.73 2.87
N GLY H 352 -35.23 14.92 2.47
CA GLY H 352 -34.98 16.15 3.21
C GLY H 352 -36.02 16.40 4.29
N ASP H 353 -35.58 17.10 5.34
CA ASP H 353 -36.36 17.43 6.50
C ASP H 353 -37.44 18.48 6.13
N HIS H 354 -38.68 18.31 6.60
CA HIS H 354 -39.72 19.28 6.27
C HIS H 354 -39.31 20.71 6.63
N PHE H 355 -38.60 20.87 7.75
CA PHE H 355 -38.17 22.17 8.27
C PHE H 355 -37.21 22.83 7.28
N ALA H 356 -36.20 22.08 6.86
CA ALA H 356 -35.25 22.54 5.83
C ALA H 356 -35.99 22.88 4.53
N LEU H 357 -36.92 22.00 4.15
CA LEU H 357 -37.69 22.19 2.92
C LEU H 357 -38.57 23.44 2.91
N SER H 358 -39.14 23.85 4.05
CA SER H 358 -39.92 25.09 4.02
C SER H 358 -39.06 26.24 3.50
N PHE H 359 -37.81 26.32 3.96
CA PHE H 359 -36.94 27.43 3.57
C PHE H 359 -36.53 27.29 2.10
N ILE H 360 -36.08 26.08 1.71
CA ILE H 360 -35.58 25.83 0.36
C ILE H 360 -36.62 26.19 -0.68
N HIS H 361 -37.86 25.70 -0.53
CA HIS H 361 -38.96 25.99 -1.46
C HIS H 361 -39.21 27.49 -1.55
N ALA H 362 -39.26 28.15 -0.40
CA ALA H 362 -39.66 29.53 -0.38
C ALA H 362 -38.69 30.37 -1.18
N VAL H 363 -37.39 30.22 -0.95
CA VAL H 363 -36.51 31.15 -1.64
C VAL H 363 -36.17 30.71 -3.05
N LYS H 364 -36.28 29.41 -3.31
CA LYS H 364 -36.20 28.92 -4.67
C LYS H 364 -37.28 29.52 -5.55
N MSE H 365 -38.51 29.60 -5.03
CA MSE H 365 -39.58 30.27 -5.76
C MSE H 365 -39.24 31.74 -6.00
O MSE H 365 -39.44 32.23 -7.11
CB MSE H 365 -40.94 30.15 -5.05
CG MSE H 365 -41.48 28.77 -4.99
SE MSE H 365 -41.74 27.86 -6.74
CE MSE H 365 -40.09 26.81 -6.87
N TYR H 366 -38.74 32.43 -4.97
CA TYR H 366 -38.35 33.83 -5.09
C TYR H 366 -37.24 33.97 -6.12
N GLU H 367 -36.30 33.04 -6.12
CA GLU H 367 -35.16 33.09 -7.05
C GLU H 367 -35.64 33.05 -8.49
N ARG H 368 -36.62 32.19 -8.80
CA ARG H 368 -37.16 32.11 -10.15
C ARG H 368 -37.97 33.34 -10.54
N LEU H 369 -38.74 33.90 -9.60
CA LEU H 369 -39.49 35.12 -9.88
C LEU H 369 -38.57 36.29 -10.16
N THR H 370 -37.44 36.33 -9.46
CA THR H 370 -36.43 37.34 -9.69
C THR H 370 -35.85 37.20 -11.10
N ILE H 371 -35.45 35.98 -11.45
CA ILE H 371 -34.94 35.69 -12.79
C ILE H 371 -35.96 36.08 -13.87
N GLU H 372 -37.21 35.62 -13.73
CA GLU H 372 -38.26 35.92 -14.68
C GLU H 372 -38.44 37.46 -14.82
N ALA H 373 -38.39 38.16 -13.70
CA ALA H 373 -38.49 39.60 -13.67
C ALA H 373 -37.36 40.23 -14.51
N TYR H 374 -36.16 39.67 -14.37
CA TYR H 374 -35.02 40.15 -15.12
C TYR H 374 -35.16 39.91 -16.65
N LEU H 375 -35.54 38.69 -17.04
CA LEU H 375 -35.61 38.31 -18.45
C LEU H 375 -36.62 39.12 -19.25
N LYS H 376 -37.68 39.55 -18.58
CA LYS H 376 -38.71 40.36 -19.25
C LYS H 376 -38.48 41.84 -18.95
N ARG H 377 -37.45 42.13 -18.17
CA ARG H 377 -37.15 43.49 -17.70
C ARG H 377 -38.39 44.22 -17.16
N SER H 378 -39.09 43.58 -16.22
CA SER H 378 -40.38 44.06 -15.75
C SER H 378 -40.37 44.51 -14.28
N LYS H 379 -40.63 45.80 -14.09
CA LYS H 379 -40.87 46.41 -12.79
C LYS H 379 -41.98 45.67 -12.03
N LYS H 380 -43.11 45.47 -12.70
CA LYS H 380 -44.23 44.69 -12.15
C LYS H 380 -43.79 43.34 -11.55
N LEU H 381 -43.02 42.56 -12.30
CA LEU H 381 -42.62 41.23 -11.85
C LEU H 381 -41.53 41.28 -10.81
N ALA H 382 -40.80 42.40 -10.77
CA ALA H 382 -39.79 42.66 -9.74
C ALA H 382 -40.47 42.85 -8.38
N LEU H 383 -41.60 43.55 -8.37
CA LEU H 383 -42.41 43.73 -7.18
C LEU H 383 -42.92 42.38 -6.68
N LYS H 384 -43.36 41.56 -7.63
CA LYS H 384 -43.82 40.21 -7.33
C LYS H 384 -42.71 39.41 -6.64
N ALA H 385 -41.53 39.43 -7.26
CA ALA H 385 -40.35 38.76 -6.69
C ALA H 385 -39.98 39.22 -5.28
N LEU H 386 -39.97 40.53 -5.07
CA LEU H 386 -39.68 41.14 -3.76
C LEU H 386 -40.65 40.75 -2.67
N LEU H 387 -41.95 40.71 -3.00
CA LEU H 387 -42.97 40.33 -2.03
C LEU H 387 -42.89 38.85 -1.67
N SER H 388 -42.29 38.04 -2.55
CA SER H 388 -42.25 36.62 -2.29
C SER H 388 -41.17 36.21 -1.30
N HIS H 389 -40.16 37.05 -1.11
CA HIS H 389 -39.03 36.70 -0.23
C HIS H 389 -39.42 36.73 1.25
N PRO H 390 -39.15 35.65 1.99
CA PRO H 390 -39.46 35.60 3.43
C PRO H 390 -38.96 36.83 4.18
N LEU H 391 -37.91 37.46 3.66
CA LEU H 391 -37.31 38.65 4.26
C LEU H 391 -37.64 39.96 3.53
N GLY H 392 -38.61 39.89 2.62
CA GLY H 392 -38.95 41.03 1.79
C GLY H 392 -39.90 42.01 2.44
N PRO H 393 -40.29 43.03 1.68
CA PRO H 393 -41.19 44.07 2.18
C PRO H 393 -42.65 43.66 2.32
N ASP H 394 -43.34 44.30 3.25
CA ASP H 394 -44.79 44.33 3.30
C ASP H 394 -45.32 45.04 2.05
N VAL H 395 -46.60 44.85 1.74
CA VAL H 395 -47.18 45.53 0.61
C VAL H 395 -47.01 47.06 0.68
N GLU H 396 -47.08 47.63 1.88
CA GLU H 396 -46.99 49.08 2.04
C GLU H 396 -45.64 49.66 1.68
N ASP H 397 -44.57 48.86 1.81
CA ASP H 397 -43.21 49.36 1.62
C ASP H 397 -42.60 49.04 0.25
N ALA H 398 -43.19 48.06 -0.44
CA ALA H 398 -42.59 47.44 -1.64
C ALA H 398 -42.31 48.38 -2.82
N LYS H 399 -43.25 49.27 -3.11
CA LYS H 399 -43.16 50.13 -4.27
C LYS H 399 -42.03 51.12 -4.10
N ASP H 400 -41.94 51.71 -2.91
CA ASP H 400 -40.87 52.66 -2.56
C ASP H 400 -39.51 51.97 -2.52
N LEU H 401 -39.47 50.77 -1.93
CA LEU H 401 -38.20 50.04 -1.79
C LEU H 401 -37.59 49.72 -3.15
N LEU H 402 -38.38 49.14 -4.05
CA LEU H 402 -37.89 48.85 -5.40
C LEU H 402 -37.43 50.10 -6.12
N GLU H 403 -38.21 51.18 -5.98
CA GLU H 403 -37.87 52.47 -6.58
C GLU H 403 -36.47 52.91 -6.16
N GLU H 404 -36.17 52.84 -4.86
CA GLU H 404 -34.84 53.21 -4.35
C GLU H 404 -33.74 52.26 -4.83
N ILE H 405 -34.06 50.95 -4.91
CA ILE H 405 -33.09 49.95 -5.39
C ILE H 405 -32.73 50.24 -6.83
N LEU H 406 -33.75 50.51 -7.65
CA LEU H 406 -33.55 50.77 -9.06
C LEU H 406 -32.87 52.11 -9.31
N GLU H 407 -33.12 53.08 -8.44
CA GLU H 407 -32.44 54.37 -8.52
C GLU H 407 -30.96 54.14 -8.35
N ALA H 408 -30.58 53.37 -7.34
CA ALA H 408 -29.18 53.18 -6.97
C ALA H 408 -28.41 52.29 -7.94
N ASN H 409 -29.11 51.46 -8.71
CA ASN H 409 -28.46 50.53 -9.62
C ASN H 409 -28.64 50.90 -11.10
N ARG H 410 -28.94 52.17 -11.36
CA ARG H 410 -29.17 52.71 -12.71
C ARG H 410 -28.10 52.35 -13.74
N GLU H 411 -26.83 52.35 -13.31
CA GLU H 411 -25.70 52.01 -14.19
C GLU H 411 -25.68 50.52 -14.64
N TYR H 412 -26.48 49.67 -13.97
CA TYR H 412 -26.28 48.23 -14.11
C TYR H 412 -27.51 47.44 -14.55
N VAL H 413 -28.70 47.93 -14.21
CA VAL H 413 -29.95 47.22 -14.51
C VAL H 413 -31.03 48.22 -14.92
N LYS H 414 -31.83 47.86 -15.92
CA LYS H 414 -32.90 48.73 -16.40
C LYS H 414 -34.21 47.99 -16.56
N LEU H 415 -35.16 48.30 -15.68
CA LEU H 415 -36.47 47.64 -15.67
C LEU H 415 -37.56 48.61 -16.12
N GLY H 416 -38.47 48.13 -16.95
CA GLY H 416 -39.54 48.98 -17.47
C GLY H 416 -40.91 48.66 -16.90
PA NAD I . 60.71 -49.54 9.50
O1A NAD I . 59.37 -49.86 8.97
O2A NAD I . 61.55 -50.82 9.42
O5B NAD I . 60.54 -48.96 11.03
C5B NAD I . 61.51 -48.48 11.93
C4B NAD I . 61.50 -49.21 13.29
O4B NAD I . 60.45 -48.74 14.11
C3B NAD I . 61.32 -50.73 13.23
O3B NAD I . 62.53 -51.39 13.58
C2B NAD I . 60.21 -51.06 14.24
O2B NAD I . 60.52 -52.12 15.12
C1B NAD I . 60.04 -49.76 15.01
N9A NAD I . 58.67 -49.49 15.45
C8A NAD I . 57.49 -49.67 14.76
N7A NAD I . 56.47 -49.25 15.55
C5A NAD I . 56.97 -48.81 16.73
C6A NAD I . 56.37 -48.28 17.86
N6A NAD I . 55.05 -48.15 17.92
N1A NAD I . 57.17 -47.89 18.93
C2A NAD I . 58.54 -48.05 18.85
N3A NAD I . 59.14 -48.59 17.73
C4A NAD I . 58.36 -48.96 16.68
O3 NAD I . 61.30 -48.50 8.42
PN NAD I . 61.75 -46.96 8.52
O1N NAD I . 61.76 -46.46 7.13
O2N NAD I . 63.01 -46.88 9.29
O5D NAD I . 60.57 -46.18 9.32
C5D NAD I . 60.88 -45.00 10.02
C4D NAD I . 59.65 -44.11 10.15
O4D NAD I . 60.08 -42.79 9.86
C3D NAD I . 58.57 -44.44 9.13
O3D NAD I . 57.33 -43.92 9.55
C2D NAD I . 59.06 -43.69 7.92
O2D NAD I . 58.06 -43.47 6.93
C1D NAD I . 59.51 -42.41 8.62
N1N NAD I . 60.45 -41.63 7.83
C2N NAD I . 60.11 -40.36 7.57
C3N NAD I . 60.97 -39.53 6.85
C7N NAD I . 60.55 -38.12 6.59
O7N NAD I . 61.29 -37.44 5.57
N7N NAD I . 59.54 -37.60 7.29
C4N NAD I . 62.17 -40.04 6.36
C5N NAD I . 62.51 -41.36 6.62
C6N NAD I . 61.64 -42.15 7.37
MN MN J . 59.76 -37.27 3.93
C1 G6P K . 61.23 -39.73 0.65
C2 G6P K . 60.25 -39.12 1.63
C3 G6P K . 60.24 -39.94 2.90
C4 G6P K . 59.93 -41.38 2.64
C5 G6P K . 60.87 -41.95 1.59
C6 G6P K . 60.43 -43.37 1.24
O1 G6P K . 61.22 -38.95 -0.55
O2 G6P K . 60.68 -37.81 1.97
O3 G6P K . 59.29 -39.43 3.82
O4 G6P K . 60.13 -42.05 3.88
O5 G6P K . 60.85 -41.11 0.42
O6 G6P K . 61.51 -44.11 0.67
P G6P K . 61.45 -45.67 0.72
O1P G6P K . 62.96 -46.20 0.58
O2P G6P K . 60.71 -46.28 -0.37
O3P G6P K . 61.07 -46.20 2.13
MN MN L . 60.17 -56.35 21.74
MN MN M . 58.39 -56.91 20.12
S SO4 N . 42.35 -34.85 -11.76
O1 SO4 N . 41.23 -34.44 -12.71
O2 SO4 N . 43.64 -34.25 -12.14
O3 SO4 N . 42.47 -36.34 -11.89
O4 SO4 N . 42.04 -34.44 -10.36
PA NAD O . 16.78 -0.55 41.59
O1A NAD O . 17.91 -0.55 42.54
O2A NAD O . 15.48 -0.09 42.27
O5B NAD O . 16.71 -2.08 41.00
C5B NAD O . 15.54 -2.82 40.75
C4B NAD O . 15.28 -4.05 41.66
O4B NAD O . 16.30 -5.02 41.58
C3B NAD O . 15.15 -3.74 43.15
O3B NAD O . 13.81 -3.87 43.54
C2B NAD O . 16.03 -4.75 43.85
O2B NAD O . 15.41 -5.28 44.99
C1B NAD O . 16.28 -5.79 42.77
N9A NAD O . 17.53 -6.56 42.90
C8A NAD O . 18.79 -6.09 43.22
N7A NAD O . 19.67 -7.14 43.22
C5A NAD O . 18.99 -8.26 42.88
C6A NAD O . 19.39 -9.57 42.71
N6A NAD O . 20.67 -9.91 42.91
N1A NAD O . 18.46 -10.52 42.35
C2A NAD O . 17.14 -10.16 42.15
N3A NAD O . 16.73 -8.84 42.31
C4A NAD O . 17.64 -7.90 42.68
O3 NAD O . 17.15 0.48 40.43
PN NAD O . 16.58 0.34 38.93
O1N NAD O . 16.94 1.61 38.24
O2N NAD O . 15.19 -0.14 38.91
O5D NAD O . 17.55 -0.84 38.43
C5D NAD O . 17.28 -1.64 37.31
C4D NAD O . 18.57 -2.18 36.68
O4D NAD O . 18.46 -2.04 35.28
C3D NAD O . 19.85 -1.43 37.08
O3D NAD O . 20.97 -2.27 36.94
C2D NAD O . 19.90 -0.36 36.02
O2D NAD O . 21.16 0.27 35.84
C1D NAD O . 19.49 -1.19 34.82
N1N NAD O . 18.94 -0.30 33.81
C2N NAD O . 19.51 -0.36 32.59
C3N NAD O . 19.01 0.47 31.59
C7N NAD O . 19.64 0.39 30.25
O7N NAD O . 19.21 1.36 29.31
N7N NAD O . 20.53 -0.59 30.01
C4N NAD O . 17.97 1.35 31.84
C5N NAD O . 17.40 1.39 33.10
C6N NAD O . 17.90 0.55 34.08
MN MN P . 21.46 1.96 28.77
C1 G6P Q . 20.07 5.81 30.33
C2 G6P Q . 20.97 4.57 30.22
C3 G6P Q . 20.60 3.63 31.35
C4 G6P Q . 20.92 4.36 32.66
C5 G6P Q . 19.96 5.55 32.74
C6 G6P Q . 20.11 6.29 34.06
O1 G6P Q . 20.44 6.69 29.28
O2 G6P Q . 20.79 3.96 28.94
O3 G6P Q . 21.29 2.39 31.21
O4 G6P Q . 20.80 3.54 33.82
O5 G6P Q . 20.20 6.44 31.62
O6 G6P Q . 18.83 6.61 34.58
P G6P Q . 18.69 7.16 36.07
O1P G6P Q . 17.26 7.62 36.32
O2P G6P Q . 19.60 8.36 36.29
O3P G6P Q . 19.07 6.06 37.02
S SO4 R . 42.28 13.94 29.08
O1 SO4 R . 41.71 13.26 27.84
O2 SO4 R . 43.03 12.96 29.95
O3 SO4 R . 41.22 14.56 29.90
O4 SO4 R . 43.27 14.97 28.68
S SO4 S . -44.27 -14.54 -28.27
O1 SO4 S . -45.62 -14.68 -28.84
O2 SO4 S . -43.56 -15.83 -28.39
O3 SO4 S . -44.44 -14.08 -26.86
O4 SO4 S . -43.48 -13.53 -29.00
PA NAD T . -68.86 26.89 19.15
O1A NAD T . -68.04 27.01 20.39
O2A NAD T . -70.29 27.40 19.39
O5B NAD T . -68.86 25.36 18.64
C5B NAD T . -70.05 24.69 18.29
C4B NAD T . -70.42 23.54 19.24
O4B NAD T . -69.47 22.48 19.19
C3B NAD T . -70.55 23.94 20.71
O3B NAD T . -71.89 23.78 21.07
C2B NAD T . -69.69 22.94 21.46
O2B NAD T . -70.33 22.50 22.62
C1B NAD T . -69.53 21.82 20.46
N9A NAD T . -68.36 20.93 20.64
C8A NAD T . -67.10 21.27 21.05
N7A NAD T . -66.35 20.14 21.07
C5A NAD T . -67.11 19.09 20.66
C6A NAD T . -66.84 17.73 20.47
N6A NAD T . -65.64 17.23 20.73
N1A NAD T . -67.85 16.89 20.03
C2A NAD T . -69.11 17.39 19.79
N3A NAD T . -69.37 18.73 19.97
C4A NAD T . -68.38 19.58 20.39
O3 NAD T . -68.17 27.79 17.99
PN NAD T . -68.78 27.79 16.50
O1N NAD T . -68.46 29.08 15.86
O2N NAD T . -70.18 27.29 16.53
O5D NAD T . -67.84 26.67 15.81
C5D NAD T . -68.23 25.80 14.78
C4D NAD T . -66.98 25.10 14.24
O4D NAD T . -67.03 25.06 12.82
C3D NAD T . -65.69 25.84 14.59
O3D NAD T . -64.60 24.94 14.61
C2D NAD T . -65.48 26.77 13.43
O2D NAD T . -64.12 27.12 13.26
C1D NAD T . -66.02 25.91 12.30
N1N NAD T . -66.52 26.73 11.20
C2N NAD T . -65.81 26.66 10.05
C3N NAD T . -66.20 27.41 8.94
C7N NAD T . -65.38 27.28 7.70
O7N NAD T . -65.53 28.23 6.68
N7N NAD T . -64.56 26.22 7.60
C4N NAD T . -67.32 28.22 9.03
C5N NAD T . -68.05 28.29 10.22
C6N NAD T . -67.64 27.52 11.31
MN MN U . -63.20 28.60 6.43
S SO4 V . -41.69 37.03 10.86
O1 SO4 V . -41.75 37.70 9.55
O2 SO4 V . -42.06 35.60 10.71
O3 SO4 V . -42.62 37.69 11.81
O4 SO4 V . -40.32 37.19 11.36
#